data_7ZZ8
#
_entry.id   7ZZ8
#
_cell.length_a   1.00
_cell.length_b   1.00
_cell.length_c   1.00
_cell.angle_alpha   90.00
_cell.angle_beta   90.00
_cell.angle_gamma   90.00
#
_symmetry.space_group_name_H-M   'P 1'
#
loop_
_entity.id
_entity.type
_entity.pdbx_description
1 polymer 'Pyruvate carboxylase'
2 non-polymer 'MAGNESIUM ION'
3 non-polymer 'MANGANESE (II) ION'
4 non-polymer "ADENOSINE-5'-DIPHOSPHATE"
5 non-polymer 'ACETYL COENZYME *A'
6 non-polymer 'PYRUVIC ACID'
7 non-polymer "(2R,3R,3aS,5R,7aR,9R,10R,10aS,12R,14aR)-2,9-bis(6-amino-9H-purin-9-yl)octahydro-2H,7H-difuro[3,2-d:3',2'-j][1,3,7,9,2,8 ]tetraoxadiphosphacyclododecine-3,5,10,12-tetrol 5,12-dioxide"
8 water water
#
_entity_poly.entity_id   1
_entity_poly.type   'polypeptide(L)'
_entity_poly.pdbx_seq_one_letter_code
;VPRGSHMKKLLVANRGEIAVRVFRACNELGLSTVAVYAREDEYSVHRFKADESYLIGQGKKPIDAYLDIDDIIRVALESG
ADAIHPGYGLLSENLEFATKVRAAGLVFVGPELHHLDIFGDKIKAKAAADEAKVPGIPGTNGAVDIDGALEFAKTYGYPV
MIKAALGGGGRGMRVARNDAEMHDGYARAKSEAIGAFGSGEIYVEKYIENPKHIEVQILGDRHGNIIHLHERDCSVQRRN
QKVIEIAPAVGLSPDFRNEICEAAVKLCKNVGYVNAGTVEFLVKDDKFYFIEVNPRVQVEHTITELITGVDIVQAQILIA
QGKDLHREIGLPAQSEIPLLGSAIQCRITTEDPQNGFLPDTGKIDTYRSPGGFGIRLDVGNAYAGYEVTPYFDSLLVKVC
TFANEFSDSVRKMDRVLHEFRIRGVKTNIPFLINVIANENFTSGQATTTFIDNTPSLFNFPRLRDRGTKTLHYLSMITVN
GFPGIENTEKRHFEEPRQPLLNLEKKKTAKNILDEQGADAVVDYVKNTKEVLLTDTTLRDAHQSLLATRLRLQDMKGIAQ
AIDQGLPELFSAEMWGGATFDVAYRFLNESPWYRLRKLRKLMPNTMFQMLFRGSNAVGYQNYPDNVIEEFIRVAAHEGID
VFRIFDSLNWLPQMEKSIQAVRDNGKIAEATICYTGDILDPSRPKYNIQYYKDLAKELEATGAHILAV(KCX)DMAGLLK
PQAAYRLISELKDTVDLPIHLHTHDTSGNGIITYSGATQAGVDIIDVATASLAGGTSQPSMQSIYYALEHGPRHASINVK
NAEQIDHYWEDVRKYYAPFEAGITSPQTEVYMHEMPGGQYTNLKSQAAAVGLGHRFDEIKQMYRKVNMMFGDIIKVTPSS
KVVGDMALFMIQNDLTEEDVYARGNELNFPESVVSFFRGDLGQPVGGFPEKLQKIIVKDKAVITDRPGLHAEKVDFETVK
ADLEQKIGYEPGDHEVISYIMYPQVFLDYQKMQREFGAVTLLDTPTFLHGMRLNEKIEVQIEKGKTLSIRLDEIGEPDLA
GNRVLFFNLNGQRREVVINDQSVQAQVVAKRKAETGNPNQIGATMPGSVLEILVKAGDKVQKGQALMVTEAMKMETTIEA
PFDGEIVDLHVVKGEAIQTQDLLIEIN
;
_entity_poly.pdbx_strand_id   A,B,C,D
#
loop_
_chem_comp.id
_chem_comp.type
_chem_comp.name
_chem_comp.formula
2BA non-polymer '(2R,3R,3aS,5R,7aR,9R,10R,10aS,12R,14aR)-2,9-bis(6-amino-9H-purin-9-yl)octahydro-2H,7H-difuro[3,2-d:3',2'-j][1,3,7,9,2,8 ]tetraoxadiphosphacyclododecine-3,5,10,12-tetrol 5,12-dioxide' 'C20 H24 N10 O12 P2'
ACO non-polymer 'ACETYL COENZYME *A' 'C23 H38 N7 O17 P3 S'
ADP non-polymer ADENOSINE-5'-DIPHOSPHATE 'C10 H15 N5 O10 P2'
MG non-polymer 'MAGNESIUM ION' 'Mg 2'
MN non-polymer 'MANGANESE (II) ION' 'Mn 2'
PYR non-polymer 'PYRUVIC ACID' 'C3 H4 O3'
#
# COMPACT_ATOMS: atom_id res chain seq x y z
N HIS A 6 -17.55 54.17 -36.81
CA HIS A 6 -16.13 54.36 -37.10
C HIS A 6 -15.27 53.79 -35.97
N MET A 7 -15.86 53.66 -34.79
CA MET A 7 -15.21 53.03 -33.64
C MET A 7 -15.94 51.73 -33.35
N LYS A 8 -15.20 50.61 -33.39
CA LYS A 8 -15.79 49.29 -33.22
C LYS A 8 -15.12 48.46 -32.14
N LYS A 9 -14.13 48.99 -31.44
CA LYS A 9 -13.42 48.22 -30.43
C LYS A 9 -12.83 49.17 -29.41
N LEU A 10 -12.95 48.82 -28.13
CA LEU A 10 -12.49 49.66 -27.04
C LEU A 10 -11.56 48.88 -26.12
N LEU A 11 -10.54 49.55 -25.61
CA LEU A 11 -9.59 48.99 -24.66
C LEU A 11 -9.73 49.73 -23.34
N VAL A 12 -9.65 48.99 -22.23
CA VAL A 12 -9.70 49.58 -20.90
C VAL A 12 -8.33 49.38 -20.25
N ALA A 13 -7.64 50.48 -19.99
CA ALA A 13 -6.32 50.44 -19.35
C ALA A 13 -6.44 50.53 -17.84
N ASN A 14 -7.27 49.67 -17.25
CA ASN A 14 -7.48 49.65 -15.81
C ASN A 14 -7.79 48.23 -15.39
N ARG A 15 -8.33 48.07 -14.18
CA ARG A 15 -8.56 46.74 -13.62
C ARG A 15 -9.68 46.83 -12.59
N GLY A 16 -10.20 45.67 -12.22
CA GLY A 16 -11.17 45.59 -11.15
C GLY A 16 -12.59 45.95 -11.55
N GLU A 17 -13.28 46.69 -10.69
CA GLU A 17 -14.69 47.00 -10.90
C GLU A 17 -14.89 47.90 -12.11
N ILE A 18 -14.03 48.90 -12.28
CA ILE A 18 -14.22 49.90 -13.33
C ILE A 18 -14.05 49.28 -14.72
N ALA A 19 -13.14 48.30 -14.85
CA ALA A 19 -12.96 47.64 -16.14
C ALA A 19 -14.20 46.88 -16.55
N VAL A 20 -14.83 46.16 -15.62
CA VAL A 20 -16.07 45.44 -15.93
C VAL A 20 -17.21 46.41 -16.16
N ARG A 21 -17.20 47.57 -15.50
CA ARG A 21 -18.22 48.59 -15.74
C ARG A 21 -18.13 49.12 -17.17
N VAL A 22 -16.92 49.43 -17.63
CA VAL A 22 -16.74 49.88 -19.01
C VAL A 22 -17.03 48.75 -19.99
N PHE A 23 -16.73 47.49 -19.62
CA PHE A 23 -17.08 46.37 -20.47
C PHE A 23 -18.58 46.24 -20.66
N ARG A 24 -19.34 46.40 -19.57
CA ARG A 24 -20.79 46.35 -19.65
C ARG A 24 -21.34 47.51 -20.48
N ALA A 25 -20.77 48.71 -20.30
CA ALA A 25 -21.19 49.87 -21.10
C ALA A 25 -20.91 49.65 -22.59
N CYS A 26 -19.75 49.10 -22.92
CA CYS A 26 -19.40 48.84 -24.31
C CYS A 26 -20.26 47.75 -24.92
N ASN A 27 -20.57 46.71 -24.15
CA ASN A 27 -21.43 45.64 -24.66
C ASN A 27 -22.86 46.13 -24.84
N GLU A 28 -23.32 47.04 -23.99
CA GLU A 28 -24.60 47.70 -24.24
C GLU A 28 -24.54 48.56 -25.50
N LEU A 29 -23.42 49.26 -25.71
CA LEU A 29 -23.26 50.09 -26.90
C LEU A 29 -22.95 49.29 -28.15
N GLY A 30 -22.56 48.02 -28.02
CA GLY A 30 -22.25 47.19 -29.16
C GLY A 30 -20.80 47.13 -29.57
N LEU A 31 -19.89 47.60 -28.73
CA LEU A 31 -18.47 47.60 -29.05
C LEU A 31 -17.79 46.35 -28.51
N SER A 32 -16.72 45.95 -29.20
CA SER A 32 -15.86 44.88 -28.70
C SER A 32 -14.95 45.41 -27.60
N THR A 33 -14.55 44.53 -26.70
CA THR A 33 -13.79 44.90 -25.51
C THR A 33 -12.44 44.20 -25.51
N VAL A 34 -11.39 44.96 -25.17
CA VAL A 34 -10.05 44.44 -25.02
C VAL A 34 -9.57 44.78 -23.61
N ALA A 35 -9.04 43.78 -22.90
CA ALA A 35 -8.59 43.94 -21.53
C ALA A 35 -7.08 43.79 -21.44
N VAL A 36 -6.51 44.41 -20.40
CA VAL A 36 -5.11 44.27 -20.07
C VAL A 36 -5.00 43.79 -18.63
N TYR A 37 -3.96 43.02 -18.35
CA TYR A 37 -3.76 42.49 -17.00
C TYR A 37 -2.29 42.20 -16.77
N ALA A 38 -1.92 42.14 -15.51
CA ALA A 38 -0.58 41.76 -15.08
C ALA A 38 -0.55 40.28 -14.73
N ARG A 39 0.67 39.77 -14.51
CA ARG A 39 0.83 38.37 -14.14
C ARG A 39 0.24 38.08 -12.77
N GLU A 40 0.38 39.01 -11.83
CA GLU A 40 -0.23 38.86 -10.52
C GLU A 40 -1.73 39.11 -10.54
N ASP A 41 -2.24 39.72 -11.61
CA ASP A 41 -3.67 39.93 -11.79
C ASP A 41 -4.28 38.93 -12.76
N GLU A 42 -3.69 37.75 -12.87
CA GLU A 42 -4.15 36.75 -13.84
C GLU A 42 -5.47 36.12 -13.42
N TYR A 43 -5.85 36.20 -12.15
CA TYR A 43 -7.09 35.62 -11.66
C TYR A 43 -8.18 36.66 -11.45
N SER A 44 -7.99 37.88 -11.96
CA SER A 44 -8.97 38.93 -11.78
C SER A 44 -10.19 38.69 -12.66
N VAL A 45 -11.34 39.21 -12.22
CA VAL A 45 -12.60 38.97 -12.91
C VAL A 45 -12.62 39.67 -14.26
N HIS A 46 -12.04 40.89 -14.33
CA HIS A 46 -12.10 41.71 -15.54
C HIS A 46 -11.34 41.08 -16.71
N ARG A 47 -10.39 40.18 -16.44
CA ARG A 47 -9.65 39.53 -17.52
C ARG A 47 -10.58 38.65 -18.35
N PHE A 48 -11.49 37.93 -17.70
CA PHE A 48 -12.38 37.00 -18.38
C PHE A 48 -13.72 37.62 -18.75
N LYS A 49 -13.94 38.89 -18.44
CA LYS A 49 -15.17 39.57 -18.80
C LYS A 49 -15.08 40.31 -20.13
N ALA A 50 -13.96 40.20 -20.83
CA ALA A 50 -13.76 40.89 -22.09
C ALA A 50 -13.58 39.88 -23.23
N ASP A 51 -13.78 40.37 -24.45
CA ASP A 51 -13.59 39.53 -25.63
C ASP A 51 -12.12 39.14 -25.80
N GLU A 52 -11.20 40.07 -25.56
CA GLU A 52 -9.78 39.82 -25.67
C GLU A 52 -9.07 40.31 -24.42
N SER A 53 -8.08 39.56 -23.97
CA SER A 53 -7.27 39.94 -22.82
C SER A 53 -5.80 39.70 -23.15
N TYR A 54 -4.94 40.64 -22.75
CA TYR A 54 -3.53 40.58 -23.07
C TYR A 54 -2.71 40.90 -21.83
N LEU A 55 -1.55 40.24 -21.73
CA LEU A 55 -0.65 40.40 -20.59
C LEU A 55 0.28 41.57 -20.86
N ILE A 56 0.31 42.52 -19.93
CA ILE A 56 1.15 43.71 -20.07
C ILE A 56 2.10 43.79 -18.88
N GLY A 57 3.20 44.53 -19.07
CA GLY A 57 4.16 44.77 -18.04
C GLY A 57 4.88 43.52 -17.55
N GLN A 58 5.35 42.70 -18.48
CA GLN A 58 6.03 41.46 -18.12
C GLN A 58 7.37 41.77 -17.45
N GLY A 59 7.61 41.11 -16.33
CA GLY A 59 8.85 41.29 -15.59
C GLY A 59 8.90 42.49 -14.67
N LYS A 60 7.78 43.18 -14.48
CA LYS A 60 7.73 44.36 -13.62
C LYS A 60 6.74 44.12 -12.48
N LYS A 61 6.78 45.00 -11.50
CA LYS A 61 5.79 44.99 -10.43
C LYS A 61 4.42 45.39 -11.00
N PRO A 62 3.33 44.80 -10.50
CA PRO A 62 2.03 44.97 -11.15
C PRO A 62 1.51 46.40 -11.19
N ILE A 63 1.80 47.20 -10.16
CA ILE A 63 1.35 48.59 -10.15
C ILE A 63 2.03 49.37 -11.26
N ASP A 64 3.35 49.22 -11.39
CA ASP A 64 4.06 49.86 -12.50
C ASP A 64 3.73 49.19 -13.83
N ALA A 65 3.34 47.92 -13.80
CA ALA A 65 2.91 47.25 -15.03
C ALA A 65 1.65 47.86 -15.60
N TYR A 66 0.72 48.25 -14.72
CA TYR A 66 -0.51 48.91 -15.18
C TYR A 66 -0.28 50.36 -15.60
N LEU A 67 0.87 50.95 -15.27
CA LEU A 67 1.22 52.28 -15.71
C LEU A 67 2.16 52.28 -16.91
N ASP A 68 2.42 51.11 -17.50
CA ASP A 68 3.28 51.00 -18.67
C ASP A 68 2.54 51.57 -19.87
N ILE A 69 2.84 52.83 -20.22
CA ILE A 69 2.16 53.50 -21.32
C ILE A 69 2.48 52.83 -22.65
N ASP A 70 3.74 52.49 -22.87
CA ASP A 70 4.16 51.90 -24.14
C ASP A 70 3.55 50.52 -24.33
N ASP A 71 3.47 49.72 -23.27
CA ASP A 71 2.89 48.38 -23.39
C ASP A 71 1.39 48.43 -23.67
N ILE A 72 0.67 49.34 -23.00
CA ILE A 72 -0.76 49.51 -23.25
C ILE A 72 -0.99 50.01 -24.68
N ILE A 73 -0.15 50.95 -25.14
CA ILE A 73 -0.26 51.46 -26.50
C ILE A 73 0.00 50.34 -27.52
N ARG A 74 1.01 49.51 -27.27
CA ARG A 74 1.31 48.40 -28.16
C ARG A 74 0.18 47.38 -28.20
N VAL A 75 -0.41 47.09 -27.03
CA VAL A 75 -1.53 46.15 -26.99
C VAL A 75 -2.74 46.71 -27.73
N ALA A 76 -3.01 48.00 -27.57
CA ALA A 76 -4.13 48.63 -28.27
C ALA A 76 -3.92 48.65 -29.77
N LEU A 77 -2.66 48.83 -30.22
CA LEU A 77 -2.39 48.80 -31.65
C LEU A 77 -2.45 47.39 -32.21
N GLU A 78 -1.94 46.41 -31.47
CA GLU A 78 -1.92 45.03 -31.95
C GLU A 78 -3.31 44.43 -31.99
N SER A 79 -4.12 44.66 -30.95
CA SER A 79 -5.46 44.09 -30.88
C SER A 79 -6.44 44.74 -31.84
N GLY A 80 -6.09 45.89 -32.43
CA GLY A 80 -7.00 46.57 -33.32
C GLY A 80 -8.02 47.45 -32.62
N ALA A 81 -7.74 47.84 -31.38
CA ALA A 81 -8.67 48.70 -30.65
C ALA A 81 -8.65 50.11 -31.23
N ASP A 82 -9.77 50.81 -31.08
CA ASP A 82 -9.93 52.17 -31.54
C ASP A 82 -9.86 53.20 -30.41
N ALA A 83 -10.58 52.94 -29.33
CA ALA A 83 -10.62 53.84 -28.18
C ALA A 83 -9.91 53.22 -26.99
N ILE A 84 -9.52 54.07 -26.05
CA ILE A 84 -8.91 53.63 -24.79
C ILE A 84 -9.61 54.36 -23.65
N HIS A 85 -10.21 53.60 -22.74
CA HIS A 85 -10.83 54.15 -21.55
C HIS A 85 -9.90 53.93 -20.37
N PRO A 86 -9.40 54.97 -19.72
CA PRO A 86 -8.45 54.78 -18.61
C PRO A 86 -9.11 54.44 -17.28
N GLY A 87 -10.43 54.58 -17.16
CA GLY A 87 -11.08 54.31 -15.89
C GLY A 87 -10.82 55.42 -14.90
N TYR A 88 -10.33 55.06 -13.71
CA TYR A 88 -9.90 56.04 -12.73
C TYR A 88 -8.74 55.48 -11.92
N GLY A 89 -7.94 56.39 -11.37
CA GLY A 89 -6.98 56.05 -10.34
C GLY A 89 -5.63 55.57 -10.82
N LEU A 90 -5.48 55.20 -12.09
CA LEU A 90 -4.21 54.70 -12.59
C LEU A 90 -3.60 55.64 -13.64
N LEU A 91 -4.31 55.90 -14.74
CA LEU A 91 -3.78 56.73 -15.80
C LEU A 91 -4.84 57.70 -16.33
N SER A 92 -5.94 57.88 -15.61
CA SER A 92 -7.02 58.74 -16.07
C SER A 92 -6.70 60.21 -15.93
N GLU A 93 -5.67 60.57 -15.16
CA GLU A 93 -5.23 61.95 -15.04
C GLU A 93 -3.78 62.12 -15.47
N ASN A 94 -3.17 61.10 -16.06
CA ASN A 94 -1.79 61.20 -16.54
C ASN A 94 -1.80 61.89 -17.90
N LEU A 95 -1.07 63.01 -18.00
CA LEU A 95 -1.06 63.78 -19.23
C LEU A 95 -0.27 63.08 -20.33
N GLU A 96 0.85 62.45 -19.97
CA GLU A 96 1.71 61.80 -20.94
C GLU A 96 1.01 60.63 -21.61
N PHE A 97 0.28 59.83 -20.84
CA PHE A 97 -0.43 58.67 -21.38
C PHE A 97 -1.52 59.10 -22.36
N ALA A 98 -2.30 60.14 -21.99
CA ALA A 98 -3.34 60.62 -22.88
C ALA A 98 -2.76 61.26 -24.13
N THR A 99 -1.63 61.97 -23.99
CA THR A 99 -0.96 62.57 -25.13
C THR A 99 -0.46 61.51 -26.10
N LYS A 100 0.14 60.43 -25.57
CA LYS A 100 0.60 59.35 -26.44
C LYS A 100 -0.55 58.61 -27.09
N VAL A 101 -1.66 58.44 -26.36
CA VAL A 101 -2.84 57.77 -26.92
C VAL A 101 -3.42 58.59 -28.08
N ARG A 102 -3.54 59.91 -27.87
CA ARG A 102 -4.09 60.75 -28.93
C ARG A 102 -3.13 60.91 -30.10
N ALA A 103 -1.82 60.89 -29.84
CA ALA A 103 -0.84 60.99 -30.92
C ALA A 103 -0.66 59.68 -31.68
N ALA A 104 -1.03 58.55 -31.08
CA ALA A 104 -0.87 57.27 -31.73
C ALA A 104 -2.02 56.91 -32.65
N GLY A 105 -3.03 57.77 -32.77
CA GLY A 105 -4.18 57.50 -33.62
C GLY A 105 -5.33 56.81 -32.93
N LEU A 106 -5.35 56.78 -31.61
CA LEU A 106 -6.41 56.14 -30.85
C LEU A 106 -7.21 57.18 -30.09
N VAL A 107 -8.52 56.93 -29.99
CA VAL A 107 -9.39 57.83 -29.24
C VAL A 107 -9.15 57.66 -27.75
N PHE A 108 -9.06 58.78 -27.04
CA PHE A 108 -8.94 58.77 -25.59
C PHE A 108 -10.31 59.14 -25.00
N VAL A 109 -10.84 58.26 -24.15
CA VAL A 109 -12.15 58.51 -23.52
C VAL A 109 -11.86 59.33 -22.27
N GLY A 110 -11.74 60.64 -22.49
CA GLY A 110 -11.47 61.57 -21.42
C GLY A 110 -11.48 62.98 -21.96
N PRO A 111 -11.20 63.96 -21.09
CA PRO A 111 -11.12 65.35 -21.56
C PRO A 111 -9.86 65.59 -22.38
N GLU A 112 -9.79 66.79 -22.97
CA GLU A 112 -8.68 67.12 -23.85
C GLU A 112 -7.41 67.35 -23.05
N LEU A 113 -6.30 67.49 -23.78
CA LEU A 113 -4.98 67.57 -23.16
C LEU A 113 -4.82 68.83 -22.33
N HIS A 114 -5.37 69.96 -22.79
CA HIS A 114 -5.29 71.18 -22.02
C HIS A 114 -6.14 71.12 -20.76
N HIS A 115 -7.24 70.37 -20.79
CA HIS A 115 -8.01 70.13 -19.57
C HIS A 115 -7.20 69.36 -18.54
N LEU A 116 -6.48 68.33 -18.99
CA LEU A 116 -5.61 67.58 -18.08
C LEU A 116 -4.48 68.44 -17.55
N ASP A 117 -3.91 69.30 -18.39
CA ASP A 117 -2.86 70.21 -17.93
C ASP A 117 -3.38 71.20 -16.89
N ILE A 118 -4.58 71.74 -17.13
CA ILE A 118 -5.13 72.76 -16.24
C ILE A 118 -5.52 72.13 -14.90
N PHE A 119 -6.23 71.01 -14.93
CA PHE A 119 -6.79 70.44 -13.72
C PHE A 119 -5.90 69.38 -13.08
N GLY A 120 -4.75 69.06 -13.66
CA GLY A 120 -3.83 68.14 -13.04
C GLY A 120 -2.94 68.74 -11.98
N ASP A 121 -2.85 70.06 -11.93
CA ASP A 121 -2.10 70.77 -10.91
C ASP A 121 -3.06 71.70 -10.16
N LYS A 122 -2.93 71.74 -8.84
CA LYS A 122 -3.86 72.53 -8.04
C LYS A 122 -3.64 74.02 -8.21
N ILE A 123 -2.41 74.44 -8.51
CA ILE A 123 -2.13 75.86 -8.70
C ILE A 123 -2.78 76.37 -9.98
N LYS A 124 -2.62 75.62 -11.08
CA LYS A 124 -3.22 76.03 -12.35
C LYS A 124 -4.74 75.96 -12.30
N ALA A 125 -5.29 74.93 -11.64
CA ALA A 125 -6.73 74.83 -11.48
C ALA A 125 -7.27 75.97 -10.60
N LYS A 126 -6.51 76.34 -9.56
CA LYS A 126 -6.91 77.46 -8.72
C LYS A 126 -6.91 78.78 -9.50
N ALA A 127 -5.89 78.98 -10.35
CA ALA A 127 -5.85 80.17 -11.18
C ALA A 127 -7.01 80.20 -12.19
N ALA A 128 -7.32 79.05 -12.79
CA ALA A 128 -8.45 78.98 -13.72
C ALA A 128 -9.78 79.25 -13.01
N ALA A 129 -9.93 78.73 -11.79
CA ALA A 129 -11.15 79.00 -11.03
C ALA A 129 -11.25 80.47 -10.63
N ASP A 130 -10.12 81.08 -10.27
CA ASP A 130 -10.11 82.49 -9.96
C ASP A 130 -10.44 83.34 -11.19
N GLU A 131 -10.03 82.89 -12.37
CA GLU A 131 -10.44 83.56 -13.59
C GLU A 131 -11.93 83.33 -13.86
N ALA A 132 -12.46 82.19 -13.44
CA ALA A 132 -13.82 81.79 -13.76
C ALA A 132 -14.87 82.43 -12.87
N LYS A 133 -14.45 83.23 -11.88
CA LYS A 133 -15.34 83.93 -10.95
C LYS A 133 -16.24 82.98 -10.17
N VAL A 134 -15.74 81.80 -9.86
CA VAL A 134 -16.37 80.90 -8.89
C VAL A 134 -15.70 81.16 -7.53
N PRO A 135 -16.42 81.10 -6.42
CA PRO A 135 -15.80 81.44 -5.13
C PRO A 135 -14.81 80.38 -4.67
N GLY A 136 -13.52 80.70 -4.78
CA GLY A 136 -12.48 79.83 -4.29
C GLY A 136 -12.27 80.00 -2.81
N ILE A 137 -11.30 79.26 -2.30
CA ILE A 137 -10.93 79.29 -0.88
C ILE A 137 -9.72 80.23 -0.73
N PRO A 138 -9.65 81.04 0.32
CA PRO A 138 -8.49 81.92 0.49
C PRO A 138 -7.24 81.13 0.85
N GLY A 139 -6.24 81.21 -0.02
CA GLY A 139 -4.97 80.56 0.21
C GLY A 139 -3.79 81.42 -0.21
N THR A 140 -2.61 80.83 -0.27
CA THR A 140 -1.43 81.57 -0.72
C THR A 140 -1.42 81.67 -2.25
N ASN A 141 -0.43 82.37 -2.78
CA ASN A 141 -0.32 82.60 -4.21
C ASN A 141 0.20 81.39 -4.97
N GLY A 142 0.69 80.36 -4.27
CA GLY A 142 1.19 79.18 -4.93
C GLY A 142 2.27 78.47 -4.14
N ALA A 143 3.39 78.19 -4.78
CA ALA A 143 4.51 77.50 -4.13
C ALA A 143 5.19 78.46 -3.17
N VAL A 144 4.90 78.33 -1.88
CA VAL A 144 5.44 79.21 -0.85
C VAL A 144 6.30 78.40 0.10
N ASP A 145 7.29 79.06 0.69
CA ASP A 145 8.22 78.44 1.62
C ASP A 145 7.72 78.61 3.05
N ILE A 146 8.62 78.39 4.01
CA ILE A 146 8.28 78.53 5.43
C ILE A 146 7.85 79.97 5.74
N ASP A 147 8.63 80.95 5.25
CA ASP A 147 8.30 82.35 5.47
C ASP A 147 7.02 82.73 4.75
N GLY A 148 6.81 82.22 3.54
CA GLY A 148 5.56 82.46 2.84
C GLY A 148 4.35 81.86 3.53
N ALA A 149 4.53 80.70 4.17
CA ALA A 149 3.45 80.12 4.96
C ALA A 149 3.20 80.91 6.25
N LEU A 150 4.26 81.48 6.83
CA LEU A 150 4.09 82.31 8.03
C LEU A 150 3.40 83.62 7.72
N GLU A 151 3.65 84.18 6.53
CA GLU A 151 2.97 85.43 6.14
C GLU A 151 1.47 85.24 6.00
N PHE A 152 1.04 84.07 5.52
CA PHE A 152 -0.40 83.78 5.41
C PHE A 152 -1.05 83.72 6.78
N ALA A 153 -0.38 83.13 7.77
CA ALA A 153 -0.91 83.09 9.12
C ALA A 153 -0.89 84.48 9.75
N LYS A 154 0.11 85.29 9.42
CA LYS A 154 0.21 86.64 9.98
C LYS A 154 -0.87 87.56 9.43
N THR A 155 -1.18 87.44 8.14
CA THR A 155 -2.13 88.36 7.49
C THR A 155 -3.57 87.87 7.66
N TYR A 156 -3.85 86.66 7.17
CA TYR A 156 -5.21 86.13 7.20
C TYR A 156 -5.59 85.69 8.60
N GLY A 157 -4.89 84.70 9.13
CA GLY A 157 -5.14 84.26 10.49
C GLY A 157 -5.37 82.77 10.56
N TYR A 158 -5.10 82.23 11.74
CA TYR A 158 -5.27 80.81 12.04
C TYR A 158 -6.76 80.46 12.11
N PRO A 159 -7.13 79.19 11.89
CA PRO A 159 -6.32 78.00 11.52
C PRO A 159 -5.90 77.97 10.05
N VAL A 160 -4.95 77.11 9.71
CA VAL A 160 -4.51 76.93 8.33
C VAL A 160 -4.45 75.43 8.04
N MET A 161 -4.03 75.10 6.83
CA MET A 161 -3.85 73.71 6.41
C MET A 161 -2.83 73.65 5.30
N ILE A 162 -1.86 72.76 5.44
CA ILE A 162 -0.82 72.56 4.42
C ILE A 162 -1.38 71.58 3.39
N LYS A 163 -1.34 71.97 2.12
CA LYS A 163 -1.81 71.12 1.03
C LYS A 163 -0.82 71.13 -0.11
N ALA A 164 -0.53 69.95 -0.66
CA ALA A 164 0.33 69.85 -1.83
C ALA A 164 -0.46 70.16 -3.10
N ALA A 165 0.27 70.53 -4.15
CA ALA A 165 -0.34 70.87 -5.42
C ALA A 165 -0.42 69.70 -6.38
N LEU A 166 0.04 68.52 -5.98
CA LEU A 166 -0.02 67.33 -6.83
C LEU A 166 -0.55 66.10 -6.12
N GLY A 167 -0.62 66.08 -4.79
CA GLY A 167 -1.09 64.92 -4.07
C GLY A 167 -2.60 64.76 -4.15
N GLY A 168 -3.05 63.57 -3.74
CA GLY A 168 -4.47 63.27 -3.75
C GLY A 168 -4.84 62.10 -2.87
N GLY A 169 -5.86 62.27 -2.03
CA GLY A 169 -6.33 61.22 -1.17
C GLY A 169 -5.67 61.18 0.18
N GLY A 170 -5.64 62.33 0.87
CA GLY A 170 -5.08 62.42 2.20
C GLY A 170 -3.58 62.16 2.28
N ARG A 171 -2.86 62.37 1.18
CA ARG A 171 -1.45 62.00 1.10
C ARG A 171 -0.53 63.19 1.31
N GLY A 172 -0.68 64.24 0.51
CA GLY A 172 0.19 65.40 0.62
C GLY A 172 -0.41 66.54 1.40
N MET A 173 -1.48 66.28 2.14
CA MET A 173 -2.18 67.30 2.91
C MET A 173 -2.25 66.89 4.37
N ARG A 174 -2.04 67.86 5.27
CA ARG A 174 -2.21 67.65 6.70
C ARG A 174 -2.57 68.98 7.34
N VAL A 175 -3.15 68.89 8.54
CA VAL A 175 -3.61 70.08 9.24
C VAL A 175 -2.43 70.80 9.87
N ALA A 176 -2.62 72.09 10.16
CA ALA A 176 -1.60 72.92 10.79
C ALA A 176 -2.27 73.93 11.71
N ARG A 177 -1.73 74.09 12.91
CA ARG A 177 -2.32 74.98 13.91
C ARG A 177 -1.38 76.09 14.35
N ASN A 178 -0.13 75.76 14.70
CA ASN A 178 0.78 76.79 15.21
C ASN A 178 2.11 76.80 14.47
N ASP A 179 3.07 77.60 14.96
CA ASP A 179 4.24 77.96 14.16
C ASP A 179 5.26 76.82 14.06
N ALA A 180 5.55 76.12 15.16
CA ALA A 180 6.59 75.10 15.13
C ALA A 180 6.13 73.87 14.36
N GLU A 181 4.91 73.40 14.60
CA GLU A 181 4.38 72.28 13.85
C GLU A 181 4.12 72.66 12.40
N MET A 182 3.98 73.95 12.09
CA MET A 182 4.00 74.39 10.69
C MET A 182 5.31 74.01 10.03
N HIS A 183 6.44 74.29 10.71
CA HIS A 183 7.74 73.93 10.20
C HIS A 183 7.89 72.41 10.05
N ASP A 184 7.44 71.67 11.07
CA ASP A 184 7.56 70.21 11.02
C ASP A 184 6.71 69.62 9.90
N GLY A 185 5.47 70.09 9.76
CA GLY A 185 4.60 69.59 8.72
C GLY A 185 5.06 69.97 7.33
N TYR A 186 5.60 71.18 7.17
CA TYR A 186 6.12 71.60 5.87
C TYR A 186 7.34 70.78 5.48
N ALA A 187 8.23 70.50 6.44
CA ALA A 187 9.39 69.65 6.16
C ALA A 187 8.97 68.24 5.78
N ARG A 188 8.03 67.66 6.54
CA ARG A 188 7.58 66.31 6.24
C ARG A 188 6.79 66.25 4.93
N ALA A 189 6.09 67.33 4.58
CA ALA A 189 5.34 67.35 3.34
C ALA A 189 6.26 67.49 2.14
N LYS A 190 7.31 68.30 2.27
CA LYS A 190 8.31 68.39 1.20
C LYS A 190 9.04 67.07 1.03
N SER A 191 9.36 66.39 2.14
CA SER A 191 10.01 65.09 2.05
C SER A 191 9.11 64.06 1.39
N GLU A 192 7.82 64.05 1.74
CA GLU A 192 6.88 63.11 1.13
C GLU A 192 6.62 63.46 -0.34
N ALA A 193 6.69 64.73 -0.70
CA ALA A 193 6.48 65.12 -2.09
C ALA A 193 7.67 64.72 -2.95
N ILE A 194 8.89 64.98 -2.48
CA ILE A 194 10.07 64.59 -3.26
C ILE A 194 10.29 63.08 -3.21
N GLY A 195 9.70 62.39 -2.24
CA GLY A 195 9.82 60.94 -2.19
C GLY A 195 8.79 60.23 -3.06
N ALA A 196 7.51 60.49 -2.80
CA ALA A 196 6.45 59.78 -3.51
C ALA A 196 6.31 60.25 -4.95
N PHE A 197 6.33 61.56 -5.17
CA PHE A 197 6.07 62.12 -6.49
C PHE A 197 7.31 62.79 -7.09
N GLY A 198 7.89 63.76 -6.38
CA GLY A 198 8.99 64.53 -6.94
C GLY A 198 8.52 65.70 -7.77
N SER A 199 9.18 66.84 -7.62
CA SER A 199 8.87 68.09 -8.33
C SER A 199 7.42 68.52 -8.11
N GLY A 200 6.98 68.49 -6.86
CA GLY A 200 5.63 68.88 -6.49
C GLY A 200 5.64 70.18 -5.69
N GLU A 201 4.68 71.04 -5.98
CA GLU A 201 4.56 72.32 -5.28
C GLU A 201 3.77 72.13 -3.99
N ILE A 202 3.60 73.21 -3.24
CA ILE A 202 3.02 73.16 -1.91
C ILE A 202 2.49 74.54 -1.55
N TYR A 203 1.30 74.57 -0.94
CA TYR A 203 0.71 75.82 -0.52
C TYR A 203 0.04 75.64 0.84
N VAL A 204 -0.40 76.76 1.42
CA VAL A 204 -1.08 76.78 2.71
C VAL A 204 -2.33 77.63 2.55
N GLU A 205 -3.47 77.10 2.96
CA GLU A 205 -4.76 77.75 2.75
C GLU A 205 -5.48 77.94 4.08
N LYS A 206 -6.51 78.79 4.05
CA LYS A 206 -7.27 79.10 5.26
C LYS A 206 -8.18 77.92 5.61
N TYR A 207 -7.99 77.38 6.81
CA TYR A 207 -8.69 76.17 7.22
C TYR A 207 -10.14 76.49 7.58
N ILE A 208 -11.03 75.54 7.32
CA ILE A 208 -12.45 75.64 7.63
C ILE A 208 -12.82 74.54 8.61
N GLU A 209 -13.50 74.89 9.68
CA GLU A 209 -13.92 73.93 10.70
C GLU A 209 -15.21 73.23 10.27
N ASN A 210 -15.17 71.91 10.27
CA ASN A 210 -16.32 71.05 9.97
C ASN A 210 -17.04 71.36 8.66
N PRO A 211 -16.40 71.16 7.51
CA PRO A 211 -17.06 71.42 6.23
C PRO A 211 -17.74 70.17 5.66
N LYS A 212 -18.46 70.38 4.57
CA LYS A 212 -19.02 69.30 3.78
C LYS A 212 -18.30 69.23 2.43
N HIS A 213 -18.57 68.16 1.70
CA HIS A 213 -17.80 67.80 0.51
C HIS A 213 -18.72 67.51 -0.67
N ILE A 214 -19.63 68.44 -0.95
CA ILE A 214 -20.55 68.27 -2.08
C ILE A 214 -19.78 68.29 -3.39
N GLU A 215 -19.96 67.24 -4.18
CA GLU A 215 -19.35 67.10 -5.50
C GLU A 215 -20.42 67.17 -6.57
N VAL A 216 -20.12 67.84 -7.67
CA VAL A 216 -21.06 68.01 -8.78
C VAL A 216 -20.48 67.30 -9.99
N GLN A 217 -21.24 66.34 -10.53
CA GLN A 217 -20.82 65.60 -11.72
C GLN A 217 -21.15 66.41 -12.96
N ILE A 218 -20.17 66.53 -13.86
CA ILE A 218 -20.28 67.37 -15.05
C ILE A 218 -20.14 66.48 -16.29
N LEU A 219 -21.10 66.61 -17.21
CA LEU A 219 -21.03 65.97 -18.51
C LEU A 219 -21.04 67.03 -19.59
N GLY A 220 -20.31 66.80 -20.67
CA GLY A 220 -20.26 67.75 -21.76
C GLY A 220 -19.57 67.16 -22.98
N ASP A 221 -20.10 67.50 -24.15
CA ASP A 221 -19.53 67.04 -25.41
C ASP A 221 -18.80 68.20 -26.08
N ARG A 222 -18.21 67.91 -27.24
CA ARG A 222 -17.46 68.90 -28.00
C ARG A 222 -18.35 69.87 -28.76
N HIS A 223 -19.66 69.66 -28.76
CA HIS A 223 -20.59 70.53 -29.47
C HIS A 223 -20.96 71.77 -28.67
N GLY A 224 -20.44 71.93 -27.44
CA GLY A 224 -20.70 73.08 -26.63
C GLY A 224 -21.69 72.87 -25.50
N ASN A 225 -22.48 71.80 -25.56
CA ASN A 225 -23.45 71.53 -24.51
C ASN A 225 -22.74 70.98 -23.27
N ILE A 226 -22.91 71.66 -22.14
CA ILE A 226 -22.33 71.25 -20.87
C ILE A 226 -23.44 71.16 -19.85
N ILE A 227 -23.56 70.01 -19.20
CA ILE A 227 -24.66 69.70 -18.30
C ILE A 227 -24.12 69.14 -17.00
N HIS A 228 -24.64 69.61 -15.88
CA HIS A 228 -24.43 68.98 -14.59
C HIS A 228 -25.54 67.97 -14.38
N LEU A 229 -25.20 66.78 -13.88
CA LEU A 229 -26.22 65.78 -13.63
C LEU A 229 -26.97 66.12 -12.35
N HIS A 230 -26.28 66.08 -11.22
CA HIS A 230 -26.74 66.57 -9.93
C HIS A 230 -25.54 66.62 -8.99
N GLU A 231 -25.80 66.85 -7.72
CA GLU A 231 -24.75 66.94 -6.73
C GLU A 231 -24.56 65.60 -6.03
N ARG A 232 -23.56 65.56 -5.15
CA ARG A 232 -23.31 64.42 -4.28
C ARG A 232 -22.99 64.94 -2.89
N ASP A 233 -22.70 64.03 -1.97
CA ASP A 233 -22.33 64.40 -0.60
C ASP A 233 -21.38 63.31 -0.09
N CYS A 234 -20.08 63.56 -0.25
CA CYS A 234 -19.04 62.63 0.21
C CYS A 234 -18.42 63.12 1.52
N SER A 235 -19.22 63.71 2.39
CA SER A 235 -18.71 64.31 3.61
C SER A 235 -18.27 63.27 4.64
N VAL A 236 -18.74 62.03 4.54
CA VAL A 236 -18.37 60.99 5.48
C VAL A 236 -16.96 60.54 5.14
N GLN A 237 -15.97 61.11 5.81
CA GLN A 237 -14.56 60.86 5.50
C GLN A 237 -13.81 60.43 6.75
N ARG A 238 -12.96 59.42 6.60
CA ARG A 238 -12.07 58.97 7.66
C ARG A 238 -10.65 59.29 7.23
N ARG A 239 -10.06 60.33 7.85
CA ARG A 239 -8.73 60.85 7.51
C ARG A 239 -8.63 61.19 6.03
N ASN A 240 -9.56 62.03 5.58
CA ASN A 240 -9.69 62.54 4.21
C ASN A 240 -9.90 61.43 3.17
N GLN A 241 -10.34 60.25 3.59
CA GLN A 241 -10.67 59.16 2.68
C GLN A 241 -12.18 58.97 2.69
N LYS A 242 -12.79 59.01 1.50
CA LYS A 242 -14.24 58.86 1.40
C LYS A 242 -14.64 57.44 1.80
N VAL A 243 -15.67 57.34 2.64
CA VAL A 243 -16.17 56.05 3.12
C VAL A 243 -17.57 55.78 2.59
N ILE A 244 -18.53 56.66 2.91
CA ILE A 244 -19.90 56.54 2.42
C ILE A 244 -20.24 57.83 1.69
N GLU A 245 -20.75 57.70 0.47
CA GLU A 245 -21.15 58.83 -0.35
C GLU A 245 -22.65 58.74 -0.62
N ILE A 246 -23.36 59.83 -0.35
CA ILE A 246 -24.80 59.90 -0.51
C ILE A 246 -25.13 60.96 -1.55
N ALA A 247 -26.14 60.68 -2.38
CA ALA A 247 -26.60 61.60 -3.39
C ALA A 247 -28.10 61.51 -3.49
N PRO A 248 -28.82 62.65 -3.53
CA PRO A 248 -28.32 64.04 -3.43
C PRO A 248 -28.05 64.43 -1.99
N ALA A 249 -27.48 65.60 -1.74
CA ALA A 249 -27.17 66.04 -0.38
C ALA A 249 -28.48 66.38 0.33
N VAL A 250 -29.01 65.41 1.06
CA VAL A 250 -30.30 65.59 1.73
C VAL A 250 -30.21 66.56 2.90
N GLY A 251 -29.01 66.79 3.44
CA GLY A 251 -28.84 67.74 4.52
C GLY A 251 -28.73 69.19 4.08
N LEU A 252 -28.80 69.45 2.78
CA LEU A 252 -28.70 70.80 2.25
C LEU A 252 -30.03 71.27 1.70
N SER A 253 -30.14 72.58 1.56
CA SER A 253 -31.32 73.18 0.94
C SER A 253 -31.28 72.97 -0.58
N PRO A 254 -32.44 72.81 -1.22
CA PRO A 254 -32.45 72.61 -2.68
C PRO A 254 -31.90 73.79 -3.47
N ASP A 255 -32.17 75.03 -3.03
CA ASP A 255 -31.70 76.18 -3.77
C ASP A 255 -30.19 76.36 -3.62
N PHE A 256 -29.64 76.03 -2.45
CA PHE A 256 -28.19 76.07 -2.27
C PHE A 256 -27.50 75.03 -3.15
N ARG A 257 -28.09 73.82 -3.23
CA ARG A 257 -27.54 72.79 -4.11
C ARG A 257 -27.62 73.21 -5.57
N ASN A 258 -28.71 73.87 -5.95
CA ASN A 258 -28.84 74.41 -7.30
C ASN A 258 -27.79 75.47 -7.58
N GLU A 259 -27.51 76.32 -6.59
CA GLU A 259 -26.46 77.34 -6.74
C GLU A 259 -25.09 76.70 -6.92
N ILE A 260 -24.80 75.66 -6.15
CA ILE A 260 -23.51 74.96 -6.27
C ILE A 260 -23.38 74.31 -7.64
N CYS A 261 -24.45 73.66 -8.10
CA CYS A 261 -24.42 73.02 -9.42
C CYS A 261 -24.29 74.04 -10.54
N GLU A 262 -24.96 75.18 -10.41
CA GLU A 262 -24.86 76.22 -11.43
C GLU A 262 -23.46 76.83 -11.45
N ALA A 263 -22.84 77.00 -10.28
CA ALA A 263 -21.47 77.48 -10.24
C ALA A 263 -20.51 76.49 -10.90
N ALA A 264 -20.70 75.20 -10.64
CA ALA A 264 -19.84 74.18 -11.26
C ALA A 264 -20.03 74.14 -12.78
N VAL A 265 -21.27 74.20 -13.25
CA VAL A 265 -21.50 74.15 -14.69
C VAL A 265 -21.03 75.43 -15.37
N LYS A 266 -21.07 76.57 -14.68
CA LYS A 266 -20.56 77.79 -15.28
C LYS A 266 -19.03 77.79 -15.32
N LEU A 267 -18.38 77.19 -14.32
CA LEU A 267 -16.93 77.04 -14.35
C LEU A 267 -16.52 76.13 -15.51
N CYS A 268 -17.23 75.01 -15.69
CA CYS A 268 -16.90 74.09 -16.77
C CYS A 268 -17.22 74.69 -18.14
N LYS A 269 -18.27 75.52 -18.22
CA LYS A 269 -18.57 76.21 -19.47
C LYS A 269 -17.50 77.23 -19.82
N ASN A 270 -17.01 77.97 -18.82
CA ASN A 270 -15.95 78.94 -19.06
C ASN A 270 -14.66 78.24 -19.48
N VAL A 271 -14.34 77.11 -18.84
CA VAL A 271 -13.16 76.35 -19.24
C VAL A 271 -13.40 75.71 -20.62
N GLY A 272 -14.58 75.15 -20.84
CA GLY A 272 -14.88 74.46 -22.07
C GLY A 272 -14.65 72.96 -21.93
N TYR A 273 -15.17 72.41 -20.83
CA TYR A 273 -14.89 71.02 -20.49
C TYR A 273 -15.62 70.05 -21.41
N VAL A 274 -14.99 68.91 -21.67
CA VAL A 274 -15.58 67.85 -22.48
C VAL A 274 -15.49 66.55 -21.68
N ASN A 275 -16.42 65.63 -22.01
CA ASN A 275 -16.57 64.32 -21.37
C ASN A 275 -16.87 64.44 -19.88
N ALA A 276 -16.59 63.38 -19.12
CA ALA A 276 -17.00 63.31 -17.73
C ALA A 276 -15.98 63.99 -16.82
N GLY A 277 -16.49 64.58 -15.74
CA GLY A 277 -15.65 65.20 -14.75
C GLY A 277 -16.48 65.67 -13.57
N THR A 278 -15.80 65.90 -12.45
CA THR A 278 -16.47 66.32 -11.23
C THR A 278 -15.76 67.53 -10.64
N VAL A 279 -16.53 68.35 -9.93
CA VAL A 279 -16.04 69.54 -9.24
C VAL A 279 -16.37 69.40 -7.77
N GLU A 280 -15.36 69.54 -6.92
CA GLU A 280 -15.53 69.42 -5.48
C GLU A 280 -15.64 70.79 -4.84
N PHE A 281 -16.55 70.91 -3.87
CA PHE A 281 -16.78 72.16 -3.17
C PHE A 281 -16.79 71.90 -1.66
N LEU A 282 -16.17 72.81 -0.91
CA LEU A 282 -16.16 72.74 0.55
C LEU A 282 -17.27 73.66 1.06
N VAL A 283 -18.31 73.06 1.63
CA VAL A 283 -19.51 73.80 2.02
C VAL A 283 -19.50 74.00 3.53
N LYS A 284 -19.69 75.25 3.96
CA LYS A 284 -19.79 75.55 5.39
C LYS A 284 -20.60 76.84 5.54
N ASP A 285 -21.85 76.69 5.99
CA ASP A 285 -22.78 77.78 6.28
C ASP A 285 -23.00 78.69 5.07
N ASP A 286 -23.60 78.08 4.04
CA ASP A 286 -24.04 78.76 2.82
C ASP A 286 -22.88 79.42 2.07
N LYS A 287 -21.67 78.88 2.23
CA LYS A 287 -20.49 79.38 1.52
C LYS A 287 -19.74 78.18 0.97
N PHE A 288 -19.81 77.98 -0.35
CA PHE A 288 -19.09 76.90 -1.00
C PHE A 288 -17.77 77.41 -1.56
N TYR A 289 -16.73 76.60 -1.44
CA TYR A 289 -15.39 76.97 -1.89
C TYR A 289 -14.85 75.91 -2.82
N PHE A 290 -14.40 76.33 -4.00
CA PHE A 290 -13.77 75.42 -4.95
C PHE A 290 -12.47 74.87 -4.36
N ILE A 291 -12.27 73.56 -4.48
CA ILE A 291 -11.04 72.97 -3.97
C ILE A 291 -10.33 72.11 -5.01
N GLU A 292 -11.08 71.53 -5.95
CA GLU A 292 -10.48 70.58 -6.89
C GLU A 292 -11.44 70.31 -8.04
N VAL A 293 -10.87 69.81 -9.14
CA VAL A 293 -11.62 69.20 -10.23
C VAL A 293 -10.90 67.90 -10.60
N ASN A 294 -11.64 66.79 -10.63
CA ASN A 294 -11.09 65.53 -11.08
C ASN A 294 -11.52 65.27 -12.51
N PRO A 295 -10.62 65.27 -13.49
CA PRO A 295 -11.00 64.97 -14.88
C PRO A 295 -11.14 63.46 -15.11
N ARG A 296 -12.13 62.87 -14.44
CA ARG A 296 -12.28 61.43 -14.39
C ARG A 296 -13.76 61.08 -14.34
N VAL A 297 -14.03 59.79 -14.43
CA VAL A 297 -15.29 59.23 -13.94
C VAL A 297 -15.05 58.73 -12.51
N GLN A 298 -15.96 59.09 -11.61
CA GLN A 298 -15.72 58.82 -10.21
C GLN A 298 -16.07 57.39 -9.85
N VAL A 299 -15.46 56.90 -8.76
CA VAL A 299 -15.88 55.63 -8.20
C VAL A 299 -17.28 55.75 -7.62
N GLU A 300 -17.64 56.94 -7.12
CA GLU A 300 -18.97 57.20 -6.57
C GLU A 300 -19.92 57.78 -7.61
N HIS A 301 -19.71 57.50 -8.90
CA HIS A 301 -20.63 57.95 -9.93
C HIS A 301 -21.89 57.11 -10.00
N THR A 302 -21.93 55.98 -9.29
CA THR A 302 -23.08 55.09 -9.36
C THR A 302 -24.31 55.69 -8.70
N ILE A 303 -24.13 56.45 -7.61
CA ILE A 303 -25.28 57.08 -6.97
C ILE A 303 -25.85 58.19 -7.86
N THR A 304 -24.98 58.90 -8.58
CA THR A 304 -25.45 59.89 -9.55
C THR A 304 -26.21 59.21 -10.69
N GLU A 305 -25.70 58.07 -11.15
CA GLU A 305 -26.41 57.27 -12.16
C GLU A 305 -27.78 56.84 -11.67
N LEU A 306 -27.88 56.48 -10.40
CA LEU A 306 -29.15 56.01 -9.86
C LEU A 306 -30.14 57.16 -9.68
N ILE A 307 -29.68 58.31 -9.19
CA ILE A 307 -30.62 59.39 -8.89
C ILE A 307 -31.02 60.16 -10.15
N THR A 308 -30.15 60.22 -11.16
CA THR A 308 -30.50 60.96 -12.37
C THR A 308 -31.01 60.06 -13.50
N GLY A 309 -30.95 58.74 -13.34
CA GLY A 309 -31.40 57.85 -14.38
C GLY A 309 -30.52 57.83 -15.62
N VAL A 310 -29.27 58.25 -15.48
CA VAL A 310 -28.36 58.38 -16.60
C VAL A 310 -27.30 57.30 -16.50
N ASP A 311 -26.69 56.98 -17.64
CA ASP A 311 -25.55 56.07 -17.70
C ASP A 311 -24.32 56.91 -17.99
N ILE A 312 -23.49 57.11 -16.96
CA ILE A 312 -22.36 58.04 -17.07
C ILE A 312 -21.28 57.47 -17.98
N VAL A 313 -20.98 56.18 -17.85
CA VAL A 313 -19.93 55.57 -18.67
C VAL A 313 -20.38 55.46 -20.12
N GLN A 314 -21.64 55.10 -20.34
CA GLN A 314 -22.17 55.02 -21.71
C GLN A 314 -22.19 56.38 -22.38
N ALA A 315 -22.61 57.42 -21.65
CA ALA A 315 -22.58 58.78 -22.19
C ALA A 315 -21.15 59.25 -22.40
N GLN A 316 -20.21 58.81 -21.55
CA GLN A 316 -18.80 59.15 -21.73
C GLN A 316 -18.27 58.58 -23.03
N ILE A 317 -18.57 57.31 -23.31
CA ILE A 317 -18.12 56.69 -24.54
C ILE A 317 -18.80 57.31 -25.75
N LEU A 318 -20.09 57.66 -25.62
CA LEU A 318 -20.81 58.30 -26.72
C LEU A 318 -20.26 59.70 -27.01
N ILE A 319 -19.87 60.44 -25.97
CA ILE A 319 -19.24 61.74 -26.16
C ILE A 319 -17.86 61.58 -26.81
N ALA A 320 -17.11 60.55 -26.38
CA ALA A 320 -15.82 60.27 -27.00
C ALA A 320 -15.98 59.86 -28.46
N GLN A 321 -17.14 59.31 -28.83
CA GLN A 321 -17.44 59.05 -30.24
C GLN A 321 -17.71 60.33 -31.02
N GLY A 322 -17.93 61.45 -30.35
CA GLY A 322 -18.26 62.69 -31.01
C GLY A 322 -19.73 62.96 -31.17
N LYS A 323 -20.59 62.20 -30.50
CA LYS A 323 -22.03 62.35 -30.65
C LYS A 323 -22.52 63.59 -29.91
N ASP A 324 -23.66 64.10 -30.37
CA ASP A 324 -24.31 65.23 -29.70
C ASP A 324 -24.95 64.75 -28.41
N LEU A 325 -24.91 65.60 -27.38
CA LEU A 325 -25.38 65.19 -26.06
C LEU A 325 -26.91 65.09 -26.02
N HIS A 326 -27.61 66.08 -26.57
CA HIS A 326 -29.06 66.14 -26.48
C HIS A 326 -29.77 65.67 -27.75
N ARG A 327 -29.04 65.25 -28.77
CA ARG A 327 -29.65 64.80 -30.00
C ARG A 327 -29.31 63.37 -30.36
N GLU A 328 -28.05 62.97 -30.21
CA GLU A 328 -27.63 61.61 -30.54
C GLU A 328 -27.60 60.69 -29.32
N ILE A 329 -27.08 61.17 -28.19
CA ILE A 329 -27.22 60.42 -26.95
C ILE A 329 -28.67 60.41 -26.50
N GLY A 330 -29.38 61.52 -26.70
CA GLY A 330 -30.76 61.62 -26.31
C GLY A 330 -31.00 62.08 -24.89
N LEU A 331 -30.02 62.70 -24.26
CA LEU A 331 -30.17 63.13 -22.88
C LEU A 331 -31.13 64.31 -22.80
N PRO A 332 -31.92 64.41 -21.73
CA PRO A 332 -32.84 65.54 -21.60
C PRO A 332 -32.09 66.83 -21.29
N ALA A 333 -32.83 67.93 -21.34
CA ALA A 333 -32.26 69.25 -21.10
C ALA A 333 -31.89 69.41 -19.62
N GLN A 334 -31.19 70.52 -19.33
CA GLN A 334 -30.68 70.76 -17.98
C GLN A 334 -31.82 70.92 -16.97
N SER A 335 -32.87 71.65 -17.36
CA SER A 335 -33.99 71.86 -16.45
C SER A 335 -34.86 70.62 -16.29
N GLU A 336 -34.76 69.65 -17.21
CA GLU A 336 -35.59 68.46 -17.18
C GLU A 336 -34.86 67.24 -16.64
N ILE A 337 -33.68 67.42 -16.05
CA ILE A 337 -32.94 66.31 -15.46
C ILE A 337 -33.67 65.86 -14.20
N PRO A 338 -34.06 64.58 -14.10
CA PRO A 338 -34.82 64.14 -12.94
C PRO A 338 -33.94 63.93 -11.72
N LEU A 339 -34.53 64.19 -10.56
CA LEU A 339 -33.92 63.89 -9.27
C LEU A 339 -34.88 62.93 -8.57
N LEU A 340 -34.72 61.64 -8.85
CA LEU A 340 -35.61 60.62 -8.32
C LEU A 340 -34.91 59.89 -7.18
N GLY A 341 -35.46 60.01 -5.98
CA GLY A 341 -34.97 59.27 -4.83
C GLY A 341 -33.62 59.79 -4.33
N SER A 342 -33.09 59.04 -3.36
CA SER A 342 -31.77 59.28 -2.80
C SER A 342 -31.01 57.97 -2.73
N ALA A 343 -29.74 57.98 -3.13
CA ALA A 343 -28.93 56.78 -3.23
C ALA A 343 -27.73 56.87 -2.31
N ILE A 344 -27.38 55.73 -1.71
CA ILE A 344 -26.28 55.61 -0.77
C ILE A 344 -25.33 54.54 -1.28
N GLN A 345 -24.03 54.87 -1.33
CA GLN A 345 -23.01 53.92 -1.76
C GLN A 345 -22.03 53.65 -0.63
N CYS A 346 -21.79 52.37 -0.35
CA CYS A 346 -20.76 51.94 0.60
C CYS A 346 -19.75 51.08 -0.16
N ARG A 347 -18.47 51.36 0.05
CA ARG A 347 -17.40 50.62 -0.60
C ARG A 347 -16.80 49.66 0.43
N ILE A 348 -17.05 48.36 0.25
CA ILE A 348 -16.57 47.35 1.17
C ILE A 348 -15.14 46.96 0.77
N THR A 349 -14.20 47.18 1.67
CA THR A 349 -12.79 46.88 1.45
C THR A 349 -12.31 45.87 2.48
N THR A 350 -11.07 45.41 2.29
CA THR A 350 -10.45 44.47 3.23
C THR A 350 -9.73 45.17 4.37
N GLU A 351 -10.01 46.46 4.60
CA GLU A 351 -9.41 47.18 5.71
C GLU A 351 -10.09 46.74 7.01
N ASP A 352 -9.33 46.09 7.89
CA ASP A 352 -9.89 45.58 9.14
C ASP A 352 -9.96 46.70 10.16
N PRO A 353 -11.15 47.11 10.60
CA PRO A 353 -11.24 48.23 11.56
C PRO A 353 -10.69 47.90 12.94
N GLN A 354 -10.55 46.63 13.28
CA GLN A 354 -9.95 46.23 14.55
C GLN A 354 -8.43 46.18 14.49
N ASN A 355 -7.83 46.46 13.33
CA ASN A 355 -6.38 46.43 13.16
C ASN A 355 -5.86 47.75 12.60
N GLY A 356 -6.49 48.86 12.97
CA GLY A 356 -6.06 50.15 12.48
C GLY A 356 -6.36 50.40 11.02
N PHE A 357 -7.39 49.74 10.49
CA PHE A 357 -7.82 49.85 9.08
C PHE A 357 -6.70 49.47 8.10
N LEU A 358 -5.83 48.56 8.52
CA LEU A 358 -4.83 47.99 7.62
C LEU A 358 -5.51 46.98 6.69
N PRO A 359 -5.14 46.97 5.41
CA PRO A 359 -5.74 46.00 4.49
C PRO A 359 -5.37 44.56 4.86
N ASP A 360 -6.30 43.65 4.62
CA ASP A 360 -6.12 42.24 4.92
C ASP A 360 -6.01 41.44 3.64
N THR A 361 -5.25 40.35 3.71
CA THR A 361 -5.03 39.47 2.57
C THR A 361 -5.33 38.04 2.96
N GLY A 362 -5.66 37.23 1.96
CA GLY A 362 -5.96 35.83 2.19
C GLY A 362 -6.98 35.35 1.19
N LYS A 363 -7.42 34.11 1.41
CA LYS A 363 -8.42 33.49 0.53
C LYS A 363 -9.82 33.80 1.02
N ILE A 364 -10.69 34.15 0.08
CA ILE A 364 -12.10 34.42 0.37
C ILE A 364 -12.84 33.10 0.21
N ASP A 365 -13.07 32.40 1.33
CA ASP A 365 -13.69 31.09 1.27
C ASP A 365 -15.20 31.14 1.23
N THR A 366 -15.81 32.31 1.42
CA THR A 366 -17.26 32.42 1.43
C THR A 366 -17.67 33.79 0.90
N TYR A 367 -18.53 33.79 -0.13
CA TYR A 367 -19.08 35.02 -0.68
C TYR A 367 -20.54 34.82 -1.00
N ARG A 368 -21.37 35.78 -0.58
CA ARG A 368 -22.80 35.75 -0.86
C ARG A 368 -23.28 37.18 -1.05
N SER A 369 -23.76 37.49 -2.25
CA SER A 369 -24.15 38.87 -2.52
C SER A 369 -25.64 39.06 -2.31
N PRO A 370 -26.05 40.21 -1.75
CA PRO A 370 -27.48 40.45 -1.53
C PRO A 370 -28.17 41.07 -2.73
N GLY A 371 -29.33 40.52 -3.10
CA GLY A 371 -30.15 41.06 -4.16
C GLY A 371 -31.32 41.86 -3.62
N GLY A 372 -32.43 41.81 -4.34
CA GLY A 372 -33.64 42.48 -3.90
C GLY A 372 -33.89 43.79 -4.62
N PHE A 373 -34.91 44.49 -4.14
CA PHE A 373 -35.34 45.74 -4.76
C PHE A 373 -34.44 46.88 -4.33
N GLY A 374 -34.07 47.73 -5.29
CA GLY A 374 -33.30 48.92 -4.99
C GLY A 374 -31.84 48.70 -4.67
N ILE A 375 -31.28 47.55 -5.04
CA ILE A 375 -29.90 47.20 -4.72
C ILE A 375 -29.11 47.10 -6.02
N ARG A 376 -27.98 47.79 -6.08
CA ARG A 376 -27.08 47.74 -7.22
C ARG A 376 -25.70 47.32 -6.74
N LEU A 377 -25.13 46.32 -7.41
CA LEU A 377 -23.84 45.78 -7.04
C LEU A 377 -22.83 46.00 -8.16
N ASP A 378 -21.67 46.53 -7.81
CA ASP A 378 -20.54 46.66 -8.73
C ASP A 378 -19.37 45.92 -8.09
N VAL A 379 -19.29 44.63 -8.37
CA VAL A 379 -18.36 43.73 -7.71
C VAL A 379 -17.02 43.75 -8.45
N GLY A 380 -15.93 43.81 -7.69
CA GLY A 380 -14.60 43.72 -8.26
C GLY A 380 -14.13 42.28 -8.29
N ASN A 381 -13.10 41.97 -7.51
CA ASN A 381 -12.58 40.61 -7.39
C ASN A 381 -12.88 40.14 -5.97
N ALA A 382 -14.07 39.55 -5.79
CA ALA A 382 -14.48 39.10 -4.46
C ALA A 382 -15.20 37.76 -4.49
N TYR A 383 -14.95 36.93 -5.49
CA TYR A 383 -15.63 35.64 -5.59
C TYR A 383 -15.05 34.66 -4.57
N ALA A 384 -15.73 33.52 -4.41
CA ALA A 384 -15.29 32.50 -3.49
C ALA A 384 -14.00 31.84 -3.98
N GLY A 385 -13.04 31.66 -3.08
CA GLY A 385 -11.76 31.10 -3.42
C GLY A 385 -10.74 32.09 -3.95
N TYR A 386 -11.08 33.37 -4.03
CA TYR A 386 -10.16 34.37 -4.54
C TYR A 386 -9.09 34.69 -3.49
N GLU A 387 -7.84 34.71 -3.92
CA GLU A 387 -6.71 35.03 -3.06
C GLU A 387 -6.43 36.52 -3.14
N VAL A 388 -6.60 37.22 -2.03
CA VAL A 388 -6.40 38.66 -1.98
C VAL A 388 -4.90 38.95 -1.92
N THR A 389 -4.43 39.79 -2.84
CA THR A 389 -3.03 40.15 -2.95
C THR A 389 -2.79 41.58 -2.44
N PRO A 390 -1.63 41.85 -1.84
CA PRO A 390 -1.36 43.20 -1.34
C PRO A 390 -0.91 44.19 -2.40
N TYR A 391 -0.76 43.76 -3.65
CA TYR A 391 -0.27 44.66 -4.70
C TYR A 391 -1.31 45.71 -5.08
N PHE A 392 -2.57 45.30 -5.15
CA PHE A 392 -3.62 46.15 -5.70
C PHE A 392 -4.44 46.80 -4.59
N ASP A 393 -5.54 47.44 -4.98
CA ASP A 393 -6.43 48.10 -4.04
C ASP A 393 -7.13 47.08 -3.15
N SER A 394 -7.57 47.55 -1.99
CA SER A 394 -8.21 46.71 -0.99
C SER A 394 -9.70 46.51 -1.25
N LEU A 395 -10.25 47.13 -2.30
CA LEU A 395 -11.69 47.05 -2.55
C LEU A 395 -12.08 45.66 -3.05
N LEU A 396 -13.14 45.11 -2.46
CA LEU A 396 -13.74 43.87 -2.91
C LEU A 396 -14.98 44.12 -3.77
N VAL A 397 -15.97 44.81 -3.20
CA VAL A 397 -17.24 45.05 -3.86
C VAL A 397 -17.83 46.32 -3.28
N LYS A 398 -18.35 47.18 -4.16
CA LYS A 398 -19.11 48.35 -3.75
C LYS A 398 -20.57 48.12 -4.08
N VAL A 399 -21.45 48.53 -3.17
CA VAL A 399 -22.88 48.26 -3.27
C VAL A 399 -23.63 49.57 -3.03
N CYS A 400 -24.61 49.85 -3.88
CA CYS A 400 -25.41 51.06 -3.80
C CYS A 400 -26.87 50.71 -3.59
N THR A 401 -27.51 51.38 -2.64
CA THR A 401 -28.94 51.23 -2.38
C THR A 401 -29.64 52.54 -2.67
N PHE A 402 -30.72 52.47 -3.44
CA PHE A 402 -31.48 53.64 -3.84
C PHE A 402 -32.94 53.44 -3.49
N ALA A 403 -33.58 54.52 -3.01
CA ALA A 403 -34.99 54.49 -2.65
C ALA A 403 -35.50 55.93 -2.67
N ASN A 404 -36.83 56.06 -2.65
CA ASN A 404 -37.45 57.38 -2.72
C ASN A 404 -37.13 58.21 -1.49
N GLU A 405 -37.11 57.59 -0.31
CA GLU A 405 -36.82 58.27 0.94
C GLU A 405 -35.42 57.90 1.41
N PHE A 406 -34.73 58.85 2.04
CA PHE A 406 -33.39 58.60 2.55
C PHE A 406 -33.40 57.60 3.69
N SER A 407 -34.46 57.60 4.51
CA SER A 407 -34.59 56.60 5.57
C SER A 407 -34.75 55.20 4.98
N ASP A 408 -35.50 55.09 3.87
CA ASP A 408 -35.64 53.81 3.20
C ASP A 408 -34.31 53.34 2.62
N SER A 409 -33.51 54.27 2.08
CA SER A 409 -32.18 53.92 1.58
C SER A 409 -31.26 53.47 2.72
N VAL A 410 -31.37 54.13 3.88
CA VAL A 410 -30.58 53.74 5.05
C VAL A 410 -30.96 52.33 5.51
N ARG A 411 -32.26 52.04 5.55
CA ARG A 411 -32.72 50.72 5.95
C ARG A 411 -32.30 49.65 4.95
N LYS A 412 -32.36 49.97 3.65
CA LYS A 412 -31.92 49.03 2.63
C LYS A 412 -30.43 48.75 2.73
N MET A 413 -29.63 49.80 3.00
CA MET A 413 -28.19 49.60 3.16
C MET A 413 -27.88 48.79 4.41
N ASP A 414 -28.64 48.99 5.49
CA ASP A 414 -28.47 48.19 6.70
C ASP A 414 -28.79 46.72 6.43
N ARG A 415 -29.87 46.46 5.69
CA ARG A 415 -30.23 45.09 5.32
C ARG A 415 -29.16 44.46 4.44
N VAL A 416 -28.60 45.23 3.51
CA VAL A 416 -27.55 44.72 2.64
C VAL A 416 -26.28 44.40 3.43
N LEU A 417 -25.88 45.29 4.33
CA LEU A 417 -24.67 45.09 5.12
C LEU A 417 -24.82 43.92 6.08
N HIS A 418 -26.04 43.66 6.57
CA HIS A 418 -26.25 42.46 7.38
C HIS A 418 -26.39 41.20 6.53
N GLU A 419 -26.83 41.33 5.28
CA GLU A 419 -26.94 40.17 4.39
C GLU A 419 -25.61 39.78 3.76
N PHE A 420 -24.67 40.71 3.65
CA PHE A 420 -23.36 40.41 3.08
C PHE A 420 -22.60 39.43 3.97
N ARG A 421 -22.01 38.42 3.34
CA ARG A 421 -21.22 37.42 4.07
C ARG A 421 -19.93 37.18 3.29
N ILE A 422 -18.86 37.85 3.70
CA ILE A 422 -17.52 37.64 3.15
C ILE A 422 -16.66 37.11 4.27
N ARG A 423 -16.14 35.90 4.10
CA ARG A 423 -15.36 35.23 5.12
C ARG A 423 -14.00 34.85 4.55
N GLY A 424 -13.02 34.72 5.45
CA GLY A 424 -11.66 34.41 5.06
C GLY A 424 -10.76 35.61 5.21
N VAL A 425 -11.28 36.79 4.94
CA VAL A 425 -10.56 38.05 5.12
C VAL A 425 -11.42 38.98 5.95
N LYS A 426 -10.77 39.91 6.65
CA LYS A 426 -11.47 40.85 7.50
C LYS A 426 -11.83 42.10 6.71
N THR A 427 -13.10 42.49 6.78
CA THR A 427 -13.63 43.61 6.03
C THR A 427 -14.07 44.72 6.98
N ASN A 428 -14.39 45.88 6.39
CA ASN A 428 -14.88 47.02 7.13
C ASN A 428 -16.41 47.08 7.20
N ILE A 429 -17.07 45.92 7.07
CA ILE A 429 -18.53 45.89 7.17
C ILE A 429 -19.05 46.33 8.54
N PRO A 430 -18.48 45.88 9.69
CA PRO A 430 -18.97 46.44 10.98
C PRO A 430 -18.79 47.93 11.12
N PHE A 431 -17.72 48.50 10.56
CA PHE A 431 -17.54 49.94 10.58
C PHE A 431 -18.62 50.65 9.78
N LEU A 432 -18.95 50.10 8.59
CA LEU A 432 -20.02 50.67 7.78
C LEU A 432 -21.37 50.56 8.49
N ILE A 433 -21.60 49.45 9.19
CA ILE A 433 -22.84 49.28 9.96
C ILE A 433 -22.91 50.32 11.08
N ASN A 434 -21.79 50.56 11.77
CA ASN A 434 -21.76 51.56 12.83
C ASN A 434 -22.01 52.97 12.30
N VAL A 435 -21.43 53.30 11.15
CA VAL A 435 -21.65 54.64 10.57
C VAL A 435 -23.10 54.77 10.09
N ILE A 436 -23.67 53.71 9.52
CA ILE A 436 -25.06 53.74 9.06
C ILE A 436 -26.01 53.92 10.22
N ALA A 437 -25.77 53.21 11.33
CA ALA A 437 -26.67 53.27 12.48
C ALA A 437 -26.58 54.58 13.25
N ASN A 438 -25.59 55.42 12.96
CA ASN A 438 -25.45 56.69 13.68
C ASN A 438 -26.56 57.66 13.28
N GLU A 439 -26.99 58.46 14.25
CA GLU A 439 -28.05 59.43 14.02
C GLU A 439 -27.58 60.65 13.25
N ASN A 440 -26.28 60.97 13.30
CA ASN A 440 -25.77 62.11 12.54
C ASN A 440 -25.78 61.82 11.04
N PHE A 441 -25.51 60.57 10.65
CA PHE A 441 -25.50 60.22 9.23
C PHE A 441 -26.92 60.20 8.67
N THR A 442 -27.89 59.70 9.45
CA THR A 442 -29.24 59.54 8.93
C THR A 442 -29.92 60.88 8.68
N SER A 443 -29.60 61.90 9.48
CA SER A 443 -30.14 63.23 9.24
C SER A 443 -29.56 63.86 7.99
N GLY A 444 -28.31 63.56 7.68
CA GLY A 444 -27.63 64.14 6.52
C GLY A 444 -26.73 65.30 6.84
N GLN A 445 -26.53 65.63 8.12
CA GLN A 445 -25.69 66.75 8.53
C GLN A 445 -24.28 66.32 8.90
N ALA A 446 -23.77 65.26 8.28
CA ALA A 446 -22.42 64.79 8.55
C ALA A 446 -21.40 65.70 7.90
N THR A 447 -20.30 65.93 8.62
CA THR A 447 -19.18 66.73 8.14
C THR A 447 -17.96 65.83 7.96
N THR A 448 -16.86 66.43 7.50
CA THR A 448 -15.64 65.67 7.28
C THR A 448 -14.91 65.31 8.57
N THR A 449 -15.30 65.91 9.69
CA THR A 449 -14.74 65.58 10.99
C THR A 449 -15.66 64.65 11.79
N PHE A 450 -16.69 64.10 11.15
CA PHE A 450 -17.68 63.30 11.87
C PHE A 450 -17.10 61.96 12.31
N ILE A 451 -16.28 61.34 11.47
CA ILE A 451 -15.71 60.03 11.80
C ILE A 451 -14.69 60.16 12.92
N ASP A 452 -13.80 61.16 12.83
CA ASP A 452 -12.72 61.31 13.78
C ASP A 452 -13.17 61.84 15.14
N ASN A 453 -14.39 62.37 15.24
CA ASN A 453 -14.89 62.91 16.50
C ASN A 453 -15.98 62.03 17.10
N THR A 454 -16.12 60.79 16.62
CA THR A 454 -17.13 59.86 17.11
C THR A 454 -16.47 58.55 17.49
N PRO A 455 -16.02 58.40 18.74
CA PRO A 455 -15.44 57.12 19.18
C PRO A 455 -16.45 56.00 19.32
N SER A 456 -17.75 56.29 19.28
CA SER A 456 -18.76 55.25 19.41
C SER A 456 -18.85 54.36 18.18
N LEU A 457 -18.29 54.80 17.04
CA LEU A 457 -18.30 54.01 15.83
C LEU A 457 -17.30 52.86 15.85
N PHE A 458 -16.38 52.85 16.81
CA PHE A 458 -15.33 51.84 16.88
C PHE A 458 -15.63 50.76 17.92
N ASN A 459 -16.86 50.71 18.43
CA ASN A 459 -17.28 49.68 19.38
C ASN A 459 -18.04 48.62 18.60
N PHE A 460 -17.31 47.65 18.07
CA PHE A 460 -17.88 46.60 17.24
C PHE A 460 -18.29 45.41 18.11
N PRO A 461 -19.54 44.98 18.04
CA PRO A 461 -19.96 43.81 18.83
C PRO A 461 -19.33 42.54 18.33
N ARG A 462 -19.18 41.57 19.23
CA ARG A 462 -18.63 40.28 18.87
C ARG A 462 -19.62 39.49 18.02
N LEU A 463 -19.10 38.82 17.00
CA LEU A 463 -19.89 37.96 16.14
C LEU A 463 -19.57 36.51 16.46
N ARG A 464 -20.61 35.68 16.51
CA ARG A 464 -20.44 34.30 16.92
C ARG A 464 -19.64 33.51 15.90
N ASP A 465 -20.02 33.58 14.63
CA ASP A 465 -19.41 32.85 13.52
C ASP A 465 -19.35 31.34 13.82
N ARG A 466 -20.53 30.77 14.00
CA ARG A 466 -20.66 29.39 14.46
C ARG A 466 -20.57 28.37 13.34
N GLY A 467 -20.40 28.79 12.10
CA GLY A 467 -20.21 27.87 11.01
C GLY A 467 -18.75 27.60 10.71
N THR A 468 -17.97 28.68 10.61
CA THR A 468 -16.55 28.55 10.30
C THR A 468 -15.80 27.84 11.43
N LYS A 469 -16.11 28.18 12.68
CA LYS A 469 -15.45 27.52 13.81
C LYS A 469 -15.85 26.06 13.93
N THR A 470 -17.11 25.74 13.65
CA THR A 470 -17.55 24.35 13.65
C THR A 470 -16.85 23.55 12.57
N LEU A 471 -16.72 24.12 11.37
CA LEU A 471 -16.00 23.45 10.29
C LEU A 471 -14.52 23.29 10.63
N HIS A 472 -13.93 24.29 11.28
CA HIS A 472 -12.53 24.20 11.70
C HIS A 472 -12.33 23.09 12.72
N TYR A 473 -13.23 22.99 13.70
CA TYR A 473 -13.12 21.92 14.69
C TYR A 473 -13.31 20.55 14.06
N LEU A 474 -14.27 20.43 13.15
CA LEU A 474 -14.51 19.16 12.46
C LEU A 474 -13.31 18.75 11.63
N SER A 475 -12.69 19.71 10.93
CA SER A 475 -11.49 19.40 10.16
C SER A 475 -10.34 18.99 11.05
N MET A 476 -10.16 19.68 12.19
CA MET A 476 -9.08 19.37 13.11
C MET A 476 -9.23 17.96 13.69
N ILE A 477 -10.45 17.61 14.11
CA ILE A 477 -10.67 16.27 14.65
C ILE A 477 -10.57 15.21 13.56
N THR A 478 -11.03 15.52 12.34
CA THR A 478 -10.98 14.54 11.26
C THR A 478 -9.56 14.23 10.83
N VAL A 479 -8.69 15.25 10.71
CA VAL A 479 -7.34 15.00 10.21
C VAL A 479 -6.31 14.81 11.30
N ASN A 480 -6.64 15.07 12.56
CA ASN A 480 -5.70 14.91 13.65
C ASN A 480 -6.15 13.97 14.76
N GLY A 481 -7.44 13.68 14.85
CA GLY A 481 -7.94 12.81 15.89
C GLY A 481 -8.18 13.54 17.19
N PHE A 482 -9.01 12.94 18.03
CA PHE A 482 -9.26 13.48 19.36
C PHE A 482 -8.03 13.29 20.23
N PRO A 483 -7.67 14.28 21.06
CA PRO A 483 -6.54 14.10 21.97
C PRO A 483 -6.82 13.03 23.01
N GLY A 484 -5.77 12.30 23.38
CA GLY A 484 -5.91 11.24 24.36
C GLY A 484 -6.26 9.89 23.76
N ILE A 485 -7.45 9.78 23.17
CA ILE A 485 -7.88 8.51 22.61
C ILE A 485 -7.17 8.26 21.28
N GLU A 486 -7.16 6.99 20.88
CA GLU A 486 -6.51 6.61 19.63
C GLU A 486 -7.41 6.93 18.44
N ASN A 487 -6.79 7.08 17.29
CA ASN A 487 -7.52 7.42 16.07
C ASN A 487 -8.18 6.16 15.50
N THR A 488 -9.50 6.20 15.36
CA THR A 488 -10.26 5.08 14.85
C THR A 488 -11.34 5.60 13.91
N GLU A 489 -11.86 4.69 13.08
CA GLU A 489 -12.94 5.04 12.17
C GLU A 489 -14.23 5.31 12.94
N LYS A 490 -15.01 6.27 12.45
CA LYS A 490 -16.27 6.65 13.08
C LYS A 490 -17.30 5.57 12.77
N ARG A 491 -17.67 4.79 13.79
CA ARG A 491 -18.68 3.75 13.62
C ARG A 491 -20.06 4.38 13.45
N HIS A 492 -20.92 3.67 12.72
CA HIS A 492 -22.29 4.12 12.51
C HIS A 492 -23.13 3.70 13.70
N PHE A 493 -23.80 4.67 14.33
CA PHE A 493 -24.59 4.44 15.52
C PHE A 493 -26.06 4.72 15.24
N GLU A 494 -26.92 3.87 15.79
CA GLU A 494 -28.35 4.06 15.64
C GLU A 494 -28.85 5.14 16.58
N GLU A 495 -30.05 5.63 16.29
CA GLU A 495 -30.68 6.63 17.14
C GLU A 495 -31.10 5.95 18.44
N PRO A 496 -30.67 6.48 19.60
CA PRO A 496 -30.90 5.77 20.86
C PRO A 496 -32.38 5.58 21.20
N ARG A 497 -32.67 4.49 21.89
CA ARG A 497 -34.04 4.06 22.15
C ARG A 497 -34.72 5.05 23.09
N GLN A 498 -35.67 5.80 22.56
CA GLN A 498 -36.42 6.75 23.38
C GLN A 498 -37.36 5.98 24.31
N PRO A 499 -37.57 6.48 25.53
CA PRO A 499 -38.42 5.77 26.49
C PRO A 499 -39.89 5.87 26.13
N LEU A 500 -40.66 4.93 26.70
CA LEU A 500 -42.11 4.92 26.60
C LEU A 500 -42.66 4.96 28.03
N LEU A 501 -42.98 6.16 28.50
CA LEU A 501 -43.27 6.39 29.91
C LEU A 501 -44.77 6.47 30.15
N ASN A 502 -45.21 5.90 31.28
CA ASN A 502 -46.56 6.07 31.79
C ASN A 502 -46.49 7.18 32.83
N LEU A 503 -46.80 8.40 32.39
CA LEU A 503 -46.62 9.57 33.25
C LEU A 503 -47.66 9.59 34.37
N GLU A 504 -47.20 9.84 35.59
CA GLU A 504 -48.07 9.95 36.76
C GLU A 504 -47.67 11.24 37.48
N LYS A 505 -48.50 12.27 37.35
CA LYS A 505 -48.20 13.57 37.95
C LYS A 505 -48.35 13.50 39.47
N LYS A 506 -47.32 13.95 40.17
CA LYS A 506 -47.34 13.96 41.62
C LYS A 506 -46.42 15.05 42.13
N LYS A 507 -46.63 15.45 43.38
CA LYS A 507 -45.83 16.50 43.99
C LYS A 507 -44.48 15.94 44.40
N THR A 508 -43.40 16.57 43.93
CA THR A 508 -42.05 16.14 44.21
C THR A 508 -41.44 17.01 45.32
N ALA A 509 -40.21 16.67 45.71
CA ALA A 509 -39.52 17.43 46.73
C ALA A 509 -39.09 18.81 46.24
N LYS A 510 -38.95 19.00 44.93
CA LYS A 510 -38.59 20.30 44.39
C LYS A 510 -39.70 21.32 44.65
N ASN A 511 -40.96 20.92 44.49
CA ASN A 511 -42.06 21.84 44.79
C ASN A 511 -42.12 22.16 46.28
N ILE A 512 -41.89 21.16 47.14
CA ILE A 512 -41.91 21.38 48.58
C ILE A 512 -40.80 22.34 49.00
N LEU A 513 -39.64 22.23 48.35
CA LEU A 513 -38.59 23.20 48.59
C LEU A 513 -38.95 24.57 48.04
N ASP A 514 -39.64 24.61 46.89
CA ASP A 514 -39.89 25.87 46.21
C ASP A 514 -40.90 26.74 46.95
N GLU A 515 -42.05 26.17 47.35
CA GLU A 515 -43.03 27.03 48.00
C GLU A 515 -42.95 26.96 49.52
N GLN A 516 -42.65 25.81 50.10
CA GLN A 516 -42.67 25.70 51.54
C GLN A 516 -41.30 25.94 52.17
N GLY A 517 -40.29 25.15 51.81
CA GLY A 517 -38.96 25.36 52.33
C GLY A 517 -38.15 24.10 52.55
N ALA A 518 -36.93 24.25 53.06
CA ALA A 518 -36.05 23.10 53.26
C ALA A 518 -36.50 22.26 54.45
N ASP A 519 -36.99 22.91 55.52
CA ASP A 519 -37.46 22.17 56.68
C ASP A 519 -38.70 21.34 56.36
N ALA A 520 -39.56 21.84 55.49
CA ALA A 520 -40.68 21.04 55.02
C ALA A 520 -40.22 19.84 54.19
N VAL A 521 -39.14 20.02 53.42
CA VAL A 521 -38.56 18.90 52.68
C VAL A 521 -38.02 17.84 53.64
N VAL A 522 -37.35 18.27 54.70
CA VAL A 522 -36.82 17.35 55.70
C VAL A 522 -37.97 16.61 56.41
N ASP A 523 -39.05 17.33 56.72
CA ASP A 523 -40.22 16.71 57.33
C ASP A 523 -40.90 15.74 56.39
N TYR A 524 -40.92 16.04 55.09
CA TYR A 524 -41.49 15.12 54.10
C TYR A 524 -40.64 13.86 53.96
N VAL A 525 -39.32 13.99 54.08
CA VAL A 525 -38.43 12.82 54.00
C VAL A 525 -38.69 11.90 55.19
N LYS A 526 -38.82 12.46 56.40
CA LYS A 526 -39.01 11.63 57.57
C LYS A 526 -40.40 11.01 57.62
N ASN A 527 -41.39 11.63 56.99
CA ASN A 527 -42.75 11.12 57.01
C ASN A 527 -43.01 10.08 55.92
N THR A 528 -42.02 9.77 55.09
CA THR A 528 -42.19 8.79 54.04
C THR A 528 -41.74 7.42 54.53
N LYS A 529 -42.62 6.43 54.41
CA LYS A 529 -42.28 5.07 54.84
C LYS A 529 -41.27 4.43 53.89
N GLU A 530 -41.49 4.57 52.58
CA GLU A 530 -40.59 3.98 51.61
C GLU A 530 -39.28 4.74 51.54
N VAL A 531 -38.22 4.03 51.14
CA VAL A 531 -36.90 4.63 51.04
C VAL A 531 -36.83 5.46 49.77
N LEU A 532 -36.35 6.70 49.90
CA LEU A 532 -36.19 7.57 48.75
C LEU A 532 -34.91 7.24 48.00
N LEU A 533 -34.90 7.56 46.71
CA LEU A 533 -33.77 7.27 45.85
C LEU A 533 -33.17 8.56 45.31
N THR A 534 -31.84 8.57 45.17
CA THR A 534 -31.11 9.66 44.55
C THR A 534 -30.41 9.12 43.32
N ASP A 535 -30.69 9.72 42.16
CA ASP A 535 -30.15 9.27 40.89
C ASP A 535 -28.76 9.88 40.70
N THR A 536 -27.72 9.04 40.85
CA THR A 536 -26.35 9.47 40.64
C THR A 536 -25.84 9.13 39.25
N THR A 537 -26.75 9.00 38.29
CA THR A 537 -26.35 8.68 36.92
C THR A 537 -25.58 9.83 36.28
N LEU A 538 -26.02 11.07 36.52
CA LEU A 538 -25.50 12.21 35.77
C LEU A 538 -24.12 12.66 36.24
N ARG A 539 -23.70 12.30 37.46
CA ARG A 539 -22.34 12.59 37.89
C ARG A 539 -21.52 11.34 38.19
N ASP A 540 -21.95 10.53 39.17
CA ASP A 540 -21.05 9.53 39.74
C ASP A 540 -20.97 8.28 38.90
N ALA A 541 -22.06 7.91 38.21
CA ALA A 541 -22.06 6.68 37.42
C ALA A 541 -21.08 6.78 36.26
N HIS A 542 -21.03 7.92 35.58
CA HIS A 542 -20.02 8.12 34.54
C HIS A 542 -18.72 8.67 35.09
N GLN A 543 -18.68 9.10 36.35
CA GLN A 543 -17.40 9.38 36.99
C GLN A 543 -16.62 8.10 37.23
N SER A 544 -17.29 7.07 37.73
CA SER A 544 -16.61 5.82 38.09
C SER A 544 -16.44 4.87 36.90
N LEU A 545 -17.14 5.11 35.78
CA LEU A 545 -17.08 4.22 34.64
C LEU A 545 -16.48 4.87 33.41
N LEU A 546 -17.01 6.02 32.99
CA LEU A 546 -16.59 6.68 31.77
C LEU A 546 -15.62 7.83 32.03
N ALA A 547 -15.12 7.95 33.27
CA ALA A 547 -14.11 8.95 33.67
C ALA A 547 -14.60 10.38 33.41
N THR A 548 -15.82 10.67 33.89
CA THR A 548 -16.46 11.99 33.81
C THR A 548 -16.48 12.57 32.39
N ARG A 549 -16.65 11.71 31.38
CA ARG A 549 -16.63 12.16 29.99
C ARG A 549 -18.03 12.24 29.38
N LEU A 550 -19.08 12.12 30.19
CA LEU A 550 -20.43 12.22 29.66
C LEU A 550 -20.74 13.66 29.30
N ARG A 551 -21.07 13.90 28.03
CA ARG A 551 -21.31 15.25 27.55
C ARG A 551 -22.76 15.67 27.80
N LEU A 552 -22.97 16.98 27.78
CA LEU A 552 -24.30 17.53 28.03
C LEU A 552 -25.29 17.17 26.94
N GLN A 553 -24.80 16.95 25.70
CA GLN A 553 -25.68 16.61 24.59
C GLN A 553 -26.38 15.28 24.82
N ASP A 554 -25.70 14.34 25.46
CA ASP A 554 -26.34 13.06 25.76
C ASP A 554 -27.31 13.16 26.93
N MET A 555 -27.07 14.05 27.89
CA MET A 555 -28.02 14.24 28.98
C MET A 555 -29.25 15.01 28.53
N LYS A 556 -29.12 15.81 27.46
CA LYS A 556 -30.24 16.63 27.02
C LYS A 556 -31.36 15.82 26.39
N GLY A 557 -31.05 14.65 25.82
CA GLY A 557 -32.08 13.83 25.23
C GLY A 557 -32.88 13.00 26.20
N ILE A 558 -32.48 12.97 27.47
CA ILE A 558 -33.14 12.14 28.48
C ILE A 558 -33.44 12.91 29.76
N ALA A 559 -33.01 14.16 29.88
CA ALA A 559 -33.29 14.94 31.08
C ALA A 559 -34.79 15.17 31.27
N GLN A 560 -35.50 15.51 30.19
CA GLN A 560 -36.94 15.71 30.27
C GLN A 560 -37.66 14.42 30.63
N ALA A 561 -37.20 13.30 30.05
CA ALA A 561 -37.80 12.00 30.35
C ALA A 561 -37.57 11.59 31.79
N ILE A 562 -36.38 11.87 32.34
CA ILE A 562 -36.11 11.58 33.73
C ILE A 562 -36.96 12.46 34.65
N ASP A 563 -37.08 13.75 34.30
CA ASP A 563 -37.86 14.67 35.12
C ASP A 563 -39.35 14.33 35.10
N GLN A 564 -39.86 13.82 33.97
CA GLN A 564 -41.28 13.51 33.87
C GLN A 564 -41.60 12.11 34.38
N GLY A 565 -40.97 11.09 33.81
CA GLY A 565 -41.29 9.71 34.13
C GLY A 565 -40.74 9.20 35.45
N LEU A 566 -39.88 9.96 36.11
CA LEU A 566 -39.34 9.57 37.42
C LEU A 566 -39.54 10.73 38.39
N PRO A 567 -40.75 10.93 38.89
CA PRO A 567 -40.99 12.01 39.87
C PRO A 567 -40.74 11.61 41.32
N GLU A 568 -40.56 10.33 41.61
CA GLU A 568 -40.36 9.87 42.98
C GLU A 568 -38.92 9.98 43.45
N LEU A 569 -38.01 10.42 42.58
CA LEU A 569 -36.62 10.60 42.99
C LEU A 569 -36.50 11.79 43.93
N PHE A 570 -35.74 11.60 45.01
CA PHE A 570 -35.48 12.70 45.93
C PHE A 570 -34.65 13.79 45.27
N SER A 571 -33.54 13.41 44.65
CA SER A 571 -32.66 14.36 44.00
C SER A 571 -31.89 13.63 42.92
N ALA A 572 -31.29 14.41 42.02
CA ALA A 572 -30.45 13.88 40.95
C ALA A 572 -29.07 14.53 41.06
N GLU A 573 -28.06 13.72 41.36
CA GLU A 573 -26.69 14.23 41.43
C GLU A 573 -26.17 14.45 40.01
N MET A 574 -25.94 15.71 39.65
CA MET A 574 -25.59 16.05 38.28
C MET A 574 -24.44 17.05 38.20
N TRP A 575 -23.85 17.45 39.31
CA TRP A 575 -22.88 18.53 39.28
C TRP A 575 -21.87 18.31 40.40
N GLY A 576 -20.79 19.09 40.36
CA GLY A 576 -19.75 18.97 41.35
C GLY A 576 -18.84 17.79 41.10
N GLY A 577 -17.95 17.55 42.06
CA GLY A 577 -17.00 16.47 41.91
C GLY A 577 -15.95 16.81 40.86
N ALA A 578 -15.50 15.77 40.17
CA ALA A 578 -14.50 15.94 39.12
C ALA A 578 -15.09 16.46 37.81
N THR A 579 -16.42 16.55 37.71
CA THR A 579 -17.06 17.00 36.48
C THR A 579 -16.70 18.43 36.15
N PHE A 580 -16.64 19.30 37.17
CA PHE A 580 -16.33 20.70 36.97
C PHE A 580 -14.96 20.91 36.34
N ASP A 581 -13.95 20.17 36.81
CA ASP A 581 -12.62 20.29 36.23
C ASP A 581 -12.55 19.60 34.88
N VAL A 582 -13.13 18.40 34.77
CA VAL A 582 -12.93 17.57 33.59
C VAL A 582 -13.67 18.14 32.38
N ALA A 583 -14.85 18.71 32.59
CA ALA A 583 -15.60 19.32 31.48
C ALA A 583 -14.81 20.47 30.87
N TYR A 584 -14.27 21.36 31.71
CA TYR A 584 -13.44 22.46 31.23
C TYR A 584 -12.17 21.95 30.56
N ARG A 585 -11.54 20.92 31.13
CA ARG A 585 -10.24 20.49 30.64
C ARG A 585 -10.35 19.73 29.32
N PHE A 586 -11.36 18.87 29.19
CA PHE A 586 -11.47 17.97 28.05
C PHE A 586 -12.72 18.20 27.22
N LEU A 587 -13.89 18.32 27.86
CA LEU A 587 -15.14 18.38 27.11
C LEU A 587 -15.35 19.73 26.43
N ASN A 588 -14.61 20.76 26.86
CA ASN A 588 -14.67 22.12 26.30
C ASN A 588 -16.08 22.69 26.36
N GLU A 589 -16.79 22.41 27.46
CA GLU A 589 -18.09 22.97 27.71
C GLU A 589 -18.14 23.50 29.14
N SER A 590 -18.82 24.61 29.33
CA SER A 590 -18.92 25.20 30.65
C SER A 590 -19.91 24.40 31.50
N PRO A 591 -19.51 23.96 32.70
CA PRO A 591 -20.47 23.27 33.58
C PRO A 591 -21.63 24.16 34.03
N TRP A 592 -21.44 25.49 34.04
CA TRP A 592 -22.55 26.39 34.30
C TRP A 592 -23.60 26.32 33.19
N TYR A 593 -23.15 26.20 31.94
CA TYR A 593 -24.07 26.03 30.82
C TYR A 593 -24.83 24.71 30.94
N ARG A 594 -24.15 23.65 31.35
CA ARG A 594 -24.79 22.36 31.58
C ARG A 594 -25.82 22.46 32.69
N LEU A 595 -25.49 23.18 33.77
CA LEU A 595 -26.42 23.36 34.87
C LEU A 595 -27.65 24.16 34.43
N ARG A 596 -27.45 25.21 33.63
CA ARG A 596 -28.57 26.00 33.13
C ARG A 596 -29.48 25.17 32.24
N LYS A 597 -28.88 24.37 31.33
CA LYS A 597 -29.67 23.54 30.43
C LYS A 597 -30.45 22.48 31.19
N LEU A 598 -29.79 21.82 32.16
CA LEU A 598 -30.46 20.78 32.92
C LEU A 598 -31.53 21.35 33.85
N ARG A 599 -31.35 22.59 34.31
CA ARG A 599 -32.42 23.24 35.07
C ARG A 599 -33.58 23.61 34.18
N LYS A 600 -33.31 23.93 32.91
CA LYS A 600 -34.40 24.20 31.98
C LYS A 600 -35.19 22.92 31.65
N LEU A 601 -34.49 21.82 31.38
CA LEU A 601 -35.18 20.59 31.01
C LEU A 601 -35.70 19.78 32.20
N MET A 602 -35.26 20.07 33.42
CA MET A 602 -35.71 19.36 34.62
C MET A 602 -36.21 20.37 35.65
N PRO A 603 -37.45 20.85 35.50
CA PRO A 603 -37.95 21.86 36.45
C PRO A 603 -38.48 21.28 37.76
N ASN A 604 -38.76 19.97 37.81
CA ASN A 604 -39.39 19.37 38.99
C ASN A 604 -38.47 18.37 39.70
N THR A 605 -37.17 18.44 39.46
CA THR A 605 -36.20 17.54 40.08
C THR A 605 -35.16 18.35 40.83
N MET A 606 -34.84 17.94 42.05
CA MET A 606 -33.85 18.62 42.86
C MET A 606 -32.44 18.23 42.41
N PHE A 607 -31.55 19.22 42.37
CA PHE A 607 -30.19 19.04 41.90
C PHE A 607 -29.23 18.99 43.09
N GLN A 608 -28.18 18.17 42.96
CA GLN A 608 -27.25 17.92 44.04
C GLN A 608 -25.82 18.01 43.51
N MET A 609 -24.96 18.72 44.23
CA MET A 609 -23.54 18.83 43.89
C MET A 609 -22.70 18.31 45.06
N LEU A 610 -21.67 17.54 44.74
CA LEU A 610 -20.73 17.03 45.74
C LEU A 610 -19.75 18.15 46.11
N PHE A 611 -20.12 18.94 47.11
CA PHE A 611 -19.23 19.92 47.70
C PHE A 611 -18.20 19.22 48.57
N ARG A 612 -16.98 19.73 48.59
CA ARG A 612 -15.88 19.08 49.30
C ARG A 612 -15.28 19.99 50.38
N GLY A 613 -16.14 20.64 51.16
CA GLY A 613 -15.70 21.38 52.33
C GLY A 613 -14.99 22.68 52.06
N SER A 614 -13.73 22.78 52.50
CA SER A 614 -12.94 23.97 52.23
C SER A 614 -12.70 24.15 50.74
N ASN A 615 -12.38 23.07 50.06
CA ASN A 615 -12.41 23.05 48.60
C ASN A 615 -13.86 22.99 48.14
N ALA A 616 -14.10 23.40 46.90
CA ALA A 616 -15.43 23.25 46.32
C ALA A 616 -15.44 22.29 45.14
N VAL A 617 -14.56 22.51 44.16
CA VAL A 617 -14.45 21.63 43.01
C VAL A 617 -12.97 21.32 42.77
N GLY A 618 -12.10 22.09 43.42
CA GLY A 618 -10.66 21.94 43.26
C GLY A 618 -10.03 21.03 44.29
N TYR A 619 -8.74 21.25 44.53
CA TYR A 619 -7.99 20.46 45.51
C TYR A 619 -7.19 21.30 46.48
N GLN A 620 -7.11 22.62 46.27
CA GLN A 620 -6.38 23.51 47.15
C GLN A 620 -7.37 24.36 47.96
N ASN A 621 -6.89 24.89 49.08
CA ASN A 621 -7.73 25.69 49.95
C ASN A 621 -8.04 27.04 49.31
N TYR A 622 -9.19 27.59 49.68
CA TYR A 622 -9.67 28.87 49.18
C TYR A 622 -10.24 29.66 50.34
N PRO A 623 -10.22 31.00 50.26
CA PRO A 623 -10.80 31.81 51.34
C PRO A 623 -12.31 31.65 51.43
N ASP A 624 -12.84 32.03 52.59
CA ASP A 624 -14.24 31.78 52.91
C ASP A 624 -15.20 32.58 52.03
N ASN A 625 -14.82 33.80 51.66
CA ASN A 625 -15.69 34.61 50.80
C ASN A 625 -15.81 34.01 49.40
N VAL A 626 -14.74 33.40 48.90
CA VAL A 626 -14.80 32.72 47.60
C VAL A 626 -15.77 31.55 47.65
N ILE A 627 -15.71 30.77 48.72
CA ILE A 627 -16.62 29.63 48.89
C ILE A 627 -18.06 30.10 49.04
N GLU A 628 -18.28 31.18 49.78
CA GLU A 628 -19.63 31.70 49.96
C GLU A 628 -20.18 32.25 48.65
N GLU A 629 -19.35 32.93 47.85
CA GLU A 629 -19.79 33.41 46.54
C GLU A 629 -20.10 32.24 45.61
N PHE A 630 -19.27 31.19 45.64
CA PHE A 630 -19.54 30.01 44.82
C PHE A 630 -20.86 29.34 45.22
N ILE A 631 -21.12 29.25 46.52
CA ILE A 631 -22.37 28.66 47.00
C ILE A 631 -23.55 29.53 46.59
N ARG A 632 -23.41 30.86 46.68
CA ARG A 632 -24.48 31.76 46.27
C ARG A 632 -24.80 31.63 44.79
N VAL A 633 -23.76 31.58 43.95
CA VAL A 633 -23.97 31.47 42.51
C VAL A 633 -24.55 30.11 42.14
N ALA A 634 -24.08 29.05 42.79
CA ALA A 634 -24.59 27.71 42.52
C ALA A 634 -26.05 27.57 42.95
N ALA A 635 -26.42 28.17 44.09
CA ALA A 635 -27.81 28.13 44.53
C ALA A 635 -28.69 29.01 43.65
N HIS A 636 -28.14 30.09 43.11
CA HIS A 636 -28.92 30.92 42.18
C HIS A 636 -29.15 30.21 40.86
N GLU A 637 -28.15 29.46 40.37
CA GLU A 637 -28.25 28.85 39.06
C GLU A 637 -29.06 27.56 39.05
N GLY A 638 -29.37 26.98 40.21
CA GLY A 638 -30.28 25.86 40.23
C GLY A 638 -29.89 24.66 41.09
N ILE A 639 -28.84 24.78 41.89
CA ILE A 639 -28.45 23.68 42.77
C ILE A 639 -29.30 23.75 44.04
N ASP A 640 -30.00 22.66 44.33
CA ASP A 640 -30.92 22.61 45.46
C ASP A 640 -30.35 21.86 46.66
N VAL A 641 -29.61 20.78 46.44
CA VAL A 641 -29.01 20.00 47.51
C VAL A 641 -27.51 20.23 47.48
N PHE A 642 -26.92 20.46 48.64
CA PHE A 642 -25.48 20.70 48.77
C PHE A 642 -24.93 19.60 49.68
N ARG A 643 -24.25 18.63 49.10
CA ARG A 643 -23.62 17.55 49.86
C ARG A 643 -22.18 17.96 50.15
N ILE A 644 -21.91 18.36 51.38
CA ILE A 644 -20.60 18.86 51.78
C ILE A 644 -19.91 17.79 52.63
N PHE A 645 -18.77 17.31 52.15
CA PHE A 645 -17.93 16.40 52.92
C PHE A 645 -16.57 17.04 53.16
N ASP A 646 -15.74 16.35 53.93
CA ASP A 646 -14.36 16.76 54.15
C ASP A 646 -13.46 15.55 53.91
N SER A 647 -12.26 15.82 53.37
CA SER A 647 -11.31 14.76 53.06
C SER A 647 -10.79 14.06 54.30
N LEU A 648 -10.78 14.74 55.45
CA LEU A 648 -10.31 14.15 56.70
C LEU A 648 -11.39 14.19 57.78
N ASN A 649 -12.65 14.37 57.39
CA ASN A 649 -13.80 14.40 58.29
C ASN A 649 -13.65 15.48 59.36
N TRP A 650 -13.25 16.68 58.95
CA TRP A 650 -13.01 17.78 59.86
C TRP A 650 -14.13 18.81 59.73
N LEU A 651 -14.74 19.14 60.85
CA LEU A 651 -15.87 20.07 60.97
C LEU A 651 -15.56 21.55 60.73
N PRO A 652 -14.36 22.08 61.10
CA PRO A 652 -14.06 23.47 60.71
C PRO A 652 -14.07 23.70 59.20
N GLN A 653 -13.70 22.71 58.40
CA GLN A 653 -13.71 22.87 56.95
C GLN A 653 -15.10 22.75 56.35
N MET A 654 -16.11 22.36 57.13
CA MET A 654 -17.47 22.20 56.64
C MET A 654 -18.48 23.15 57.25
N GLU A 655 -18.18 23.75 58.41
CA GLU A 655 -19.18 24.57 59.10
C GLU A 655 -19.50 25.84 58.31
N LYS A 656 -18.49 26.47 57.70
CA LYS A 656 -18.73 27.68 56.92
C LYS A 656 -19.57 27.38 55.69
N SER A 657 -19.29 26.27 55.01
CA SER A 657 -20.08 25.89 53.84
C SER A 657 -21.51 25.55 54.23
N ILE A 658 -21.70 24.85 55.35
CA ILE A 658 -23.04 24.51 55.82
C ILE A 658 -23.83 25.77 56.17
N GLN A 659 -23.17 26.73 56.84
CA GLN A 659 -23.83 27.98 57.18
C GLN A 659 -24.16 28.80 55.95
N ALA A 660 -23.28 28.79 54.94
CA ALA A 660 -23.56 29.52 53.70
C ALA A 660 -24.74 28.91 52.95
N VAL A 661 -24.83 27.57 52.91
CA VAL A 661 -25.96 26.92 52.25
C VAL A 661 -27.25 27.19 53.02
N ARG A 662 -27.17 27.22 54.36
CA ARG A 662 -28.32 27.57 55.17
C ARG A 662 -28.79 29.01 54.90
N ASP A 663 -27.83 29.93 54.75
CA ASP A 663 -28.18 31.32 54.49
C ASP A 663 -28.77 31.49 53.08
N ASN A 664 -28.32 30.67 52.14
CA ASN A 664 -28.83 30.76 50.77
C ASN A 664 -30.19 30.08 50.59
N GLY A 665 -30.70 29.40 51.62
CA GLY A 665 -32.03 28.83 51.54
C GLY A 665 -32.13 27.49 50.86
N LYS A 666 -31.05 26.72 50.81
CA LYS A 666 -31.04 25.41 50.20
C LYS A 666 -30.77 24.35 51.26
N ILE A 667 -30.81 23.09 50.82
CA ILE A 667 -30.59 21.96 51.72
C ILE A 667 -29.11 21.72 51.87
N ALA A 668 -28.63 21.71 53.12
CA ALA A 668 -27.22 21.44 53.43
C ALA A 668 -27.13 20.00 53.90
N GLU A 669 -26.37 19.19 53.16
CA GLU A 669 -26.16 17.79 53.50
C GLU A 669 -24.75 17.60 54.07
N ALA A 670 -24.64 17.63 55.39
CA ALA A 670 -23.39 17.30 56.06
C ALA A 670 -23.10 15.82 55.88
N THR A 671 -21.84 15.48 55.63
CA THR A 671 -21.47 14.15 55.18
C THR A 671 -20.38 13.58 56.06
N ILE A 672 -20.57 12.33 56.50
CA ILE A 672 -19.57 11.58 57.24
C ILE A 672 -18.88 10.65 56.26
N CYS A 673 -17.57 10.79 56.11
CA CYS A 673 -16.79 9.93 55.21
C CYS A 673 -16.47 8.63 55.93
N TYR A 674 -17.09 7.53 55.51
CA TYR A 674 -16.87 6.25 56.15
C TYR A 674 -15.53 5.64 55.72
N THR A 675 -14.86 4.99 56.67
CA THR A 675 -13.63 4.29 56.39
C THR A 675 -13.45 3.18 57.41
N GLY A 676 -12.65 2.18 57.05
CA GLY A 676 -12.38 1.09 57.96
C GLY A 676 -13.60 0.18 58.14
N ASP A 677 -13.54 -0.61 59.22
CA ASP A 677 -14.62 -1.51 59.58
C ASP A 677 -15.01 -1.28 61.03
N ILE A 678 -16.31 -1.09 61.27
CA ILE A 678 -16.79 -0.86 62.62
C ILE A 678 -17.06 -2.14 63.39
N LEU A 679 -17.13 -3.28 62.71
CA LEU A 679 -17.32 -4.56 63.36
C LEU A 679 -16.01 -5.32 63.52
N ASP A 680 -14.88 -4.70 63.19
CA ASP A 680 -13.57 -5.32 63.34
C ASP A 680 -12.84 -4.70 64.53
N PRO A 681 -12.58 -5.46 65.59
CA PRO A 681 -11.86 -4.88 66.75
C PRO A 681 -10.40 -4.60 66.48
N SER A 682 -9.82 -5.15 65.40
CA SER A 682 -8.41 -4.94 65.11
C SER A 682 -8.13 -3.53 64.60
N ARG A 683 -9.16 -2.79 64.18
CA ARG A 683 -9.02 -1.41 63.73
C ARG A 683 -9.93 -0.54 64.58
N PRO A 684 -9.49 -0.13 65.77
CA PRO A 684 -10.35 0.62 66.68
C PRO A 684 -10.27 2.14 66.55
N LYS A 685 -9.55 2.66 65.54
CA LYS A 685 -9.46 4.10 65.39
C LYS A 685 -10.80 4.71 64.95
N TYR A 686 -11.50 4.02 64.07
CA TYR A 686 -12.82 4.44 63.61
C TYR A 686 -13.83 3.40 64.08
N ASN A 687 -14.31 3.57 65.31
CA ASN A 687 -15.31 2.69 65.87
C ASN A 687 -16.69 3.30 65.68
N ILE A 688 -17.71 2.66 66.25
CA ILE A 688 -19.07 3.18 66.15
C ILE A 688 -19.21 4.47 66.96
N GLN A 689 -18.51 4.56 68.09
CA GLN A 689 -18.60 5.74 68.95
C GLN A 689 -18.04 6.99 68.26
N TYR A 690 -16.99 6.84 67.45
CA TYR A 690 -16.43 7.98 66.73
C TYR A 690 -17.45 8.55 65.74
N TYR A 691 -18.10 7.68 64.97
CA TYR A 691 -19.14 8.13 64.05
C TYR A 691 -20.34 8.69 64.80
N LYS A 692 -20.64 8.15 65.98
CA LYS A 692 -21.75 8.67 66.79
C LYS A 692 -21.47 10.10 67.25
N ASP A 693 -20.27 10.36 67.77
CA ASP A 693 -19.98 11.72 68.24
C ASP A 693 -19.82 12.68 67.05
N LEU A 694 -19.30 12.19 65.92
CA LEU A 694 -19.22 13.03 64.72
C LEU A 694 -20.61 13.42 64.23
N ALA A 695 -21.55 12.47 64.23
CA ALA A 695 -22.92 12.79 63.88
C ALA A 695 -23.57 13.73 64.89
N LYS A 696 -23.23 13.58 66.18
CA LYS A 696 -23.73 14.50 67.19
C LYS A 696 -23.28 15.93 66.92
N GLU A 697 -21.99 16.13 66.68
CA GLU A 697 -21.50 17.48 66.51
C GLU A 697 -21.76 18.02 65.09
N LEU A 698 -22.15 17.16 64.14
CA LEU A 698 -22.72 17.65 62.91
C LEU A 698 -24.19 18.05 63.09
N GLU A 699 -24.92 17.34 63.94
CA GLU A 699 -26.28 17.73 64.30
C GLU A 699 -26.30 19.04 65.07
N ALA A 700 -25.21 19.33 65.79
CA ALA A 700 -25.10 20.61 66.48
C ALA A 700 -25.09 21.79 65.50
N THR A 701 -24.63 21.57 64.28
CA THR A 701 -24.72 22.58 63.24
C THR A 701 -26.12 22.61 62.64
N GLY A 702 -26.29 23.44 61.61
CA GLY A 702 -27.58 23.58 60.97
C GLY A 702 -27.78 22.65 59.79
N ALA A 703 -27.22 21.44 59.87
CA ALA A 703 -27.35 20.48 58.78
C ALA A 703 -28.77 19.95 58.67
N HIS A 704 -29.27 19.87 57.44
CA HIS A 704 -30.61 19.37 57.21
C HIS A 704 -30.64 17.85 57.20
N ILE A 705 -29.76 17.22 56.43
CA ILE A 705 -29.73 15.78 56.27
C ILE A 705 -28.30 15.29 56.49
N LEU A 706 -28.13 14.32 57.38
CA LEU A 706 -26.84 13.69 57.57
C LEU A 706 -26.58 12.70 56.44
N ALA A 707 -25.34 12.68 55.95
CA ALA A 707 -24.96 11.83 54.83
C ALA A 707 -23.82 10.92 55.23
N VAL A 708 -23.87 9.68 54.75
CA VAL A 708 -22.79 8.71 54.97
C VAL A 708 -22.19 8.31 53.64
N KCX A 709 -20.99 8.80 53.35
CA KCX A 709 -20.33 8.53 52.08
CB KCX A 709 -19.62 9.78 51.58
CG KCX A 709 -18.97 9.63 50.21
CD KCX A 709 -18.04 10.81 49.94
CE KCX A 709 -17.55 10.81 48.51
NZ KCX A 709 -18.63 11.14 47.54
C KCX A 709 -19.34 7.39 52.20
O KCX A 709 -18.36 7.47 52.95
CX KCX A 709 -19.04 10.24 46.66
OQ1 KCX A 709 -19.94 10.53 45.87
OQ2 KCX A 709 -18.52 9.11 46.63
N ASP A 710 -19.58 6.32 51.46
CA ASP A 710 -18.64 5.21 51.38
C ASP A 710 -18.01 5.20 49.99
N MET A 711 -16.86 5.88 49.88
CA MET A 711 -16.23 6.10 48.59
C MET A 711 -15.59 4.85 48.01
N ALA A 712 -15.23 3.87 48.85
CA ALA A 712 -14.52 2.68 48.40
C ALA A 712 -15.37 1.42 48.49
N GLY A 713 -16.64 1.54 48.85
CA GLY A 713 -17.49 0.36 49.01
C GLY A 713 -17.09 -0.54 50.15
N LEU A 714 -16.72 0.04 51.29
CA LEU A 714 -16.26 -0.73 52.44
C LEU A 714 -17.38 -1.11 53.40
N LEU A 715 -18.60 -0.64 53.18
CA LEU A 715 -19.67 -0.84 54.15
C LEU A 715 -20.27 -2.23 53.99
N LYS A 716 -19.95 -3.11 54.93
CA LYS A 716 -20.55 -4.44 54.96
C LYS A 716 -22.01 -4.32 55.41
N PRO A 717 -22.87 -5.27 55.01
CA PRO A 717 -24.31 -5.13 55.31
C PRO A 717 -24.66 -5.12 56.79
N GLN A 718 -24.04 -6.01 57.58
CA GLN A 718 -24.27 -5.97 59.02
C GLN A 718 -23.69 -4.71 59.64
N ALA A 719 -22.51 -4.28 59.16
CA ALA A 719 -21.94 -3.01 59.58
C ALA A 719 -22.82 -1.84 59.17
N ALA A 720 -23.44 -1.93 57.99
CA ALA A 720 -24.37 -0.90 57.55
C ALA A 720 -25.58 -0.83 58.47
N TYR A 721 -26.15 -1.99 58.83
CA TYR A 721 -27.30 -2.03 59.72
C TYR A 721 -26.95 -1.44 61.08
N ARG A 722 -25.79 -1.83 61.63
CA ARG A 722 -25.39 -1.34 62.94
C ARG A 722 -25.13 0.16 62.91
N LEU A 723 -24.46 0.66 61.86
CA LEU A 723 -24.15 2.08 61.78
C LEU A 723 -25.42 2.92 61.61
N ILE A 724 -26.34 2.48 60.75
CA ILE A 724 -27.57 3.25 60.53
C ILE A 724 -28.44 3.21 61.78
N SER A 725 -28.51 2.07 62.46
CA SER A 725 -29.29 1.98 63.69
C SER A 725 -28.71 2.87 64.79
N GLU A 726 -27.37 2.87 64.95
CA GLU A 726 -26.76 3.71 65.97
C GLU A 726 -26.85 5.18 65.64
N LEU A 727 -26.83 5.54 64.35
CA LEU A 727 -26.99 6.94 63.98
C LEU A 727 -28.43 7.41 64.10
N LYS A 728 -29.40 6.54 63.84
CA LYS A 728 -30.80 6.90 64.04
C LYS A 728 -31.14 7.01 65.53
N ASP A 729 -30.51 6.19 66.36
CA ASP A 729 -30.71 6.31 67.80
C ASP A 729 -30.04 7.56 68.36
N THR A 730 -29.07 8.11 67.65
CA THR A 730 -28.27 9.23 68.16
C THR A 730 -28.87 10.58 67.77
N VAL A 731 -29.03 10.83 66.47
CA VAL A 731 -29.51 12.11 65.98
C VAL A 731 -30.90 11.93 65.38
N ASP A 732 -31.52 13.06 65.03
CA ASP A 732 -32.86 13.06 64.43
C ASP A 732 -32.85 13.43 62.96
N LEU A 733 -31.69 13.78 62.39
CA LEU A 733 -31.62 14.11 60.98
C LEU A 733 -31.79 12.86 60.12
N PRO A 734 -32.37 13.00 58.93
CA PRO A 734 -32.44 11.87 58.01
C PRO A 734 -31.06 11.46 57.54
N ILE A 735 -30.91 10.17 57.24
CA ILE A 735 -29.63 9.59 56.86
C ILE A 735 -29.63 9.33 55.37
N HIS A 736 -28.60 9.83 54.68
CA HIS A 736 -28.40 9.61 53.25
C HIS A 736 -27.20 8.70 53.09
N LEU A 737 -27.39 7.54 52.48
CA LEU A 737 -26.32 6.56 52.32
C LEU A 737 -25.79 6.57 50.90
N HIS A 738 -24.48 6.72 50.76
CA HIS A 738 -23.80 6.68 49.47
C HIS A 738 -22.71 5.62 49.55
N THR A 739 -22.76 4.64 48.65
CA THR A 739 -21.77 3.57 48.64
C THR A 739 -21.58 3.09 47.20
N HIS A 740 -20.52 2.32 47.00
CA HIS A 740 -20.18 1.78 45.69
C HIS A 740 -20.28 0.27 45.70
N ASP A 741 -20.48 -0.30 44.51
CA ASP A 741 -20.62 -1.74 44.32
C ASP A 741 -19.30 -2.42 43.99
N THR A 742 -18.17 -1.88 44.48
CA THR A 742 -16.86 -2.40 44.11
C THR A 742 -16.65 -3.82 44.61
N SER A 743 -17.10 -4.10 45.84
CA SER A 743 -17.03 -5.46 46.37
C SER A 743 -18.16 -6.34 45.89
N GLY A 744 -19.15 -5.79 45.19
CA GLY A 744 -20.31 -6.53 44.77
C GLY A 744 -21.39 -6.69 45.81
N ASN A 745 -21.24 -6.03 46.97
CA ASN A 745 -22.18 -6.16 48.07
C ASN A 745 -22.96 -4.87 48.31
N GLY A 746 -23.14 -4.06 47.26
CA GLY A 746 -23.84 -2.80 47.40
C GLY A 746 -25.34 -2.93 47.59
N ILE A 747 -25.95 -3.88 46.87
CA ILE A 747 -27.39 -4.06 46.94
C ILE A 747 -27.81 -4.55 48.31
N ILE A 748 -27.09 -5.54 48.86
CA ILE A 748 -27.41 -6.05 50.18
C ILE A 748 -27.09 -5.02 51.26
N THR A 749 -26.06 -4.19 51.06
CA THR A 749 -25.78 -3.10 51.97
C THR A 749 -26.92 -2.08 52.00
N TYR A 750 -27.44 -1.73 50.82
CA TYR A 750 -28.56 -0.80 50.74
C TYR A 750 -29.82 -1.40 51.37
N SER A 751 -30.05 -2.70 51.16
CA SER A 751 -31.20 -3.36 51.78
C SER A 751 -31.07 -3.40 53.30
N GLY A 752 -29.86 -3.66 53.81
CA GLY A 752 -29.66 -3.65 55.24
C GLY A 752 -29.81 -2.28 55.86
N ALA A 753 -29.37 -1.24 55.16
CA ALA A 753 -29.62 0.12 55.61
C ALA A 753 -31.10 0.46 55.58
N THR A 754 -31.82 -0.04 54.58
CA THR A 754 -33.27 0.16 54.51
C THR A 754 -33.96 -0.51 55.69
N GLN A 755 -33.50 -1.69 56.09
CA GLN A 755 -34.04 -2.36 57.27
C GLN A 755 -33.74 -1.58 58.54
N ALA A 756 -32.55 -1.00 58.63
CA ALA A 756 -32.18 -0.23 59.82
C ALA A 756 -32.87 1.12 59.90
N GLY A 757 -33.45 1.60 58.79
CA GLY A 757 -34.20 2.84 58.82
C GLY A 757 -33.54 4.00 58.13
N VAL A 758 -32.74 3.72 57.10
CA VAL A 758 -32.17 4.81 56.31
C VAL A 758 -33.27 5.45 55.47
N ASP A 759 -33.05 6.71 55.10
CA ASP A 759 -34.06 7.48 54.38
C ASP A 759 -33.79 7.55 52.88
N ILE A 760 -32.60 7.98 52.48
CA ILE A 760 -32.24 8.17 51.09
C ILE A 760 -30.99 7.35 50.78
N ILE A 761 -30.96 6.75 49.60
CA ILE A 761 -29.80 6.02 49.11
C ILE A 761 -29.48 6.49 47.70
N ASP A 762 -28.21 6.38 47.33
CA ASP A 762 -27.74 6.83 46.02
C ASP A 762 -27.66 5.62 45.09
N VAL A 763 -28.49 5.63 44.05
CA VAL A 763 -28.57 4.53 43.09
C VAL A 763 -28.56 5.10 41.68
N ALA A 764 -27.83 4.44 40.79
CA ALA A 764 -27.75 4.83 39.39
C ALA A 764 -28.61 3.91 38.53
N THR A 765 -28.77 4.28 37.26
CA THR A 765 -29.48 3.42 36.34
C THR A 765 -28.67 2.18 36.01
N ALA A 766 -29.37 1.11 35.62
CA ALA A 766 -28.73 -0.20 35.49
C ALA A 766 -27.71 -0.26 34.35
N SER A 767 -27.81 0.61 33.35
CA SER A 767 -26.82 0.63 32.28
C SER A 767 -25.48 1.12 32.77
N LEU A 768 -25.48 2.08 33.70
CA LEU A 768 -24.27 2.67 34.24
C LEU A 768 -24.04 2.29 35.70
N ALA A 769 -24.54 1.13 36.13
CA ALA A 769 -24.42 0.66 37.50
C ALA A 769 -23.45 -0.51 37.57
N GLY A 770 -23.21 -0.96 38.79
CA GLY A 770 -22.37 -2.11 39.03
C GLY A 770 -20.90 -1.82 38.87
N GLY A 771 -20.09 -2.69 39.46
CA GLY A 771 -18.65 -2.53 39.36
C GLY A 771 -18.18 -1.33 40.16
N THR A 772 -17.59 -0.37 39.47
CA THR A 772 -17.05 0.80 40.15
C THR A 772 -18.14 1.78 40.56
N SER A 773 -19.30 1.71 39.92
CA SER A 773 -20.35 2.70 40.13
C SER A 773 -21.30 2.26 41.23
N GLN A 774 -22.40 3.00 41.39
CA GLN A 774 -23.39 2.73 42.42
C GLN A 774 -24.24 1.51 42.03
N PRO A 775 -24.91 0.88 43.01
CA PRO A 775 -25.87 -0.17 42.69
C PRO A 775 -27.05 0.35 41.88
N SER A 776 -27.63 -0.56 41.10
CA SER A 776 -28.73 -0.20 40.21
C SER A 776 -30.00 0.13 41.00
N MET A 777 -30.77 1.10 40.49
CA MET A 777 -32.02 1.45 41.13
C MET A 777 -33.10 0.42 40.86
N GLN A 778 -33.05 -0.27 39.72
CA GLN A 778 -34.02 -1.32 39.45
C GLN A 778 -33.74 -2.54 40.30
N SER A 779 -32.46 -2.87 40.49
CA SER A 779 -32.09 -3.99 41.36
C SER A 779 -32.49 -3.72 42.81
N ILE A 780 -32.29 -2.49 43.28
CA ILE A 780 -32.69 -2.17 44.65
C ILE A 780 -34.20 -2.02 44.78
N TYR A 781 -34.92 -1.75 43.69
CA TYR A 781 -36.37 -1.81 43.76
C TYR A 781 -36.85 -3.25 43.87
N TYR A 782 -36.32 -4.14 43.02
CA TYR A 782 -36.76 -5.53 43.03
C TYR A 782 -36.27 -6.30 44.24
N ALA A 783 -35.21 -5.83 44.90
CA ALA A 783 -34.77 -6.47 46.14
C ALA A 783 -35.70 -6.12 47.29
N LEU A 784 -36.37 -4.97 47.23
CA LEU A 784 -37.26 -4.52 48.29
C LEU A 784 -38.73 -4.54 47.85
N GLU A 785 -39.05 -5.30 46.80
CA GLU A 785 -40.42 -5.32 46.31
C GLU A 785 -41.35 -6.09 47.24
N HIS A 786 -40.86 -7.18 47.84
CA HIS A 786 -41.66 -8.01 48.73
C HIS A 786 -41.26 -7.84 50.20
N GLY A 787 -40.37 -6.91 50.50
CA GLY A 787 -39.95 -6.69 51.86
C GLY A 787 -40.94 -5.84 52.62
N PRO A 788 -40.68 -5.67 53.92
CA PRO A 788 -41.52 -4.76 54.73
C PRO A 788 -41.46 -3.32 54.29
N ARG A 789 -40.33 -2.87 53.75
CA ARG A 789 -40.16 -1.51 53.27
C ARG A 789 -39.88 -1.53 51.77
N HIS A 790 -40.63 -0.73 51.03
CA HIS A 790 -40.50 -0.68 49.58
C HIS A 790 -39.60 0.49 49.17
N ALA A 791 -39.35 0.60 47.87
CA ALA A 791 -38.56 1.69 47.30
C ALA A 791 -39.45 2.52 46.41
N SER A 792 -39.42 3.84 46.60
CA SER A 792 -40.31 4.75 45.87
C SER A 792 -39.72 5.03 44.50
N ILE A 793 -40.14 4.23 43.51
CA ILE A 793 -39.68 4.40 42.13
C ILE A 793 -40.72 3.75 41.22
N ASN A 794 -40.70 4.15 39.95
CA ASN A 794 -41.50 3.52 38.91
C ASN A 794 -40.52 2.75 38.02
N VAL A 795 -40.45 1.43 38.22
CA VAL A 795 -39.40 0.64 37.61
C VAL A 795 -39.60 0.44 36.12
N LYS A 796 -40.82 0.56 35.60
CA LYS A 796 -41.03 0.47 34.16
C LYS A 796 -40.41 1.67 33.46
N ASN A 797 -40.65 2.87 33.99
CA ASN A 797 -39.99 4.07 33.48
C ASN A 797 -38.48 4.01 33.70
N ALA A 798 -38.05 3.39 34.80
CA ALA A 798 -36.62 3.25 35.06
C ALA A 798 -35.95 2.39 34.00
N GLU A 799 -36.58 1.27 33.62
CA GLU A 799 -36.04 0.43 32.56
C GLU A 799 -36.12 1.13 31.20
N GLN A 800 -37.16 1.93 30.98
CA GLN A 800 -37.25 2.69 29.74
C GLN A 800 -36.12 3.71 29.61
N ILE A 801 -35.77 4.38 30.72
CA ILE A 801 -34.62 5.28 30.72
C ILE A 801 -33.32 4.49 30.57
N ASP A 802 -33.27 3.30 31.17
CA ASP A 802 -32.10 2.44 31.07
C ASP A 802 -31.84 1.99 29.63
N HIS A 803 -32.89 1.88 28.82
CA HIS A 803 -32.72 1.59 27.40
C HIS A 803 -31.90 2.67 26.72
N TYR A 804 -32.25 3.95 26.95
CA TYR A 804 -31.51 5.06 26.37
C TYR A 804 -30.09 5.12 26.90
N TRP A 805 -29.91 4.85 28.20
CA TRP A 805 -28.56 4.91 28.76
C TRP A 805 -27.68 3.79 28.21
N GLU A 806 -28.26 2.60 28.01
CA GLU A 806 -27.52 1.51 27.37
C GLU A 806 -27.15 1.87 25.94
N ASP A 807 -28.06 2.51 25.21
CA ASP A 807 -27.78 2.90 23.84
C ASP A 807 -26.67 3.96 23.77
N VAL A 808 -26.68 4.93 24.68
CA VAL A 808 -25.69 6.01 24.61
C VAL A 808 -24.39 5.68 25.35
N ARG A 809 -24.33 4.57 26.08
CA ARG A 809 -23.07 4.15 26.67
C ARG A 809 -22.05 3.75 25.61
N LYS A 810 -22.53 3.19 24.48
CA LYS A 810 -21.66 2.76 23.40
C LYS A 810 -20.93 3.89 22.70
N TYR A 811 -21.36 5.14 22.90
CA TYR A 811 -20.64 6.27 22.32
C TYR A 811 -19.28 6.47 22.97
N TYR A 812 -19.14 6.08 24.24
CA TYR A 812 -17.95 6.32 25.04
C TYR A 812 -17.07 5.08 25.13
N ALA A 813 -16.97 4.32 24.05
CA ALA A 813 -16.10 3.15 24.02
C ALA A 813 -14.62 3.45 24.28
N PRO A 814 -13.99 4.52 23.75
CA PRO A 814 -12.59 4.78 24.13
C PRO A 814 -12.39 5.11 25.60
N PHE A 815 -13.43 5.59 26.29
CA PHE A 815 -13.29 6.01 27.69
C PHE A 815 -13.67 4.91 28.68
N GLU A 816 -13.98 3.71 28.21
CA GLU A 816 -14.30 2.62 29.10
C GLU A 816 -13.03 2.11 29.78
N ALA A 817 -13.15 1.80 31.08
CA ALA A 817 -12.01 1.29 31.83
C ALA A 817 -11.65 -0.13 31.38
N GLY A 818 -12.64 -0.92 31.01
CA GLY A 818 -12.39 -2.28 30.57
C GLY A 818 -13.40 -3.27 31.13
N ILE A 819 -12.97 -4.51 31.35
CA ILE A 819 -13.85 -5.51 31.94
C ILE A 819 -14.00 -5.24 33.42
N THR A 820 -15.24 -5.14 33.89
CA THR A 820 -15.52 -4.90 35.30
C THR A 820 -15.85 -6.22 35.99
N SER A 821 -15.59 -6.25 37.30
CA SER A 821 -15.81 -7.44 38.11
C SER A 821 -15.87 -7.01 39.57
N PRO A 822 -16.55 -7.76 40.43
CA PRO A 822 -16.55 -7.43 41.86
C PRO A 822 -15.18 -7.69 42.48
N GLN A 823 -14.47 -6.61 42.81
CA GLN A 823 -13.13 -6.72 43.40
C GLN A 823 -13.27 -6.62 44.92
N THR A 824 -13.07 -7.75 45.59
CA THR A 824 -13.07 -7.77 47.04
C THR A 824 -11.71 -7.39 47.63
N GLU A 825 -10.71 -7.15 46.79
CA GLU A 825 -9.43 -6.62 47.24
C GLU A 825 -9.54 -5.20 47.78
N VAL A 826 -10.63 -4.49 47.48
CA VAL A 826 -10.83 -3.13 47.96
C VAL A 826 -11.00 -3.06 49.47
N TYR A 827 -11.25 -4.19 50.13
CA TYR A 827 -11.29 -4.20 51.59
C TYR A 827 -9.92 -4.03 52.23
N MET A 828 -8.85 -4.15 51.44
CA MET A 828 -7.49 -4.01 51.96
C MET A 828 -6.90 -2.63 51.65
N HIS A 829 -6.84 -2.24 50.37
CA HIS A 829 -6.21 -0.98 50.01
C HIS A 829 -7.17 0.21 50.17
N GLU A 830 -8.47 -0.03 50.03
CA GLU A 830 -9.52 0.97 50.24
C GLU A 830 -9.37 2.19 49.34
N MET A 831 -8.97 1.96 48.10
CA MET A 831 -8.93 3.05 47.12
C MET A 831 -10.34 3.44 46.70
N PRO A 832 -10.62 4.73 46.57
CA PRO A 832 -11.81 5.15 45.83
C PRO A 832 -11.68 4.72 44.37
N GLY A 833 -12.83 4.44 43.75
CA GLY A 833 -12.80 3.86 42.41
C GLY A 833 -12.25 4.80 41.34
N GLY A 834 -12.65 6.07 41.40
CA GLY A 834 -12.08 7.05 40.47
C GLY A 834 -10.60 7.25 40.70
N GLN A 835 -10.18 7.29 41.97
CA GLN A 835 -8.76 7.35 42.29
C GLN A 835 -8.04 6.07 41.87
N TYR A 836 -8.73 4.92 41.94
CA TYR A 836 -8.15 3.66 41.50
C TYR A 836 -7.86 3.70 39.99
N THR A 837 -8.83 4.17 39.21
CA THR A 837 -8.62 4.26 37.76
C THR A 837 -7.57 5.29 37.41
N ASN A 838 -7.55 6.43 38.13
CA ASN A 838 -6.55 7.46 37.86
C ASN A 838 -5.15 6.96 38.21
N LEU A 839 -5.01 6.23 39.31
CA LEU A 839 -3.71 5.68 39.69
C LEU A 839 -3.27 4.61 38.71
N LYS A 840 -4.22 3.80 38.21
CA LYS A 840 -3.88 2.79 37.20
C LYS A 840 -3.39 3.44 35.91
N SER A 841 -4.07 4.51 35.47
CA SER A 841 -3.64 5.21 34.27
C SER A 841 -2.29 5.90 34.47
N GLN A 842 -2.05 6.45 35.67
CA GLN A 842 -0.77 7.09 35.94
C GLN A 842 0.36 6.06 36.00
N ALA A 843 0.09 4.88 36.54
CA ALA A 843 1.10 3.82 36.56
C ALA A 843 1.34 3.26 35.16
N ALA A 844 0.31 3.23 34.32
CA ALA A 844 0.51 2.81 32.94
C ALA A 844 1.24 3.87 32.14
N ALA A 845 1.13 5.14 32.53
CA ALA A 845 1.85 6.21 31.84
C ALA A 845 3.34 6.17 32.10
N VAL A 846 3.78 5.44 33.12
CA VAL A 846 5.20 5.24 33.40
C VAL A 846 5.51 3.76 33.26
N GLY A 847 6.77 3.39 33.47
CA GLY A 847 7.18 2.01 33.32
C GLY A 847 6.91 1.15 34.54
N LEU A 848 5.68 1.20 35.06
CA LEU A 848 5.30 0.42 36.24
C LEU A 848 3.90 -0.16 36.09
N GLY A 849 3.46 -0.41 34.86
CA GLY A 849 2.13 -0.92 34.64
C GLY A 849 1.96 -2.36 35.07
N HIS A 850 3.05 -3.13 35.11
CA HIS A 850 3.01 -4.51 35.55
C HIS A 850 3.22 -4.68 37.04
N ARG A 851 3.43 -3.57 37.77
CA ARG A 851 3.67 -3.60 39.21
C ARG A 851 2.47 -3.11 40.00
N PHE A 852 1.26 -3.37 39.52
CA PHE A 852 0.08 -2.81 40.17
C PHE A 852 -0.24 -3.51 41.49
N ASP A 853 0.13 -4.79 41.62
CA ASP A 853 -0.12 -5.49 42.87
C ASP A 853 0.75 -4.95 44.00
N GLU A 854 2.05 -4.77 43.74
CA GLU A 854 2.90 -4.12 44.73
C GLU A 854 2.58 -2.65 44.89
N ILE A 855 1.99 -2.02 43.87
CA ILE A 855 1.48 -0.65 44.03
C ILE A 855 0.33 -0.64 45.03
N LYS A 856 -0.58 -1.61 44.95
CA LYS A 856 -1.66 -1.72 45.91
C LYS A 856 -1.14 -2.01 47.32
N GLN A 857 -0.13 -2.89 47.41
CA GLN A 857 0.49 -3.18 48.71
C GLN A 857 1.16 -1.93 49.29
N MET A 858 1.84 -1.15 48.45
CA MET A 858 2.46 0.10 48.89
C MET A 858 1.40 1.11 49.31
N TYR A 859 0.26 1.14 48.61
CA TYR A 859 -0.83 2.03 48.99
C TYR A 859 -1.37 1.67 50.38
N ARG A 860 -1.59 0.38 50.63
CA ARG A 860 -2.07 -0.05 51.94
C ARG A 860 -1.05 0.25 53.04
N LYS A 861 0.24 0.00 52.76
CA LYS A 861 1.27 0.26 53.77
C LYS A 861 1.45 1.75 54.01
N VAL A 862 1.31 2.58 52.97
CA VAL A 862 1.43 4.03 53.14
C VAL A 862 0.24 4.57 53.94
N ASN A 863 -0.96 4.04 53.68
CA ASN A 863 -2.13 4.43 54.47
C ASN A 863 -1.98 4.02 55.93
N MET A 864 -1.40 2.84 56.18
CA MET A 864 -1.15 2.43 57.56
C MET A 864 -0.07 3.29 58.22
N MET A 865 0.97 3.64 57.46
CA MET A 865 2.12 4.35 58.04
C MET A 865 1.80 5.83 58.23
N PHE A 866 0.82 6.36 57.50
CA PHE A 866 0.36 7.72 57.76
C PHE A 866 -0.49 7.83 59.02
N GLY A 867 -0.96 6.71 59.56
CA GLY A 867 -1.80 6.71 60.72
C GLY A 867 -3.26 6.40 60.46
N ASP A 868 -3.57 5.63 59.41
CA ASP A 868 -4.94 5.25 59.04
C ASP A 868 -5.81 6.49 58.80
N ILE A 869 -5.44 7.25 57.76
CA ILE A 869 -6.22 8.44 57.40
C ILE A 869 -7.34 8.03 56.44
N ILE A 870 -8.30 8.93 56.29
CA ILE A 870 -9.44 8.68 55.41
C ILE A 870 -9.01 8.94 53.97
N LYS A 871 -9.25 7.95 53.10
CA LYS A 871 -8.84 8.02 51.70
C LYS A 871 -10.02 8.46 50.85
N VAL A 872 -10.10 9.76 50.59
CA VAL A 872 -11.04 10.34 49.63
C VAL A 872 -10.39 11.62 49.12
N THR A 873 -10.83 12.08 47.95
CA THR A 873 -10.17 13.21 47.30
C THR A 873 -10.38 14.48 48.11
N PRO A 874 -9.33 15.31 48.27
CA PRO A 874 -7.97 15.17 47.72
C PRO A 874 -7.01 14.40 48.63
N SER A 875 -7.46 13.83 49.75
CA SER A 875 -6.53 13.12 50.63
C SER A 875 -6.13 11.77 50.06
N SER A 876 -6.99 11.15 49.26
CA SER A 876 -6.63 9.89 48.61
C SER A 876 -5.60 10.11 47.52
N LYS A 877 -5.62 11.27 46.87
CA LYS A 877 -4.61 11.61 45.88
C LYS A 877 -3.23 11.70 46.52
N VAL A 878 -3.15 12.19 47.76
CA VAL A 878 -1.88 12.28 48.48
C VAL A 878 -1.31 10.88 48.71
N VAL A 879 -2.17 9.95 49.15
CA VAL A 879 -1.74 8.58 49.41
C VAL A 879 -1.32 7.91 48.10
N GLY A 880 -2.08 8.13 47.03
CA GLY A 880 -1.72 7.53 45.75
C GLY A 880 -0.42 8.05 45.20
N ASP A 881 -0.20 9.37 45.26
CA ASP A 881 1.05 9.95 44.79
C ASP A 881 2.23 9.50 45.65
N MET A 882 2.02 9.39 46.97
CA MET A 882 3.10 8.95 47.84
C MET A 882 3.47 7.50 47.57
N ALA A 883 2.47 6.64 47.34
CA ALA A 883 2.75 5.25 46.99
C ALA A 883 3.44 5.13 45.63
N LEU A 884 3.01 5.94 44.67
CA LEU A 884 3.65 5.93 43.34
C LEU A 884 5.10 6.40 43.43
N PHE A 885 5.36 7.44 44.24
CA PHE A 885 6.73 7.90 44.43
C PHE A 885 7.57 6.87 45.17
N MET A 886 6.97 6.19 46.16
CA MET A 886 7.70 5.21 46.94
C MET A 886 8.07 3.98 46.11
N ILE A 887 7.18 3.58 45.20
CA ILE A 887 7.45 2.41 44.38
C ILE A 887 8.20 2.74 43.09
N GLN A 888 8.19 4.00 42.66
CA GLN A 888 8.89 4.37 41.43
C GLN A 888 10.39 4.46 41.65
N ASN A 889 10.82 4.95 42.80
CA ASN A 889 12.24 5.09 43.12
C ASN A 889 12.75 3.96 43.99
N ASP A 890 11.96 2.90 44.15
CA ASP A 890 12.31 1.69 44.91
C ASP A 890 12.68 2.02 46.36
N LEU A 891 11.71 2.59 47.07
CA LEU A 891 11.88 2.97 48.45
C LEU A 891 11.30 1.89 49.37
N THR A 892 11.50 2.07 50.67
CA THR A 892 11.06 1.12 51.68
C THR A 892 10.54 1.92 52.85
N GLU A 893 9.70 1.28 53.68
CA GLU A 893 9.15 1.94 54.87
C GLU A 893 10.26 2.37 55.82
N GLU A 894 11.23 1.48 56.06
CA GLU A 894 12.39 1.84 56.87
C GLU A 894 13.25 2.88 56.16
N ASP A 895 13.37 2.76 54.83
CA ASP A 895 14.20 3.69 54.06
C ASP A 895 13.62 5.10 54.10
N VAL A 896 12.31 5.23 53.95
CA VAL A 896 11.68 6.55 54.07
C VAL A 896 11.73 7.02 55.52
N TYR A 897 11.50 6.13 56.48
CA TYR A 897 11.44 6.50 57.89
C TYR A 897 12.78 6.96 58.44
N ALA A 898 13.89 6.48 57.88
CA ALA A 898 15.19 6.88 58.41
C ALA A 898 16.02 7.67 57.39
N ARG A 899 16.26 7.07 56.22
CA ARG A 899 17.17 7.67 55.23
C ARG A 899 16.56 8.86 54.51
N GLY A 900 15.25 8.88 54.30
CA GLY A 900 14.61 9.86 53.44
C GLY A 900 14.48 11.26 54.02
N ASN A 901 15.35 11.64 54.97
CA ASN A 901 15.35 13.01 55.46
C ASN A 901 15.77 14.00 54.38
N GLU A 902 16.78 13.64 53.59
CA GLU A 902 17.25 14.47 52.50
C GLU A 902 16.54 14.19 51.17
N LEU A 903 15.68 13.19 51.13
CA LEU A 903 14.98 12.81 49.92
C LEU A 903 13.89 13.83 49.62
N ASN A 904 13.69 14.12 48.34
CA ASN A 904 12.61 14.98 47.90
C ASN A 904 11.27 14.24 48.02
N PHE A 905 10.19 14.99 47.85
CA PHE A 905 8.85 14.43 47.97
C PHE A 905 7.92 15.17 47.01
N PRO A 906 6.85 14.52 46.55
CA PRO A 906 5.86 15.25 45.74
C PRO A 906 5.13 16.29 46.57
N GLU A 907 4.65 17.33 45.87
CA GLU A 907 4.06 18.48 46.54
C GLU A 907 2.72 18.16 47.21
N SER A 908 2.05 17.08 46.80
CA SER A 908 0.79 16.70 47.43
C SER A 908 1.02 16.24 48.87
N VAL A 909 2.04 15.41 49.09
CA VAL A 909 2.35 14.94 50.44
C VAL A 909 2.87 16.09 51.29
N VAL A 910 3.66 16.99 50.69
CA VAL A 910 4.18 18.15 51.42
C VAL A 910 3.04 19.06 51.85
N SER A 911 2.09 19.31 50.94
CA SER A 911 0.93 20.12 51.29
C SER A 911 0.03 19.44 52.30
N PHE A 912 -0.10 18.12 52.23
CA PHE A 912 -0.92 17.39 53.20
C PHE A 912 -0.31 17.46 54.59
N PHE A 913 1.01 17.29 54.70
CA PHE A 913 1.66 17.35 55.99
C PHE A 913 1.89 18.77 56.48
N ARG A 914 1.75 19.77 55.60
CA ARG A 914 1.83 21.16 56.00
C ARG A 914 0.49 21.72 56.45
N GLY A 915 -0.57 20.91 56.42
CA GLY A 915 -1.87 21.34 56.91
C GLY A 915 -2.77 22.01 55.90
N ASP A 916 -2.47 21.88 54.61
CA ASP A 916 -3.34 22.47 53.59
C ASP A 916 -4.66 21.72 53.52
N LEU A 917 -4.61 20.39 53.59
CA LEU A 917 -5.85 19.61 53.53
C LEU A 917 -6.64 19.73 54.83
N GLY A 918 -5.95 19.85 55.96
CA GLY A 918 -6.59 20.01 57.25
C GLY A 918 -5.91 19.14 58.27
N GLN A 919 -6.55 19.02 59.44
CA GLN A 919 -6.02 18.25 60.54
C GLN A 919 -6.67 16.87 60.57
N PRO A 920 -5.91 15.79 60.42
CA PRO A 920 -6.50 14.45 60.49
C PRO A 920 -6.90 14.10 61.91
N VAL A 921 -7.77 13.09 62.01
CA VAL A 921 -8.20 12.60 63.31
C VAL A 921 -7.03 11.88 63.97
N GLY A 922 -6.71 12.28 65.20
CA GLY A 922 -5.61 11.71 65.94
C GLY A 922 -4.27 12.40 65.72
N GLY A 923 -4.18 13.34 64.80
CA GLY A 923 -2.96 14.09 64.59
C GLY A 923 -1.98 13.37 63.66
N PHE A 924 -1.02 14.13 63.16
CA PHE A 924 0.00 13.60 62.28
C PHE A 924 0.99 12.74 63.07
N PRO A 925 1.67 11.81 62.40
CA PRO A 925 2.90 11.23 62.98
C PRO A 925 3.97 12.30 63.06
N GLU A 926 4.44 12.57 64.29
CA GLU A 926 5.27 13.75 64.52
C GLU A 926 6.65 13.62 63.89
N LYS A 927 7.28 12.45 64.01
CA LYS A 927 8.62 12.27 63.47
C LYS A 927 8.60 12.24 61.94
N LEU A 928 7.64 11.51 61.37
CA LEU A 928 7.54 11.38 59.92
C LEU A 928 7.20 12.71 59.26
N GLN A 929 6.43 13.56 59.95
CA GLN A 929 6.15 14.89 59.45
C GLN A 929 7.43 15.72 59.36
N LYS A 930 8.25 15.67 60.41
CA LYS A 930 9.52 16.40 60.40
C LYS A 930 10.47 15.86 59.35
N ILE A 931 10.39 14.56 59.05
CA ILE A 931 11.18 14.02 57.94
C ILE A 931 10.65 14.54 56.60
N ILE A 932 9.33 14.56 56.43
CA ILE A 932 8.75 14.82 55.12
C ILE A 932 8.90 16.30 54.73
N VAL A 933 8.51 17.22 55.63
CA VAL A 933 8.72 18.64 55.38
C VAL A 933 9.94 19.09 56.19
N LYS A 934 10.91 19.68 55.50
CA LYS A 934 12.20 19.99 56.11
C LYS A 934 12.14 21.24 56.98
N ASP A 935 11.85 22.38 56.36
CA ASP A 935 11.83 23.64 57.08
C ASP A 935 10.66 24.55 56.72
N LYS A 936 9.78 24.13 55.82
CA LYS A 936 8.66 24.97 55.41
C LYS A 936 7.62 25.06 56.54
N ALA A 937 6.80 26.11 56.46
CA ALA A 937 5.87 26.41 57.54
C ALA A 937 4.77 25.37 57.61
N VAL A 938 4.47 24.92 58.82
CA VAL A 938 3.41 23.95 59.08
C VAL A 938 2.37 24.61 59.97
N ILE A 939 1.12 24.63 59.51
CA ILE A 939 0.03 25.22 60.25
C ILE A 939 -0.73 24.12 60.98
N THR A 940 -1.51 24.53 61.98
CA THR A 940 -2.33 23.61 62.75
C THR A 940 -3.77 24.09 62.90
N ASP A 941 -4.17 25.10 62.14
CA ASP A 941 -5.51 25.66 62.18
C ASP A 941 -6.17 25.46 60.82
N ARG A 942 -7.34 26.06 60.65
CA ARG A 942 -8.05 26.01 59.36
C ARG A 942 -7.25 26.75 58.30
N PRO A 943 -6.95 26.13 57.16
CA PRO A 943 -6.14 26.81 56.14
C PRO A 943 -6.85 27.93 55.41
N GLY A 944 -8.17 28.08 55.59
CA GLY A 944 -8.87 29.20 54.98
C GLY A 944 -8.46 30.54 55.55
N LEU A 945 -8.12 30.59 56.84
CA LEU A 945 -7.66 31.84 57.44
C LEU A 945 -6.27 32.23 56.95
N HIS A 946 -5.46 31.25 56.55
CA HIS A 946 -4.09 31.48 56.10
C HIS A 946 -3.98 31.60 54.59
N ALA A 947 -5.04 32.07 53.93
CA ALA A 947 -5.05 32.26 52.49
C ALA A 947 -5.23 33.74 52.18
N GLU A 948 -4.62 34.18 51.08
CA GLU A 948 -4.74 35.58 50.67
C GLU A 948 -6.17 35.88 50.23
N LYS A 949 -6.67 37.03 50.66
CA LYS A 949 -8.03 37.43 50.31
C LYS A 949 -8.14 37.77 48.83
N VAL A 950 -9.31 37.48 48.26
CA VAL A 950 -9.57 37.71 46.85
C VAL A 950 -10.59 38.84 46.74
N ASP A 951 -10.22 39.89 46.03
CA ASP A 951 -11.14 40.99 45.74
C ASP A 951 -11.82 40.71 44.41
N PHE A 952 -13.15 40.65 44.42
CA PHE A 952 -13.89 40.27 43.22
C PHE A 952 -13.86 41.34 42.14
N GLU A 953 -13.68 42.61 42.52
CA GLU A 953 -13.66 43.68 41.51
C GLU A 953 -12.38 43.65 40.69
N THR A 954 -11.23 43.48 41.35
CA THR A 954 -9.96 43.44 40.64
C THR A 954 -9.85 42.20 39.75
N VAL A 955 -10.24 41.03 40.27
CA VAL A 955 -10.19 39.83 39.46
C VAL A 955 -11.25 39.86 38.37
N LYS A 956 -12.37 40.56 38.59
CA LYS A 956 -13.38 40.72 37.55
C LYS A 956 -12.85 41.60 36.42
N ALA A 957 -12.15 42.69 36.75
CA ALA A 957 -11.55 43.54 35.73
C ALA A 957 -10.45 42.80 34.98
N ASP A 958 -9.65 41.99 35.70
CA ASP A 958 -8.60 41.21 35.05
C ASP A 958 -9.18 40.17 34.10
N LEU A 959 -10.27 39.51 34.51
CA LEU A 959 -10.94 38.56 33.62
C LEU A 959 -11.57 39.27 32.43
N GLU A 960 -12.12 40.46 32.65
CA GLU A 960 -12.74 41.22 31.58
C GLU A 960 -11.70 41.62 30.53
N GLN A 961 -10.54 42.10 30.96
CA GLN A 961 -9.51 42.46 29.99
C GLN A 961 -8.82 41.23 29.40
N LYS A 962 -8.85 40.10 30.09
CA LYS A 962 -8.22 38.89 29.55
C LYS A 962 -9.08 38.22 28.48
N ILE A 963 -10.41 38.28 28.61
CA ILE A 963 -11.30 37.61 27.67
C ILE A 963 -12.01 38.57 26.74
N GLY A 964 -11.92 39.88 26.97
CA GLY A 964 -12.45 40.85 26.04
C GLY A 964 -13.93 41.16 26.17
N TYR A 965 -14.61 40.62 27.17
CA TYR A 965 -16.02 40.95 27.39
C TYR A 965 -16.33 40.83 28.87
N GLU A 966 -17.47 41.40 29.25
CA GLU A 966 -17.85 41.46 30.66
C GLU A 966 -18.27 40.09 31.16
N PRO A 967 -17.62 39.53 32.17
CA PRO A 967 -18.01 38.21 32.68
C PRO A 967 -19.08 38.31 33.75
N GLY A 968 -19.78 37.20 33.94
CA GLY A 968 -20.73 37.07 35.02
C GLY A 968 -20.07 36.64 36.31
N ASP A 969 -20.90 36.46 37.34
CA ASP A 969 -20.40 35.99 38.62
C ASP A 969 -19.86 34.57 38.53
N HIS A 970 -20.54 33.71 37.75
CA HIS A 970 -20.11 32.33 37.60
C HIS A 970 -18.78 32.24 36.85
N GLU A 971 -18.59 33.10 35.84
CA GLU A 971 -17.32 33.11 35.12
C GLU A 971 -16.18 33.56 36.03
N VAL A 972 -16.43 34.56 36.87
CA VAL A 972 -15.40 35.05 37.79
C VAL A 972 -15.05 33.97 38.81
N ILE A 973 -16.06 33.33 39.40
CA ILE A 973 -15.80 32.31 40.41
C ILE A 973 -15.20 31.04 39.80
N SER A 974 -15.42 30.80 38.50
CA SER A 974 -14.73 29.70 37.84
C SER A 974 -13.29 30.07 37.50
N TYR A 975 -13.03 31.34 37.17
CA TYR A 975 -11.67 31.77 36.90
C TYR A 975 -10.82 31.81 38.15
N ILE A 976 -11.43 32.10 39.31
CA ILE A 976 -10.69 32.14 40.56
C ILE A 976 -10.16 30.76 40.92
N MET A 977 -11.01 29.74 40.82
CA MET A 977 -10.61 28.39 41.22
C MET A 977 -9.69 27.74 40.19
N TYR A 978 -9.98 27.93 38.90
CA TYR A 978 -9.18 27.35 37.82
C TYR A 978 -8.71 28.49 36.93
N PRO A 979 -7.58 29.13 37.25
CA PRO A 979 -7.09 30.24 36.43
C PRO A 979 -6.69 29.84 35.02
N GLN A 980 -5.78 28.87 34.90
CA GLN A 980 -5.28 28.50 33.58
C GLN A 980 -6.31 27.67 32.80
N VAL A 981 -7.10 26.86 33.49
CA VAL A 981 -8.07 25.99 32.81
C VAL A 981 -9.18 26.82 32.18
N PHE A 982 -9.64 27.86 32.87
CA PHE A 982 -10.67 28.73 32.31
C PHE A 982 -10.14 29.52 31.12
N LEU A 983 -8.88 29.96 31.17
CA LEU A 983 -8.29 30.66 30.05
C LEU A 983 -8.13 29.74 28.84
N ASP A 984 -7.72 28.49 29.07
CA ASP A 984 -7.64 27.52 27.98
C ASP A 984 -9.03 27.23 27.41
N TYR A 985 -10.04 27.13 28.26
CA TYR A 985 -11.41 26.93 27.79
C TYR A 985 -11.89 28.09 26.95
N GLN A 986 -11.57 29.32 27.36
CA GLN A 986 -11.94 30.49 26.57
C GLN A 986 -11.17 30.54 25.24
N LYS A 987 -9.92 30.09 25.24
CA LYS A 987 -9.16 30.03 23.99
C LYS A 987 -9.78 29.02 23.02
N MET A 988 -10.16 27.84 23.51
CA MET A 988 -10.83 26.88 22.63
C MET A 988 -12.24 27.35 22.26
N GLN A 989 -12.88 28.17 23.10
CA GLN A 989 -14.17 28.74 22.73
C GLN A 989 -14.02 29.74 21.59
N ARG A 990 -12.95 30.55 21.62
CA ARG A 990 -12.70 31.48 20.53
C ARG A 990 -12.22 30.76 19.28
N GLU A 991 -11.56 29.62 19.43
CA GLU A 991 -11.03 28.89 18.28
C GLU A 991 -12.11 28.03 17.61
N PHE A 992 -12.65 27.06 18.34
CA PHE A 992 -13.55 26.06 17.78
C PHE A 992 -15.02 26.37 18.03
N GLY A 993 -15.34 27.27 18.94
CA GLY A 993 -16.73 27.57 19.24
C GLY A 993 -17.36 26.58 20.19
N ALA A 994 -18.68 26.64 20.28
CA ALA A 994 -19.43 25.78 21.16
C ALA A 994 -19.51 24.36 20.61
N VAL A 995 -18.53 23.52 20.97
CA VAL A 995 -18.50 22.14 20.50
C VAL A 995 -19.41 21.23 21.31
N THR A 996 -20.14 21.77 22.28
CA THR A 996 -21.05 20.96 23.09
C THR A 996 -22.34 20.62 22.36
N LEU A 997 -22.60 21.22 21.21
CA LEU A 997 -23.83 20.99 20.46
C LEU A 997 -23.70 19.85 19.46
N LEU A 998 -22.52 19.27 19.32
CA LEU A 998 -22.33 18.12 18.45
C LEU A 998 -22.63 16.83 19.20
N ASP A 999 -23.08 15.82 18.45
CA ASP A 999 -23.26 14.51 19.06
C ASP A 999 -21.91 13.88 19.35
N THR A 1000 -21.92 12.90 20.26
CA THR A 1000 -20.68 12.33 20.76
C THR A 1000 -19.82 11.62 19.70
N PRO A 1001 -20.35 10.79 18.77
CA PRO A 1001 -19.46 10.24 17.73
C PRO A 1001 -18.86 11.30 16.83
N THR A 1002 -19.60 12.34 16.49
CA THR A 1002 -19.04 13.44 15.70
C THR A 1002 -18.08 14.29 16.53
N PHE A 1003 -18.33 14.41 17.83
CA PHE A 1003 -17.43 15.13 18.71
C PHE A 1003 -16.09 14.43 18.85
N LEU A 1004 -16.10 13.09 18.89
CA LEU A 1004 -14.90 12.33 19.16
C LEU A 1004 -14.14 11.96 17.89
N HIS A 1005 -14.83 11.37 16.90
CA HIS A 1005 -14.18 10.83 15.72
C HIS A 1005 -14.27 11.75 14.51
N GLY A 1006 -14.85 12.93 14.66
CA GLY A 1006 -14.90 13.87 13.55
C GLY A 1006 -15.94 13.49 12.54
N MET A 1007 -15.55 13.48 11.26
CA MET A 1007 -16.47 13.21 10.16
C MET A 1007 -15.90 12.12 9.27
N ARG A 1008 -16.78 11.54 8.46
CA ARG A 1008 -16.43 10.51 7.49
C ARG A 1008 -16.60 11.06 6.08
N LEU A 1009 -16.14 10.28 5.11
CA LEU A 1009 -16.30 10.65 3.71
C LEU A 1009 -17.76 10.48 3.30
N ASN A 1010 -18.31 11.51 2.64
CA ASN A 1010 -19.70 11.57 2.18
C ASN A 1010 -20.69 11.35 3.33
N GLU A 1011 -20.37 11.88 4.50
CA GLU A 1011 -21.21 11.74 5.68
C GLU A 1011 -21.92 13.06 5.95
N LYS A 1012 -23.24 13.00 6.08
CA LYS A 1012 -24.07 14.18 6.29
C LYS A 1012 -24.53 14.24 7.73
N ILE A 1013 -24.31 15.39 8.38
CA ILE A 1013 -24.74 15.60 9.76
C ILE A 1013 -25.56 16.88 9.84
N GLU A 1014 -26.38 16.96 10.87
CA GLU A 1014 -27.17 18.15 11.16
C GLU A 1014 -26.83 18.62 12.57
N VAL A 1015 -26.36 19.85 12.69
CA VAL A 1015 -25.94 20.43 13.96
C VAL A 1015 -26.87 21.59 14.28
N GLN A 1016 -27.55 21.50 15.42
CA GLN A 1016 -28.48 22.53 15.85
C GLN A 1016 -27.74 23.51 16.75
N ILE A 1017 -27.20 24.58 16.14
CA ILE A 1017 -26.49 25.59 16.91
C ILE A 1017 -27.42 26.50 17.68
N GLU A 1018 -28.70 26.55 17.30
CA GLU A 1018 -29.68 27.45 17.90
C GLU A 1018 -31.06 26.90 17.54
N LYS A 1019 -32.05 27.25 18.36
CA LYS A 1019 -33.42 26.84 18.08
C LYS A 1019 -33.91 27.47 16.77
N GLY A 1020 -34.08 26.65 15.75
CA GLY A 1020 -34.47 27.15 14.44
C GLY A 1020 -33.29 27.23 13.47
N LYS A 1021 -32.08 27.17 14.00
CA LYS A 1021 -30.86 27.20 13.19
C LYS A 1021 -30.21 25.82 13.23
N THR A 1022 -30.28 25.10 12.12
CA THR A 1022 -29.67 23.77 12.01
C THR A 1022 -28.69 23.78 10.85
N LEU A 1023 -27.41 23.64 11.16
CA LEU A 1023 -26.39 23.59 10.13
C LEU A 1023 -26.43 22.24 9.41
N SER A 1024 -26.25 22.27 8.10
CA SER A 1024 -26.21 21.06 7.27
C SER A 1024 -24.78 20.92 6.75
N ILE A 1025 -24.01 20.03 7.39
CA ILE A 1025 -22.60 19.84 7.07
C ILE A 1025 -22.43 18.49 6.38
N ARG A 1026 -21.80 18.51 5.22
CA ARG A 1026 -21.47 17.29 4.49
C ARG A 1026 -20.03 17.39 4.02
N LEU A 1027 -19.24 16.36 4.27
CA LEU A 1027 -17.84 16.32 3.86
C LEU A 1027 -17.74 15.62 2.52
N ASP A 1028 -17.19 16.31 1.52
CA ASP A 1028 -17.11 15.78 0.16
C ASP A 1028 -15.76 15.14 -0.14
N GLU A 1029 -14.66 15.82 0.15
CA GLU A 1029 -13.33 15.31 -0.13
C GLU A 1029 -12.36 15.74 0.97
N ILE A 1030 -11.30 14.95 1.13
CA ILE A 1030 -10.17 15.30 1.98
C ILE A 1030 -8.95 15.40 1.08
N GLY A 1031 -8.39 16.59 0.96
CA GLY A 1031 -7.28 16.80 0.05
C GLY A 1031 -5.97 16.24 0.58
N GLU A 1032 -5.04 16.04 -0.34
CA GLU A 1032 -3.70 15.60 0.02
C GLU A 1032 -2.95 16.73 0.72
N PRO A 1033 -2.06 16.39 1.66
CA PRO A 1033 -1.26 17.44 2.30
C PRO A 1033 -0.21 18.01 1.36
N ASP A 1034 -0.05 19.33 1.40
CA ASP A 1034 0.89 20.00 0.53
C ASP A 1034 2.28 19.99 1.15
N LEU A 1035 3.21 20.76 0.59
CA LEU A 1035 4.56 20.84 1.14
C LEU A 1035 4.54 21.52 2.51
N ALA A 1036 3.73 22.56 2.67
CA ALA A 1036 3.62 23.25 3.96
C ALA A 1036 2.89 22.41 5.01
N GLY A 1037 2.20 21.34 4.61
CA GLY A 1037 1.55 20.46 5.55
C GLY A 1037 0.10 20.76 5.83
N ASN A 1038 -0.54 21.61 5.03
CA ASN A 1038 -1.93 22.01 5.27
C ASN A 1038 -2.84 21.27 4.30
N ARG A 1039 -3.66 20.37 4.84
CA ARG A 1039 -4.67 19.71 4.03
C ARG A 1039 -5.83 20.65 3.76
N VAL A 1040 -6.53 20.39 2.66
CA VAL A 1040 -7.71 21.16 2.26
C VAL A 1040 -8.91 20.22 2.29
N LEU A 1041 -9.91 20.58 3.10
CA LEU A 1041 -11.11 19.76 3.23
C LEU A 1041 -12.26 20.45 2.52
N PHE A 1042 -12.91 19.73 1.61
CA PHE A 1042 -13.99 20.28 0.79
C PHE A 1042 -15.31 19.96 1.47
N PHE A 1043 -15.86 20.95 2.16
CA PHE A 1043 -17.12 20.80 2.88
C PHE A 1043 -18.27 21.31 2.03
N ASN A 1044 -19.49 20.96 2.48
CA ASN A 1044 -20.73 21.48 1.91
C ASN A 1044 -21.57 21.98 3.07
N LEU A 1045 -21.31 23.22 3.49
CA LEU A 1045 -22.04 23.82 4.60
C LEU A 1045 -23.23 24.60 4.06
N ASN A 1046 -24.43 24.26 4.53
CA ASN A 1046 -25.69 24.87 4.10
C ASN A 1046 -25.88 24.77 2.59
N GLY A 1047 -25.45 23.65 2.02
CA GLY A 1047 -25.60 23.40 0.60
C GLY A 1047 -24.55 24.02 -0.29
N GLN A 1048 -23.71 24.89 0.24
CA GLN A 1048 -22.71 25.61 -0.56
C GLN A 1048 -21.33 25.10 -0.24
N ARG A 1049 -20.47 25.07 -1.27
CA ARG A 1049 -19.12 24.56 -1.11
C ARG A 1049 -18.26 25.54 -0.30
N ARG A 1050 -17.60 25.02 0.73
CA ARG A 1050 -16.65 25.80 1.51
C ARG A 1050 -15.42 24.94 1.76
N GLU A 1051 -14.26 25.45 1.38
CA GLU A 1051 -13.00 24.74 1.55
C GLU A 1051 -12.32 25.22 2.83
N VAL A 1052 -11.95 24.27 3.68
CA VAL A 1052 -11.34 24.55 4.98
C VAL A 1052 -9.91 24.03 4.96
N VAL A 1053 -8.96 24.89 5.29
CA VAL A 1053 -7.55 24.54 5.33
C VAL A 1053 -7.18 24.21 6.78
N ILE A 1054 -6.71 22.98 7.01
CA ILE A 1054 -6.33 22.52 8.33
C ILE A 1054 -4.93 21.92 8.23
N ASN A 1055 -4.08 22.24 9.21
CA ASN A 1055 -2.70 21.78 9.21
C ASN A 1055 -2.62 20.37 9.77
N ASP A 1056 -2.15 19.43 8.95
CA ASP A 1056 -1.90 18.07 9.42
C ASP A 1056 -0.69 18.05 10.34
N GLN A 1057 -0.83 17.36 11.47
CA GLN A 1057 0.23 17.31 12.47
C GLN A 1057 1.17 16.13 12.30
N SER A 1058 0.91 15.26 11.32
CA SER A 1058 1.72 14.05 11.14
C SER A 1058 2.73 14.18 10.01
N VAL A 1059 2.60 15.18 9.13
CA VAL A 1059 3.52 15.33 8.02
C VAL A 1059 4.90 15.79 8.50
N GLN A 1060 4.91 16.80 9.40
CA GLN A 1060 6.12 17.36 10.01
C GLN A 1060 7.14 17.80 8.94
N ALA A 1061 6.66 18.60 7.99
CA ALA A 1061 7.49 19.01 6.86
C ALA A 1061 7.15 20.44 6.48
N GLN A 1062 8.06 21.05 5.73
CA GLN A 1062 7.87 22.41 5.24
C GLN A 1062 8.05 22.46 3.72
N SER B 5 19.49 -55.91 35.14
CA SER B 5 18.12 -56.11 34.70
C SER B 5 17.15 -55.25 35.50
N HIS B 6 17.66 -54.67 36.59
CA HIS B 6 16.82 -53.82 37.42
C HIS B 6 16.46 -52.51 36.72
N MET B 7 17.43 -51.89 36.04
CA MET B 7 17.17 -50.60 35.43
C MET B 7 16.43 -50.75 34.10
N LYS B 8 15.61 -49.76 33.79
CA LYS B 8 14.92 -49.67 32.51
C LYS B 8 15.00 -48.26 31.93
N LYS B 9 15.76 -47.37 32.54
CA LYS B 9 15.87 -45.99 32.10
C LYS B 9 17.24 -45.47 32.48
N LEU B 10 17.87 -44.72 31.58
CA LEU B 10 19.21 -44.18 31.79
C LEU B 10 19.21 -42.69 31.54
N LEU B 11 20.03 -41.99 32.32
CA LEU B 11 20.25 -40.55 32.18
C LEU B 11 21.69 -40.30 31.77
N VAL B 12 21.91 -39.33 30.90
CA VAL B 12 23.24 -38.93 30.47
C VAL B 12 23.48 -37.50 30.92
N ALA B 13 24.45 -37.33 31.81
CA ALA B 13 24.83 -36.00 32.29
C ALA B 13 25.94 -35.39 31.44
N ASN B 14 25.70 -35.35 30.12
CA ASN B 14 26.65 -34.80 29.17
C ASN B 14 25.88 -34.18 28.03
N ARG B 15 26.58 -33.89 26.93
CA ARG B 15 25.97 -33.20 25.81
C ARG B 15 26.77 -33.49 24.55
N GLY B 16 26.15 -33.19 23.41
CA GLY B 16 26.87 -33.26 22.15
C GLY B 16 26.92 -34.68 21.62
N GLU B 17 28.10 -35.06 21.10
CA GLU B 17 28.25 -36.35 20.43
C GLU B 17 28.11 -37.51 21.41
N ILE B 18 28.70 -37.38 22.60
CA ILE B 18 28.73 -38.50 23.55
C ILE B 18 27.34 -38.82 24.06
N ALA B 19 26.49 -37.81 24.23
CA ALA B 19 25.12 -38.07 24.67
C ALA B 19 24.35 -38.89 23.65
N VAL B 20 24.48 -38.54 22.36
CA VAL B 20 23.82 -39.31 21.31
C VAL B 20 24.41 -40.71 21.21
N ARG B 21 25.72 -40.85 21.45
CA ARG B 21 26.35 -42.17 21.42
C ARG B 21 25.79 -43.07 22.53
N VAL B 22 25.65 -42.54 23.74
CA VAL B 22 25.07 -43.32 24.83
C VAL B 22 23.59 -43.57 24.59
N PHE B 23 22.89 -42.63 23.95
CA PHE B 23 21.48 -42.85 23.60
C PHE B 23 21.34 -44.00 22.62
N ARG B 24 22.21 -44.06 21.61
CA ARG B 24 22.17 -45.16 20.65
C ARG B 24 22.53 -46.49 21.31
N ALA B 25 23.51 -46.47 22.23
CA ALA B 25 23.86 -47.69 22.94
C ALA B 25 22.70 -48.19 23.81
N CYS B 26 22.02 -47.27 24.49
CA CYS B 26 20.90 -47.65 25.34
C CYS B 26 19.72 -48.16 24.52
N ASN B 27 19.46 -47.52 23.37
CA ASN B 27 18.36 -47.98 22.52
C ASN B 27 18.68 -49.32 21.86
N GLU B 28 19.96 -49.59 21.59
CA GLU B 28 20.34 -50.93 21.15
C GLU B 28 20.16 -51.95 22.26
N LEU B 29 20.50 -51.57 23.50
CA LEU B 29 20.32 -52.49 24.62
C LEU B 29 18.86 -52.64 24.99
N GLY B 30 18.09 -51.54 24.95
CA GLY B 30 16.68 -51.61 25.24
C GLY B 30 16.25 -50.80 26.45
N LEU B 31 16.97 -49.71 26.73
CA LEU B 31 16.68 -48.86 27.87
C LEU B 31 16.18 -47.49 27.40
N SER B 32 15.29 -46.91 28.20
CA SER B 32 14.83 -45.55 27.93
C SER B 32 15.94 -44.56 28.25
N THR B 33 15.84 -43.38 27.62
CA THR B 33 16.89 -42.39 27.69
C THR B 33 16.34 -41.07 28.21
N VAL B 34 17.10 -40.43 29.10
CA VAL B 34 16.77 -39.10 29.62
C VAL B 34 17.94 -38.17 29.30
N ALA B 35 17.62 -36.97 28.81
CA ALA B 35 18.62 -35.99 28.45
C ALA B 35 18.51 -34.76 29.34
N VAL B 36 19.64 -34.11 29.57
CA VAL B 36 19.69 -32.86 30.30
C VAL B 36 20.33 -31.82 29.39
N TYR B 37 19.80 -30.60 29.44
CA TYR B 37 20.29 -29.53 28.58
C TYR B 37 20.13 -28.20 29.29
N ALA B 38 20.99 -27.25 28.93
CA ALA B 38 20.90 -25.89 29.41
C ALA B 38 20.01 -25.06 28.50
N ARG B 39 19.70 -23.85 28.94
CA ARG B 39 18.89 -22.94 28.11
C ARG B 39 19.64 -22.54 26.86
N GLU B 40 20.96 -22.35 26.97
CA GLU B 40 21.77 -22.03 25.81
C GLU B 40 21.97 -23.24 24.89
N ASP B 41 21.75 -24.45 25.40
CA ASP B 41 21.85 -25.67 24.61
C ASP B 41 20.47 -26.20 24.20
N GLU B 42 19.51 -25.30 24.00
CA GLU B 42 18.15 -25.72 23.66
C GLU B 42 18.05 -26.24 22.22
N TYR B 43 19.02 -25.91 21.36
CA TYR B 43 19.00 -26.33 19.97
C TYR B 43 19.95 -27.49 19.70
N SER B 44 20.48 -28.11 20.73
CA SER B 44 21.40 -29.23 20.55
C SER B 44 20.66 -30.47 20.05
N VAL B 45 21.37 -31.29 19.29
CA VAL B 45 20.77 -32.47 18.68
C VAL B 45 20.42 -33.50 19.74
N HIS B 46 21.27 -33.64 20.77
CA HIS B 46 21.07 -34.65 21.80
C HIS B 46 19.82 -34.40 22.65
N ARG B 47 19.30 -33.17 22.66
CA ARG B 47 18.07 -32.90 23.39
C ARG B 47 16.88 -33.62 22.75
N PHE B 48 16.84 -33.66 21.42
CA PHE B 48 15.73 -34.27 20.70
C PHE B 48 15.96 -35.73 20.34
N LYS B 49 17.11 -36.31 20.72
CA LYS B 49 17.41 -37.69 20.42
C LYS B 49 17.11 -38.63 21.58
N ALA B 50 16.50 -38.12 22.64
CA ALA B 50 16.16 -38.92 23.82
C ALA B 50 14.65 -39.03 23.97
N ASP B 51 14.23 -39.99 24.79
CA ASP B 51 12.81 -40.18 25.05
C ASP B 51 12.24 -39.00 25.83
N GLU B 52 12.98 -38.47 26.79
CA GLU B 52 12.57 -37.28 27.52
C GLU B 52 13.79 -36.41 27.78
N SER B 53 13.57 -35.10 27.79
CA SER B 53 14.62 -34.13 28.05
C SER B 53 14.13 -33.10 29.04
N TYR B 54 15.02 -32.66 29.93
CA TYR B 54 14.67 -31.74 31.00
C TYR B 54 15.69 -30.62 31.06
N LEU B 55 15.21 -29.43 31.43
CA LEU B 55 16.06 -28.24 31.51
C LEU B 55 16.72 -28.19 32.88
N ILE B 56 18.04 -28.09 32.89
CA ILE B 56 18.82 -28.05 34.13
C ILE B 56 19.64 -26.76 34.16
N GLY B 57 20.04 -26.37 35.37
CA GLY B 57 20.89 -25.21 35.55
C GLY B 57 20.25 -23.90 35.14
N GLN B 58 19.01 -23.67 35.57
CA GLN B 58 18.28 -22.47 35.19
C GLN B 58 18.94 -21.24 35.81
N GLY B 59 19.13 -20.21 34.99
CA GLY B 59 19.76 -18.98 35.45
C GLY B 59 21.21 -19.11 35.83
N LYS B 60 21.96 -19.96 35.14
CA LYS B 60 23.38 -20.16 35.39
C LYS B 60 24.14 -20.18 34.07
N LYS B 61 25.47 -20.17 34.18
CA LYS B 61 26.31 -20.37 33.01
C LYS B 61 26.13 -21.80 32.50
N PRO B 62 26.13 -22.01 31.17
CA PRO B 62 25.85 -23.35 30.63
C PRO B 62 26.89 -24.39 31.04
N ILE B 63 28.17 -24.02 31.08
CA ILE B 63 29.19 -24.94 31.56
C ILE B 63 28.98 -25.23 33.03
N ASP B 64 28.62 -24.22 33.82
CA ASP B 64 28.27 -24.44 35.21
C ASP B 64 26.93 -25.16 35.35
N ALA B 65 26.03 -24.98 34.37
CA ALA B 65 24.76 -25.70 34.39
C ALA B 65 24.97 -27.19 34.22
N TYR B 66 25.90 -27.58 33.34
CA TYR B 66 26.19 -29.01 33.17
C TYR B 66 27.01 -29.58 34.33
N LEU B 67 27.58 -28.73 35.18
CA LEU B 67 28.29 -29.18 36.37
C LEU B 67 27.43 -29.17 37.62
N ASP B 68 26.14 -28.82 37.50
CA ASP B 68 25.24 -28.79 38.64
C ASP B 68 24.90 -30.22 39.04
N ILE B 69 25.53 -30.70 40.12
CA ILE B 69 25.31 -32.07 40.57
C ILE B 69 23.90 -32.25 41.11
N ASP B 70 23.45 -31.31 41.95
CA ASP B 70 22.15 -31.45 42.60
C ASP B 70 21.01 -31.40 41.60
N ASP B 71 21.10 -30.52 40.60
CA ASP B 71 20.05 -30.44 39.58
C ASP B 71 19.98 -31.70 38.74
N ILE B 72 21.13 -32.27 38.38
CA ILE B 72 21.16 -33.50 37.60
C ILE B 72 20.58 -34.66 38.39
N ILE B 73 20.94 -34.76 39.68
CA ILE B 73 20.42 -35.84 40.52
C ILE B 73 18.92 -35.67 40.74
N ARG B 74 18.46 -34.43 40.91
CA ARG B 74 17.02 -34.17 41.06
C ARG B 74 16.25 -34.54 39.80
N VAL B 75 16.81 -34.22 38.63
CA VAL B 75 16.16 -34.58 37.37
C VAL B 75 16.14 -36.09 37.18
N ALA B 76 17.22 -36.77 37.55
CA ALA B 76 17.26 -38.23 37.45
C ALA B 76 16.26 -38.88 38.41
N LEU B 77 16.08 -38.30 39.59
CA LEU B 77 15.12 -38.87 40.54
C LEU B 77 13.68 -38.60 40.11
N GLU B 78 13.40 -37.40 39.61
CA GLU B 78 12.03 -37.06 39.21
C GLU B 78 11.65 -37.62 37.84
N SER B 79 12.61 -38.07 37.05
CA SER B 79 12.34 -38.63 35.73
C SER B 79 12.25 -40.15 35.73
N GLY B 80 12.44 -40.78 36.87
CA GLY B 80 12.44 -42.23 36.94
C GLY B 80 13.72 -42.88 36.45
N ALA B 81 14.78 -42.10 36.23
CA ALA B 81 16.05 -42.65 35.79
C ALA B 81 16.69 -43.47 36.90
N ASP B 82 17.37 -44.54 36.50
CA ASP B 82 18.03 -45.45 37.44
C ASP B 82 19.54 -45.42 37.36
N ALA B 83 20.11 -45.12 36.19
CA ALA B 83 21.54 -45.01 36.01
C ALA B 83 21.89 -43.67 35.38
N ILE B 84 23.10 -43.19 35.69
CA ILE B 84 23.59 -41.93 35.17
C ILE B 84 24.92 -42.19 34.47
N HIS B 85 24.97 -41.90 33.16
CA HIS B 85 26.21 -42.04 32.40
C HIS B 85 26.84 -40.67 32.24
N PRO B 86 28.06 -40.45 32.74
CA PRO B 86 28.66 -39.11 32.64
C PRO B 86 29.34 -38.83 31.31
N GLY B 87 29.64 -39.85 30.51
CA GLY B 87 30.35 -39.61 29.27
C GLY B 87 31.81 -39.27 29.51
N TYR B 88 32.33 -38.33 28.74
CA TYR B 88 33.66 -37.77 28.98
C TYR B 88 33.56 -36.28 29.25
N GLY B 89 34.48 -35.78 30.06
CA GLY B 89 34.48 -34.38 30.42
C GLY B 89 33.42 -34.04 31.44
N LEU B 90 33.40 -32.77 31.84
CA LEU B 90 32.49 -32.22 32.84
C LEU B 90 32.57 -32.98 34.15
N LEU B 91 31.53 -33.78 34.45
CA LEU B 91 31.46 -34.56 35.67
C LEU B 91 31.83 -36.02 35.46
N SER B 92 32.66 -36.31 34.45
CA SER B 92 33.04 -37.69 34.20
C SER B 92 34.05 -38.19 35.23
N GLU B 93 35.03 -37.35 35.58
CA GLU B 93 36.07 -37.71 36.52
C GLU B 93 35.87 -37.07 37.89
N ASN B 94 34.71 -36.47 38.13
CA ASN B 94 34.45 -35.81 39.41
C ASN B 94 34.08 -36.86 40.46
N LEU B 95 34.79 -36.83 41.59
CA LEU B 95 34.53 -37.80 42.66
C LEU B 95 33.26 -37.47 43.42
N GLU B 96 32.99 -36.18 43.64
CA GLU B 96 31.82 -35.77 44.42
C GLU B 96 30.53 -36.10 43.71
N PHE B 97 30.49 -35.93 42.39
CA PHE B 97 29.28 -36.23 41.62
C PHE B 97 28.96 -37.71 41.66
N ALA B 98 29.96 -38.57 41.44
CA ALA B 98 29.75 -40.00 41.50
C ALA B 98 29.40 -40.47 42.91
N THR B 99 30.02 -39.83 43.92
CA THR B 99 29.72 -40.16 45.31
C THR B 99 28.27 -39.85 45.65
N LYS B 100 27.79 -38.68 45.25
CA LYS B 100 26.39 -38.31 45.52
C LYS B 100 25.42 -39.15 44.70
N VAL B 101 25.80 -39.53 43.48
CA VAL B 101 24.94 -40.37 42.66
C VAL B 101 24.80 -41.76 43.28
N ARG B 102 25.92 -42.34 43.74
CA ARG B 102 25.85 -43.67 44.34
C ARG B 102 25.21 -43.62 45.73
N ALA B 103 25.32 -42.49 46.42
CA ALA B 103 24.65 -42.35 47.71
C ALA B 103 23.15 -42.12 47.55
N ALA B 104 22.72 -41.57 46.42
CA ALA B 104 21.31 -41.29 46.19
C ALA B 104 20.53 -42.50 45.69
N GLY B 105 21.19 -43.64 45.49
CA GLY B 105 20.51 -44.83 45.03
C GLY B 105 20.47 -45.01 43.53
N LEU B 106 21.31 -44.29 42.79
CA LEU B 106 21.37 -44.40 41.34
C LEU B 106 22.68 -45.04 40.92
N VAL B 107 22.62 -45.88 39.89
CA VAL B 107 23.81 -46.53 39.37
C VAL B 107 24.67 -45.51 38.65
N PHE B 108 25.99 -45.56 38.89
CA PHE B 108 26.94 -44.72 38.19
C PHE B 108 27.67 -45.58 37.16
N VAL B 109 27.60 -45.18 35.90
CA VAL B 109 28.25 -45.95 34.82
C VAL B 109 29.68 -45.41 34.74
N GLY B 110 30.53 -45.94 35.60
CA GLY B 110 31.92 -45.57 35.65
C GLY B 110 32.69 -46.47 36.59
N PRO B 111 33.90 -46.06 36.95
CA PRO B 111 34.69 -46.83 37.91
C PRO B 111 34.15 -46.64 39.32
N GLU B 112 34.76 -47.36 40.27
CA GLU B 112 34.37 -47.23 41.66
C GLU B 112 34.94 -45.94 42.26
N LEU B 113 34.52 -45.65 43.48
CA LEU B 113 34.89 -44.39 44.13
C LEU B 113 36.39 -44.32 44.42
N HIS B 114 36.97 -45.43 44.87
CA HIS B 114 38.40 -45.43 45.16
C HIS B 114 39.24 -45.32 43.90
N HIS B 115 38.77 -45.87 42.77
CA HIS B 115 39.46 -45.67 41.50
C HIS B 115 39.45 -44.21 41.09
N LEU B 116 38.31 -43.53 41.25
CA LEU B 116 38.22 -42.12 40.92
C LEU B 116 39.11 -41.28 41.84
N ASP B 117 39.17 -41.63 43.13
CA ASP B 117 40.05 -40.91 44.05
C ASP B 117 41.52 -41.14 43.72
N ILE B 118 41.89 -42.37 43.34
CA ILE B 118 43.28 -42.69 43.05
C ILE B 118 43.73 -42.01 41.76
N PHE B 119 42.93 -42.10 40.71
CA PHE B 119 43.34 -41.59 39.40
C PHE B 119 42.92 -40.15 39.17
N GLY B 120 42.21 -39.52 40.10
CA GLY B 120 41.93 -38.11 39.98
C GLY B 120 43.07 -37.21 40.40
N ASP B 121 44.07 -37.75 41.10
CA ASP B 121 45.26 -37.03 41.48
C ASP B 121 46.46 -37.78 40.92
N LYS B 122 47.38 -37.04 40.29
CA LYS B 122 48.48 -37.70 39.58
C LYS B 122 49.50 -38.30 40.54
N ILE B 123 49.69 -37.70 41.72
CA ILE B 123 50.68 -38.22 42.67
C ILE B 123 50.23 -39.55 43.24
N LYS B 124 48.95 -39.66 43.62
CA LYS B 124 48.43 -40.94 44.12
C LYS B 124 48.41 -41.98 43.02
N ALA B 125 48.09 -41.57 41.79
CA ALA B 125 48.09 -42.49 40.65
C ALA B 125 49.49 -43.03 40.37
N LYS B 126 50.51 -42.16 40.42
CA LYS B 126 51.86 -42.64 40.15
C LYS B 126 52.41 -43.45 41.32
N ALA B 127 51.95 -43.16 42.55
CA ALA B 127 52.32 -44.02 43.67
C ALA B 127 51.73 -45.42 43.51
N ALA B 128 50.46 -45.50 43.10
CA ALA B 128 49.85 -46.80 42.84
C ALA B 128 50.52 -47.53 41.68
N ALA B 129 50.92 -46.78 40.65
CA ALA B 129 51.65 -47.38 39.53
C ALA B 129 53.00 -47.91 39.96
N ASP B 130 53.72 -47.15 40.79
CA ASP B 130 54.99 -47.61 41.32
C ASP B 130 54.81 -48.83 42.22
N GLU B 131 53.69 -48.92 42.92
CA GLU B 131 53.37 -50.13 43.66
C GLU B 131 53.08 -51.27 42.70
N ALA B 132 52.52 -50.98 41.53
CA ALA B 132 52.06 -52.00 40.60
C ALA B 132 53.14 -52.51 39.67
N LYS B 133 54.39 -52.06 39.86
CA LYS B 133 55.56 -52.53 39.13
C LYS B 133 55.43 -52.32 37.62
N VAL B 134 54.87 -51.18 37.23
CA VAL B 134 54.89 -50.76 35.83
C VAL B 134 55.93 -49.67 35.70
N PRO B 135 56.60 -49.53 34.55
CA PRO B 135 57.63 -48.48 34.41
C PRO B 135 57.00 -47.10 34.39
N GLY B 136 57.35 -46.28 35.38
CA GLY B 136 56.88 -44.92 35.46
C GLY B 136 57.95 -43.93 35.01
N ILE B 137 57.60 -42.65 35.11
CA ILE B 137 58.53 -41.58 34.77
C ILE B 137 59.47 -41.36 35.95
N PRO B 138 60.79 -41.43 35.75
CA PRO B 138 61.72 -41.12 36.85
C PRO B 138 61.71 -39.63 37.16
N GLY B 139 61.10 -39.26 38.28
CA GLY B 139 60.98 -37.86 38.64
C GLY B 139 60.99 -37.59 40.13
N THR B 140 60.30 -36.53 40.54
CA THR B 140 60.28 -36.13 41.95
C THR B 140 59.23 -36.93 42.72
N ASN B 141 58.99 -36.50 43.96
CA ASN B 141 58.06 -37.16 44.87
C ASN B 141 57.12 -36.10 45.45
N GLY B 142 55.84 -36.17 45.07
CA GLY B 142 54.84 -35.31 45.66
C GLY B 142 54.96 -33.86 45.20
N ALA B 143 54.46 -32.96 46.04
CA ALA B 143 54.49 -31.53 45.75
C ALA B 143 55.91 -31.00 45.87
N VAL B 144 56.33 -30.21 44.89
CA VAL B 144 57.71 -29.73 44.79
C VAL B 144 57.72 -28.21 44.80
N ASP B 145 58.61 -27.65 45.62
CA ASP B 145 58.80 -26.21 45.68
C ASP B 145 59.89 -25.80 44.70
N ILE B 146 60.36 -24.55 44.82
CA ILE B 146 61.43 -24.06 43.95
C ILE B 146 62.74 -24.77 44.26
N ASP B 147 63.07 -24.90 45.56
CA ASP B 147 64.35 -25.49 45.95
C ASP B 147 64.41 -26.98 45.62
N GLY B 148 63.30 -27.70 45.83
CA GLY B 148 63.26 -29.10 45.45
C GLY B 148 63.36 -29.30 43.95
N ALA B 149 62.77 -28.38 43.19
CA ALA B 149 62.89 -28.44 41.74
C ALA B 149 64.32 -28.17 41.29
N LEU B 150 65.02 -27.26 41.97
CA LEU B 150 66.43 -27.03 41.67
C LEU B 150 67.29 -28.23 42.04
N GLU B 151 66.94 -28.91 43.13
CA GLU B 151 67.64 -30.14 43.51
C GLU B 151 67.44 -31.24 42.47
N PHE B 152 66.21 -31.38 41.97
CA PHE B 152 65.96 -32.34 40.90
C PHE B 152 66.67 -31.94 39.61
N ALA B 153 66.79 -30.63 39.35
CA ALA B 153 67.51 -30.15 38.19
C ALA B 153 68.99 -30.48 38.28
N LYS B 154 69.59 -30.31 39.47
CA LYS B 154 71.00 -30.61 39.62
C LYS B 154 71.25 -32.11 39.76
N THR B 155 70.19 -32.88 40.03
CA THR B 155 70.35 -34.33 40.16
C THR B 155 70.18 -35.03 38.83
N TYR B 156 69.09 -34.74 38.11
CA TYR B 156 68.78 -35.44 36.88
C TYR B 156 69.16 -34.59 35.66
N GLY B 157 68.90 -35.14 34.48
CA GLY B 157 69.42 -34.55 33.26
C GLY B 157 68.49 -33.47 32.70
N TYR B 158 69.11 -32.52 32.01
CA TYR B 158 68.35 -31.44 31.39
C TYR B 158 67.89 -31.83 29.98
N PRO B 159 66.74 -31.32 29.57
CA PRO B 159 65.67 -30.52 30.26
C PRO B 159 64.75 -31.21 31.30
N VAL B 160 63.96 -30.39 31.99
CA VAL B 160 62.98 -30.85 32.95
C VAL B 160 61.62 -30.28 32.56
N MET B 161 60.55 -30.97 32.96
CA MET B 161 59.21 -30.62 32.54
C MET B 161 58.32 -30.43 33.77
N ILE B 162 57.52 -29.37 33.76
CA ILE B 162 56.66 -29.03 34.88
C ILE B 162 55.24 -29.52 34.59
N LYS B 163 54.69 -30.31 35.49
CA LYS B 163 53.33 -30.82 35.38
C LYS B 163 52.57 -30.55 36.67
N ALA B 164 51.25 -30.44 36.53
CA ALA B 164 50.36 -30.34 37.68
C ALA B 164 49.70 -31.67 37.97
N ALA B 165 49.43 -31.91 39.24
CA ALA B 165 48.83 -33.17 39.67
C ALA B 165 47.32 -33.20 39.54
N LEU B 166 46.70 -32.09 39.10
CA LEU B 166 45.27 -32.04 38.88
C LEU B 166 44.87 -31.51 37.52
N GLY B 167 45.81 -31.07 36.69
CA GLY B 167 45.49 -30.49 35.40
C GLY B 167 45.40 -31.52 34.30
N GLY B 168 44.94 -31.05 33.13
CA GLY B 168 44.83 -31.88 31.95
C GLY B 168 44.52 -31.09 30.70
N GLY B 169 44.90 -31.63 29.55
CA GLY B 169 44.67 -30.94 28.29
C GLY B 169 45.46 -29.66 28.11
N GLY B 170 46.73 -29.66 28.52
CA GLY B 170 47.57 -28.49 28.39
C GLY B 170 47.37 -27.43 29.44
N ARG B 171 46.48 -27.65 30.41
CA ARG B 171 46.23 -26.66 31.45
C ARG B 171 47.37 -26.62 32.46
N GLY B 172 47.84 -27.79 32.90
CA GLY B 172 48.92 -27.88 33.86
C GLY B 172 50.24 -28.29 33.24
N MET B 173 50.54 -27.76 32.05
CA MET B 173 51.68 -28.23 31.28
C MET B 173 52.58 -27.06 30.88
N ARG B 174 53.83 -27.10 31.33
CA ARG B 174 54.90 -26.30 30.76
C ARG B 174 56.16 -27.15 30.63
N VAL B 175 57.08 -26.68 29.78
CA VAL B 175 58.37 -27.30 29.57
C VAL B 175 59.44 -26.23 29.77
N ALA B 176 60.43 -26.54 30.62
CA ALA B 176 61.48 -25.59 30.96
C ALA B 176 62.83 -26.04 30.41
N ARG B 177 63.71 -25.07 30.21
CA ARG B 177 65.06 -25.30 29.71
C ARG B 177 66.14 -24.64 30.56
N ASN B 178 65.84 -23.50 31.17
CA ASN B 178 66.79 -22.74 31.97
C ASN B 178 66.27 -22.64 33.41
N ASP B 179 67.22 -22.48 34.34
CA ASP B 179 66.88 -22.47 35.77
C ASP B 179 65.93 -21.33 36.13
N ALA B 180 66.21 -20.12 35.65
CA ALA B 180 65.29 -19.01 35.87
C ALA B 180 64.01 -19.19 35.04
N GLU B 181 64.13 -19.78 33.86
CA GLU B 181 62.96 -20.16 33.08
C GLU B 181 62.12 -21.18 33.82
N MET B 182 62.77 -22.09 34.55
CA MET B 182 62.04 -23.05 35.38
C MET B 182 61.31 -22.34 36.51
N HIS B 183 61.93 -21.30 37.09
CA HIS B 183 61.25 -20.50 38.11
C HIS B 183 60.01 -19.81 37.56
N ASP B 184 60.14 -19.21 36.38
CA ASP B 184 59.00 -18.54 35.75
C ASP B 184 57.89 -19.53 35.39
N GLY B 185 58.28 -20.70 34.88
CA GLY B 185 57.29 -21.72 34.56
C GLY B 185 56.58 -22.27 35.77
N TYR B 186 57.31 -22.46 36.88
CA TYR B 186 56.69 -22.91 38.12
C TYR B 186 55.74 -21.86 38.67
N ALA B 187 56.13 -20.59 38.60
CA ALA B 187 55.24 -19.51 39.04
C ALA B 187 53.97 -19.44 38.19
N ARG B 188 54.13 -19.58 36.87
CA ARG B 188 52.97 -19.55 35.98
C ARG B 188 52.05 -20.74 36.23
N ALA B 189 52.61 -21.93 36.41
CA ALA B 189 51.82 -23.12 36.67
C ALA B 189 51.10 -23.01 38.01
N LYS B 190 51.78 -22.49 39.03
CA LYS B 190 51.15 -22.33 40.34
C LYS B 190 50.01 -21.31 40.29
N SER B 191 50.21 -20.20 39.59
CA SER B 191 49.15 -19.20 39.46
C SER B 191 47.97 -19.73 38.68
N GLU B 192 48.23 -20.49 37.60
CA GLU B 192 47.13 -21.06 36.82
C GLU B 192 46.40 -22.15 37.60
N ALA B 193 47.11 -22.88 38.46
CA ALA B 193 46.47 -23.93 39.25
C ALA B 193 45.62 -23.34 40.37
N ILE B 194 46.13 -22.31 41.06
CA ILE B 194 45.35 -21.66 42.11
C ILE B 194 44.27 -20.75 41.56
N GLY B 195 44.33 -20.41 40.27
CA GLY B 195 43.28 -19.64 39.66
C GLY B 195 42.14 -20.50 39.14
N ALA B 196 42.48 -21.50 38.32
CA ALA B 196 41.46 -22.35 37.72
C ALA B 196 41.01 -23.45 38.68
N PHE B 197 41.95 -24.34 39.07
CA PHE B 197 41.60 -25.47 39.91
C PHE B 197 41.45 -25.09 41.38
N GLY B 198 42.01 -23.95 41.80
CA GLY B 198 41.92 -23.54 43.19
C GLY B 198 43.06 -24.09 44.04
N SER B 199 43.16 -25.41 44.13
CA SER B 199 44.23 -26.08 44.86
C SER B 199 45.25 -26.61 43.85
N GLY B 200 46.50 -26.22 44.02
CA GLY B 200 47.51 -26.60 43.04
C GLY B 200 48.78 -27.20 43.63
N GLU B 201 49.06 -28.45 43.28
CA GLU B 201 50.31 -29.11 43.60
C GLU B 201 51.04 -29.41 42.30
N ILE B 202 52.31 -29.01 42.23
CA ILE B 202 53.07 -29.05 40.99
C ILE B 202 54.36 -29.83 41.23
N TYR B 203 54.62 -30.82 40.37
CA TYR B 203 55.85 -31.59 40.42
C TYR B 203 56.62 -31.40 39.12
N VAL B 204 57.86 -31.89 39.13
CA VAL B 204 58.77 -31.76 37.99
C VAL B 204 59.28 -33.15 37.61
N GLU B 205 59.19 -33.48 36.33
CA GLU B 205 59.54 -34.80 35.84
C GLU B 205 60.68 -34.68 34.83
N LYS B 206 61.32 -35.82 34.57
CA LYS B 206 62.35 -35.90 33.54
C LYS B 206 61.71 -35.81 32.16
N TYR B 207 62.36 -35.06 31.27
CA TYR B 207 61.83 -34.79 29.94
C TYR B 207 62.39 -35.78 28.93
N ILE B 208 61.55 -36.16 27.96
CA ILE B 208 61.91 -37.11 26.93
C ILE B 208 61.73 -36.43 25.57
N GLU B 209 62.78 -36.50 24.74
CA GLU B 209 62.75 -35.89 23.42
C GLU B 209 62.04 -36.82 22.43
N ASN B 210 61.05 -36.27 21.71
CA ASN B 210 60.26 -36.92 20.66
C ASN B 210 59.67 -38.26 21.08
N PRO B 211 58.67 -38.28 21.96
CA PRO B 211 58.07 -39.56 22.37
C PRO B 211 56.84 -39.91 21.56
N LYS B 212 56.36 -41.13 21.78
CA LYS B 212 55.13 -41.61 21.18
C LYS B 212 54.08 -41.83 22.26
N HIS B 213 52.88 -41.29 22.04
CA HIS B 213 51.79 -41.38 22.99
C HIS B 213 50.94 -42.59 22.65
N ILE B 214 50.88 -43.56 23.56
CA ILE B 214 50.17 -44.82 23.36
C ILE B 214 49.13 -44.97 24.46
N GLU B 215 47.89 -45.24 24.07
CA GLU B 215 46.79 -45.49 24.99
C GLU B 215 46.29 -46.91 24.83
N VAL B 216 46.00 -47.56 25.96
CA VAL B 216 45.46 -48.92 25.98
C VAL B 216 44.08 -48.86 26.60
N GLN B 217 43.08 -49.30 25.84
CA GLN B 217 41.70 -49.31 26.33
C GLN B 217 41.47 -50.55 27.16
N ILE B 218 40.99 -50.37 28.39
CA ILE B 218 40.80 -51.46 29.35
C ILE B 218 39.32 -51.58 29.66
N LEU B 219 38.80 -52.81 29.54
CA LEU B 219 37.43 -53.13 29.91
C LEU B 219 37.46 -54.22 30.97
N GLY B 220 36.75 -53.99 32.07
CA GLY B 220 36.73 -54.97 33.15
C GLY B 220 35.50 -54.87 34.02
N ASP B 221 34.88 -56.00 34.34
CA ASP B 221 33.69 -56.03 35.15
C ASP B 221 34.04 -56.18 36.63
N ARG B 222 33.01 -56.28 37.47
CA ARG B 222 33.21 -56.47 38.90
C ARG B 222 33.45 -57.94 39.26
N HIS B 223 33.39 -58.84 38.29
CA HIS B 223 33.59 -60.27 38.54
C HIS B 223 35.06 -60.66 38.58
N GLY B 224 35.98 -59.72 38.35
CA GLY B 224 37.40 -59.96 38.40
C GLY B 224 38.07 -60.05 37.04
N ASN B 225 37.29 -60.22 35.97
CA ASN B 225 37.88 -60.29 34.64
C ASN B 225 38.32 -58.91 34.18
N ILE B 226 39.57 -58.81 33.73
CA ILE B 226 40.13 -57.57 33.19
C ILE B 226 40.77 -57.89 31.86
N ILE B 227 40.32 -57.23 30.80
CA ILE B 227 40.86 -57.41 29.45
C ILE B 227 41.27 -56.05 28.91
N HIS B 228 42.23 -56.05 27.99
CA HIS B 228 42.50 -54.89 27.17
C HIS B 228 41.94 -55.13 25.77
N LEU B 229 41.37 -54.09 25.18
CA LEU B 229 40.86 -54.26 23.83
C LEU B 229 42.02 -54.29 22.84
N HIS B 230 42.73 -53.18 22.72
CA HIS B 230 43.98 -53.06 21.97
C HIS B 230 44.59 -51.71 22.32
N GLU B 231 45.63 -51.34 21.58
CA GLU B 231 46.35 -50.09 21.80
C GLU B 231 45.81 -48.98 20.91
N ARG B 232 46.24 -47.75 21.21
CA ARG B 232 45.94 -46.59 20.40
C ARG B 232 47.20 -45.77 20.22
N ASP B 233 47.20 -44.90 19.21
CA ASP B 233 48.35 -44.05 18.89
C ASP B 233 47.83 -42.62 18.71
N CYS B 234 47.82 -41.85 19.79
CA CYS B 234 47.43 -40.44 19.77
C CYS B 234 48.63 -39.51 19.76
N SER B 235 49.71 -39.91 19.06
CA SER B 235 50.95 -39.14 19.11
C SER B 235 50.85 -37.84 18.32
N VAL B 236 49.96 -37.77 17.33
CA VAL B 236 49.83 -36.57 16.52
C VAL B 236 49.13 -35.50 17.33
N GLN B 237 49.90 -34.59 17.92
CA GLN B 237 49.38 -33.59 18.83
C GLN B 237 49.84 -32.20 18.43
N ARG B 238 49.01 -31.21 18.75
CA ARG B 238 49.36 -29.80 18.58
C ARG B 238 49.17 -29.11 19.93
N ARG B 239 50.27 -28.64 20.50
CA ARG B 239 50.31 -28.01 21.82
C ARG B 239 49.69 -28.92 22.89
N ASN B 240 50.12 -30.18 22.88
CA ASN B 240 49.68 -31.23 23.79
C ASN B 240 48.17 -31.50 23.72
N GLN B 241 47.55 -31.21 22.58
CA GLN B 241 46.14 -31.51 22.34
C GLN B 241 46.07 -32.50 21.18
N LYS B 242 45.33 -33.59 21.37
CA LYS B 242 45.24 -34.63 20.35
C LYS B 242 44.47 -34.12 19.14
N VAL B 243 45.06 -34.29 17.96
CA VAL B 243 44.46 -33.85 16.71
C VAL B 243 43.97 -35.03 15.89
N ILE B 244 44.85 -35.98 15.60
CA ILE B 244 44.49 -37.21 14.88
C ILE B 244 44.96 -38.40 15.71
N GLU B 245 44.06 -39.32 15.99
CA GLU B 245 44.35 -40.53 16.75
C GLU B 245 44.13 -41.74 15.86
N ILE B 246 45.13 -42.61 15.77
CA ILE B 246 45.04 -43.82 14.97
C ILE B 246 45.18 -45.02 15.89
N ALA B 247 44.63 -46.15 15.44
CA ALA B 247 44.67 -47.39 16.19
C ALA B 247 44.65 -48.55 15.21
N PRO B 248 45.54 -49.54 15.36
CA PRO B 248 46.60 -49.66 16.36
C PRO B 248 47.85 -48.87 15.95
N ALA B 249 48.89 -48.88 16.78
CA ALA B 249 50.13 -48.19 16.46
C ALA B 249 50.86 -48.97 15.38
N VAL B 250 50.64 -48.59 14.12
CA VAL B 250 51.24 -49.30 13.00
C VAL B 250 52.74 -49.11 12.93
N GLY B 251 53.27 -48.02 13.49
CA GLY B 251 54.71 -47.82 13.49
C GLY B 251 55.44 -48.80 14.40
N LEU B 252 54.85 -49.13 15.54
CA LEU B 252 55.52 -49.96 16.52
C LEU B 252 55.44 -51.44 16.15
N SER B 253 56.31 -52.23 16.77
CA SER B 253 56.30 -53.67 16.58
C SER B 253 55.13 -54.27 17.35
N PRO B 254 54.55 -55.37 16.84
CA PRO B 254 53.43 -56.01 17.55
C PRO B 254 53.77 -56.52 18.95
N ASP B 255 54.99 -57.02 19.16
CA ASP B 255 55.35 -57.54 20.48
C ASP B 255 55.52 -56.42 21.50
N PHE B 256 56.02 -55.26 21.07
CA PHE B 256 56.13 -54.11 21.97
C PHE B 256 54.76 -53.62 22.40
N ARG B 257 53.81 -53.56 21.47
CA ARG B 257 52.45 -53.16 21.79
C ARG B 257 51.78 -54.19 22.70
N ASN B 258 52.06 -55.47 22.48
CA ASN B 258 51.54 -56.52 23.35
C ASN B 258 52.09 -56.38 24.76
N GLU B 259 53.38 -56.05 24.89
CA GLU B 259 53.98 -55.83 26.21
C GLU B 259 53.37 -54.62 26.90
N ILE B 260 53.12 -53.55 26.15
CA ILE B 260 52.47 -52.36 26.72
C ILE B 260 51.06 -52.69 27.21
N CYS B 261 50.31 -53.45 26.40
CA CYS B 261 48.96 -53.85 26.79
C CYS B 261 48.98 -54.76 28.01
N GLU B 262 49.95 -55.67 28.08
CA GLU B 262 50.06 -56.55 29.24
C GLU B 262 50.42 -55.77 30.50
N ALA B 263 51.26 -54.75 30.38
CA ALA B 263 51.55 -53.88 31.51
C ALA B 263 50.29 -53.12 31.96
N ALA B 264 49.49 -52.67 31.00
CA ALA B 264 48.24 -51.99 31.34
C ALA B 264 47.27 -52.93 32.06
N VAL B 265 47.16 -54.17 31.60
CA VAL B 265 46.30 -55.15 32.27
C VAL B 265 46.84 -55.46 33.66
N LYS B 266 48.17 -55.52 33.81
CA LYS B 266 48.77 -55.75 35.11
C LYS B 266 48.43 -54.63 36.09
N LEU B 267 48.55 -53.38 35.64
CA LEU B 267 48.21 -52.23 36.50
C LEU B 267 46.72 -52.22 36.85
N CYS B 268 45.86 -52.50 35.87
CA CYS B 268 44.42 -52.47 36.13
C CYS B 268 43.97 -53.65 37.00
N LYS B 269 44.70 -54.77 36.95
CA LYS B 269 44.39 -55.88 37.84
C LYS B 269 44.88 -55.60 39.25
N ASN B 270 46.04 -54.94 39.38
CA ASN B 270 46.54 -54.59 40.71
C ASN B 270 45.65 -53.55 41.38
N VAL B 271 45.13 -52.59 40.62
CA VAL B 271 44.20 -51.63 41.21
C VAL B 271 42.80 -52.20 41.35
N GLY B 272 42.53 -53.34 40.71
CA GLY B 272 41.20 -53.92 40.74
C GLY B 272 40.16 -53.08 40.03
N TYR B 273 40.52 -52.60 38.83
CA TYR B 273 39.69 -51.65 38.10
C TYR B 273 38.37 -52.27 37.66
N VAL B 274 37.36 -51.43 37.50
CA VAL B 274 36.04 -51.84 37.03
C VAL B 274 35.62 -50.90 35.92
N ASN B 275 34.70 -51.39 35.06
CA ASN B 275 34.15 -50.68 33.91
C ASN B 275 35.23 -50.22 32.93
N ALA B 276 34.91 -49.20 32.14
CA ALA B 276 35.79 -48.75 31.07
C ALA B 276 36.85 -47.79 31.60
N GLY B 277 37.97 -47.73 30.88
CA GLY B 277 39.04 -46.84 31.24
C GLY B 277 40.23 -47.08 30.35
N THR B 278 41.13 -46.10 30.30
CA THR B 278 42.32 -46.18 29.47
C THR B 278 43.57 -45.91 30.29
N VAL B 279 44.67 -46.49 29.85
CA VAL B 279 45.98 -46.28 30.46
C VAL B 279 46.89 -45.71 29.39
N GLU B 280 47.48 -44.56 29.65
CA GLU B 280 48.33 -43.87 28.69
C GLU B 280 49.79 -44.15 28.99
N PHE B 281 50.58 -44.30 27.93
CA PHE B 281 52.00 -44.57 28.04
C PHE B 281 52.77 -43.65 27.11
N LEU B 282 54.02 -43.39 27.47
CA LEU B 282 54.93 -42.55 26.68
C LEU B 282 56.04 -43.45 26.16
N VAL B 283 56.07 -43.66 24.84
CA VAL B 283 56.94 -44.65 24.22
C VAL B 283 58.10 -43.92 23.54
N LYS B 284 59.33 -44.35 23.87
CA LYS B 284 60.54 -43.82 23.25
C LYS B 284 61.65 -44.84 23.46
N ASP B 285 62.45 -45.05 22.39
CA ASP B 285 63.61 -45.96 22.34
C ASP B 285 63.31 -47.33 22.94
N ASP B 286 62.15 -47.88 22.58
CA ASP B 286 61.64 -49.17 23.07
C ASP B 286 61.56 -49.20 24.60
N LYS B 287 61.15 -48.07 25.18
CA LYS B 287 60.96 -47.95 26.63
C LYS B 287 59.67 -47.16 26.85
N PHE B 288 58.67 -47.80 27.43
CA PHE B 288 57.39 -47.16 27.70
C PHE B 288 57.31 -46.74 29.15
N TYR B 289 56.75 -45.56 29.39
CA TYR B 289 56.61 -45.02 30.74
C TYR B 289 55.16 -44.63 30.99
N PHE B 290 54.65 -45.01 32.16
CA PHE B 290 53.30 -44.62 32.56
C PHE B 290 53.23 -43.11 32.80
N ILE B 291 52.13 -42.49 32.36
CA ILE B 291 51.92 -41.06 32.52
C ILE B 291 50.58 -40.77 33.22
N GLU B 292 49.50 -41.35 32.73
CA GLU B 292 48.18 -41.04 33.28
C GLU B 292 47.21 -42.17 33.00
N VAL B 293 46.14 -42.21 33.80
CA VAL B 293 45.00 -43.10 33.57
C VAL B 293 43.74 -42.24 33.59
N ASN B 294 42.93 -42.36 32.53
CA ASN B 294 41.66 -41.66 32.48
C ASN B 294 40.54 -42.63 32.84
N PRO B 295 39.90 -42.48 33.99
CA PRO B 295 38.84 -43.42 34.40
C PRO B 295 37.48 -43.09 33.79
N ARG B 296 37.43 -43.09 32.46
CA ARG B 296 36.21 -42.75 31.73
C ARG B 296 36.34 -43.30 30.31
N VAL B 297 35.25 -43.20 29.55
CA VAL B 297 35.28 -43.53 28.14
C VAL B 297 35.95 -42.38 27.39
N GLN B 298 36.78 -42.71 26.41
CA GLN B 298 37.51 -41.68 25.70
C GLN B 298 36.70 -41.14 24.53
N VAL B 299 37.08 -39.95 24.09
CA VAL B 299 36.53 -39.39 22.86
C VAL B 299 37.02 -40.20 21.65
N GLU B 300 38.20 -40.79 21.74
CA GLU B 300 38.79 -41.57 20.66
C GLU B 300 38.58 -43.07 20.86
N HIS B 301 37.46 -43.45 21.47
CA HIS B 301 37.14 -44.87 21.64
C HIS B 301 36.57 -45.48 20.37
N THR B 302 36.21 -44.66 19.38
CA THR B 302 35.57 -45.17 18.16
C THR B 302 36.53 -46.01 17.34
N ILE B 303 37.80 -45.62 17.27
CA ILE B 303 38.77 -46.40 16.50
C ILE B 303 39.01 -47.75 17.15
N THR B 304 39.04 -47.79 18.49
CA THR B 304 39.17 -49.06 19.20
C THR B 304 37.95 -49.94 18.96
N GLU B 305 36.76 -49.33 18.93
CA GLU B 305 35.54 -50.06 18.60
C GLU B 305 35.61 -50.65 17.19
N LEU B 306 36.16 -49.88 16.25
CA LEU B 306 36.23 -50.34 14.87
C LEU B 306 37.26 -51.44 14.68
N ILE B 307 38.41 -51.34 15.37
CA ILE B 307 39.46 -52.34 15.14
C ILE B 307 39.23 -53.60 15.95
N THR B 308 38.49 -53.52 17.07
CA THR B 308 38.24 -54.70 17.87
C THR B 308 36.85 -55.29 17.68
N GLY B 309 35.93 -54.54 17.09
CA GLY B 309 34.57 -55.03 16.91
C GLY B 309 33.77 -55.11 18.19
N VAL B 310 34.17 -54.39 19.23
CA VAL B 310 33.53 -54.45 20.54
C VAL B 310 32.94 -53.07 20.82
N ASP B 311 31.64 -53.04 21.09
CA ASP B 311 30.95 -51.79 21.42
C ASP B 311 31.31 -51.41 22.85
N ILE B 312 32.08 -50.32 23.01
CA ILE B 312 32.61 -49.94 24.31
C ILE B 312 31.50 -49.42 25.21
N VAL B 313 30.60 -48.59 24.68
CA VAL B 313 29.56 -47.98 25.51
C VAL B 313 28.54 -49.04 25.93
N GLN B 314 28.19 -49.96 25.02
CA GLN B 314 27.28 -51.04 25.38
C GLN B 314 27.87 -51.94 26.44
N ALA B 315 29.17 -52.27 26.32
CA ALA B 315 29.84 -53.07 27.33
C ALA B 315 29.93 -52.32 28.65
N GLN B 316 30.09 -50.99 28.60
CA GLN B 316 30.13 -50.17 29.81
C GLN B 316 28.79 -50.22 30.54
N ILE B 317 27.69 -50.09 29.81
CA ILE B 317 26.37 -50.15 30.44
C ILE B 317 26.08 -51.56 30.96
N LEU B 318 26.52 -52.58 30.22
CA LEU B 318 26.29 -53.96 30.66
C LEU B 318 27.12 -54.29 31.90
N ILE B 319 28.32 -53.73 32.01
CA ILE B 319 29.11 -53.89 33.24
C ILE B 319 28.46 -53.13 34.39
N ALA B 320 27.89 -51.95 34.10
CA ALA B 320 27.15 -51.21 35.11
C ALA B 320 25.91 -51.98 35.58
N GLN B 321 25.36 -52.84 34.72
CA GLN B 321 24.34 -53.79 35.15
C GLN B 321 24.88 -54.90 36.04
N GLY B 322 26.20 -55.06 36.12
CA GLY B 322 26.77 -56.13 36.90
C GLY B 322 26.96 -57.43 36.16
N LYS B 323 26.96 -57.41 34.83
CA LYS B 323 27.04 -58.63 34.06
C LYS B 323 28.49 -59.10 33.91
N ASP B 324 28.63 -60.34 33.44
CA ASP B 324 29.95 -60.94 33.23
C ASP B 324 30.42 -60.64 31.80
N LEU B 325 31.73 -60.41 31.68
CA LEU B 325 32.30 -60.02 30.39
C LEU B 325 32.21 -61.14 29.36
N HIS B 326 32.60 -62.35 29.74
CA HIS B 326 32.73 -63.46 28.81
C HIS B 326 31.58 -64.44 28.89
N ARG B 327 30.56 -64.17 29.68
CA ARG B 327 29.42 -65.08 29.74
C ARG B 327 28.09 -64.41 29.41
N GLU B 328 27.89 -63.18 29.87
CA GLU B 328 26.64 -62.47 29.62
C GLU B 328 26.78 -61.34 28.61
N ILE B 329 27.88 -60.58 28.65
CA ILE B 329 28.14 -59.62 27.58
C ILE B 329 28.53 -60.36 26.31
N GLY B 330 29.38 -61.37 26.42
CA GLY B 330 29.69 -62.24 25.30
C GLY B 330 30.96 -61.95 24.55
N LEU B 331 31.81 -61.04 25.04
CA LEU B 331 33.07 -60.79 24.38
C LEU B 331 34.01 -61.98 24.56
N PRO B 332 34.86 -62.25 23.55
CA PRO B 332 35.79 -63.38 23.67
C PRO B 332 36.90 -63.09 24.67
N ALA B 333 37.74 -64.10 24.88
CA ALA B 333 38.84 -64.00 25.81
C ALA B 333 39.92 -63.06 25.28
N GLN B 334 40.91 -62.79 26.13
CA GLN B 334 41.96 -61.83 25.79
C GLN B 334 42.80 -62.31 24.61
N SER B 335 43.08 -63.60 24.54
CA SER B 335 43.86 -64.14 23.42
C SER B 335 43.05 -64.19 22.14
N GLU B 336 41.72 -64.18 22.22
CA GLU B 336 40.86 -64.30 21.05
C GLU B 336 40.31 -62.97 20.57
N ILE B 337 40.75 -61.86 21.14
CA ILE B 337 40.28 -60.54 20.71
C ILE B 337 40.87 -60.23 19.34
N PRO B 338 40.04 -59.89 18.35
CA PRO B 338 40.56 -59.69 16.99
C PRO B 338 41.13 -58.29 16.81
N LEU B 339 41.71 -58.08 15.62
CA LEU B 339 42.27 -56.79 15.21
C LEU B 339 41.89 -56.61 13.74
N LEU B 340 40.77 -55.92 13.50
CA LEU B 340 40.22 -55.78 12.15
C LEU B 340 40.82 -54.54 11.47
N GLY B 341 42.10 -54.67 11.14
CA GLY B 341 42.78 -53.61 10.41
C GLY B 341 43.12 -52.42 11.28
N SER B 342 43.37 -51.29 10.62
CA SER B 342 43.75 -50.05 11.28
C SER B 342 42.73 -48.96 10.95
N ALA B 343 42.48 -48.09 11.92
CA ALA B 343 41.47 -47.04 11.78
C ALA B 343 42.06 -45.70 12.20
N ILE B 344 41.54 -44.64 11.57
CA ILE B 344 42.02 -43.28 11.77
C ILE B 344 40.85 -42.41 12.22
N GLN B 345 41.06 -41.62 13.27
CA GLN B 345 40.05 -40.68 13.75
C GLN B 345 40.65 -39.29 13.87
N CYS B 346 39.93 -38.28 13.37
CA CYS B 346 40.22 -36.90 13.66
C CYS B 346 38.90 -36.18 13.92
N ARG B 347 38.96 -35.08 14.66
CA ARG B 347 37.78 -34.33 15.06
C ARG B 347 37.74 -33.01 14.30
N ILE B 348 36.67 -32.79 13.55
CA ILE B 348 36.47 -31.52 12.86
C ILE B 348 35.91 -30.52 13.86
N THR B 349 36.71 -29.50 14.17
CA THR B 349 36.32 -28.44 15.09
C THR B 349 36.27 -27.11 14.34
N THR B 350 35.71 -26.10 14.99
CA THR B 350 35.62 -24.77 14.42
C THR B 350 36.86 -23.92 14.70
N GLU B 351 37.99 -24.55 14.99
CA GLU B 351 39.24 -23.84 15.18
C GLU B 351 39.82 -23.49 13.82
N ASP B 352 39.85 -22.21 13.50
CA ASP B 352 40.36 -21.76 12.20
C ASP B 352 41.88 -21.79 12.22
N PRO B 353 42.53 -22.62 11.38
CA PRO B 353 43.99 -22.70 11.41
C PRO B 353 44.69 -21.43 10.94
N GLN B 354 44.01 -20.57 10.20
CA GLN B 354 44.58 -19.30 9.75
C GLN B 354 44.29 -18.17 10.73
N ASN B 355 43.82 -18.48 11.94
CA ASN B 355 43.54 -17.47 12.95
C ASN B 355 44.09 -17.89 14.31
N GLY B 356 45.21 -18.61 14.33
CA GLY B 356 45.77 -19.07 15.58
C GLY B 356 45.00 -20.19 16.24
N PHE B 357 44.22 -20.94 15.47
CA PHE B 357 43.37 -22.05 15.95
C PHE B 357 42.36 -21.57 17.00
N LEU B 358 41.94 -20.32 16.91
CA LEU B 358 40.86 -19.82 17.75
C LEU B 358 39.52 -20.34 17.23
N PRO B 359 38.63 -20.78 18.12
CA PRO B 359 37.34 -21.31 17.67
C PRO B 359 36.49 -20.24 17.00
N ASP B 360 35.76 -20.66 15.97
CA ASP B 360 34.90 -19.78 15.21
C ASP B 360 33.44 -19.99 15.61
N THR B 361 32.64 -18.94 15.40
CA THR B 361 31.22 -18.97 15.71
C THR B 361 30.42 -18.42 14.54
N GLY B 362 29.17 -18.87 14.44
CA GLY B 362 28.30 -18.42 13.37
C GLY B 362 27.36 -19.50 12.89
N LYS B 363 26.46 -19.14 11.98
CA LYS B 363 25.51 -20.10 11.45
C LYS B 363 26.20 -21.05 10.48
N ILE B 364 25.84 -22.33 10.57
CA ILE B 364 26.32 -23.34 9.62
C ILE B 364 25.27 -23.44 8.52
N ASP B 365 25.49 -22.72 7.43
CA ASP B 365 24.49 -22.67 6.37
C ASP B 365 24.60 -23.84 5.40
N THR B 366 25.62 -24.68 5.51
CA THR B 366 25.79 -25.81 4.60
C THR B 366 26.44 -26.96 5.35
N TYR B 367 25.83 -28.14 5.26
CA TYR B 367 26.40 -29.34 5.85
C TYR B 367 26.12 -30.53 4.94
N ARG B 368 27.15 -31.27 4.59
CA ARG B 368 27.03 -32.45 3.73
C ARG B 368 28.00 -33.50 4.24
N SER B 369 27.48 -34.54 4.88
CA SER B 369 28.27 -35.59 5.49
C SER B 369 28.57 -36.70 4.49
N PRO B 370 29.82 -37.09 4.35
CA PRO B 370 30.17 -38.18 3.43
C PRO B 370 29.81 -39.53 3.98
N GLY B 371 29.63 -40.49 3.07
CA GLY B 371 29.34 -41.85 3.45
C GLY B 371 30.19 -42.86 2.70
N GLY B 372 29.68 -44.07 2.53
CA GLY B 372 30.38 -45.08 1.77
C GLY B 372 31.00 -46.15 2.65
N PHE B 373 31.89 -46.92 2.04
CA PHE B 373 32.53 -48.03 2.73
C PHE B 373 33.55 -47.53 3.74
N GLY B 374 33.51 -48.09 4.94
CA GLY B 374 34.52 -47.84 5.94
C GLY B 374 34.45 -46.50 6.64
N ILE B 375 33.34 -45.78 6.51
CA ILE B 375 33.21 -44.43 7.06
C ILE B 375 32.21 -44.47 8.21
N ARG B 376 32.62 -43.97 9.37
CA ARG B 376 31.77 -43.90 10.54
C ARG B 376 31.75 -42.46 11.05
N LEU B 377 30.57 -41.90 11.20
CA LEU B 377 30.40 -40.52 11.65
C LEU B 377 29.70 -40.49 12.99
N ASP B 378 30.24 -39.67 13.91
CA ASP B 378 29.62 -39.39 15.19
C ASP B 378 29.39 -37.88 15.25
N VAL B 379 28.25 -37.45 14.72
CA VAL B 379 27.97 -36.03 14.55
C VAL B 379 27.58 -35.42 15.88
N GLY B 380 28.12 -34.24 16.16
CA GLY B 380 27.69 -33.46 17.31
C GLY B 380 26.54 -32.55 16.93
N ASN B 381 26.72 -31.25 17.10
CA ASN B 381 25.74 -30.25 16.67
C ASN B 381 26.35 -29.52 15.47
N ALA B 382 26.12 -30.06 14.27
CA ALA B 382 26.70 -29.48 13.06
C ALA B 382 25.71 -29.51 11.90
N TYR B 383 24.41 -29.49 12.20
CA TYR B 383 23.41 -29.53 11.13
C TYR B 383 23.32 -28.16 10.45
N ALA B 384 22.63 -28.15 9.31
CA ALA B 384 22.47 -26.91 8.55
C ALA B 384 21.57 -25.93 9.28
N GLY B 385 22.00 -24.67 9.32
CA GLY B 385 21.26 -23.64 10.03
C GLY B 385 21.51 -23.59 11.51
N TYR B 386 22.52 -24.29 12.02
CA TYR B 386 22.81 -24.31 13.45
C TYR B 386 23.73 -23.14 13.79
N GLU B 387 23.30 -22.31 14.74
CA GLU B 387 24.12 -21.21 15.21
C GLU B 387 25.13 -21.73 16.23
N VAL B 388 26.41 -21.52 15.96
CA VAL B 388 27.46 -22.02 16.83
C VAL B 388 27.69 -21.01 17.96
N THR B 389 27.51 -21.47 19.19
CA THR B 389 27.67 -20.66 20.39
C THR B 389 29.09 -20.75 20.93
N PRO B 390 29.60 -19.69 21.56
CA PRO B 390 30.96 -19.75 22.11
C PRO B 390 31.01 -20.29 23.53
N TYR B 391 29.91 -20.91 23.98
CA TYR B 391 29.86 -21.41 25.35
C TYR B 391 30.53 -22.76 25.49
N PHE B 392 30.17 -23.71 24.62
CA PHE B 392 30.65 -25.08 24.74
C PHE B 392 31.91 -25.27 23.91
N ASP B 393 32.33 -26.52 23.73
CA ASP B 393 33.52 -26.82 22.97
C ASP B 393 33.27 -26.66 21.47
N SER B 394 34.35 -26.69 20.71
CA SER B 394 34.33 -26.35 19.29
C SER B 394 34.05 -27.54 18.38
N LEU B 395 33.81 -28.72 18.94
CA LEU B 395 33.67 -29.92 18.12
C LEU B 395 32.38 -29.89 17.30
N LEU B 396 32.49 -30.26 16.03
CA LEU B 396 31.36 -30.38 15.13
C LEU B 396 31.00 -31.83 14.83
N VAL B 397 31.95 -32.61 14.33
CA VAL B 397 31.70 -33.97 13.90
C VAL B 397 32.98 -34.77 14.02
N LYS B 398 32.86 -36.02 14.50
CA LYS B 398 33.96 -36.97 14.53
C LYS B 398 33.72 -37.98 13.42
N VAL B 399 34.68 -38.10 12.50
CA VAL B 399 34.60 -39.07 11.42
C VAL B 399 35.77 -40.04 11.56
N CYS B 400 35.47 -41.33 11.41
CA CYS B 400 36.46 -42.39 11.53
C CYS B 400 36.47 -43.24 10.27
N THR B 401 37.67 -43.50 9.74
CA THR B 401 37.84 -44.33 8.57
C THR B 401 38.65 -45.56 8.93
N PHE B 402 38.12 -46.74 8.62
CA PHE B 402 38.76 -48.00 8.94
C PHE B 402 38.91 -48.83 7.68
N ALA B 403 40.02 -49.57 7.63
CA ALA B 403 40.32 -50.43 6.50
C ALA B 403 41.31 -51.49 6.94
N ASN B 404 41.53 -52.48 6.06
CA ASN B 404 42.51 -53.52 6.36
C ASN B 404 43.93 -52.98 6.35
N GLU B 405 44.22 -52.04 5.45
CA GLU B 405 45.54 -51.44 5.32
C GLU B 405 45.49 -49.99 5.77
N PHE B 406 46.58 -49.52 6.38
CA PHE B 406 46.66 -48.14 6.83
C PHE B 406 46.67 -47.15 5.66
N SER B 407 47.26 -47.55 4.53
CA SER B 407 47.24 -46.70 3.35
C SER B 407 45.82 -46.51 2.82
N ASP B 408 45.02 -47.58 2.85
CA ASP B 408 43.62 -47.48 2.45
C ASP B 408 42.84 -46.57 3.40
N SER B 409 43.13 -46.63 4.69
CA SER B 409 42.49 -45.74 5.65
C SER B 409 42.88 -44.29 5.40
N VAL B 410 44.15 -44.04 5.06
CA VAL B 410 44.62 -42.70 4.75
C VAL B 410 43.90 -42.15 3.51
N ARG B 411 43.80 -42.99 2.47
CA ARG B 411 43.13 -42.56 1.24
C ARG B 411 41.63 -42.31 1.47
N LYS B 412 40.98 -43.19 2.24
CA LYS B 412 39.57 -43.00 2.55
C LYS B 412 39.33 -41.73 3.35
N MET B 413 40.22 -41.44 4.30
CA MET B 413 40.03 -40.23 5.11
C MET B 413 40.36 -38.98 4.32
N ASP B 414 41.30 -39.04 3.38
CA ASP B 414 41.52 -37.92 2.46
C ASP B 414 40.28 -37.67 1.61
N ARG B 415 39.65 -38.74 1.12
CA ARG B 415 38.40 -38.60 0.37
C ARG B 415 37.30 -37.99 1.23
N VAL B 416 37.22 -38.40 2.49
CA VAL B 416 36.21 -37.86 3.40
C VAL B 416 36.44 -36.37 3.64
N LEU B 417 37.70 -35.99 3.92
CA LEU B 417 38.01 -34.60 4.21
C LEU B 417 37.82 -33.72 2.99
N HIS B 418 37.99 -34.27 1.79
CA HIS B 418 37.64 -33.50 0.60
C HIS B 418 36.16 -33.56 0.27
N GLU B 419 35.41 -34.48 0.88
CA GLU B 419 33.97 -34.56 0.65
C GLU B 419 33.16 -33.76 1.68
N PHE B 420 33.71 -33.53 2.87
CA PHE B 420 33.04 -32.71 3.87
C PHE B 420 32.88 -31.28 3.38
N ARG B 421 31.67 -30.73 3.55
CA ARG B 421 31.34 -29.37 3.13
C ARG B 421 30.60 -28.68 4.27
N ILE B 422 31.35 -28.02 5.15
CA ILE B 422 30.78 -27.21 6.22
C ILE B 422 31.10 -25.75 5.89
N ARG B 423 30.06 -24.95 5.72
CA ARG B 423 30.20 -23.55 5.34
C ARG B 423 29.48 -22.66 6.33
N GLY B 424 29.95 -21.43 6.44
CA GLY B 424 29.46 -20.47 7.41
C GLY B 424 30.40 -20.28 8.59
N VAL B 425 31.15 -21.31 8.95
CA VAL B 425 32.16 -21.24 9.99
C VAL B 425 33.44 -21.83 9.44
N LYS B 426 34.57 -21.41 10.02
CA LYS B 426 35.88 -21.87 9.59
C LYS B 426 36.29 -23.07 10.41
N THR B 427 36.63 -24.16 9.72
CA THR B 427 37.01 -25.42 10.37
C THR B 427 38.49 -25.71 10.13
N ASN B 428 38.98 -26.72 10.85
CA ASN B 428 40.36 -27.17 10.72
C ASN B 428 40.52 -28.27 9.67
N ILE B 429 39.59 -28.36 8.71
CA ILE B 429 39.71 -29.36 7.65
C ILE B 429 40.95 -29.18 6.79
N PRO B 430 41.34 -27.97 6.34
CA PRO B 430 42.63 -27.87 5.62
C PRO B 430 43.84 -28.29 6.44
N PHE B 431 43.84 -28.01 7.74
CA PHE B 431 44.93 -28.47 8.60
C PHE B 431 44.95 -29.99 8.68
N LEU B 432 43.78 -30.61 8.79
CA LEU B 432 43.71 -32.08 8.82
C LEU B 432 44.17 -32.68 7.50
N ILE B 433 43.83 -32.04 6.38
CA ILE B 433 44.30 -32.51 5.07
C ILE B 433 45.81 -32.42 5.00
N ASN B 434 46.39 -31.32 5.49
CA ASN B 434 47.84 -31.15 5.48
C ASN B 434 48.53 -32.19 6.36
N VAL B 435 47.94 -32.50 7.52
CA VAL B 435 48.53 -33.50 8.41
C VAL B 435 48.43 -34.89 7.80
N ILE B 436 47.28 -35.21 7.18
CA ILE B 436 47.08 -36.53 6.58
C ILE B 436 48.02 -36.73 5.40
N ALA B 437 48.19 -35.70 4.57
CA ALA B 437 49.04 -35.80 3.39
C ALA B 437 50.53 -35.86 3.73
N ASN B 438 50.91 -35.60 4.97
CA ASN B 438 52.32 -35.63 5.34
C ASN B 438 52.87 -37.05 5.31
N GLU B 439 54.15 -37.16 4.97
CA GLU B 439 54.79 -38.46 4.82
C GLU B 439 55.13 -39.12 6.15
N ASN B 440 55.32 -38.34 7.21
CA ASN B 440 55.60 -38.94 8.52
C ASN B 440 54.37 -39.64 9.08
N PHE B 441 53.20 -39.02 8.94
CA PHE B 441 51.97 -39.60 9.49
C PHE B 441 51.59 -40.89 8.75
N THR B 442 51.75 -40.89 7.41
CA THR B 442 51.41 -42.08 6.64
C THR B 442 52.37 -43.23 6.94
N SER B 443 53.63 -42.93 7.23
CA SER B 443 54.55 -43.96 7.70
C SER B 443 54.15 -44.44 9.09
N GLY B 444 53.70 -43.54 9.95
CA GLY B 444 53.28 -43.90 11.28
C GLY B 444 54.29 -43.63 12.38
N GLN B 445 55.39 -42.96 12.07
CA GLN B 445 56.43 -42.65 13.05
C GLN B 445 56.29 -41.23 13.60
N ALA B 446 55.07 -40.73 13.69
CA ALA B 446 54.83 -39.38 14.19
C ALA B 446 55.02 -39.35 15.71
N THR B 447 55.62 -38.27 16.19
CA THR B 447 55.85 -38.03 17.61
C THR B 447 54.94 -36.90 18.09
N THR B 448 55.05 -36.59 19.38
CA THR B 448 54.26 -35.51 19.96
C THR B 448 54.76 -34.14 19.56
N THR B 449 55.95 -34.04 18.96
CA THR B 449 56.47 -32.78 18.46
C THR B 449 56.49 -32.74 16.93
N PHE B 450 55.72 -33.62 16.28
CA PHE B 450 55.70 -33.67 14.82
C PHE B 450 55.06 -32.42 14.22
N ILE B 451 53.96 -31.96 14.82
CA ILE B 451 53.27 -30.78 14.29
C ILE B 451 54.09 -29.51 14.52
N ASP B 452 54.67 -29.38 15.72
CA ASP B 452 55.38 -28.15 16.06
C ASP B 452 56.69 -28.00 15.30
N ASN B 453 57.25 -29.09 14.76
CA ASN B 453 58.50 -29.04 14.02
C ASN B 453 58.28 -29.12 12.51
N THR B 454 57.04 -28.95 12.04
CA THR B 454 56.72 -29.01 10.62
C THR B 454 55.99 -27.74 10.23
N PRO B 455 56.72 -26.69 9.83
CA PRO B 455 56.05 -25.46 9.37
C PRO B 455 55.33 -25.61 8.04
N SER B 456 55.59 -26.67 7.27
CA SER B 456 54.93 -26.88 6.00
C SER B 456 53.48 -27.30 6.14
N LEU B 457 53.03 -27.66 7.34
CA LEU B 457 51.65 -28.02 7.57
C LEU B 457 50.72 -26.81 7.65
N PHE B 458 51.27 -25.60 7.74
CA PHE B 458 50.47 -24.39 7.85
C PHE B 458 50.35 -23.64 6.55
N ASN B 459 50.72 -24.25 5.43
CA ASN B 459 50.59 -23.66 4.11
C ASN B 459 49.30 -24.20 3.49
N PHE B 460 48.25 -23.38 3.52
CA PHE B 460 46.93 -23.79 3.05
C PHE B 460 46.62 -23.15 1.70
N PRO B 461 46.25 -23.94 0.70
CA PRO B 461 45.91 -23.35 -0.59
C PRO B 461 44.62 -22.56 -0.53
N ARG B 462 44.50 -21.58 -1.43
CA ARG B 462 43.31 -20.75 -1.48
C ARG B 462 42.16 -21.52 -2.13
N LEU B 463 41.04 -21.59 -1.42
CA LEU B 463 39.85 -22.26 -1.94
C LEU B 463 39.04 -21.28 -2.78
N ARG B 464 38.55 -21.77 -3.92
CA ARG B 464 37.84 -20.90 -4.85
C ARG B 464 36.51 -20.43 -4.26
N ASP B 465 35.69 -21.38 -3.79
CA ASP B 465 34.37 -21.12 -3.18
C ASP B 465 33.48 -20.29 -4.11
N ARG B 466 33.19 -20.88 -5.27
CA ARG B 466 32.47 -20.17 -6.33
C ARG B 466 30.95 -20.25 -6.19
N GLY B 467 30.44 -20.90 -5.15
CA GLY B 467 29.00 -20.95 -4.94
C GLY B 467 28.53 -19.93 -3.91
N THR B 468 29.25 -19.86 -2.79
CA THR B 468 28.89 -18.93 -1.73
C THR B 468 29.05 -17.49 -2.18
N LYS B 469 30.14 -17.18 -2.88
CA LYS B 469 30.36 -15.81 -3.36
C LYS B 469 29.37 -15.44 -4.46
N THR B 470 29.00 -16.40 -5.31
CA THR B 470 27.99 -16.16 -6.33
C THR B 470 26.63 -15.86 -5.69
N LEU B 471 26.26 -16.64 -4.67
CA LEU B 471 25.01 -16.39 -3.96
C LEU B 471 25.04 -15.04 -3.24
N HIS B 472 26.19 -14.68 -2.67
CA HIS B 472 26.32 -13.40 -1.99
C HIS B 472 26.18 -12.23 -2.97
N TYR B 473 26.81 -12.34 -4.14
CA TYR B 473 26.68 -11.29 -5.14
C TYR B 473 25.24 -11.19 -5.67
N LEU B 474 24.60 -12.33 -5.89
CA LEU B 474 23.22 -12.32 -6.35
C LEU B 474 22.30 -11.69 -5.32
N SER B 475 22.50 -11.99 -4.04
CA SER B 475 21.70 -11.38 -2.98
C SER B 475 21.94 -9.88 -2.91
N MET B 476 23.20 -9.45 -3.03
CA MET B 476 23.52 -8.03 -2.97
C MET B 476 22.88 -7.25 -4.12
N ILE B 477 22.97 -7.79 -5.34
CA ILE B 477 22.35 -7.11 -6.48
C ILE B 477 20.82 -7.17 -6.39
N THR B 478 20.26 -8.26 -5.86
CA THR B 478 18.82 -8.39 -5.78
C THR B 478 18.22 -7.41 -4.77
N VAL B 479 18.86 -7.24 -3.61
CA VAL B 479 18.28 -6.39 -2.57
C VAL B 479 18.81 -4.95 -2.59
N ASN B 480 19.88 -4.67 -3.33
CA ASN B 480 20.44 -3.32 -3.36
C ASN B 480 20.54 -2.72 -4.75
N GLY B 481 20.43 -3.52 -5.80
CA GLY B 481 20.51 -3.02 -7.16
C GLY B 481 21.94 -2.82 -7.62
N PHE B 482 22.09 -2.74 -8.94
CA PHE B 482 23.40 -2.46 -9.52
C PHE B 482 23.78 -1.00 -9.26
N PRO B 483 25.04 -0.74 -8.90
CA PRO B 483 25.45 0.65 -8.64
C PRO B 483 25.52 1.45 -9.93
N GLY B 484 24.81 2.58 -9.96
CA GLY B 484 24.84 3.49 -11.09
C GLY B 484 23.65 3.43 -12.00
N ILE B 485 22.82 2.39 -11.93
CA ILE B 485 21.64 2.27 -12.78
C ILE B 485 20.40 2.26 -11.91
N GLU B 486 19.27 2.56 -12.53
CA GLU B 486 17.99 2.62 -11.84
C GLU B 486 17.49 1.20 -11.55
N ASN B 487 16.99 0.99 -10.33
CA ASN B 487 16.55 -0.32 -9.87
C ASN B 487 15.24 -0.69 -10.54
N THR B 488 15.35 -1.23 -11.76
CA THR B 488 14.20 -1.69 -12.51
C THR B 488 14.01 -3.19 -12.35
N GLU B 489 12.84 -3.66 -12.75
CA GLU B 489 12.55 -5.09 -12.70
C GLU B 489 13.31 -5.85 -13.78
N LYS B 490 13.71 -7.07 -13.45
CA LYS B 490 14.42 -7.93 -14.39
C LYS B 490 13.44 -8.43 -15.45
N ARG B 491 13.52 -7.86 -16.65
CA ARG B 491 12.62 -8.25 -17.72
C ARG B 491 13.00 -9.63 -18.26
N HIS B 492 12.02 -10.31 -18.82
CA HIS B 492 12.25 -11.62 -19.42
C HIS B 492 12.87 -11.44 -20.80
N PHE B 493 14.02 -12.07 -21.01
CA PHE B 493 14.76 -11.98 -22.26
C PHE B 493 14.83 -13.36 -22.90
N GLU B 494 14.50 -13.43 -24.19
CA GLU B 494 14.67 -14.65 -24.93
C GLU B 494 16.14 -14.88 -25.24
N GLU B 495 16.47 -16.11 -25.64
CA GLU B 495 17.82 -16.41 -26.05
C GLU B 495 18.16 -15.67 -27.34
N PRO B 496 19.36 -15.10 -27.44
CA PRO B 496 19.73 -14.37 -28.66
C PRO B 496 19.82 -15.30 -29.86
N ARG B 497 19.54 -14.74 -31.03
CA ARG B 497 19.43 -15.51 -32.26
C ARG B 497 20.81 -15.99 -32.68
N GLN B 498 21.05 -17.29 -32.55
CA GLN B 498 22.30 -17.86 -33.03
C GLN B 498 22.32 -17.84 -34.57
N PRO B 499 23.43 -17.42 -35.16
CA PRO B 499 23.46 -17.23 -36.61
C PRO B 499 23.54 -18.55 -37.37
N LEU B 500 23.02 -18.50 -38.60
CA LEU B 500 23.11 -19.61 -39.55
C LEU B 500 24.22 -19.28 -40.54
N LEU B 501 25.19 -20.17 -40.67
CA LEU B 501 26.45 -19.84 -41.30
C LEU B 501 26.71 -20.64 -42.56
N ASN B 502 27.32 -19.99 -43.54
CA ASN B 502 27.87 -20.64 -44.73
C ASN B 502 29.38 -20.48 -44.67
N LEU B 503 30.05 -21.44 -44.03
CA LEU B 503 31.48 -21.33 -43.80
C LEU B 503 32.27 -21.55 -45.09
N GLU B 504 33.37 -20.81 -45.23
CA GLU B 504 34.28 -20.96 -46.37
C GLU B 504 35.67 -20.62 -45.87
N LYS B 505 36.50 -21.64 -45.69
CA LYS B 505 37.84 -21.43 -45.14
C LYS B 505 38.74 -20.75 -46.16
N LYS B 506 39.56 -19.81 -45.69
CA LYS B 506 40.51 -19.12 -46.53
C LYS B 506 41.69 -18.66 -45.68
N LYS B 507 42.79 -18.32 -46.35
CA LYS B 507 44.01 -17.90 -45.68
C LYS B 507 43.82 -16.49 -45.13
N THR B 508 43.55 -16.40 -43.83
CA THR B 508 43.42 -15.10 -43.19
C THR B 508 44.79 -14.48 -42.95
N ALA B 509 44.79 -13.19 -42.63
CA ALA B 509 46.05 -12.49 -42.38
C ALA B 509 46.69 -12.89 -41.06
N LYS B 510 45.91 -13.44 -40.13
CA LYS B 510 46.48 -13.96 -38.89
C LYS B 510 47.36 -15.16 -39.16
N ASN B 511 46.96 -16.02 -40.10
CA ASN B 511 47.81 -17.15 -40.49
C ASN B 511 49.09 -16.66 -41.16
N ILE B 512 49.00 -15.59 -41.94
CA ILE B 512 50.20 -15.01 -42.56
C ILE B 512 51.13 -14.46 -41.50
N LEU B 513 50.58 -13.77 -40.48
CA LEU B 513 51.40 -13.23 -39.41
C LEU B 513 51.98 -14.33 -38.53
N ASP B 514 51.28 -15.45 -38.37
CA ASP B 514 51.83 -16.55 -37.58
C ASP B 514 52.92 -17.30 -38.34
N GLU B 515 52.74 -17.50 -39.65
CA GLU B 515 53.71 -18.30 -40.40
C GLU B 515 54.92 -17.47 -40.82
N GLN B 516 54.70 -16.38 -41.55
CA GLN B 516 55.77 -15.46 -41.91
C GLN B 516 55.63 -14.16 -41.12
N GLY B 517 56.44 -13.17 -41.46
CA GLY B 517 56.52 -11.95 -40.68
C GLY B 517 55.43 -10.96 -40.97
N ALA B 518 55.52 -9.80 -40.29
CA ALA B 518 54.53 -8.75 -40.44
C ALA B 518 54.68 -8.00 -41.76
N ASP B 519 55.90 -7.97 -42.31
CA ASP B 519 56.10 -7.32 -43.60
C ASP B 519 55.38 -8.05 -44.72
N ALA B 520 55.24 -9.37 -44.60
CA ALA B 520 54.43 -10.11 -45.55
C ALA B 520 52.95 -9.76 -45.41
N VAL B 521 52.50 -9.47 -44.18
CA VAL B 521 51.13 -9.01 -43.99
C VAL B 521 50.93 -7.65 -44.64
N VAL B 522 51.95 -6.78 -44.54
CA VAL B 522 51.90 -5.48 -45.20
C VAL B 522 51.84 -5.65 -46.72
N ASP B 523 52.62 -6.59 -47.25
CA ASP B 523 52.60 -6.89 -48.68
C ASP B 523 51.25 -7.44 -49.12
N TYR B 524 50.64 -8.30 -48.30
CA TYR B 524 49.33 -8.86 -48.62
C TYR B 524 48.25 -7.80 -48.59
N VAL B 525 48.36 -6.82 -47.69
CA VAL B 525 47.40 -5.72 -47.65
C VAL B 525 47.49 -4.89 -48.93
N LYS B 526 48.71 -4.58 -49.38
CA LYS B 526 48.88 -3.77 -50.58
C LYS B 526 48.50 -4.54 -51.84
N ASN B 527 48.63 -5.86 -51.84
CA ASN B 527 48.34 -6.66 -53.02
C ASN B 527 46.85 -6.89 -53.24
N THR B 528 46.00 -6.50 -52.30
CA THR B 528 44.56 -6.70 -52.42
C THR B 528 43.92 -5.45 -53.02
N LYS B 529 43.15 -5.64 -54.09
CA LYS B 529 42.44 -4.55 -54.74
C LYS B 529 41.15 -4.18 -54.03
N GLU B 530 40.64 -5.03 -53.15
CA GLU B 530 39.46 -4.74 -52.37
C GLU B 530 39.84 -4.15 -51.02
N VAL B 531 39.00 -3.25 -50.53
CA VAL B 531 39.29 -2.59 -49.26
C VAL B 531 39.02 -3.57 -48.11
N LEU B 532 40.02 -3.74 -47.24
CA LEU B 532 39.86 -4.59 -46.08
C LEU B 532 39.05 -3.86 -45.01
N LEU B 533 38.46 -4.64 -44.12
CA LEU B 533 37.61 -4.11 -43.06
C LEU B 533 38.15 -4.50 -41.70
N THR B 534 38.12 -3.56 -40.76
CA THR B 534 38.45 -3.80 -39.37
C THR B 534 37.17 -3.71 -38.56
N ASP B 535 36.84 -4.78 -37.83
CA ASP B 535 35.59 -4.84 -37.07
C ASP B 535 35.83 -4.23 -35.70
N THR B 536 35.33 -3.00 -35.50
CA THR B 536 35.41 -2.32 -34.22
C THR B 536 34.18 -2.55 -33.36
N THR B 537 33.50 -3.68 -33.54
CA THR B 537 32.33 -3.99 -32.73
C THR B 537 32.71 -4.23 -31.28
N LEU B 538 33.82 -4.92 -31.05
CA LEU B 538 34.15 -5.39 -29.70
C LEU B 538 34.74 -4.31 -28.80
N ARG B 539 35.24 -3.21 -29.36
CA ARG B 539 35.70 -2.10 -28.51
C ARG B 539 34.94 -0.80 -28.76
N ASP B 540 34.99 -0.25 -29.96
CA ASP B 540 34.60 1.13 -30.15
C ASP B 540 33.09 1.29 -30.35
N ALA B 541 32.44 0.27 -30.89
CA ALA B 541 30.99 0.34 -31.12
C ALA B 541 30.24 0.44 -29.81
N HIS B 542 30.65 -0.34 -28.81
CA HIS B 542 30.06 -0.21 -27.48
C HIS B 542 30.77 0.80 -26.60
N GLN B 543 31.94 1.31 -27.02
CA GLN B 543 32.50 2.47 -26.35
C GLN B 543 31.67 3.72 -26.63
N SER B 544 31.30 3.93 -27.89
CA SER B 544 30.54 5.12 -28.25
C SER B 544 29.07 5.01 -27.86
N LEU B 545 28.49 3.82 -27.93
CA LEU B 545 27.05 3.65 -27.70
C LEU B 545 26.74 3.15 -26.29
N LEU B 546 27.30 2.02 -25.88
CA LEU B 546 26.99 1.40 -24.61
C LEU B 546 27.94 1.82 -23.49
N ALA B 547 28.84 2.76 -23.77
CA ALA B 547 29.78 3.33 -22.80
C ALA B 547 30.68 2.25 -22.19
N THR B 548 31.32 1.46 -23.07
CA THR B 548 32.27 0.39 -22.73
C THR B 548 31.72 -0.60 -21.71
N ARG B 549 30.42 -0.86 -21.74
CA ARG B 549 29.80 -1.75 -20.78
C ARG B 549 29.52 -3.14 -21.34
N LEU B 550 29.99 -3.44 -22.55
CA LEU B 550 29.78 -4.77 -23.12
C LEU B 550 30.58 -5.80 -22.34
N ARG B 551 29.91 -6.86 -21.90
CA ARG B 551 30.52 -7.84 -21.03
C ARG B 551 31.17 -8.96 -21.83
N LEU B 552 31.94 -9.80 -21.13
CA LEU B 552 32.69 -10.86 -21.79
C LEU B 552 31.77 -11.97 -22.29
N GLN B 553 30.65 -12.22 -21.61
CA GLN B 553 29.76 -13.31 -22.00
C GLN B 553 29.12 -13.05 -23.36
N ASP B 554 28.73 -11.80 -23.62
CA ASP B 554 28.13 -11.44 -24.91
C ASP B 554 29.14 -11.56 -26.05
N MET B 555 30.41 -11.24 -25.79
CA MET B 555 31.44 -11.46 -26.79
C MET B 555 31.74 -12.95 -26.97
N LYS B 556 31.65 -13.73 -25.89
CA LYS B 556 31.95 -15.15 -25.96
C LYS B 556 30.88 -15.91 -26.73
N GLY B 557 29.64 -15.41 -26.70
CA GLY B 557 28.57 -16.08 -27.43
C GLY B 557 28.69 -16.00 -28.94
N ILE B 558 29.48 -15.07 -29.46
CA ILE B 558 29.58 -14.84 -30.89
C ILE B 558 31.02 -14.75 -31.39
N ALA B 559 32.01 -14.93 -30.51
CA ALA B 559 33.41 -14.84 -30.93
C ALA B 559 33.77 -15.93 -31.93
N GLN B 560 33.32 -17.16 -31.69
CA GLN B 560 33.58 -18.25 -32.62
C GLN B 560 32.89 -18.02 -33.95
N ALA B 561 31.65 -17.51 -33.92
CA ALA B 561 30.93 -17.24 -35.16
C ALA B 561 31.59 -16.13 -35.97
N ILE B 562 32.09 -15.09 -35.30
CA ILE B 562 32.78 -14.01 -36.02
C ILE B 562 34.11 -14.52 -36.58
N ASP B 563 34.84 -15.31 -35.80
CA ASP B 563 36.14 -15.81 -36.24
C ASP B 563 36.00 -16.78 -37.41
N GLN B 564 34.96 -17.62 -37.41
CA GLN B 564 34.77 -18.57 -38.50
C GLN B 564 34.11 -17.94 -39.72
N GLY B 565 33.00 -17.24 -39.53
CA GLY B 565 32.22 -16.76 -40.65
C GLY B 565 32.62 -15.41 -41.20
N LEU B 566 33.61 -14.75 -40.61
CA LEU B 566 34.17 -13.52 -41.17
C LEU B 566 35.69 -13.67 -41.24
N PRO B 567 36.20 -14.48 -42.19
CA PRO B 567 37.65 -14.61 -42.33
C PRO B 567 38.29 -13.55 -43.20
N GLU B 568 37.50 -12.76 -43.92
CA GLU B 568 38.02 -11.71 -44.78
C GLU B 568 38.31 -10.42 -44.02
N LEU B 569 37.98 -10.36 -42.74
CA LEU B 569 38.31 -9.19 -41.94
C LEU B 569 39.81 -9.09 -41.74
N PHE B 570 40.34 -7.87 -41.89
CA PHE B 570 41.76 -7.66 -41.62
C PHE B 570 42.07 -7.84 -40.13
N SER B 571 41.29 -7.20 -39.27
CA SER B 571 41.50 -7.29 -37.83
C SER B 571 40.18 -7.01 -37.13
N ALA B 572 40.15 -7.32 -35.83
CA ALA B 572 39.01 -7.04 -34.97
C ALA B 572 39.51 -6.24 -33.78
N GLU B 573 39.16 -4.95 -33.73
CA GLU B 573 39.54 -4.11 -32.61
C GLU B 573 38.74 -4.53 -31.39
N MET B 574 39.42 -5.18 -30.43
CA MET B 574 38.74 -5.78 -29.30
C MET B 574 39.35 -5.45 -27.94
N TRP B 575 40.36 -4.59 -27.87
CA TRP B 575 41.01 -4.33 -26.60
C TRP B 575 41.57 -2.92 -26.62
N GLY B 576 42.02 -2.45 -25.46
CA GLY B 576 42.58 -1.12 -25.35
C GLY B 576 41.53 -0.05 -25.26
N GLY B 577 41.99 1.19 -25.23
CA GLY B 577 41.08 2.30 -25.09
C GLY B 577 40.54 2.40 -23.67
N ALA B 578 39.25 2.72 -23.55
CA ALA B 578 38.61 2.83 -22.25
C ALA B 578 38.21 1.48 -21.66
N THR B 579 38.33 0.39 -22.43
CA THR B 579 37.90 -0.91 -21.95
C THR B 579 38.74 -1.39 -20.77
N PHE B 580 40.06 -1.13 -20.82
CA PHE B 580 40.95 -1.57 -19.75
C PHE B 580 40.60 -0.95 -18.41
N ASP B 581 40.30 0.35 -18.40
CA ASP B 581 39.89 1.01 -17.16
C ASP B 581 38.49 0.60 -16.75
N VAL B 582 37.56 0.59 -17.71
CA VAL B 582 36.14 0.47 -17.38
C VAL B 582 35.80 -0.95 -16.93
N ALA B 583 36.41 -1.97 -17.54
CA ALA B 583 36.16 -3.35 -17.13
C ALA B 583 36.56 -3.57 -15.67
N TYR B 584 37.76 -3.11 -15.31
CA TYR B 584 38.24 -3.20 -13.93
C TYR B 584 37.36 -2.39 -12.98
N ARG B 585 36.97 -1.18 -13.38
CA ARG B 585 36.27 -0.29 -12.46
C ARG B 585 34.82 -0.70 -12.24
N PHE B 586 34.13 -1.15 -13.29
CA PHE B 586 32.71 -1.40 -13.25
C PHE B 586 32.34 -2.85 -13.51
N LEU B 587 32.91 -3.46 -14.56
CA LEU B 587 32.47 -4.80 -14.96
C LEU B 587 33.03 -5.90 -14.06
N ASN B 588 34.03 -5.57 -13.25
CA ASN B 588 34.65 -6.49 -12.28
C ASN B 588 35.20 -7.75 -12.98
N GLU B 589 35.74 -7.57 -14.18
CA GLU B 589 36.39 -8.64 -14.92
C GLU B 589 37.73 -8.15 -15.40
N SER B 590 38.72 -9.05 -15.37
CA SER B 590 40.05 -8.68 -15.82
C SER B 590 40.07 -8.59 -17.33
N PRO B 591 40.53 -7.47 -17.90
CA PRO B 591 40.67 -7.40 -19.37
C PRO B 591 41.68 -8.40 -19.92
N TRP B 592 42.65 -8.82 -19.13
CA TRP B 592 43.55 -9.90 -19.53
C TRP B 592 42.81 -11.21 -19.67
N TYR B 593 41.88 -11.49 -18.76
CA TYR B 593 41.04 -12.69 -18.86
C TYR B 593 40.16 -12.64 -20.10
N ARG B 594 39.61 -11.47 -20.40
CA ARG B 594 38.80 -11.30 -21.60
C ARG B 594 39.63 -11.51 -22.86
N LEU B 595 40.85 -10.97 -22.89
CA LEU B 595 41.73 -11.15 -24.04
C LEU B 595 42.13 -12.62 -24.20
N ARG B 596 42.41 -13.30 -23.09
CA ARG B 596 42.76 -14.72 -23.16
C ARG B 596 41.61 -15.57 -23.68
N LYS B 597 40.39 -15.31 -23.18
CA LYS B 597 39.23 -16.07 -23.63
C LYS B 597 38.94 -15.79 -25.10
N LEU B 598 39.08 -14.53 -25.54
CA LEU B 598 38.83 -14.22 -26.94
C LEU B 598 39.90 -14.79 -27.85
N ARG B 599 41.15 -14.85 -27.40
CA ARG B 599 42.20 -15.46 -28.20
C ARG B 599 42.01 -16.97 -28.30
N LYS B 600 41.53 -17.60 -27.23
CA LYS B 600 41.20 -19.01 -27.30
C LYS B 600 40.02 -19.25 -28.24
N LEU B 601 39.03 -18.36 -28.22
CA LEU B 601 37.84 -18.54 -29.03
C LEU B 601 38.02 -18.10 -30.48
N MET B 602 38.97 -17.22 -30.77
CA MET B 602 39.19 -16.67 -32.10
C MET B 602 40.64 -16.91 -32.51
N PRO B 603 40.95 -18.11 -33.01
CA PRO B 603 42.34 -18.41 -33.37
C PRO B 603 42.75 -17.93 -34.75
N ASN B 604 41.81 -17.78 -35.68
CA ASN B 604 42.14 -17.46 -37.07
C ASN B 604 42.00 -15.98 -37.40
N THR B 605 41.54 -15.16 -36.46
CA THR B 605 41.44 -13.73 -36.69
C THR B 605 42.58 -13.01 -35.98
N MET B 606 42.82 -11.77 -36.37
CA MET B 606 43.93 -10.99 -35.86
C MET B 606 43.39 -9.87 -34.97
N PHE B 607 43.97 -9.72 -33.78
CA PHE B 607 43.47 -8.78 -32.80
C PHE B 607 44.12 -7.42 -32.96
N GLN B 608 43.42 -6.37 -32.51
CA GLN B 608 43.89 -5.00 -32.61
C GLN B 608 43.74 -4.31 -31.26
N MET B 609 44.62 -3.34 -31.00
CA MET B 609 44.63 -2.58 -29.77
C MET B 609 44.79 -1.10 -30.07
N LEU B 610 44.05 -0.27 -29.34
CA LEU B 610 44.23 1.19 -29.41
C LEU B 610 45.22 1.59 -28.33
N PHE B 611 46.49 1.70 -28.70
CA PHE B 611 47.54 2.14 -27.78
C PHE B 611 47.61 3.67 -27.79
N ARG B 612 47.70 4.25 -26.59
CA ARG B 612 47.62 5.69 -26.44
C ARG B 612 48.96 6.39 -26.52
N GLY B 613 50.04 5.67 -26.79
CA GLY B 613 51.35 6.30 -26.99
C GLY B 613 52.15 6.36 -25.69
N SER B 614 52.38 7.59 -25.20
CA SER B 614 53.05 7.76 -23.92
C SER B 614 52.21 7.19 -22.79
N ASN B 615 50.92 7.53 -22.75
CA ASN B 615 49.98 6.79 -21.93
C ASN B 615 49.82 5.39 -22.52
N ALA B 616 49.77 4.37 -21.67
CA ALA B 616 49.58 3.03 -22.19
C ALA B 616 48.11 2.75 -22.46
N VAL B 617 47.31 2.72 -21.40
CA VAL B 617 45.85 2.69 -21.52
C VAL B 617 45.26 3.68 -20.53
N GLY B 618 46.10 4.51 -19.93
CA GLY B 618 45.70 5.45 -18.91
C GLY B 618 45.58 6.87 -19.42
N TYR B 619 45.80 7.82 -18.52
CA TYR B 619 45.73 9.24 -18.86
C TYR B 619 46.94 10.03 -18.40
N GLN B 620 47.93 9.38 -17.77
CA GLN B 620 49.12 10.06 -17.28
C GLN B 620 50.35 9.37 -17.85
N ASN B 621 51.47 10.08 -17.82
CA ASN B 621 52.71 9.56 -18.38
C ASN B 621 53.26 8.42 -17.54
N TYR B 622 53.97 7.51 -18.21
CA TYR B 622 54.56 6.34 -17.59
C TYR B 622 56.00 6.18 -18.06
N PRO B 623 56.85 5.53 -17.26
CA PRO B 623 58.22 5.28 -17.71
C PRO B 623 58.28 4.38 -18.93
N ASP B 624 59.37 4.53 -19.69
CA ASP B 624 59.48 3.84 -20.97
C ASP B 624 59.59 2.32 -20.80
N ASN B 625 60.26 1.88 -19.73
CA ASN B 625 60.37 0.44 -19.50
C ASN B 625 59.03 -0.17 -19.14
N VAL B 626 58.16 0.59 -18.46
CA VAL B 626 56.81 0.13 -18.17
C VAL B 626 56.02 -0.06 -19.47
N ILE B 627 56.16 0.90 -20.40
CA ILE B 627 55.49 0.80 -21.68
C ILE B 627 56.01 -0.39 -22.48
N GLU B 628 57.33 -0.60 -22.47
CA GLU B 628 57.90 -1.73 -23.21
C GLU B 628 57.47 -3.06 -22.62
N GLU B 629 57.45 -3.18 -21.28
CA GLU B 629 57.00 -4.41 -20.64
C GLU B 629 55.52 -4.67 -20.91
N PHE B 630 54.69 -3.62 -20.87
CA PHE B 630 53.27 -3.78 -21.16
C PHE B 630 53.05 -4.20 -22.60
N ILE B 631 53.81 -3.63 -23.54
CA ILE B 631 53.70 -4.01 -24.94
C ILE B 631 54.12 -5.47 -25.13
N ARG B 632 55.19 -5.89 -24.45
CA ARG B 632 55.65 -7.28 -24.53
C ARG B 632 54.60 -8.24 -23.97
N VAL B 633 54.00 -7.91 -22.83
CA VAL B 633 53.00 -8.78 -22.22
C VAL B 633 51.74 -8.84 -23.08
N ALA B 634 51.30 -7.70 -23.62
CA ALA B 634 50.11 -7.69 -24.47
C ALA B 634 50.35 -8.44 -25.77
N ALA B 635 51.56 -8.34 -26.32
CA ALA B 635 51.88 -9.09 -27.53
C ALA B 635 51.98 -10.58 -27.25
N HIS B 636 52.45 -10.96 -26.06
CA HIS B 636 52.52 -12.37 -25.70
C HIS B 636 51.13 -12.95 -25.47
N GLU B 637 50.22 -12.18 -24.88
CA GLU B 637 48.91 -12.70 -24.53
C GLU B 637 47.96 -12.79 -25.70
N GLY B 638 48.25 -12.15 -26.83
CA GLY B 638 47.44 -12.35 -28.00
C GLY B 638 47.15 -11.14 -28.87
N ILE B 639 47.63 -9.97 -28.47
CA ILE B 639 47.42 -8.76 -29.26
C ILE B 639 48.45 -8.71 -30.38
N ASP B 640 47.99 -8.50 -31.60
CA ASP B 640 48.86 -8.54 -32.77
C ASP B 640 49.01 -7.20 -33.48
N VAL B 641 47.99 -6.34 -33.46
CA VAL B 641 48.05 -5.02 -34.07
C VAL B 641 47.94 -3.97 -32.98
N PHE B 642 48.88 -3.04 -32.96
CA PHE B 642 48.89 -1.94 -32.01
C PHE B 642 48.67 -0.65 -32.77
N ARG B 643 47.49 -0.04 -32.57
CA ARG B 643 47.20 1.26 -33.16
C ARG B 643 47.71 2.31 -32.19
N ILE B 644 48.99 2.64 -32.30
CA ILE B 644 49.61 3.64 -31.44
C ILE B 644 49.34 5.02 -32.00
N PHE B 645 48.60 5.83 -31.24
CA PHE B 645 48.40 7.23 -31.58
C PHE B 645 48.95 8.08 -30.45
N ASP B 646 48.97 9.39 -30.67
CA ASP B 646 49.36 10.33 -29.64
C ASP B 646 48.25 11.34 -29.42
N SER B 647 48.19 11.87 -28.20
CA SER B 647 47.14 12.81 -27.84
C SER B 647 47.28 14.12 -28.60
N LEU B 648 48.51 14.59 -28.81
CA LEU B 648 48.77 15.85 -29.50
C LEU B 648 49.56 15.65 -30.78
N ASN B 649 49.56 14.43 -31.33
CA ASN B 649 50.26 14.06 -32.57
C ASN B 649 51.75 14.36 -32.49
N TRP B 650 52.34 14.12 -31.33
CA TRP B 650 53.77 14.31 -31.12
C TRP B 650 54.48 12.98 -31.24
N LEU B 651 55.38 12.88 -32.21
CA LEU B 651 56.06 11.64 -32.60
C LEU B 651 57.11 11.13 -31.60
N PRO B 652 57.83 11.99 -30.83
CA PRO B 652 58.65 11.43 -29.74
C PRO B 652 57.86 10.59 -28.73
N GLN B 653 56.60 10.93 -28.46
CA GLN B 653 55.79 10.12 -27.56
C GLN B 653 55.35 8.81 -28.19
N MET B 654 55.53 8.64 -29.50
CA MET B 654 55.17 7.40 -30.19
C MET B 654 56.37 6.58 -30.61
N GLU B 655 57.58 7.16 -30.55
CA GLU B 655 58.78 6.47 -31.04
C GLU B 655 59.06 5.18 -30.28
N LYS B 656 59.07 5.26 -28.95
CA LYS B 656 59.41 4.10 -28.13
C LYS B 656 58.34 3.01 -28.24
N SER B 657 57.07 3.41 -28.29
CA SER B 657 55.99 2.43 -28.43
C SER B 657 56.04 1.72 -29.78
N ILE B 658 56.29 2.48 -30.86
CA ILE B 658 56.40 1.88 -32.18
C ILE B 658 57.58 0.93 -32.25
N GLN B 659 58.72 1.34 -31.67
CA GLN B 659 59.91 0.49 -31.67
C GLN B 659 59.69 -0.78 -30.85
N ALA B 660 59.01 -0.67 -29.72
CA ALA B 660 58.74 -1.85 -28.89
C ALA B 660 57.80 -2.82 -29.59
N VAL B 661 56.75 -2.30 -30.25
CA VAL B 661 55.84 -3.18 -30.98
C VAL B 661 56.55 -3.84 -32.15
N ARG B 662 57.39 -3.09 -32.86
CA ARG B 662 58.14 -3.66 -33.99
C ARG B 662 59.12 -4.73 -33.53
N ASP B 663 59.81 -4.49 -32.42
CA ASP B 663 60.78 -5.45 -31.90
C ASP B 663 60.15 -6.62 -31.17
N ASN B 664 58.86 -6.54 -30.83
CA ASN B 664 58.17 -7.66 -30.20
C ASN B 664 57.56 -8.61 -31.21
N GLY B 665 57.77 -8.40 -32.50
CA GLY B 665 57.31 -9.32 -33.52
C GLY B 665 55.89 -9.12 -34.00
N LYS B 666 55.25 -8.01 -33.63
CA LYS B 666 53.86 -7.73 -34.01
C LYS B 666 53.82 -6.60 -35.02
N ILE B 667 52.61 -6.19 -35.36
CA ILE B 667 52.38 -5.13 -36.35
C ILE B 667 52.20 -3.80 -35.64
N ALA B 668 53.01 -2.82 -36.03
CA ALA B 668 52.93 -1.48 -35.47
C ALA B 668 52.17 -0.58 -36.43
N GLU B 669 51.11 0.06 -35.93
CA GLU B 669 50.24 0.91 -36.74
C GLU B 669 50.32 2.32 -36.18
N ALA B 670 51.25 3.11 -36.71
CA ALA B 670 51.34 4.51 -36.34
C ALA B 670 50.14 5.28 -36.87
N THR B 671 49.74 6.31 -36.13
CA THR B 671 48.45 6.92 -36.35
C THR B 671 48.56 8.44 -36.37
N ILE B 672 47.91 9.06 -37.35
CA ILE B 672 47.79 10.51 -37.43
C ILE B 672 46.39 10.89 -36.94
N CYS B 673 46.32 11.71 -35.91
CA CYS B 673 45.04 12.17 -35.40
C CYS B 673 44.55 13.33 -36.26
N TYR B 674 43.38 13.17 -36.87
CA TYR B 674 42.83 14.18 -37.76
C TYR B 674 42.04 15.21 -36.97
N THR B 675 42.14 16.47 -37.39
CA THR B 675 41.39 17.55 -36.80
C THR B 675 41.28 18.68 -37.82
N GLY B 676 40.32 19.58 -37.58
CA GLY B 676 40.13 20.70 -38.48
C GLY B 676 39.60 20.27 -39.84
N ASP B 677 39.86 21.12 -40.83
CA ASP B 677 39.47 20.87 -42.21
C ASP B 677 40.65 21.18 -43.11
N ILE B 678 40.95 20.25 -44.02
CA ILE B 678 42.05 20.45 -44.96
C ILE B 678 41.62 21.16 -46.23
N LEU B 679 40.32 21.31 -46.47
CA LEU B 679 39.81 22.02 -47.63
C LEU B 679 39.25 23.39 -47.27
N ASP B 680 39.47 23.83 -46.03
CA ASP B 680 39.03 25.15 -45.58
C ASP B 680 40.24 26.06 -45.44
N PRO B 681 40.37 27.11 -46.26
CA PRO B 681 41.53 27.99 -46.14
C PRO B 681 41.52 28.84 -44.87
N SER B 682 40.38 28.97 -44.19
CA SER B 682 40.31 29.77 -42.98
C SER B 682 40.98 29.11 -41.78
N ARG B 683 41.35 27.83 -41.88
CA ARG B 683 42.03 27.11 -40.82
C ARG B 683 43.34 26.58 -41.38
N PRO B 684 44.41 27.38 -41.38
CA PRO B 684 45.67 26.97 -42.00
C PRO B 684 46.64 26.25 -41.08
N LYS B 685 46.29 26.04 -39.80
CA LYS B 685 47.22 25.38 -38.89
C LYS B 685 47.37 23.90 -39.21
N TYR B 686 46.30 23.25 -39.65
CA TYR B 686 46.34 21.84 -40.05
C TYR B 686 45.92 21.78 -41.51
N ASN B 687 46.88 21.94 -42.40
CA ASN B 687 46.64 21.83 -43.83
C ASN B 687 47.05 20.44 -44.30
N ILE B 688 47.04 20.23 -45.62
CA ILE B 688 47.48 18.96 -46.17
C ILE B 688 48.99 18.80 -46.00
N GLN B 689 49.73 19.91 -46.00
CA GLN B 689 51.18 19.84 -45.87
C GLN B 689 51.59 19.34 -44.49
N TYR B 690 50.87 19.74 -43.44
CA TYR B 690 51.20 19.27 -42.10
C TYR B 690 50.99 17.76 -41.97
N TYR B 691 49.90 17.24 -42.53
CA TYR B 691 49.66 15.81 -42.50
C TYR B 691 50.65 15.06 -43.39
N LYS B 692 51.08 15.67 -44.50
CA LYS B 692 52.11 15.05 -45.33
C LYS B 692 53.44 14.96 -44.60
N ASP B 693 53.82 16.03 -43.88
CA ASP B 693 55.04 16.00 -43.08
C ASP B 693 54.96 14.97 -41.97
N LEU B 694 53.81 14.88 -41.30
CA LEU B 694 53.63 13.89 -40.25
C LEU B 694 53.69 12.47 -40.80
N ALA B 695 53.09 12.24 -41.98
CA ALA B 695 53.13 10.92 -42.59
C ALA B 695 54.55 10.54 -43.01
N LYS B 696 55.31 11.49 -43.57
CA LYS B 696 56.71 11.23 -43.91
C LYS B 696 57.54 10.93 -42.67
N GLU B 697 57.33 11.69 -41.60
CA GLU B 697 58.09 11.49 -40.37
C GLU B 697 57.75 10.15 -39.71
N LEU B 698 56.48 9.73 -39.78
CA LEU B 698 56.11 8.42 -39.26
C LEU B 698 56.59 7.29 -40.16
N GLU B 699 56.68 7.54 -41.47
CA GLU B 699 57.25 6.55 -42.39
C GLU B 699 58.75 6.38 -42.14
N ALA B 700 59.41 7.44 -41.65
CA ALA B 700 60.83 7.33 -41.30
C ALA B 700 61.06 6.34 -40.16
N THR B 701 60.05 6.10 -39.32
CA THR B 701 60.15 5.10 -38.26
C THR B 701 59.84 3.72 -38.84
N GLY B 702 59.78 2.71 -37.98
CA GLY B 702 59.52 1.36 -38.42
C GLY B 702 58.06 0.97 -38.38
N ALA B 703 57.18 1.92 -38.72
CA ALA B 703 55.75 1.68 -38.70
C ALA B 703 55.33 0.83 -39.89
N HIS B 704 54.55 -0.23 -39.63
CA HIS B 704 54.09 -1.09 -40.71
C HIS B 704 52.97 -0.43 -41.50
N ILE B 705 51.98 0.14 -40.82
CA ILE B 705 50.78 0.67 -41.46
C ILE B 705 50.51 2.06 -40.91
N LEU B 706 50.28 3.01 -41.81
CA LEU B 706 49.85 4.34 -41.41
C LEU B 706 48.35 4.34 -41.12
N ALA B 707 47.95 5.03 -40.07
CA ALA B 707 46.55 5.10 -39.66
C ALA B 707 46.10 6.55 -39.59
N VAL B 708 44.86 6.79 -39.99
CA VAL B 708 44.26 8.12 -39.89
C VAL B 708 43.04 8.06 -38.98
N KCX B 709 43.21 8.49 -37.74
CA KCX B 709 42.13 8.44 -36.76
CB KCX B 709 42.69 8.17 -35.36
CG KCX B 709 41.65 7.98 -34.28
CD KCX B 709 42.30 8.02 -32.90
CE KCX B 709 41.32 7.64 -31.81
NZ KCX B 709 41.00 6.19 -31.83
C KCX B 709 41.32 9.72 -36.74
O KCX B 709 41.80 10.76 -36.31
CX KCX B 709 39.75 5.79 -32.04
OQ1 KCX B 709 39.50 4.58 -32.05
OQ2 KCX B 709 38.85 6.62 -32.22
N ASP B 710 40.08 9.62 -37.21
CA ASP B 710 39.15 10.73 -37.09
C ASP B 710 38.22 10.45 -35.91
N MET B 711 38.61 10.96 -34.73
CA MET B 711 37.89 10.65 -33.51
C MET B 711 36.55 11.35 -33.39
N ALA B 712 36.29 12.38 -34.21
CA ALA B 712 35.08 13.18 -34.07
C ALA B 712 34.24 13.19 -35.34
N GLY B 713 34.56 12.36 -36.33
CA GLY B 713 33.79 12.33 -37.56
C GLY B 713 33.90 13.61 -38.38
N LEU B 714 35.08 14.21 -38.42
CA LEU B 714 35.29 15.49 -39.10
C LEU B 714 35.70 15.34 -40.56
N LEU B 715 35.95 14.12 -41.03
CA LEU B 715 36.51 13.92 -42.36
C LEU B 715 35.40 14.00 -43.40
N LYS B 716 35.35 15.10 -44.14
CA LYS B 716 34.42 15.24 -45.24
C LYS B 716 34.85 14.33 -46.40
N PRO B 717 33.90 13.90 -47.25
CA PRO B 717 34.26 12.93 -48.31
C PRO B 717 35.28 13.43 -49.32
N GLN B 718 35.13 14.67 -49.79
CA GLN B 718 36.14 15.24 -50.68
C GLN B 718 37.45 15.46 -49.94
N ALA B 719 37.36 15.88 -48.66
CA ALA B 719 38.55 16.00 -47.83
C ALA B 719 39.19 14.63 -47.60
N ALA B 720 38.37 13.59 -47.45
CA ALA B 720 38.90 12.23 -47.31
C ALA B 720 39.63 11.80 -48.57
N TYR B 721 39.05 12.06 -49.74
CA TYR B 721 39.68 11.70 -51.00
C TYR B 721 41.01 12.44 -51.17
N ARG B 722 41.01 13.74 -50.87
CA ARG B 722 42.23 14.54 -51.02
C ARG B 722 43.32 14.06 -50.05
N LEU B 723 42.94 13.80 -48.79
CA LEU B 723 43.93 13.39 -47.80
C LEU B 723 44.51 12.01 -48.12
N ILE B 724 43.67 11.05 -48.50
CA ILE B 724 44.17 9.72 -48.80
C ILE B 724 45.01 9.74 -50.08
N SER B 725 44.64 10.58 -51.06
CA SER B 725 45.43 10.67 -52.29
C SER B 725 46.80 11.28 -52.02
N GLU B 726 46.86 12.41 -51.31
CA GLU B 726 48.15 13.03 -51.04
C GLU B 726 48.97 12.27 -50.00
N LEU B 727 48.36 11.36 -49.24
CA LEU B 727 49.15 10.50 -48.38
C LEU B 727 49.64 9.24 -49.10
N LYS B 728 48.89 8.75 -50.09
CA LYS B 728 49.36 7.64 -50.90
C LYS B 728 50.48 8.07 -51.85
N ASP B 729 50.42 9.31 -52.33
CA ASP B 729 51.50 9.82 -53.18
C ASP B 729 52.77 10.12 -52.40
N THR B 730 52.67 10.26 -51.08
CA THR B 730 53.82 10.65 -50.26
C THR B 730 54.57 9.44 -49.71
N VAL B 731 53.88 8.57 -48.98
CA VAL B 731 54.49 7.42 -48.34
C VAL B 731 54.01 6.15 -49.03
N ASP B 732 54.68 5.05 -48.72
CA ASP B 732 54.35 3.75 -49.29
C ASP B 732 53.64 2.83 -48.31
N LEU B 733 53.42 3.27 -47.08
CA LEU B 733 52.72 2.45 -46.10
C LEU B 733 51.24 2.35 -46.46
N PRO B 734 50.59 1.24 -46.13
CA PRO B 734 49.14 1.16 -46.27
C PRO B 734 48.45 2.13 -45.33
N ILE B 735 47.29 2.64 -45.78
CA ILE B 735 46.55 3.65 -45.03
C ILE B 735 45.34 2.99 -44.40
N HIS B 736 45.18 3.20 -43.10
CA HIS B 736 44.05 2.68 -42.33
C HIS B 736 43.21 3.87 -41.89
N LEU B 737 41.92 3.86 -42.24
CA LEU B 737 41.03 4.97 -41.94
C LEU B 737 40.07 4.58 -40.82
N HIS B 738 39.98 5.44 -39.81
CA HIS B 738 39.05 5.27 -38.70
C HIS B 738 38.29 6.57 -38.52
N THR B 739 36.99 6.54 -38.79
CA THR B 739 36.14 7.72 -38.65
C THR B 739 34.82 7.31 -38.03
N HIS B 740 34.08 8.32 -37.55
CA HIS B 740 32.79 8.12 -36.91
C HIS B 740 31.67 8.63 -37.81
N ASP B 741 30.46 8.18 -37.49
CA ASP B 741 29.26 8.52 -38.26
C ASP B 741 28.43 9.60 -37.58
N THR B 742 29.02 10.34 -36.63
CA THR B 742 28.25 11.30 -35.84
C THR B 742 27.75 12.48 -36.67
N SER B 743 28.40 12.80 -37.78
CA SER B 743 27.90 13.80 -38.70
C SER B 743 26.94 13.24 -39.74
N GLY B 744 26.77 11.92 -39.76
CA GLY B 744 25.94 11.27 -40.76
C GLY B 744 26.60 11.05 -42.10
N ASN B 745 27.89 11.37 -42.23
CA ASN B 745 28.58 11.26 -43.51
C ASN B 745 29.78 10.33 -43.40
N GLY B 746 29.59 9.17 -42.79
CA GLY B 746 30.69 8.23 -42.63
C GLY B 746 30.81 7.22 -43.76
N ILE B 747 29.66 6.76 -44.27
CA ILE B 747 29.65 5.81 -45.37
C ILE B 747 30.22 6.45 -46.64
N ILE B 748 29.81 7.67 -46.94
CA ILE B 748 30.31 8.37 -48.11
C ILE B 748 31.78 8.74 -47.92
N THR B 749 32.21 9.03 -46.69
CA THR B 749 33.63 9.27 -46.41
C THR B 749 34.46 8.02 -46.68
N TYR B 750 33.98 6.86 -46.22
CA TYR B 750 34.68 5.61 -46.46
C TYR B 750 34.73 5.27 -47.95
N SER B 751 33.64 5.54 -48.67
CA SER B 751 33.62 5.30 -50.11
C SER B 751 34.59 6.22 -50.84
N GLY B 752 34.65 7.49 -50.43
CA GLY B 752 35.59 8.42 -51.04
C GLY B 752 37.04 8.06 -50.76
N ALA B 753 37.32 7.54 -49.56
CA ALA B 753 38.66 7.04 -49.28
C ALA B 753 38.96 5.79 -50.08
N THR B 754 37.94 4.94 -50.31
CA THR B 754 38.12 3.75 -51.13
C THR B 754 38.46 4.11 -52.57
N GLN B 755 37.83 5.17 -53.10
CA GLN B 755 38.19 5.65 -54.43
C GLN B 755 39.59 6.23 -54.48
N ALA B 756 40.12 6.72 -53.36
CA ALA B 756 41.48 7.20 -53.27
C ALA B 756 42.47 6.10 -52.91
N GLY B 757 42.07 4.85 -53.04
CA GLY B 757 42.94 3.72 -52.77
C GLY B 757 43.32 3.51 -51.33
N VAL B 758 42.38 3.72 -50.40
CA VAL B 758 42.63 3.33 -49.01
C VAL B 758 42.62 1.81 -48.91
N ASP B 759 43.30 1.30 -47.88
CA ASP B 759 43.48 -0.15 -47.74
C ASP B 759 42.50 -0.75 -46.74
N ILE B 760 42.50 -0.27 -45.49
CA ILE B 760 41.65 -0.81 -44.44
C ILE B 760 40.82 0.32 -43.86
N ILE B 761 39.56 0.03 -43.55
CA ILE B 761 38.67 0.98 -42.90
C ILE B 761 38.04 0.31 -41.68
N ASP B 762 37.77 1.11 -40.65
CA ASP B 762 37.22 0.60 -39.39
C ASP B 762 35.69 0.65 -39.45
N VAL B 763 35.05 -0.51 -39.29
CA VAL B 763 33.60 -0.60 -39.31
C VAL B 763 33.14 -1.41 -38.10
N ALA B 764 31.83 -1.42 -37.89
CA ALA B 764 31.20 -2.17 -36.82
C ALA B 764 29.93 -2.84 -37.36
N THR B 765 29.38 -3.77 -36.58
CA THR B 765 28.14 -4.41 -36.98
C THR B 765 26.98 -3.43 -36.90
N ALA B 766 25.95 -3.69 -37.69
CA ALA B 766 24.90 -2.70 -37.92
C ALA B 766 24.02 -2.47 -36.70
N SER B 767 23.96 -3.42 -35.77
CA SER B 767 23.24 -3.18 -34.52
C SER B 767 23.92 -2.10 -33.69
N LEU B 768 25.25 -2.11 -33.67
CA LEU B 768 26.03 -1.18 -32.86
C LEU B 768 26.72 -0.11 -33.72
N ALA B 769 26.22 0.13 -34.92
CA ALA B 769 26.76 1.14 -35.81
C ALA B 769 25.85 2.36 -35.84
N GLY B 770 26.28 3.38 -36.57
CA GLY B 770 25.52 4.59 -36.72
C GLY B 770 25.58 5.48 -35.49
N GLY B 771 25.24 6.74 -35.70
CA GLY B 771 25.31 7.70 -34.61
C GLY B 771 26.75 7.93 -34.20
N THR B 772 27.02 7.83 -32.90
CA THR B 772 28.35 8.13 -32.38
C THR B 772 29.37 7.06 -32.75
N SER B 773 28.93 5.88 -33.19
CA SER B 773 29.83 4.79 -33.51
C SER B 773 30.25 4.84 -34.98
N GLN B 774 30.98 3.81 -35.41
CA GLN B 774 31.48 3.70 -36.77
C GLN B 774 30.37 3.33 -37.73
N PRO B 775 30.56 3.61 -39.03
CA PRO B 775 29.60 3.13 -40.03
C PRO B 775 29.59 1.61 -40.12
N SER B 776 28.45 1.06 -40.53
CA SER B 776 28.27 -0.38 -40.55
C SER B 776 29.06 -1.03 -41.69
N MET B 777 29.46 -2.28 -41.47
CA MET B 777 30.17 -3.03 -42.50
C MET B 777 29.23 -3.40 -43.65
N GLN B 778 27.98 -3.70 -43.34
CA GLN B 778 27.02 -4.11 -44.36
C GLN B 778 26.67 -2.95 -45.29
N SER B 779 26.51 -1.75 -44.73
CA SER B 779 26.19 -0.58 -45.55
C SER B 779 27.37 -0.20 -46.45
N ILE B 780 28.60 -0.30 -45.92
CA ILE B 780 29.76 0.00 -46.76
C ILE B 780 30.04 -1.12 -47.75
N TYR B 781 29.54 -2.34 -47.50
CA TYR B 781 29.61 -3.38 -48.51
C TYR B 781 28.61 -3.13 -49.63
N TYR B 782 27.39 -2.74 -49.27
CA TYR B 782 26.36 -2.50 -50.28
C TYR B 782 26.57 -1.17 -51.01
N ALA B 783 27.38 -0.27 -50.45
CA ALA B 783 27.72 0.97 -51.15
C ALA B 783 28.83 0.77 -52.17
N LEU B 784 29.50 -0.37 -52.16
CA LEU B 784 30.58 -0.67 -53.11
C LEU B 784 30.28 -1.93 -53.90
N GLU B 785 29.01 -2.18 -54.20
CA GLU B 785 28.64 -3.40 -54.92
C GLU B 785 29.00 -3.29 -56.40
N HIS B 786 28.82 -2.12 -56.99
CA HIS B 786 29.02 -1.94 -58.42
C HIS B 786 30.11 -0.91 -58.74
N GLY B 787 30.90 -0.52 -57.75
CA GLY B 787 32.02 0.36 -57.99
C GLY B 787 33.23 -0.40 -58.48
N PRO B 788 34.28 0.35 -58.82
CA PRO B 788 35.54 -0.30 -59.22
C PRO B 788 36.18 -1.12 -58.10
N ARG B 789 36.00 -0.73 -56.85
CA ARG B 789 36.56 -1.43 -55.71
C ARG B 789 35.44 -2.01 -54.86
N HIS B 790 35.58 -3.27 -54.46
CA HIS B 790 34.60 -3.93 -53.63
C HIS B 790 35.11 -4.02 -52.19
N ALA B 791 34.25 -4.52 -51.31
CA ALA B 791 34.60 -4.72 -49.91
C ALA B 791 34.70 -6.22 -49.63
N SER B 792 35.80 -6.62 -48.99
CA SER B 792 36.08 -8.04 -48.74
C SER B 792 35.36 -8.46 -47.46
N ILE B 793 34.13 -8.93 -47.62
CA ILE B 793 33.34 -9.44 -46.50
C ILE B 793 32.26 -10.36 -47.06
N ASN B 794 31.71 -11.22 -46.19
CA ASN B 794 30.55 -12.03 -46.51
C ASN B 794 29.35 -11.43 -45.79
N VAL B 795 28.49 -10.74 -46.54
CA VAL B 795 27.46 -9.93 -45.92
C VAL B 795 26.32 -10.77 -45.33
N LYS B 796 26.11 -12.00 -45.81
CA LYS B 796 25.08 -12.84 -45.23
C LYS B 796 25.46 -13.26 -43.81
N ASN B 797 26.71 -13.68 -43.62
CA ASN B 797 27.22 -13.96 -42.29
C ASN B 797 27.24 -12.71 -41.43
N ALA B 798 27.52 -11.55 -42.03
CA ALA B 798 27.50 -10.29 -41.29
C ALA B 798 26.11 -9.96 -40.76
N GLU B 799 25.09 -10.17 -41.57
CA GLU B 799 23.71 -9.91 -41.13
C GLU B 799 23.27 -10.95 -40.09
N GLN B 800 23.72 -12.19 -40.25
CA GLN B 800 23.39 -13.22 -39.27
C GLN B 800 24.01 -12.93 -37.91
N ILE B 801 25.25 -12.42 -37.90
CA ILE B 801 25.89 -11.99 -36.66
C ILE B 801 25.22 -10.73 -36.12
N ASP B 802 24.76 -9.86 -37.03
CA ASP B 802 24.06 -8.64 -36.67
C ASP B 802 22.77 -8.93 -35.90
N HIS B 803 22.11 -10.03 -36.24
CA HIS B 803 20.92 -10.44 -35.48
C HIS B 803 21.26 -10.71 -34.00
N TYR B 804 22.33 -11.45 -33.76
CA TYR B 804 22.77 -11.71 -32.39
C TYR B 804 23.17 -10.43 -31.69
N TRP B 805 23.85 -9.53 -32.41
CA TRP B 805 24.30 -8.29 -31.79
C TRP B 805 23.13 -7.40 -31.41
N GLU B 806 22.08 -7.38 -32.22
CA GLU B 806 20.86 -6.66 -31.84
C GLU B 806 20.21 -7.30 -30.62
N ASP B 807 20.14 -8.63 -30.59
CA ASP B 807 19.50 -9.33 -29.48
C ASP B 807 20.24 -9.12 -28.17
N VAL B 808 21.56 -9.00 -28.22
CA VAL B 808 22.32 -8.74 -27.00
C VAL B 808 22.49 -7.25 -26.71
N ARG B 809 22.28 -6.37 -27.70
CA ARG B 809 22.20 -4.95 -27.43
C ARG B 809 20.89 -4.58 -26.75
N LYS B 810 19.87 -5.43 -26.89
CA LYS B 810 18.66 -5.26 -26.10
C LYS B 810 18.90 -5.41 -24.60
N TYR B 811 19.99 -6.08 -24.20
CA TYR B 811 20.28 -6.27 -22.78
C TYR B 811 20.68 -4.96 -22.10
N TYR B 812 21.43 -4.11 -22.79
CA TYR B 812 22.03 -2.92 -22.18
C TYR B 812 21.13 -1.71 -22.28
N ALA B 813 19.88 -1.86 -21.83
CA ALA B 813 18.92 -0.76 -21.79
C ALA B 813 19.31 0.39 -20.85
N PRO B 814 19.78 0.16 -19.60
CA PRO B 814 20.14 1.32 -18.77
C PRO B 814 21.39 2.06 -19.23
N PHE B 815 22.23 1.45 -20.07
CA PHE B 815 23.46 2.08 -20.53
C PHE B 815 23.33 2.75 -21.88
N GLU B 816 22.12 2.82 -22.43
CA GLU B 816 21.92 3.51 -23.69
C GLU B 816 22.04 5.02 -23.52
N ALA B 817 22.46 5.69 -24.58
CA ALA B 817 22.67 7.14 -24.58
C ALA B 817 21.48 7.89 -25.18
N GLY B 818 20.27 7.38 -24.98
CA GLY B 818 19.10 8.05 -25.50
C GLY B 818 18.94 7.87 -27.00
N ILE B 819 18.10 8.71 -27.58
CA ILE B 819 17.83 8.66 -29.02
C ILE B 819 19.00 9.29 -29.77
N THR B 820 19.57 8.56 -30.70
CA THR B 820 20.68 9.04 -31.51
C THR B 820 20.15 9.68 -32.80
N SER B 821 20.95 10.58 -33.35
CA SER B 821 20.60 11.31 -34.56
C SER B 821 21.88 11.86 -35.18
N PRO B 822 21.89 12.09 -36.49
CA PRO B 822 23.08 12.71 -37.11
C PRO B 822 23.20 14.17 -36.69
N GLN B 823 24.15 14.45 -35.81
CA GLN B 823 24.40 15.80 -35.31
C GLN B 823 25.56 16.39 -36.11
N THR B 824 25.25 17.38 -36.95
CA THR B 824 26.25 18.07 -37.75
C THR B 824 26.89 19.22 -37.01
N GLU B 825 26.50 19.46 -35.75
CA GLU B 825 27.18 20.43 -34.91
C GLU B 825 28.56 19.94 -34.49
N VAL B 826 28.90 18.68 -34.75
CA VAL B 826 30.24 18.15 -34.51
C VAL B 826 31.29 18.74 -35.43
N TYR B 827 30.90 19.58 -36.40
CA TYR B 827 31.85 20.33 -37.20
C TYR B 827 32.31 21.61 -36.52
N MET B 828 31.46 22.20 -35.66
CA MET B 828 31.87 23.42 -34.95
C MET B 828 32.68 23.06 -33.70
N HIS B 829 32.05 22.36 -32.76
CA HIS B 829 32.79 21.77 -31.65
C HIS B 829 33.25 20.37 -32.04
N GLU B 830 34.43 19.99 -31.58
CA GLU B 830 35.07 18.78 -32.09
C GLU B 830 35.36 17.81 -30.96
N MET B 831 34.37 17.57 -30.11
CA MET B 831 34.50 16.52 -29.11
C MET B 831 34.55 15.16 -29.78
N PRO B 832 35.37 14.24 -29.28
CA PRO B 832 35.39 12.87 -29.84
C PRO B 832 34.12 12.09 -29.54
N GLY B 833 34.07 10.84 -30.01
CA GLY B 833 32.87 10.04 -29.83
C GLY B 833 32.60 9.69 -28.38
N GLY B 834 33.64 9.27 -27.65
CA GLY B 834 33.44 8.84 -26.28
C GLY B 834 33.34 10.00 -25.31
N GLN B 835 33.95 11.13 -25.65
CA GLN B 835 34.02 12.24 -24.71
C GLN B 835 32.70 12.99 -24.57
N TYR B 836 31.84 12.93 -25.60
CA TYR B 836 30.60 13.71 -25.59
C TYR B 836 29.65 13.21 -24.51
N THR B 837 29.45 11.89 -24.43
CA THR B 837 28.55 11.34 -23.42
C THR B 837 29.10 11.53 -22.01
N ASN B 838 30.42 11.41 -21.85
CA ASN B 838 31.03 11.63 -20.54
C ASN B 838 30.89 13.07 -20.10
N LEU B 839 31.09 14.02 -21.02
CA LEU B 839 30.91 15.44 -20.68
C LEU B 839 29.46 15.75 -20.39
N LYS B 840 28.54 15.12 -21.12
CA LYS B 840 27.11 15.31 -20.84
C LYS B 840 26.73 14.79 -19.47
N SER B 841 27.27 13.62 -19.09
CA SER B 841 26.99 13.06 -17.77
C SER B 841 27.59 13.93 -16.66
N GLN B 842 28.82 14.43 -16.87
CA GLN B 842 29.44 15.29 -15.89
C GLN B 842 28.70 16.63 -15.76
N ALA B 843 28.18 17.14 -16.87
CA ALA B 843 27.37 18.36 -16.81
C ALA B 843 26.02 18.11 -16.18
N ALA B 844 25.47 16.90 -16.33
CA ALA B 844 24.19 16.56 -15.71
C ALA B 844 24.32 16.31 -14.21
N ALA B 845 25.50 15.87 -13.76
CA ALA B 845 25.71 15.64 -12.33
C ALA B 845 25.72 16.94 -11.53
N VAL B 846 25.93 18.07 -12.19
CA VAL B 846 25.90 19.39 -11.56
C VAL B 846 24.70 20.12 -12.16
N GLY B 847 24.21 21.15 -11.45
CA GLY B 847 23.04 21.89 -11.89
C GLY B 847 23.18 22.75 -13.14
N LEU B 848 24.32 22.69 -13.84
CA LEU B 848 24.55 23.48 -15.04
C LEU B 848 24.18 22.76 -16.32
N GLY B 849 23.59 21.57 -16.24
CA GLY B 849 23.42 20.72 -17.42
C GLY B 849 22.38 21.21 -18.40
N HIS B 850 21.56 22.20 -18.02
CA HIS B 850 20.53 22.69 -18.94
C HIS B 850 21.12 23.55 -20.05
N ARG B 851 22.21 24.26 -19.79
CA ARG B 851 22.86 25.08 -20.82
C ARG B 851 23.98 24.31 -21.52
N PHE B 852 23.62 23.14 -22.08
CA PHE B 852 24.60 22.32 -22.78
C PHE B 852 25.06 22.97 -24.08
N ASP B 853 24.20 23.78 -24.71
CA ASP B 853 24.62 24.55 -25.88
C ASP B 853 25.69 25.58 -25.50
N GLU B 854 25.51 26.25 -24.36
CA GLU B 854 26.53 27.16 -23.86
C GLU B 854 27.80 26.41 -23.49
N ILE B 855 27.67 25.19 -22.97
CA ILE B 855 28.84 24.37 -22.66
C ILE B 855 29.60 24.02 -23.95
N LYS B 856 28.86 23.67 -25.00
CA LYS B 856 29.47 23.37 -26.29
C LYS B 856 30.18 24.58 -26.89
N GLN B 857 29.54 25.76 -26.78
CA GLN B 857 30.18 26.99 -27.25
C GLN B 857 31.44 27.31 -26.46
N MET B 858 31.39 27.09 -25.14
CA MET B 858 32.57 27.28 -24.30
C MET B 858 33.68 26.31 -24.70
N TYR B 859 33.30 25.06 -25.01
CA TYR B 859 34.28 24.06 -25.45
C TYR B 859 34.96 24.49 -26.74
N ARG B 860 34.17 24.98 -27.70
CA ARG B 860 34.74 25.42 -28.98
C ARG B 860 35.66 26.62 -28.80
N LYS B 861 35.22 27.62 -28.01
CA LYS B 861 36.06 28.80 -27.86
C LYS B 861 37.27 28.53 -26.97
N VAL B 862 37.18 27.57 -26.05
CA VAL B 862 38.33 27.19 -25.25
C VAL B 862 39.36 26.46 -26.11
N ASN B 863 38.89 25.59 -27.03
CA ASN B 863 39.79 24.95 -27.98
C ASN B 863 40.46 25.98 -28.88
N MET B 864 39.71 26.98 -29.34
CA MET B 864 40.31 28.04 -30.14
C MET B 864 41.27 28.88 -29.32
N MET B 865 40.99 29.08 -28.03
CA MET B 865 41.84 29.86 -27.15
C MET B 865 43.15 29.15 -26.83
N PHE B 866 43.12 27.83 -26.72
CA PHE B 866 44.30 27.02 -26.40
C PHE B 866 45.25 26.84 -27.58
N GLY B 867 45.07 27.60 -28.68
CA GLY B 867 45.94 27.45 -29.83
C GLY B 867 45.53 26.38 -30.80
N ASP B 868 44.26 25.94 -30.76
CA ASP B 868 43.69 24.93 -31.65
C ASP B 868 44.46 23.61 -31.55
N ILE B 869 44.40 23.02 -30.37
CA ILE B 869 45.07 21.75 -30.10
C ILE B 869 44.22 20.61 -30.63
N ILE B 870 44.83 19.42 -30.76
CA ILE B 870 44.11 18.23 -31.20
C ILE B 870 43.37 17.66 -30.00
N LYS B 871 42.05 17.52 -30.13
CA LYS B 871 41.19 17.12 -29.02
C LYS B 871 40.89 15.64 -29.13
N VAL B 872 41.71 14.82 -28.46
CA VAL B 872 41.44 13.41 -28.29
C VAL B 872 41.89 13.07 -26.87
N THR B 873 41.50 11.90 -26.38
CA THR B 873 41.85 11.52 -25.02
C THR B 873 43.36 11.36 -24.88
N PRO B 874 43.98 11.92 -23.83
CA PRO B 874 43.39 12.72 -22.75
C PRO B 874 43.35 14.24 -22.97
N SER B 875 43.75 14.78 -24.11
CA SER B 875 43.68 16.23 -24.29
C SER B 875 42.27 16.74 -24.48
N SER B 876 41.35 15.90 -24.99
CA SER B 876 39.95 16.29 -25.05
C SER B 876 39.35 16.43 -23.66
N LYS B 877 39.81 15.62 -22.71
CA LYS B 877 39.39 15.75 -21.32
C LYS B 877 39.84 17.08 -20.74
N VAL B 878 41.02 17.58 -21.14
CA VAL B 878 41.51 18.86 -20.65
C VAL B 878 40.59 19.99 -21.11
N VAL B 879 40.23 19.99 -22.40
CA VAL B 879 39.34 21.00 -22.94
C VAL B 879 37.95 20.91 -22.31
N GLY B 880 37.46 19.68 -22.11
CA GLY B 880 36.15 19.52 -21.49
C GLY B 880 36.13 20.00 -20.05
N ASP B 881 37.17 19.67 -19.28
CA ASP B 881 37.25 20.12 -17.90
C ASP B 881 37.41 21.63 -17.81
N MET B 882 38.18 22.23 -18.73
CA MET B 882 38.32 23.68 -18.75
C MET B 882 37.00 24.37 -19.07
N ALA B 883 36.25 23.85 -20.04
CA ALA B 883 34.96 24.44 -20.39
C ALA B 883 33.96 24.26 -19.25
N LEU B 884 33.94 23.09 -18.60
CA LEU B 884 33.05 22.87 -17.48
C LEU B 884 33.40 23.77 -16.30
N PHE B 885 34.69 23.97 -16.05
CA PHE B 885 35.14 24.88 -14.99
C PHE B 885 34.74 26.32 -15.30
N MET B 886 34.87 26.74 -16.56
CA MET B 886 34.55 28.12 -16.90
C MET B 886 33.05 28.39 -16.85
N ILE B 887 32.23 27.43 -17.30
CA ILE B 887 30.79 27.62 -17.23
C ILE B 887 30.30 27.53 -15.78
N GLN B 888 30.86 26.59 -15.01
CA GLN B 888 30.35 26.29 -13.67
C GLN B 888 30.54 27.46 -12.71
N ASN B 889 31.66 28.16 -12.80
CA ASN B 889 31.91 29.33 -11.97
C ASN B 889 31.67 30.63 -12.71
N ASP B 890 30.92 30.58 -13.82
CA ASP B 890 30.51 31.76 -14.60
C ASP B 890 31.70 32.58 -15.08
N LEU B 891 32.75 31.89 -15.51
CA LEU B 891 33.96 32.56 -15.98
C LEU B 891 33.75 33.06 -17.42
N THR B 892 34.73 33.81 -17.91
CA THR B 892 34.69 34.40 -19.24
C THR B 892 36.07 34.23 -19.85
N GLU B 893 36.15 34.35 -21.18
CA GLU B 893 37.43 34.24 -21.89
C GLU B 893 38.39 35.33 -21.46
N GLU B 894 37.90 36.57 -21.38
CA GLU B 894 38.76 37.66 -20.95
C GLU B 894 39.08 37.60 -19.47
N ASP B 895 38.18 37.04 -18.67
CA ASP B 895 38.44 36.86 -17.24
C ASP B 895 39.60 35.89 -17.02
N VAL B 896 39.63 34.78 -17.76
CA VAL B 896 40.75 33.85 -17.68
C VAL B 896 41.99 34.49 -18.28
N TYR B 897 41.83 35.26 -19.35
CA TYR B 897 42.97 35.82 -20.06
C TYR B 897 43.70 36.90 -19.25
N ALA B 898 42.96 37.68 -18.46
CA ALA B 898 43.58 38.76 -17.68
C ALA B 898 43.41 38.58 -16.18
N ARG B 899 42.18 38.42 -15.71
CA ARG B 899 41.89 38.45 -14.27
C ARG B 899 42.32 37.16 -13.56
N GLY B 900 42.32 36.03 -14.26
CA GLY B 900 42.50 34.74 -13.61
C GLY B 900 43.92 34.35 -13.21
N ASN B 901 44.76 35.32 -12.85
CA ASN B 901 46.09 35.00 -12.35
C ASN B 901 46.01 34.26 -11.02
N GLU B 902 45.11 34.70 -10.14
CA GLU B 902 44.93 34.08 -8.83
C GLU B 902 43.92 32.94 -8.85
N LEU B 903 43.28 32.68 -9.98
CA LEU B 903 42.26 31.64 -10.05
C LEU B 903 42.89 30.26 -10.01
N ASN B 904 42.23 29.35 -9.29
CA ASN B 904 42.62 27.95 -9.31
C ASN B 904 42.15 27.30 -10.61
N PHE B 905 42.68 26.12 -10.89
CA PHE B 905 42.35 25.41 -12.11
C PHE B 905 42.33 23.92 -11.82
N PRO B 906 41.57 23.13 -12.59
CA PRO B 906 41.59 21.68 -12.40
C PRO B 906 42.94 21.08 -12.76
N GLU B 907 43.22 19.91 -12.17
CA GLU B 907 44.52 19.27 -12.28
C GLU B 907 44.84 18.79 -13.69
N SER B 908 43.84 18.61 -14.55
CA SER B 908 44.12 18.21 -15.93
C SER B 908 44.66 19.36 -16.75
N VAL B 909 44.13 20.57 -16.55
CA VAL B 909 44.57 21.72 -17.34
C VAL B 909 45.98 22.14 -16.97
N VAL B 910 46.29 22.14 -15.67
CA VAL B 910 47.65 22.50 -15.25
C VAL B 910 48.65 21.42 -15.68
N SER B 911 48.23 20.16 -15.73
CA SER B 911 49.11 19.11 -16.23
C SER B 911 49.33 19.23 -17.72
N PHE B 912 48.29 19.63 -18.47
CA PHE B 912 48.46 19.87 -19.90
C PHE B 912 49.40 21.05 -20.16
N PHE B 913 49.25 22.12 -19.39
CA PHE B 913 50.09 23.30 -19.59
C PHE B 913 51.48 23.13 -19.00
N ARG B 914 51.69 22.13 -18.15
CA ARG B 914 53.01 21.81 -17.64
C ARG B 914 53.73 20.78 -18.50
N GLY B 915 53.19 20.44 -19.67
CA GLY B 915 53.86 19.55 -20.58
C GLY B 915 53.79 18.08 -20.23
N ASP B 916 52.86 17.68 -19.35
CA ASP B 916 52.74 16.26 -19.01
C ASP B 916 52.12 15.47 -20.16
N LEU B 917 51.19 16.08 -20.90
CA LEU B 917 50.61 15.40 -22.05
C LEU B 917 51.55 15.41 -23.24
N GLY B 918 52.39 16.43 -23.35
CA GLY B 918 53.30 16.55 -24.48
C GLY B 918 53.33 17.95 -25.04
N GLN B 919 54.10 18.17 -26.10
CA GLN B 919 54.20 19.47 -26.73
C GLN B 919 53.19 19.60 -27.85
N PRO B 920 52.28 20.57 -27.78
CA PRO B 920 51.33 20.77 -28.88
C PRO B 920 52.03 21.29 -30.13
N VAL B 921 51.38 21.05 -31.27
CA VAL B 921 51.90 21.54 -32.54
C VAL B 921 51.77 23.06 -32.57
N GLY B 922 52.87 23.73 -32.86
CA GLY B 922 52.91 25.18 -32.86
C GLY B 922 53.21 25.81 -31.52
N GLY B 923 53.32 25.01 -30.45
CA GLY B 923 53.69 25.51 -29.15
C GLY B 923 52.53 26.11 -28.39
N PHE B 924 52.78 26.36 -27.11
CA PHE B 924 51.78 26.95 -26.23
C PHE B 924 51.61 28.44 -26.55
N PRO B 925 50.49 29.04 -26.13
CA PRO B 925 50.35 30.50 -26.28
C PRO B 925 51.34 31.33 -25.48
N GLU B 926 52.06 30.73 -24.53
CA GLU B 926 53.24 31.22 -23.81
C GLU B 926 52.87 32.28 -22.75
N LYS B 927 51.66 32.81 -22.75
CA LYS B 927 51.23 33.73 -21.71
C LYS B 927 50.09 33.16 -20.88
N LEU B 928 49.13 32.50 -21.52
CA LEU B 928 48.06 31.86 -20.78
C LEU B 928 48.58 30.69 -19.95
N GLN B 929 49.65 30.04 -20.41
CA GLN B 929 50.28 29.02 -19.57
C GLN B 929 50.97 29.65 -18.37
N LYS B 930 51.47 30.89 -18.50
CA LYS B 930 52.01 31.60 -17.35
C LYS B 930 50.90 31.98 -16.37
N ILE B 931 49.71 32.29 -16.88
CA ILE B 931 48.58 32.55 -16.00
C ILE B 931 48.11 31.28 -15.32
N ILE B 932 48.10 30.15 -16.05
CA ILE B 932 47.61 28.90 -15.50
C ILE B 932 48.54 28.37 -14.41
N VAL B 933 49.84 28.31 -14.70
CA VAL B 933 50.83 27.92 -13.71
C VAL B 933 51.87 29.03 -13.60
N LYS B 934 52.11 29.49 -12.37
CA LYS B 934 53.03 30.57 -12.10
C LYS B 934 54.31 30.11 -11.43
N ASP B 935 54.23 29.18 -10.47
CA ASP B 935 55.39 28.69 -9.75
C ASP B 935 55.68 27.21 -9.98
N LYS B 936 54.74 26.44 -10.51
CA LYS B 936 54.96 25.02 -10.72
C LYS B 936 55.96 24.80 -11.86
N ALA B 937 56.63 23.66 -11.81
CA ALA B 937 57.66 23.34 -12.80
C ALA B 937 57.01 23.03 -14.15
N VAL B 938 57.50 23.69 -15.19
CA VAL B 938 57.01 23.50 -16.55
C VAL B 938 58.11 22.82 -17.35
N ILE B 939 57.81 21.66 -17.92
CA ILE B 939 58.77 20.89 -18.67
C ILE B 939 58.55 21.15 -20.16
N THR B 940 59.55 20.77 -20.97
CA THR B 940 59.50 20.97 -22.41
C THR B 940 59.83 19.72 -23.20
N ASP B 941 60.62 18.81 -22.66
CA ASP B 941 61.02 17.60 -23.37
C ASP B 941 59.95 16.52 -23.18
N ARG B 942 60.27 15.28 -23.53
CA ARG B 942 59.36 14.17 -23.37
C ARG B 942 59.09 13.92 -21.89
N PRO B 943 57.83 13.74 -21.49
CA PRO B 943 57.53 13.56 -20.05
C PRO B 943 57.96 12.22 -19.49
N GLY B 944 58.25 11.23 -20.35
CA GLY B 944 58.71 9.95 -19.86
C GLY B 944 60.12 9.98 -19.31
N LEU B 945 60.94 10.96 -19.73
CA LEU B 945 62.28 11.09 -19.18
C LEU B 945 62.26 11.61 -17.75
N HIS B 946 61.24 12.41 -17.39
CA HIS B 946 61.12 13.00 -16.07
C HIS B 946 60.16 12.23 -15.17
N ALA B 947 60.10 10.91 -15.33
CA ALA B 947 59.25 10.06 -14.50
C ALA B 947 60.13 9.14 -13.67
N GLU B 948 59.68 8.85 -12.45
CA GLU B 948 60.43 7.99 -11.55
C GLU B 948 60.43 6.57 -12.08
N LYS B 949 61.61 5.94 -12.09
CA LYS B 949 61.75 4.60 -12.65
C LYS B 949 61.04 3.58 -11.79
N VAL B 950 60.44 2.59 -12.44
CA VAL B 950 59.70 1.53 -11.77
C VAL B 950 60.50 0.24 -11.89
N ASP B 951 60.83 -0.36 -10.74
CA ASP B 951 61.47 -1.66 -10.70
C ASP B 951 60.41 -2.71 -10.50
N PHE B 952 60.36 -3.71 -11.38
CA PHE B 952 59.29 -4.69 -11.35
C PHE B 952 59.42 -5.68 -10.20
N GLU B 953 60.63 -5.84 -9.65
CA GLU B 953 60.81 -6.81 -8.56
C GLU B 953 60.18 -6.32 -7.27
N THR B 954 60.42 -5.06 -6.90
CA THR B 954 59.81 -4.52 -5.68
C THR B 954 58.32 -4.33 -5.84
N VAL B 955 57.85 -3.97 -7.04
CA VAL B 955 56.43 -3.84 -7.29
C VAL B 955 55.75 -5.21 -7.22
N LYS B 956 56.39 -6.25 -7.76
CA LYS B 956 55.87 -7.60 -7.67
C LYS B 956 55.83 -8.10 -6.23
N ALA B 957 56.87 -7.79 -5.46
CA ALA B 957 56.88 -8.17 -4.04
C ALA B 957 55.80 -7.44 -3.25
N ASP B 958 55.60 -6.15 -3.54
CA ASP B 958 54.54 -5.40 -2.87
C ASP B 958 53.16 -5.93 -3.24
N LEU B 959 52.97 -6.31 -4.51
CA LEU B 959 51.69 -6.87 -4.93
C LEU B 959 51.45 -8.23 -4.28
N GLU B 960 52.48 -9.07 -4.21
CA GLU B 960 52.38 -10.35 -3.52
C GLU B 960 52.14 -10.18 -2.03
N GLN B 961 52.56 -9.05 -1.46
CA GLN B 961 52.20 -8.74 -0.08
C GLN B 961 50.73 -8.33 0.01
N LYS B 962 50.26 -7.50 -0.92
CA LYS B 962 48.91 -6.95 -0.82
C LYS B 962 47.85 -8.00 -1.12
N ILE B 963 48.05 -8.80 -2.17
CA ILE B 963 47.10 -9.84 -2.53
C ILE B 963 47.64 -11.17 -2.00
N GLY B 964 46.80 -12.20 -2.04
CA GLY B 964 47.12 -13.44 -1.36
C GLY B 964 47.96 -14.44 -2.14
N TYR B 965 48.52 -14.03 -3.26
CA TYR B 965 49.28 -14.96 -4.09
C TYR B 965 50.30 -14.18 -4.91
N GLU B 966 51.22 -14.93 -5.52
CA GLU B 966 52.23 -14.33 -6.38
C GLU B 966 51.61 -13.95 -7.72
N PRO B 967 51.64 -12.68 -8.11
CA PRO B 967 51.00 -12.27 -9.37
C PRO B 967 51.85 -12.61 -10.58
N GLY B 968 51.19 -12.60 -11.73
CA GLY B 968 51.87 -12.74 -13.01
C GLY B 968 52.39 -11.41 -13.52
N ASP B 969 52.89 -11.45 -14.76
CA ASP B 969 53.39 -10.22 -15.38
C ASP B 969 52.25 -9.25 -15.65
N HIS B 970 51.11 -9.76 -16.13
CA HIS B 970 50.00 -8.89 -16.49
C HIS B 970 49.37 -8.26 -15.26
N GLU B 971 49.29 -8.99 -14.16
CA GLU B 971 48.75 -8.42 -12.92
C GLU B 971 49.64 -7.30 -12.39
N VAL B 972 50.96 -7.48 -12.47
CA VAL B 972 51.89 -6.45 -12.03
C VAL B 972 51.78 -5.22 -12.94
N ILE B 973 51.75 -5.43 -14.25
CA ILE B 973 51.71 -4.30 -15.17
C ILE B 973 50.36 -3.60 -15.16
N SER B 974 49.30 -4.27 -14.71
CA SER B 974 48.03 -3.59 -14.50
C SER B 974 47.94 -2.93 -13.13
N TYR B 975 48.68 -3.42 -12.14
CA TYR B 975 48.76 -2.76 -10.85
C TYR B 975 49.58 -1.48 -10.93
N ILE B 976 50.56 -1.43 -11.83
CA ILE B 976 51.39 -0.24 -11.98
C ILE B 976 50.56 0.93 -12.52
N MET B 977 49.78 0.68 -13.56
CA MET B 977 49.02 1.76 -14.19
C MET B 977 47.83 2.18 -13.33
N TYR B 978 47.11 1.22 -12.76
CA TYR B 978 45.91 1.47 -11.96
C TYR B 978 46.14 0.86 -10.59
N PRO B 979 46.79 1.58 -9.67
CA PRO B 979 47.06 1.03 -8.34
C PRO B 979 45.80 0.75 -7.53
N GLN B 980 44.97 1.77 -7.35
CA GLN B 980 43.78 1.60 -6.52
C GLN B 980 42.68 0.81 -7.23
N VAL B 981 42.59 0.94 -8.56
CA VAL B 981 41.54 0.25 -9.30
C VAL B 981 41.77 -1.26 -9.28
N PHE B 982 43.03 -1.69 -9.45
CA PHE B 982 43.33 -3.11 -9.40
C PHE B 982 43.13 -3.67 -8.00
N LEU B 983 43.46 -2.90 -6.97
CA LEU B 983 43.23 -3.36 -5.60
C LEU B 983 41.73 -3.48 -5.31
N ASP B 984 40.93 -2.53 -5.78
CA ASP B 984 39.48 -2.62 -5.62
C ASP B 984 38.92 -3.82 -6.38
N TYR B 985 39.45 -4.08 -7.59
CA TYR B 985 39.04 -5.26 -8.35
C TYR B 985 39.39 -6.54 -7.62
N GLN B 986 40.58 -6.60 -7.01
CA GLN B 986 40.98 -7.79 -6.28
C GLN B 986 40.12 -7.99 -5.03
N LYS B 987 39.78 -6.90 -4.34
CA LYS B 987 38.88 -7.01 -3.19
C LYS B 987 37.49 -7.49 -3.62
N MET B 988 36.98 -6.96 -4.74
CA MET B 988 35.69 -7.41 -5.24
C MET B 988 35.75 -8.85 -5.73
N GLN B 989 36.92 -9.31 -6.21
CA GLN B 989 37.06 -10.71 -6.59
C GLN B 989 37.09 -11.62 -5.37
N ARG B 990 37.75 -11.18 -4.30
CA ARG B 990 37.78 -11.96 -3.07
C ARG B 990 36.43 -11.97 -2.37
N GLU B 991 35.61 -10.95 -2.56
CA GLU B 991 34.31 -10.85 -1.89
C GLU B 991 33.17 -11.44 -2.72
N PHE B 992 32.93 -10.90 -3.91
CA PHE B 992 31.81 -11.29 -4.76
C PHE B 992 32.14 -12.42 -5.71
N GLY B 993 33.41 -12.80 -5.85
CA GLY B 993 33.79 -13.86 -6.76
C GLY B 993 33.85 -13.39 -8.20
N ALA B 994 34.09 -14.36 -9.08
CA ALA B 994 34.20 -14.09 -10.52
C ALA B 994 32.79 -13.89 -11.08
N VAL B 995 32.34 -12.64 -11.10
CA VAL B 995 31.00 -12.31 -11.58
C VAL B 995 30.93 -12.19 -13.09
N THR B 996 32.03 -12.43 -13.80
CA THR B 996 32.04 -12.34 -15.25
C THR B 996 31.37 -13.52 -15.93
N LEU B 997 31.04 -14.58 -15.20
CA LEU B 997 30.44 -15.77 -15.78
C LEU B 997 28.92 -15.73 -15.81
N LEU B 998 28.30 -14.72 -15.19
CA LEU B 998 26.85 -14.59 -15.24
C LEU B 998 26.42 -13.92 -16.54
N ASP B 999 25.18 -14.21 -16.93
CA ASP B 999 24.60 -13.49 -18.06
C ASP B 999 24.29 -12.04 -17.66
N THR B 1000 24.22 -11.19 -18.68
CA THR B 1000 24.08 -9.75 -18.44
C THR B 1000 22.80 -9.34 -17.69
N PRO B 1001 21.59 -9.83 -18.00
CA PRO B 1001 20.44 -9.45 -17.15
C PRO B 1001 20.55 -9.93 -15.72
N THR B 1002 21.13 -11.11 -15.50
CA THR B 1002 21.36 -11.58 -14.13
C THR B 1002 22.47 -10.78 -13.47
N PHE B 1003 23.48 -10.36 -14.23
CA PHE B 1003 24.56 -9.54 -13.70
C PHE B 1003 24.04 -8.18 -13.26
N LEU B 1004 23.12 -7.59 -14.02
CA LEU B 1004 22.69 -6.23 -13.76
C LEU B 1004 21.51 -6.16 -12.79
N HIS B 1005 20.45 -6.93 -13.04
CA HIS B 1005 19.22 -6.83 -12.27
C HIS B 1005 19.09 -7.89 -11.18
N GLY B 1006 20.10 -8.72 -10.99
CA GLY B 1006 20.07 -9.70 -9.92
C GLY B 1006 19.24 -10.94 -10.23
N MET B 1007 18.18 -11.15 -9.46
CA MET B 1007 17.37 -12.36 -9.59
C MET B 1007 15.92 -12.02 -9.26
N ARG B 1008 15.05 -12.98 -9.53
CA ARG B 1008 13.62 -12.82 -9.29
C ARG B 1008 13.10 -14.02 -8.50
N LEU B 1009 11.91 -13.86 -7.92
CA LEU B 1009 11.30 -14.93 -7.15
C LEU B 1009 10.86 -16.07 -8.07
N ASN B 1010 11.10 -17.30 -7.60
CA ASN B 1010 10.75 -18.53 -8.32
C ASN B 1010 11.37 -18.58 -9.71
N GLU B 1011 12.62 -18.11 -9.81
CA GLU B 1011 13.34 -18.05 -11.07
C GLU B 1011 14.57 -18.94 -10.98
N LYS B 1012 14.80 -19.73 -12.03
CA LYS B 1012 15.93 -20.64 -12.08
C LYS B 1012 16.96 -20.13 -13.10
N ILE B 1013 18.23 -20.14 -12.70
CA ILE B 1013 19.33 -19.79 -13.58
C ILE B 1013 20.37 -20.91 -13.52
N GLU B 1014 21.16 -21.00 -14.59
CA GLU B 1014 22.24 -21.98 -14.69
C GLU B 1014 23.54 -21.22 -14.94
N VAL B 1015 24.39 -21.14 -13.92
CA VAL B 1015 25.64 -20.41 -13.99
C VAL B 1015 26.77 -21.42 -14.18
N GLN B 1016 27.51 -21.28 -15.27
CA GLN B 1016 28.61 -22.20 -15.59
C GLN B 1016 29.90 -21.61 -15.04
N ILE B 1017 30.32 -22.09 -13.87
CA ILE B 1017 31.55 -21.59 -13.26
C ILE B 1017 32.78 -22.07 -14.03
N GLU B 1018 32.76 -23.31 -14.51
CA GLU B 1018 33.86 -23.85 -15.31
C GLU B 1018 33.29 -24.96 -16.18
N LYS B 1019 34.18 -25.59 -16.96
CA LYS B 1019 33.75 -26.65 -17.87
C LYS B 1019 33.34 -27.87 -17.09
N GLY B 1020 32.13 -28.37 -17.36
CA GLY B 1020 31.58 -29.51 -16.65
C GLY B 1020 30.88 -29.19 -15.36
N LYS B 1021 30.92 -27.93 -14.91
CA LYS B 1021 30.28 -27.50 -13.68
C LYS B 1021 29.25 -26.43 -14.01
N THR B 1022 28.03 -26.60 -13.52
CA THR B 1022 26.94 -25.68 -13.78
C THR B 1022 26.12 -25.52 -12.51
N LEU B 1023 26.21 -24.35 -11.88
CA LEU B 1023 25.47 -24.08 -10.66
C LEU B 1023 24.00 -23.84 -10.97
N SER B 1024 23.12 -24.59 -10.32
CA SER B 1024 21.68 -24.42 -10.47
C SER B 1024 21.18 -23.59 -9.28
N ILE B 1025 20.82 -22.34 -9.54
CA ILE B 1025 20.40 -21.40 -8.50
C ILE B 1025 18.94 -21.05 -8.73
N ARG B 1026 18.13 -21.25 -7.70
CA ARG B 1026 16.72 -20.87 -7.72
C ARG B 1026 16.41 -20.08 -6.46
N LEU B 1027 15.83 -18.89 -6.64
CA LEU B 1027 15.44 -18.05 -5.51
C LEU B 1027 14.02 -18.41 -5.10
N ASP B 1028 13.83 -18.72 -3.82
CA ASP B 1028 12.54 -19.16 -3.31
C ASP B 1028 11.81 -18.10 -2.51
N GLU B 1029 12.50 -17.38 -1.63
CA GLU B 1029 11.86 -16.38 -0.79
C GLU B 1029 12.85 -15.30 -0.40
N ILE B 1030 12.39 -14.06 -0.41
CA ILE B 1030 13.14 -12.92 0.09
C ILE B 1030 12.53 -12.51 1.42
N GLY B 1031 13.28 -12.69 2.50
CA GLY B 1031 12.75 -12.44 3.82
C GLY B 1031 12.65 -10.95 4.13
N GLU B 1032 11.82 -10.65 5.13
CA GLU B 1032 11.68 -9.29 5.61
C GLU B 1032 12.94 -8.86 6.36
N PRO B 1033 13.30 -7.58 6.30
CA PRO B 1033 14.47 -7.11 7.04
C PRO B 1033 14.23 -7.15 8.54
N ASP B 1034 15.29 -7.45 9.28
CA ASP B 1034 15.22 -7.55 10.73
C ASP B 1034 15.51 -6.18 11.36
N LEU B 1035 15.68 -6.17 12.68
CA LEU B 1035 16.04 -4.91 13.36
C LEU B 1035 17.47 -4.50 13.04
N ALA B 1036 18.35 -5.46 12.79
CA ALA B 1036 19.73 -5.13 12.43
C ALA B 1036 19.82 -4.64 11.00
N GLY B 1037 18.80 -4.91 10.17
CA GLY B 1037 18.76 -4.43 8.81
C GLY B 1037 19.21 -5.43 7.75
N ASN B 1038 19.39 -6.69 8.10
CA ASN B 1038 19.86 -7.70 7.17
C ASN B 1038 18.71 -8.60 6.75
N ARG B 1039 18.43 -8.64 5.46
CA ARG B 1039 17.43 -9.58 4.94
C ARG B 1039 18.02 -10.99 4.87
N VAL B 1040 17.12 -11.96 4.77
CA VAL B 1040 17.51 -13.36 4.61
C VAL B 1040 16.90 -13.86 3.30
N LEU B 1041 17.73 -14.36 2.41
CA LEU B 1041 17.30 -14.85 1.11
C LEU B 1041 17.39 -16.36 1.09
N PHE B 1042 16.26 -17.01 0.80
CA PHE B 1042 16.17 -18.46 0.83
C PHE B 1042 16.46 -18.99 -0.57
N PHE B 1043 17.71 -19.34 -0.81
CA PHE B 1043 18.13 -19.85 -2.10
C PHE B 1043 18.00 -21.37 -2.14
N ASN B 1044 18.06 -21.91 -3.36
CA ASN B 1044 18.11 -23.35 -3.58
C ASN B 1044 19.27 -23.61 -4.53
N LEU B 1045 20.47 -23.73 -3.98
CA LEU B 1045 21.67 -23.94 -4.77
C LEU B 1045 21.97 -25.42 -4.86
N ASN B 1046 22.09 -25.93 -6.09
CA ASN B 1046 22.36 -27.34 -6.37
C ASN B 1046 21.32 -28.26 -5.75
N GLY B 1047 20.06 -27.81 -5.75
CA GLY B 1047 18.96 -28.57 -5.23
C GLY B 1047 18.75 -28.48 -3.73
N GLN B 1048 19.71 -27.94 -2.99
CA GLN B 1048 19.64 -27.88 -1.54
C GLN B 1048 19.41 -26.44 -1.08
N ARG B 1049 18.66 -26.30 0.00
CA ARG B 1049 18.32 -24.99 0.53
C ARG B 1049 19.53 -24.36 1.23
N ARG B 1050 19.88 -23.15 0.81
CA ARG B 1050 20.90 -22.37 1.48
C ARG B 1050 20.35 -20.97 1.72
N GLU B 1051 20.47 -20.48 2.95
CA GLU B 1051 19.97 -19.17 3.32
C GLU B 1051 21.13 -18.19 3.41
N VAL B 1052 21.02 -17.07 2.69
CA VAL B 1052 22.06 -16.06 2.62
C VAL B 1052 21.56 -14.82 3.34
N VAL B 1053 22.37 -14.32 4.27
CA VAL B 1053 22.04 -13.12 5.04
C VAL B 1053 22.77 -11.94 4.40
N ILE B 1054 22.01 -10.99 3.86
CA ILE B 1054 22.58 -9.84 3.15
C ILE B 1054 22.01 -8.58 3.78
N ASN B 1055 22.90 -7.62 4.06
CA ASN B 1055 22.47 -6.36 4.66
C ASN B 1055 21.73 -5.50 3.65
N ASP B 1056 20.56 -5.00 4.04
CA ASP B 1056 19.81 -4.06 3.23
C ASP B 1056 20.21 -2.64 3.60
N GLN B 1057 20.41 -1.80 2.58
CA GLN B 1057 20.92 -0.46 2.82
C GLN B 1057 19.81 0.57 3.02
N SER B 1058 18.59 0.26 2.58
CA SER B 1058 17.51 1.24 2.67
C SER B 1058 16.96 1.35 4.09
N VAL B 1059 16.99 0.24 4.84
CA VAL B 1059 16.35 0.21 6.16
C VAL B 1059 17.14 1.06 7.16
N GLN B 1060 18.47 1.00 7.09
CA GLN B 1060 19.44 1.73 7.94
C GLN B 1060 19.09 1.69 9.44
N ALA B 1061 18.46 0.60 9.86
CA ALA B 1061 18.02 0.42 11.24
C ALA B 1061 19.16 -0.03 12.12
N GLN B 1062 18.89 -0.09 13.42
CA GLN B 1062 19.90 -0.51 14.40
C GLN B 1062 19.28 -1.46 15.42
N HIS C 6 -46.81 45.80 17.60
CA HIS C 6 -47.54 44.62 18.03
C HIS C 6 -47.15 43.41 17.20
N MET C 7 -46.62 43.64 16.01
CA MET C 7 -46.11 42.60 15.13
C MET C 7 -44.60 42.63 15.17
N LYS C 8 -43.99 41.53 15.61
CA LYS C 8 -42.54 41.46 15.75
C LYS C 8 -41.92 40.25 15.06
N LYS C 9 -42.72 39.37 14.45
CA LYS C 9 -42.19 38.17 13.82
C LYS C 9 -43.14 37.76 12.70
N LEU C 10 -42.56 37.38 11.56
CA LEU C 10 -43.33 37.01 10.39
C LEU C 10 -42.88 35.65 9.89
N LEU C 11 -43.83 34.87 9.39
CA LEU C 11 -43.57 33.57 8.79
C LEU C 11 -43.93 33.62 7.31
N VAL C 12 -43.13 32.97 6.48
CA VAL C 12 -43.39 32.89 5.05
C VAL C 12 -43.71 31.45 4.72
N ALA C 13 -44.95 31.20 4.27
CA ALA C 13 -45.39 29.85 3.90
C ALA C 13 -45.18 29.63 2.40
N ASN C 14 -43.94 29.85 1.96
CA ASN C 14 -43.57 29.68 0.57
C ASN C 14 -42.10 29.28 0.52
N ARG C 15 -41.57 29.23 -0.71
CA ARG C 15 -40.20 28.80 -0.93
C ARG C 15 -39.62 29.56 -2.12
N GLY C 16 -38.29 29.49 -2.23
CA GLY C 16 -37.61 30.04 -3.39
C GLY C 16 -37.37 31.54 -3.32
N GLU C 17 -37.61 32.21 -4.46
CA GLU C 17 -37.30 33.63 -4.57
C GLU C 17 -38.21 34.48 -3.68
N ILE C 18 -39.49 34.15 -3.62
CA ILE C 18 -40.46 34.99 -2.92
C ILE C 18 -40.21 34.97 -1.42
N ALA C 19 -39.74 33.83 -0.90
CA ALA C 19 -39.44 33.74 0.53
C ALA C 19 -38.29 34.67 0.91
N VAL C 20 -37.23 34.69 0.11
CA VAL C 20 -36.12 35.59 0.37
C VAL C 20 -36.53 37.04 0.16
N ARG C 21 -37.42 37.29 -0.80
CA ARG C 21 -37.92 38.66 -1.02
C ARG C 21 -38.68 39.18 0.21
N VAL C 22 -39.57 38.35 0.77
CA VAL C 22 -40.29 38.75 1.97
C VAL C 22 -39.34 38.82 3.17
N PHE C 23 -38.30 37.97 3.20
CA PHE C 23 -37.31 38.06 4.27
C PHE C 23 -36.57 39.39 4.23
N ARG C 24 -36.19 39.83 3.02
CA ARG C 24 -35.53 41.13 2.88
C ARG C 24 -36.47 42.27 3.24
N ALA C 25 -37.74 42.16 2.86
CA ALA C 25 -38.72 43.19 3.22
C ALA C 25 -38.91 43.27 4.73
N CYS C 26 -38.98 42.12 5.40
CA CYS C 26 -39.16 42.11 6.85
C CYS C 26 -37.92 42.61 7.58
N ASN C 27 -36.73 42.27 7.07
CA ASN C 27 -35.50 42.77 7.68
C ASN C 27 -35.34 44.27 7.48
N GLU C 28 -35.81 44.79 6.35
CA GLU C 28 -35.86 46.24 6.18
C GLU C 28 -36.86 46.87 7.14
N LEU C 29 -38.03 46.23 7.31
CA LEU C 29 -39.03 46.78 8.23
C LEU C 29 -38.66 46.55 9.69
N GLY C 30 -37.79 45.58 9.96
CA GLY C 30 -37.34 45.31 11.32
C GLY C 30 -37.97 44.10 11.98
N LEU C 31 -38.78 43.30 11.28
CA LEU C 31 -39.39 42.13 11.89
C LEU C 31 -38.47 40.93 11.79
N SER C 32 -38.68 39.96 12.68
CA SER C 32 -37.98 38.70 12.60
C SER C 32 -38.64 37.80 11.56
N THR C 33 -37.87 36.82 11.08
CA THR C 33 -38.28 35.97 9.97
C THR C 33 -38.25 34.51 10.38
N VAL C 34 -39.28 33.77 9.96
CA VAL C 34 -39.38 32.32 10.17
C VAL C 34 -39.60 31.66 8.82
N ALA C 35 -38.84 30.61 8.54
CA ALA C 35 -38.94 29.89 7.28
C ALA C 35 -39.48 28.49 7.49
N VAL C 36 -40.06 27.94 6.43
CA VAL C 36 -40.52 26.56 6.41
C VAL C 36 -39.92 25.87 5.19
N TYR C 37 -39.59 24.59 5.35
CA TYR C 37 -38.96 23.84 4.27
C TYR C 37 -39.28 22.36 4.41
N ALA C 38 -39.15 21.65 3.30
CA ALA C 38 -39.33 20.21 3.26
C ALA C 38 -37.98 19.52 3.25
N ARG C 39 -38.00 18.20 3.44
CA ARG C 39 -36.77 17.42 3.46
C ARG C 39 -36.08 17.45 2.09
N GLU C 40 -36.87 17.40 1.02
CA GLU C 40 -36.31 17.52 -0.33
C GLU C 40 -35.90 18.95 -0.66
N ASP C 41 -36.31 19.93 0.14
CA ASP C 41 -35.92 21.32 -0.03
C ASP C 41 -34.93 21.76 1.04
N GLU C 42 -34.12 20.82 1.54
CA GLU C 42 -33.22 21.12 2.65
C GLU C 42 -32.03 21.98 2.22
N TYR C 43 -31.75 22.05 0.92
CA TYR C 43 -30.62 22.82 0.40
C TYR C 43 -31.03 24.13 -0.24
N SER C 44 -32.28 24.56 -0.05
CA SER C 44 -32.74 25.80 -0.64
C SER C 44 -32.12 27.01 0.06
N VAL C 45 -32.02 28.11 -0.69
CA VAL C 45 -31.37 29.31 -0.17
C VAL C 45 -32.23 29.95 0.93
N HIS C 46 -33.55 29.94 0.76
CA HIS C 46 -34.46 30.60 1.68
C HIS C 46 -34.46 29.97 3.08
N ARG C 47 -33.99 28.72 3.21
CA ARG C 47 -33.90 28.09 4.51
C ARG C 47 -32.88 28.81 5.40
N PHE C 48 -31.76 29.21 4.83
CA PHE C 48 -30.68 29.83 5.57
C PHE C 48 -30.72 31.36 5.55
N LYS C 49 -31.73 31.94 4.91
CA LYS C 49 -31.88 33.39 4.86
C LYS C 49 -32.79 33.94 5.95
N ALA C 50 -33.32 33.08 6.82
CA ALA C 50 -34.24 33.48 7.88
C ALA C 50 -33.56 33.38 9.23
N ASP C 51 -34.18 34.03 10.22
CA ASP C 51 -33.66 33.97 11.59
C ASP C 51 -33.80 32.58 12.17
N GLU C 52 -34.94 31.93 11.96
CA GLU C 52 -35.15 30.56 12.38
C GLU C 52 -35.88 29.80 11.29
N SER C 53 -35.53 28.52 11.13
CA SER C 53 -36.09 27.68 10.08
C SER C 53 -36.59 26.38 10.68
N TYR C 54 -37.73 25.90 10.19
CA TYR C 54 -38.37 24.72 10.72
C TYR C 54 -38.82 23.81 9.57
N LEU C 55 -38.69 22.50 9.79
CA LEU C 55 -39.05 21.51 8.77
C LEU C 55 -40.53 21.14 8.89
N ILE C 56 -41.23 21.18 7.77
CA ILE C 56 -42.65 20.88 7.72
C ILE C 56 -42.89 19.71 6.77
N GLY C 57 -44.04 19.07 6.93
CA GLY C 57 -44.47 18.02 6.04
C GLY C 57 -43.58 16.80 6.00
N GLN C 58 -43.20 16.29 7.17
CA GLN C 58 -42.32 15.15 7.25
C GLN C 58 -43.01 13.89 6.73
N GLY C 59 -42.32 13.16 5.86
CA GLY C 59 -42.87 11.95 5.29
C GLY C 59 -43.93 12.14 4.24
N LYS C 60 -44.00 13.31 3.62
CA LYS C 60 -44.99 13.62 2.60
C LYS C 60 -44.31 14.06 1.31
N LYS C 61 -45.13 14.22 0.27
CA LYS C 61 -44.66 14.83 -0.96
C LYS C 61 -44.29 16.28 -0.71
N PRO C 62 -43.18 16.77 -1.28
CA PRO C 62 -42.73 18.15 -0.98
C PRO C 62 -43.74 19.23 -1.37
N ILE C 63 -44.41 19.07 -2.50
CA ILE C 63 -45.48 19.99 -2.86
C ILE C 63 -46.63 19.88 -1.87
N ASP C 64 -47.00 18.65 -1.50
CA ASP C 64 -48.00 18.45 -0.45
C ASP C 64 -47.49 18.89 0.90
N ALA C 65 -46.18 18.82 1.13
CA ALA C 65 -45.60 19.33 2.37
C ALA C 65 -45.77 20.83 2.47
N TYR C 66 -45.58 21.55 1.37
CA TYR C 66 -45.78 23.00 1.39
C TYR C 66 -47.25 23.38 1.40
N LEU C 67 -48.15 22.44 1.11
CA LEU C 67 -49.58 22.68 1.18
C LEU C 67 -50.19 22.21 2.50
N ASP C 68 -49.37 21.72 3.42
CA ASP C 68 -49.86 21.25 4.73
C ASP C 68 -50.24 22.46 5.57
N ILE C 69 -51.54 22.76 5.64
CA ILE C 69 -52.02 23.91 6.40
C ILE C 69 -51.77 23.72 7.89
N ASP C 70 -52.05 22.52 8.41
CA ASP C 70 -51.91 22.27 9.83
C ASP C 70 -50.45 22.33 10.28
N ASP C 71 -49.53 21.82 9.47
CA ASP C 71 -48.12 21.87 9.83
C ASP C 71 -47.58 23.28 9.84
N ILE C 72 -47.97 24.09 8.85
CA ILE C 72 -47.56 25.50 8.81
C ILE C 72 -48.15 26.26 9.98
N ILE C 73 -49.40 25.98 10.33
CA ILE C 73 -50.05 26.63 11.47
C ILE C 73 -49.33 26.25 12.78
N ARG C 74 -48.98 24.97 12.93
CA ARG C 74 -48.29 24.51 14.12
C ARG C 74 -46.91 25.13 14.23
N VAL C 75 -46.19 25.24 13.11
CA VAL C 75 -44.87 25.86 13.12
C VAL C 75 -44.97 27.35 13.47
N ALA C 76 -45.96 28.04 12.92
CA ALA C 76 -46.15 29.45 13.22
C ALA C 76 -46.53 29.67 14.68
N LEU C 77 -47.31 28.75 15.26
CA LEU C 77 -47.68 28.87 16.66
C LEU C 77 -46.49 28.57 17.57
N GLU C 78 -45.72 27.52 17.28
CA GLU C 78 -44.61 27.13 18.13
C GLU C 78 -43.39 28.03 17.95
N SER C 79 -43.32 28.81 16.86
CA SER C 79 -42.20 29.72 16.63
C SER C 79 -42.48 31.13 17.15
N GLY C 80 -43.66 31.38 17.68
CA GLY C 80 -43.98 32.72 18.15
C GLY C 80 -44.25 33.72 17.05
N ALA C 81 -44.58 33.26 15.84
CA ALA C 81 -44.83 34.16 14.73
C ALA C 81 -46.17 34.88 14.91
N ASP C 82 -46.23 36.11 14.40
CA ASP C 82 -47.44 36.91 14.44
C ASP C 82 -48.18 36.91 13.11
N ALA C 83 -47.47 37.18 12.02
CA ALA C 83 -48.07 37.23 10.69
C ALA C 83 -47.60 36.06 9.85
N ILE C 84 -48.36 35.77 8.80
CA ILE C 84 -48.01 34.74 7.82
C ILE C 84 -48.15 35.34 6.43
N HIS C 85 -47.04 35.37 5.69
CA HIS C 85 -47.05 35.82 4.30
C HIS C 85 -47.05 34.61 3.39
N PRO C 86 -48.05 34.44 2.52
CA PRO C 86 -48.09 33.24 1.68
C PRO C 86 -47.31 33.37 0.38
N GLY C 87 -46.88 34.57 -0.01
CA GLY C 87 -46.17 34.73 -1.27
C GLY C 87 -47.10 34.60 -2.46
N TYR C 88 -46.59 33.99 -3.53
CA TYR C 88 -47.41 33.64 -4.68
C TYR C 88 -47.39 32.13 -4.87
N GLY C 89 -48.51 31.59 -5.34
CA GLY C 89 -48.62 30.16 -5.50
C GLY C 89 -48.79 29.44 -4.18
N LEU C 90 -48.85 28.11 -4.26
CA LEU C 90 -49.02 27.20 -3.13
C LEU C 90 -50.31 27.58 -2.41
N LEU C 91 -50.28 28.09 -1.19
CA LEU C 91 -51.48 28.47 -0.44
C LEU C 91 -51.73 29.97 -0.46
N SER C 92 -51.31 30.67 -1.51
CA SER C 92 -51.50 32.11 -1.56
C SER C 92 -52.95 32.47 -1.83
N GLU C 93 -53.59 31.78 -2.76
CA GLU C 93 -54.99 32.02 -3.10
C GLU C 93 -55.93 31.03 -2.41
N ASN C 94 -55.44 30.22 -1.49
CA ASN C 94 -56.28 29.24 -0.80
C ASN C 94 -57.10 29.92 0.28
N LEU C 95 -58.42 29.76 0.20
CA LEU C 95 -59.31 30.34 1.20
C LEU C 95 -59.27 29.58 2.52
N GLU C 96 -59.12 28.26 2.46
CA GLU C 96 -59.09 27.45 3.68
C GLU C 96 -57.87 27.77 4.54
N PHE C 97 -56.71 27.93 3.90
CA PHE C 97 -55.49 28.24 4.64
C PHE C 97 -55.58 29.61 5.31
N ALA C 98 -56.09 30.61 4.58
CA ALA C 98 -56.24 31.95 5.15
C ALA C 98 -57.29 31.96 6.27
N THR C 99 -58.36 31.18 6.11
CA THR C 99 -59.37 31.08 7.16
C THR C 99 -58.78 30.46 8.42
N LYS C 100 -57.99 29.39 8.27
CA LYS C 100 -57.35 28.77 9.42
C LYS C 100 -56.35 29.71 10.08
N VAL C 101 -55.60 30.47 9.27
CA VAL C 101 -54.62 31.40 9.82
C VAL C 101 -55.31 32.52 10.61
N ARG C 102 -56.38 33.09 10.04
CA ARG C 102 -57.06 34.19 10.72
C ARG C 102 -57.89 33.71 11.90
N ALA C 103 -58.32 32.44 11.90
CA ALA C 103 -59.01 31.90 13.06
C ALA C 103 -58.08 31.37 14.13
N ALA C 104 -56.80 31.18 13.80
CA ALA C 104 -55.82 30.70 14.77
C ALA C 104 -55.18 31.82 15.57
N GLY C 105 -55.56 33.07 15.34
CA GLY C 105 -55.02 34.20 16.06
C GLY C 105 -53.82 34.86 15.43
N LEU C 106 -53.49 34.52 14.19
CA LEU C 106 -52.36 35.11 13.49
C LEU C 106 -52.86 36.12 12.46
N VAL C 107 -51.94 36.69 11.70
CA VAL C 107 -52.23 37.66 10.67
C VAL C 107 -51.92 37.04 9.32
N PHE C 108 -52.84 37.20 8.37
CA PHE C 108 -52.65 36.75 7.00
C PHE C 108 -52.30 37.97 6.14
N VAL C 109 -51.14 37.94 5.51
CA VAL C 109 -50.68 39.08 4.70
C VAL C 109 -51.27 38.85 3.30
N GLY C 110 -52.52 39.28 3.15
CA GLY C 110 -53.22 39.14 1.90
C GLY C 110 -54.57 39.82 1.98
N PRO C 111 -55.45 39.54 1.02
CA PRO C 111 -56.79 40.11 1.05
C PRO C 111 -57.65 39.45 2.12
N GLU C 112 -58.84 40.02 2.32
CA GLU C 112 -59.79 39.44 3.26
C GLU C 112 -60.42 38.19 2.67
N LEU C 113 -61.21 37.50 3.51
CA LEU C 113 -61.76 36.21 3.11
C LEU C 113 -62.79 36.34 2.00
N HIS C 114 -63.62 37.38 2.04
CA HIS C 114 -64.62 37.58 1.00
C HIS C 114 -63.98 37.87 -0.35
N HIS C 115 -62.88 38.63 -0.38
CA HIS C 115 -62.13 38.80 -1.62
C HIS C 115 -61.56 37.48 -2.10
N LEU C 116 -61.05 36.66 -1.18
CA LEU C 116 -60.44 35.39 -1.54
C LEU C 116 -61.45 34.38 -2.08
N ASP C 117 -62.73 34.48 -1.70
CA ASP C 117 -63.71 33.61 -2.33
C ASP C 117 -64.38 34.24 -3.54
N ILE C 118 -64.49 35.56 -3.60
CA ILE C 118 -65.09 36.22 -4.76
C ILE C 118 -64.18 36.10 -5.98
N PHE C 119 -62.90 36.40 -5.80
CA PHE C 119 -61.94 36.35 -6.91
C PHE C 119 -61.29 34.99 -7.07
N GLY C 120 -61.52 34.06 -6.13
CA GLY C 120 -61.01 32.71 -6.27
C GLY C 120 -61.74 31.87 -7.28
N ASP C 121 -62.97 32.24 -7.62
CA ASP C 121 -63.75 31.59 -8.67
C ASP C 121 -64.04 32.60 -9.77
N LYS C 122 -63.95 32.15 -11.01
CA LYS C 122 -64.13 33.06 -12.14
C LYS C 122 -65.59 33.50 -12.29
N ILE C 123 -66.54 32.68 -11.86
CA ILE C 123 -67.94 33.03 -11.99
C ILE C 123 -68.30 34.18 -11.05
N LYS C 124 -67.89 34.08 -9.78
CA LYS C 124 -68.19 35.13 -8.81
C LYS C 124 -67.40 36.40 -9.13
N ALA C 125 -66.16 36.26 -9.61
CA ALA C 125 -65.38 37.42 -10.02
C ALA C 125 -66.01 38.10 -11.23
N LYS C 126 -66.53 37.32 -12.17
CA LYS C 126 -67.23 37.89 -13.33
C LYS C 126 -68.51 38.59 -12.91
N ALA C 127 -69.24 38.02 -11.94
CA ALA C 127 -70.44 38.69 -11.43
C ALA C 127 -70.09 40.00 -10.73
N ALA C 128 -69.02 40.01 -9.95
CA ALA C 128 -68.58 41.24 -9.30
C ALA C 128 -68.12 42.29 -10.31
N ALA C 129 -67.44 41.86 -11.38
CA ALA C 129 -67.02 42.78 -12.42
C ALA C 129 -68.22 43.35 -13.18
N ASP C 130 -69.24 42.52 -13.42
CA ASP C 130 -70.46 43.02 -14.06
C ASP C 130 -71.19 43.99 -13.16
N GLU C 131 -71.19 43.75 -11.84
CA GLU C 131 -71.78 44.69 -10.91
C GLU C 131 -70.97 45.98 -10.82
N ALA C 132 -69.67 45.91 -11.09
CA ALA C 132 -68.79 47.07 -10.98
C ALA C 132 -68.82 47.97 -12.22
N LYS C 133 -69.65 47.64 -13.21
CA LYS C 133 -69.74 48.36 -14.49
C LYS C 133 -68.38 48.39 -15.20
N VAL C 134 -67.65 47.29 -15.10
CA VAL C 134 -66.39 47.10 -15.81
C VAL C 134 -66.64 46.11 -16.95
N PRO C 135 -66.38 46.48 -18.20
CA PRO C 135 -66.72 45.61 -19.34
C PRO C 135 -65.85 44.36 -19.37
N GLY C 136 -66.50 43.20 -19.29
CA GLY C 136 -65.82 41.93 -19.42
C GLY C 136 -65.97 41.33 -20.79
N ILE C 137 -65.54 40.07 -20.91
CA ILE C 137 -65.68 39.34 -22.17
C ILE C 137 -67.14 38.91 -22.32
N PRO C 138 -67.80 39.25 -23.44
CA PRO C 138 -69.17 38.78 -23.66
C PRO C 138 -69.23 37.27 -23.85
N GLY C 139 -69.80 36.57 -22.87
CA GLY C 139 -69.87 35.13 -22.93
C GLY C 139 -71.08 34.55 -22.22
N THR C 140 -70.96 33.31 -21.76
CA THR C 140 -72.09 32.64 -21.10
C THR C 140 -72.24 33.10 -19.67
N ASN C 141 -73.20 32.48 -18.97
CA ASN C 141 -73.53 32.85 -17.59
C ASN C 141 -73.52 31.59 -16.73
N GLY C 142 -72.36 31.28 -16.14
CA GLY C 142 -72.27 30.20 -15.18
C GLY C 142 -71.79 28.89 -15.79
N ALA C 143 -72.16 27.80 -15.13
CA ALA C 143 -71.75 26.47 -15.58
C ALA C 143 -72.57 26.03 -16.78
N VAL C 144 -71.88 25.67 -17.86
CA VAL C 144 -72.52 25.35 -19.14
C VAL C 144 -72.11 23.95 -19.56
N ASP C 145 -73.09 23.16 -19.98
CA ASP C 145 -72.86 21.80 -20.45
C ASP C 145 -72.61 21.81 -21.96
N ILE C 146 -72.69 20.63 -22.59
CA ILE C 146 -72.32 20.50 -24.00
C ILE C 146 -73.30 21.26 -24.90
N ASP C 147 -74.61 21.05 -24.68
CA ASP C 147 -75.61 21.62 -25.59
C ASP C 147 -75.69 23.14 -25.44
N GLY C 148 -75.57 23.65 -24.22
CA GLY C 148 -75.53 25.09 -24.02
C GLY C 148 -74.32 25.72 -24.68
N ALA C 149 -73.17 25.05 -24.61
CA ALA C 149 -71.97 25.54 -25.29
C ALA C 149 -72.15 25.53 -26.80
N LEU C 150 -72.80 24.49 -27.33
CA LEU C 150 -73.04 24.42 -28.77
C LEU C 150 -73.94 25.54 -29.24
N GLU C 151 -75.03 25.80 -28.51
CA GLU C 151 -75.93 26.86 -28.94
C GLU C 151 -75.35 28.24 -28.70
N PHE C 152 -74.48 28.39 -27.68
CA PHE C 152 -73.77 29.65 -27.50
C PHE C 152 -72.79 29.91 -28.62
N ALA C 153 -72.07 28.87 -29.05
CA ALA C 153 -71.15 29.02 -30.18
C ALA C 153 -71.89 29.29 -31.48
N LYS C 154 -73.09 28.70 -31.64
CA LYS C 154 -73.87 28.95 -32.83
C LYS C 154 -74.45 30.36 -32.85
N THR C 155 -74.86 30.88 -31.69
CA THR C 155 -75.48 32.20 -31.63
C THR C 155 -74.49 33.35 -31.52
N TYR C 156 -73.20 33.06 -31.35
CA TYR C 156 -72.19 34.10 -31.20
C TYR C 156 -71.07 33.89 -32.21
N GLY C 157 -70.16 34.86 -32.25
CA GLY C 157 -69.08 34.88 -33.22
C GLY C 157 -67.98 33.86 -32.99
N TYR C 158 -67.78 32.97 -33.96
CA TYR C 158 -66.69 32.03 -33.92
C TYR C 158 -65.37 32.75 -34.16
N PRO C 159 -64.25 32.20 -33.67
CA PRO C 159 -64.01 31.10 -32.72
C PRO C 159 -64.54 31.37 -31.30
N VAL C 160 -64.62 30.34 -30.47
CA VAL C 160 -64.95 30.48 -29.06
C VAL C 160 -63.93 29.71 -28.24
N MET C 161 -63.77 30.06 -26.97
CA MET C 161 -62.70 29.55 -26.14
C MET C 161 -63.26 28.88 -24.90
N ILE C 162 -62.76 27.67 -24.61
CA ILE C 162 -63.14 26.92 -23.42
C ILE C 162 -62.27 27.37 -22.25
N LYS C 163 -62.89 27.74 -21.14
CA LYS C 163 -62.16 28.16 -19.96
C LYS C 163 -62.85 27.61 -18.72
N ALA C 164 -62.08 27.47 -17.65
CA ALA C 164 -62.55 26.94 -16.38
C ALA C 164 -62.67 28.04 -15.34
N ALA C 165 -63.47 27.75 -14.30
CA ALA C 165 -63.68 28.70 -13.22
C ALA C 165 -62.72 28.49 -12.05
N LEU C 166 -61.88 27.47 -12.10
CA LEU C 166 -60.91 27.20 -11.04
C LEU C 166 -59.51 26.90 -11.54
N GLY C 167 -59.31 26.70 -12.84
CA GLY C 167 -57.99 26.40 -13.34
C GLY C 167 -57.10 27.63 -13.40
N GLY C 168 -55.80 27.37 -13.41
CA GLY C 168 -54.81 28.43 -13.47
C GLY C 168 -53.61 28.02 -14.28
N GLY C 169 -52.97 28.99 -14.92
CA GLY C 169 -51.81 28.70 -15.74
C GLY C 169 -52.11 28.01 -17.04
N GLY C 170 -53.34 28.08 -17.53
CA GLY C 170 -53.70 27.41 -18.77
C GLY C 170 -53.87 25.92 -18.65
N ARG C 171 -53.89 25.37 -17.44
CA ARG C 171 -54.04 23.93 -17.28
C ARG C 171 -55.44 23.47 -17.64
N GLY C 172 -56.46 24.17 -17.14
CA GLY C 172 -57.84 23.86 -17.47
C GLY C 172 -58.39 24.80 -18.50
N MET C 173 -57.58 25.15 -19.49
CA MET C 173 -57.95 26.11 -20.52
C MET C 173 -57.58 25.55 -21.89
N ARG C 174 -58.58 25.34 -22.74
CA ARG C 174 -58.38 24.85 -24.09
C ARG C 174 -58.93 25.88 -25.08
N VAL C 175 -58.96 25.51 -26.36
CA VAL C 175 -59.47 26.37 -27.42
C VAL C 175 -60.41 25.54 -28.30
N ALA C 176 -61.35 26.24 -28.93
CA ALA C 176 -62.33 25.58 -29.80
C ALA C 176 -62.42 26.33 -31.11
N ARG C 177 -62.67 25.59 -32.18
CA ARG C 177 -62.80 26.18 -33.51
C ARG C 177 -64.08 25.76 -34.23
N ASN C 178 -64.52 24.53 -34.05
CA ASN C 178 -65.71 24.03 -34.75
C ASN C 178 -66.56 23.19 -33.81
N ASP C 179 -67.64 22.64 -34.38
CA ASP C 179 -68.65 21.96 -33.58
C ASP C 179 -68.15 20.64 -33.02
N ALA C 180 -67.44 19.85 -33.84
CA ALA C 180 -67.05 18.50 -33.44
C ALA C 180 -65.95 18.51 -32.39
N GLU C 181 -64.98 19.43 -32.50
CA GLU C 181 -63.88 19.47 -31.55
C GLU C 181 -64.31 20.05 -30.21
N MET C 182 -65.46 20.75 -30.19
CA MET C 182 -65.96 21.33 -28.95
C MET C 182 -66.32 20.23 -27.95
N HIS C 183 -66.89 19.13 -28.43
CA HIS C 183 -67.28 18.02 -27.56
C HIS C 183 -66.08 17.40 -26.86
N ASP C 184 -65.04 17.06 -27.63
CA ASP C 184 -63.86 16.45 -27.02
C ASP C 184 -63.07 17.45 -26.20
N GLY C 185 -63.09 18.74 -26.57
CA GLY C 185 -62.45 19.74 -25.73
C GLY C 185 -63.13 19.89 -24.39
N TYR C 186 -64.46 19.92 -24.37
CA TYR C 186 -65.20 19.99 -23.12
C TYR C 186 -65.00 18.74 -22.29
N ALA C 187 -64.99 17.57 -22.93
CA ALA C 187 -64.76 16.32 -22.20
C ALA C 187 -63.37 16.27 -21.60
N ARG C 188 -62.35 16.69 -22.35
CA ARG C 188 -60.99 16.72 -21.85
C ARG C 188 -60.82 17.71 -20.71
N ALA C 189 -61.45 18.89 -20.83
CA ALA C 189 -61.36 19.89 -19.77
C ALA C 189 -62.07 19.41 -18.51
N LYS C 190 -63.23 18.76 -18.65
CA LYS C 190 -63.94 18.24 -17.48
C LYS C 190 -63.17 17.10 -16.84
N SER C 191 -62.55 16.23 -17.64
CA SER C 191 -61.73 15.15 -17.10
C SER C 191 -60.51 15.70 -16.35
N GLU C 192 -59.87 16.73 -16.90
CA GLU C 192 -58.73 17.34 -16.24
C GLU C 192 -59.16 18.07 -14.96
N ALA C 193 -60.37 18.63 -14.95
CA ALA C 193 -60.88 19.29 -13.76
C ALA C 193 -61.20 18.29 -12.66
N ILE C 194 -61.87 17.20 -12.99
CA ILE C 194 -62.20 16.20 -11.98
C ILE C 194 -60.98 15.37 -11.57
N GLY C 195 -59.93 15.36 -12.39
CA GLY C 195 -58.72 14.65 -12.00
C GLY C 195 -57.84 15.49 -11.08
N ALA C 196 -57.88 16.81 -11.23
CA ALA C 196 -57.01 17.71 -10.47
C ALA C 196 -57.75 18.46 -9.37
N PHE C 197 -58.85 19.14 -9.72
CA PHE C 197 -59.54 20.00 -8.77
C PHE C 197 -60.93 19.50 -8.39
N GLY C 198 -61.52 18.60 -9.18
CA GLY C 198 -62.82 18.06 -8.85
C GLY C 198 -63.99 18.94 -9.28
N SER C 199 -64.22 20.04 -8.56
CA SER C 199 -65.35 20.92 -8.82
C SER C 199 -64.94 21.93 -9.90
N GLY C 200 -64.90 21.44 -11.14
CA GLY C 200 -64.55 22.28 -12.26
C GLY C 200 -65.70 22.52 -13.22
N GLU C 201 -66.18 23.76 -13.27
CA GLU C 201 -67.24 24.15 -14.18
C GLU C 201 -66.64 24.92 -15.35
N ILE C 202 -67.07 24.59 -16.56
CA ILE C 202 -66.49 25.11 -17.78
C ILE C 202 -67.47 26.10 -18.40
N TYR C 203 -66.99 27.32 -18.64
CA TYR C 203 -67.74 28.31 -19.40
C TYR C 203 -67.04 28.57 -20.74
N VAL C 204 -67.77 29.16 -21.67
CA VAL C 204 -67.27 29.43 -23.01
C VAL C 204 -67.32 30.93 -23.25
N GLU C 205 -66.22 31.49 -23.74
CA GLU C 205 -66.09 32.92 -23.95
C GLU C 205 -65.84 33.23 -25.42
N LYS C 206 -66.19 34.45 -25.81
CA LYS C 206 -65.97 34.91 -27.18
C LYS C 206 -64.48 35.16 -27.40
N TYR C 207 -63.89 34.43 -28.34
CA TYR C 207 -62.46 34.50 -28.58
C TYR C 207 -62.08 35.82 -29.26
N ILE C 208 -60.91 36.34 -28.89
CA ILE C 208 -60.39 37.58 -29.46
C ILE C 208 -59.08 37.26 -30.17
N GLU C 209 -58.98 37.67 -31.43
CA GLU C 209 -57.77 37.38 -32.21
C GLU C 209 -56.69 38.42 -31.89
N ASN C 210 -55.50 37.91 -31.52
CA ASN C 210 -54.30 38.67 -31.20
C ASN C 210 -54.53 39.75 -30.14
N PRO C 211 -54.75 39.38 -28.88
CA PRO C 211 -54.96 40.40 -27.85
C PRO C 211 -53.67 40.77 -27.14
N LYS C 212 -53.74 41.85 -26.37
CA LYS C 212 -52.64 42.32 -25.54
C LYS C 212 -53.04 42.15 -24.08
N HIS C 213 -52.21 41.45 -23.31
CA HIS C 213 -52.49 41.21 -21.90
C HIS C 213 -51.95 42.37 -21.07
N ILE C 214 -52.82 43.04 -20.33
CA ILE C 214 -52.46 44.20 -19.52
C ILE C 214 -52.87 43.94 -18.08
N GLU C 215 -51.93 44.13 -17.16
CA GLU C 215 -52.17 43.93 -15.73
C GLU C 215 -51.95 45.23 -14.99
N VAL C 216 -52.82 45.49 -14.01
CA VAL C 216 -52.72 46.68 -13.16
C VAL C 216 -52.48 46.21 -11.73
N GLN C 217 -51.44 46.77 -11.11
CA GLN C 217 -51.12 46.46 -9.72
C GLN C 217 -51.90 47.39 -8.81
N ILE C 218 -52.69 46.82 -7.90
CA ILE C 218 -53.55 47.58 -7.01
C ILE C 218 -53.04 47.41 -5.58
N LEU C 219 -52.86 48.54 -4.89
CA LEU C 219 -52.47 48.55 -3.48
C LEU C 219 -53.56 49.28 -2.70
N GLY C 220 -54.05 48.64 -1.64
CA GLY C 220 -55.07 49.26 -0.82
C GLY C 220 -55.05 48.81 0.62
N ASP C 221 -55.24 49.75 1.54
CA ASP C 221 -55.28 49.45 2.96
C ASP C 221 -56.72 49.24 3.42
N ARG C 222 -56.88 49.00 4.72
CA ARG C 222 -58.20 48.82 5.31
C ARG C 222 -58.89 50.12 5.64
N HIS C 223 -58.25 51.26 5.39
CA HIS C 223 -58.81 52.56 5.69
C HIS C 223 -59.64 53.14 4.54
N GLY C 224 -59.79 52.38 3.44
CA GLY C 224 -60.60 52.80 2.33
C GLY C 224 -59.83 53.33 1.13
N ASN C 225 -58.55 53.62 1.30
CA ASN C 225 -57.75 54.19 0.22
C ASN C 225 -57.30 53.07 -0.72
N ILE C 226 -57.89 53.02 -1.91
CA ILE C 226 -57.50 52.06 -2.94
C ILE C 226 -56.81 52.84 -4.05
N ILE C 227 -55.55 52.49 -4.33
CA ILE C 227 -54.77 53.12 -5.37
C ILE C 227 -54.23 52.06 -6.32
N HIS C 228 -54.05 52.43 -7.57
CA HIS C 228 -53.31 51.62 -8.52
C HIS C 228 -51.88 52.15 -8.61
N LEU C 229 -50.94 51.22 -8.78
CA LEU C 229 -49.54 51.66 -8.91
C LEU C 229 -49.26 52.12 -10.34
N HIS C 230 -49.35 51.20 -11.29
CA HIS C 230 -49.29 51.46 -12.73
C HIS C 230 -49.72 50.18 -13.45
N GLU C 231 -49.54 50.18 -14.76
CA GLU C 231 -49.91 49.05 -15.60
C GLU C 231 -48.70 48.17 -15.92
N ARG C 232 -48.97 46.96 -16.39
CA ARG C 232 -47.96 46.02 -16.84
C ARG C 232 -48.39 45.44 -18.18
N ASP C 233 -47.42 44.92 -18.93
CA ASP C 233 -47.66 44.34 -20.25
C ASP C 233 -47.06 42.94 -20.29
N CYS C 234 -47.82 41.95 -19.82
CA CYS C 234 -47.42 40.55 -19.87
C CYS C 234 -47.98 39.86 -21.11
N SER C 235 -47.76 40.44 -22.28
CA SER C 235 -48.34 39.92 -23.51
C SER C 235 -47.44 38.90 -24.21
N VAL C 236 -46.17 38.82 -23.85
CA VAL C 236 -45.26 37.87 -24.47
C VAL C 236 -45.43 36.51 -23.78
N GLN C 237 -46.36 35.70 -24.28
CA GLN C 237 -46.70 34.43 -23.67
C GLN C 237 -46.49 33.29 -24.65
N ARG C 238 -46.03 32.16 -24.13
CA ARG C 238 -45.91 30.92 -24.89
C ARG C 238 -46.79 29.88 -24.23
N ARG C 239 -47.75 29.35 -25.00
CA ARG C 239 -48.77 28.41 -24.51
C ARG C 239 -49.49 28.96 -23.28
N ASN C 240 -49.84 30.25 -23.36
CA ASN C 240 -50.54 31.01 -22.31
C ASN C 240 -49.75 31.03 -21.00
N GLN C 241 -48.42 30.94 -21.08
CA GLN C 241 -47.54 31.11 -19.94
C GLN C 241 -46.65 32.32 -20.19
N LYS C 242 -46.65 33.25 -19.25
CA LYS C 242 -45.90 34.50 -19.41
C LYS C 242 -44.40 34.22 -19.44
N VAL C 243 -43.72 34.81 -20.41
CA VAL C 243 -42.28 34.61 -20.60
C VAL C 243 -41.51 35.88 -20.26
N ILE C 244 -41.83 36.99 -20.93
CA ILE C 244 -41.22 38.28 -20.66
C ILE C 244 -42.34 39.29 -20.40
N GLU C 245 -42.24 40.01 -19.28
CA GLU C 245 -43.23 40.99 -18.87
C GLU C 245 -42.55 42.35 -18.79
N ILE C 246 -43.11 43.34 -19.49
CA ILE C 246 -42.57 44.69 -19.48
C ILE C 246 -43.57 45.63 -18.82
N ALA C 247 -43.05 46.74 -18.32
CA ALA C 247 -43.88 47.76 -17.68
C ALA C 247 -43.18 49.11 -17.78
N PRO C 248 -43.89 50.18 -18.17
CA PRO C 248 -45.30 50.23 -18.59
C PRO C 248 -45.48 49.76 -20.03
N ALA C 249 -46.71 49.59 -20.49
CA ALA C 249 -46.96 49.13 -21.86
C ALA C 249 -46.60 50.24 -22.83
N VAL C 250 -45.38 50.18 -23.38
CA VAL C 250 -44.90 51.22 -24.27
C VAL C 250 -45.61 51.19 -25.62
N GLY C 251 -46.26 50.09 -25.97
CA GLY C 251 -46.99 50.01 -27.22
C GLY C 251 -48.40 50.55 -27.16
N LEU C 252 -48.81 51.09 -26.03
CA LEU C 252 -50.14 51.65 -25.86
C LEU C 252 -50.08 53.17 -25.69
N SER C 253 -51.23 53.80 -25.81
CA SER C 253 -51.33 55.23 -25.63
C SER C 253 -51.25 55.59 -24.15
N PRO C 254 -50.69 56.76 -23.82
CA PRO C 254 -50.64 57.18 -22.41
C PRO C 254 -52.00 57.37 -21.77
N ASP C 255 -53.01 57.84 -22.52
CA ASP C 255 -54.33 58.03 -21.93
C ASP C 255 -55.11 56.73 -21.82
N PHE C 256 -54.88 55.78 -22.74
CA PHE C 256 -55.59 54.51 -22.68
C PHE C 256 -55.16 53.70 -21.46
N ARG C 257 -53.86 53.70 -21.15
CA ARG C 257 -53.38 52.99 -19.97
C ARG C 257 -53.92 53.62 -18.69
N ASN C 258 -54.04 54.95 -18.68
CA ASN C 258 -54.67 55.63 -17.56
C ASN C 258 -56.14 55.24 -17.42
N GLU C 259 -56.84 55.08 -18.57
CA GLU C 259 -58.22 54.62 -18.55
C GLU C 259 -58.34 53.21 -17.97
N ILE C 260 -57.43 52.32 -18.37
CA ILE C 260 -57.42 50.95 -17.86
C ILE C 260 -57.17 50.94 -16.36
N CYS C 261 -56.21 51.75 -15.90
CA CYS C 261 -55.89 51.82 -14.48
C CYS C 261 -57.05 52.42 -13.69
N GLU C 262 -57.76 53.39 -14.27
CA GLU C 262 -58.93 53.97 -13.61
C GLU C 262 -60.05 52.95 -13.50
N ALA C 263 -60.25 52.13 -14.54
CA ALA C 263 -61.25 51.07 -14.46
C ALA C 263 -60.89 50.04 -13.38
N ALA C 264 -59.61 49.67 -13.30
CA ALA C 264 -59.16 48.72 -12.29
C ALA C 264 -59.33 49.28 -10.88
N VAL C 265 -58.96 50.54 -10.68
CA VAL C 265 -59.08 51.14 -9.36
C VAL C 265 -60.54 51.36 -8.99
N LYS C 266 -61.41 51.59 -9.98
CA LYS C 266 -62.85 51.68 -9.71
C LYS C 266 -63.41 50.34 -9.27
N LEU C 267 -63.02 49.26 -9.95
CA LEU C 267 -63.46 47.92 -9.56
C LEU C 267 -62.98 47.57 -8.16
N CYS C 268 -61.71 47.84 -7.86
CA CYS C 268 -61.17 47.51 -6.55
C CYS C 268 -61.71 48.42 -5.45
N LYS C 269 -62.18 49.63 -5.80
CA LYS C 269 -62.89 50.45 -4.83
C LYS C 269 -64.29 49.90 -4.59
N ASN C 270 -64.93 49.38 -5.64
CA ASN C 270 -66.28 48.85 -5.49
C ASN C 270 -66.30 47.59 -4.62
N VAL C 271 -65.35 46.67 -4.86
CA VAL C 271 -65.28 45.48 -4.02
C VAL C 271 -64.85 45.81 -2.60
N GLY C 272 -64.01 46.83 -2.42
CA GLY C 272 -63.49 47.14 -1.10
C GLY C 272 -62.27 46.31 -0.80
N TYR C 273 -61.34 46.30 -1.74
CA TYR C 273 -60.17 45.44 -1.68
C TYR C 273 -59.20 45.92 -0.60
N VAL C 274 -58.32 45.01 -0.18
CA VAL C 274 -57.26 45.33 0.76
C VAL C 274 -55.99 44.61 0.30
N ASN C 275 -54.85 45.14 0.70
CA ASN C 275 -53.50 44.62 0.41
C ASN C 275 -53.25 44.68 -1.10
N ALA C 276 -52.39 43.80 -1.61
CA ALA C 276 -51.97 43.85 -3.00
C ALA C 276 -52.80 42.92 -3.86
N GLY C 277 -53.05 43.34 -5.11
CA GLY C 277 -53.80 42.52 -6.04
C GLY C 277 -53.59 43.02 -7.45
N THR C 278 -53.68 42.09 -8.41
CA THR C 278 -53.47 42.40 -9.81
C THR C 278 -54.74 42.11 -10.60
N VAL C 279 -55.12 43.04 -11.46
CA VAL C 279 -56.29 42.92 -12.32
C VAL C 279 -55.81 42.79 -13.75
N GLU C 280 -56.15 41.67 -14.40
CA GLU C 280 -55.68 41.37 -15.75
C GLU C 280 -56.75 41.76 -16.77
N PHE C 281 -56.33 42.44 -17.83
CA PHE C 281 -57.22 42.87 -18.90
C PHE C 281 -56.79 42.22 -20.22
N LEU C 282 -57.59 42.46 -21.26
CA LEU C 282 -57.45 41.82 -22.57
C LEU C 282 -57.53 42.86 -23.66
N VAL C 283 -56.68 43.88 -23.56
CA VAL C 283 -56.69 45.05 -24.43
C VAL C 283 -56.59 44.65 -25.89
N LYS C 284 -57.51 45.18 -26.69
CA LYS C 284 -57.56 44.94 -28.14
C LYS C 284 -58.24 46.14 -28.77
N ASP C 285 -57.49 46.85 -29.64
CA ASP C 285 -57.88 48.06 -30.41
C ASP C 285 -58.85 48.98 -29.64
N ASP C 286 -58.33 49.45 -28.50
CA ASP C 286 -59.01 50.41 -27.60
C ASP C 286 -60.28 49.83 -26.99
N LYS C 287 -60.29 48.51 -26.77
CA LYS C 287 -61.39 47.83 -26.07
C LYS C 287 -60.76 46.88 -25.06
N PHE C 288 -60.73 47.28 -23.79
CA PHE C 288 -60.21 46.42 -22.73
C PHE C 288 -61.33 45.60 -22.12
N TYR C 289 -61.02 44.36 -21.76
CA TYR C 289 -62.00 43.42 -21.22
C TYR C 289 -61.46 42.79 -19.96
N PHE C 290 -62.30 42.72 -18.93
CA PHE C 290 -61.92 42.07 -17.68
C PHE C 290 -61.76 40.57 -17.89
N ILE C 291 -60.77 39.98 -17.20
CA ILE C 291 -60.57 38.54 -17.26
C ILE C 291 -60.68 37.95 -15.86
N GLU C 292 -59.76 38.34 -14.97
CA GLU C 292 -59.71 37.79 -13.62
C GLU C 292 -58.87 38.70 -12.75
N VAL C 293 -58.97 38.50 -11.43
CA VAL C 293 -58.19 39.25 -10.45
C VAL C 293 -57.36 38.24 -9.66
N ASN C 294 -56.05 38.47 -9.59
CA ASN C 294 -55.18 37.65 -8.76
C ASN C 294 -55.06 38.31 -7.39
N PRO C 295 -55.57 37.70 -6.32
CA PRO C 295 -55.54 38.34 -5.00
C PRO C 295 -54.25 38.04 -4.24
N ARG C 296 -53.12 38.41 -4.86
CA ARG C 296 -51.80 38.13 -4.28
C ARG C 296 -50.78 39.03 -4.94
N VAL C 297 -49.59 39.05 -4.35
CA VAL C 297 -48.44 39.70 -4.98
C VAL C 297 -47.89 38.77 -6.05
N GLN C 298 -47.72 39.29 -7.26
CA GLN C 298 -47.38 38.45 -8.39
C GLN C 298 -45.87 38.32 -8.56
N VAL C 299 -45.49 37.44 -9.49
CA VAL C 299 -44.07 37.22 -9.77
C VAL C 299 -43.45 38.46 -10.42
N GLU C 300 -44.22 39.15 -11.26
CA GLU C 300 -43.72 40.29 -12.01
C GLU C 300 -43.99 41.62 -11.32
N HIS C 301 -44.02 41.64 -9.99
CA HIS C 301 -44.16 42.90 -9.27
C HIS C 301 -42.87 43.71 -9.26
N THR C 302 -41.76 43.11 -9.67
CA THR C 302 -40.47 43.81 -9.64
C THR C 302 -40.43 44.97 -10.62
N ILE C 303 -41.01 44.81 -11.80
CA ILE C 303 -41.01 45.89 -12.79
C ILE C 303 -41.88 47.05 -12.32
N THR C 304 -43.00 46.76 -11.65
CA THR C 304 -43.82 47.82 -11.07
C THR C 304 -43.07 48.53 -9.95
N GLU C 305 -42.34 47.77 -9.13
CA GLU C 305 -41.49 48.35 -8.10
C GLU C 305 -40.43 49.27 -8.70
N LEU C 306 -39.87 48.88 -9.84
CA LEU C 306 -38.81 49.68 -10.45
C LEU C 306 -39.36 50.93 -11.12
N ILE C 307 -40.53 50.84 -11.77
CA ILE C 307 -41.02 52.01 -12.49
C ILE C 307 -41.73 52.99 -11.56
N THR C 308 -42.24 52.52 -10.42
CA THR C 308 -42.92 53.42 -9.50
C THR C 308 -42.12 53.78 -8.25
N GLY C 309 -41.06 53.02 -7.95
CA GLY C 309 -40.27 53.30 -6.77
C GLY C 309 -40.91 52.91 -5.46
N VAL C 310 -42.01 52.17 -5.49
CA VAL C 310 -42.76 51.81 -4.30
C VAL C 310 -42.51 50.34 -4.01
N ASP C 311 -42.02 50.04 -2.81
CA ASP C 311 -41.78 48.66 -2.40
C ASP C 311 -43.11 47.96 -2.15
N ILE C 312 -43.45 47.02 -3.02
CA ILE C 312 -44.76 46.38 -2.96
C ILE C 312 -44.87 45.46 -1.75
N VAL C 313 -43.83 44.69 -1.47
CA VAL C 313 -43.89 43.73 -0.35
C VAL C 313 -43.89 44.47 0.98
N GLN C 314 -43.08 45.53 1.10
CA GLN C 314 -43.07 46.34 2.32
C GLN C 314 -44.42 47.00 2.55
N ALA C 315 -45.04 47.52 1.48
CA ALA C 315 -46.36 48.11 1.60
C ALA C 315 -47.40 47.07 1.97
N GLN C 316 -47.26 45.85 1.45
CA GLN C 316 -48.17 44.76 1.79
C GLN C 316 -48.08 44.41 3.27
N ILE C 317 -46.86 44.30 3.79
CA ILE C 317 -46.69 43.98 5.20
C ILE C 317 -47.19 45.12 6.08
N LEU C 318 -46.93 46.37 5.68
CA LEU C 318 -47.39 47.51 6.47
C LEU C 318 -48.90 47.65 6.45
N ILE C 319 -49.55 47.31 5.33
CA ILE C 319 -51.00 47.28 5.27
C ILE C 319 -51.55 46.18 6.17
N ALA C 320 -50.89 45.01 6.16
CA ALA C 320 -51.29 43.93 7.05
C ALA C 320 -51.09 44.29 8.52
N GLN C 321 -50.16 45.20 8.81
CA GLN C 321 -50.04 45.76 10.16
C GLN C 321 -51.20 46.68 10.52
N GLY C 322 -51.98 47.13 9.55
CA GLY C 322 -53.09 48.03 9.80
C GLY C 322 -52.79 49.50 9.58
N LYS C 323 -51.66 49.83 8.97
CA LYS C 323 -51.26 51.21 8.79
C LYS C 323 -52.03 51.86 7.62
N ASP C 324 -51.80 53.15 7.42
CA ASP C 324 -52.44 53.91 6.37
C ASP C 324 -51.47 54.11 5.20
N LEU C 325 -52.02 54.14 3.99
CA LEU C 325 -51.20 54.19 2.79
C LEU C 325 -50.48 55.53 2.65
N HIS C 326 -51.21 56.63 2.80
CA HIS C 326 -50.67 57.95 2.54
C HIS C 326 -50.27 58.70 3.79
N ARG C 327 -50.36 58.10 4.95
CA ARG C 327 -50.00 58.80 6.17
C ARG C 327 -48.98 58.04 7.02
N GLU C 328 -49.06 56.72 7.07
CA GLU C 328 -48.14 55.90 7.84
C GLU C 328 -47.11 55.20 6.96
N ILE C 329 -47.56 54.61 5.85
CA ILE C 329 -46.61 54.07 4.86
C ILE C 329 -45.86 55.21 4.19
N GLY C 330 -46.57 56.28 3.85
CA GLY C 330 -45.96 57.43 3.22
C GLY C 330 -46.03 57.47 1.71
N LEU C 331 -46.85 56.64 1.09
CA LEU C 331 -46.98 56.65 -0.36
C LEU C 331 -47.64 57.94 -0.82
N PRO C 332 -47.23 58.51 -1.95
CA PRO C 332 -47.85 59.74 -2.44
C PRO C 332 -49.24 59.46 -3.00
N ALA C 333 -49.90 60.55 -3.40
CA ALA C 333 -51.25 60.46 -3.93
C ALA C 333 -51.26 59.79 -5.30
N GLN C 334 -52.47 59.44 -5.75
CA GLN C 334 -52.62 58.72 -7.00
C GLN C 334 -52.15 59.55 -8.19
N SER C 335 -52.45 60.86 -8.18
CA SER C 335 -52.02 61.73 -9.27
C SER C 335 -50.53 62.02 -9.23
N GLU C 336 -49.87 61.77 -8.11
CA GLU C 336 -48.45 62.07 -7.94
C GLU C 336 -47.56 60.84 -8.00
N ILE C 337 -48.09 59.70 -8.43
CA ILE C 337 -47.30 58.47 -8.50
C ILE C 337 -46.33 58.57 -9.68
N PRO C 338 -45.04 58.34 -9.47
CA PRO C 338 -44.06 58.51 -10.55
C PRO C 338 -44.12 57.36 -11.55
N LEU C 339 -43.50 57.62 -12.70
CA LEU C 339 -43.31 56.61 -13.76
C LEU C 339 -41.87 56.77 -14.24
N LEU C 340 -40.96 56.00 -13.62
CA LEU C 340 -39.53 56.16 -13.86
C LEU C 340 -39.06 55.19 -14.95
N GLY C 341 -39.39 55.55 -16.18
CA GLY C 341 -38.92 54.77 -17.31
C GLY C 341 -39.64 53.45 -17.47
N SER C 342 -39.01 52.58 -18.26
CA SER C 342 -39.55 51.26 -18.58
C SER C 342 -38.66 50.16 -18.01
N ALA C 343 -39.31 49.10 -17.54
CA ALA C 343 -38.62 47.98 -16.92
C ALA C 343 -39.04 46.68 -17.59
N ILE C 344 -38.07 45.79 -17.79
CA ILE C 344 -38.29 44.50 -18.45
C ILE C 344 -37.88 43.39 -17.50
N GLN C 345 -38.70 42.35 -17.38
CA GLN C 345 -38.38 41.18 -16.58
C GLN C 345 -38.60 39.93 -17.41
N CYS C 346 -37.60 39.05 -17.40
CA CYS C 346 -37.75 37.70 -17.93
C CYS C 346 -37.34 36.70 -16.85
N ARG C 347 -37.99 35.55 -16.85
CA ARG C 347 -37.69 34.48 -15.90
C ARG C 347 -36.78 33.47 -16.57
N ILE C 348 -35.61 33.23 -15.97
CA ILE C 348 -34.67 32.24 -16.46
C ILE C 348 -34.95 30.93 -15.74
N THR C 349 -35.47 29.95 -16.47
CA THR C 349 -35.85 28.67 -15.92
C THR C 349 -34.96 27.57 -16.50
N THR C 350 -35.14 26.35 -16.01
CA THR C 350 -34.41 25.19 -16.50
C THR C 350 -35.11 24.52 -17.68
N GLU C 351 -36.07 25.20 -18.32
CA GLU C 351 -36.70 24.63 -19.49
C GLU C 351 -35.77 24.70 -20.69
N ASP C 352 -35.55 23.55 -21.33
CA ASP C 352 -34.64 23.47 -22.47
C ASP C 352 -35.44 23.72 -23.75
N PRO C 353 -35.19 24.82 -24.47
CA PRO C 353 -35.96 25.08 -25.69
C PRO C 353 -35.69 24.09 -26.81
N GLN C 354 -34.57 23.37 -26.78
CA GLN C 354 -34.30 22.33 -27.76
C GLN C 354 -34.94 21.00 -27.39
N ASN C 355 -35.63 20.92 -26.25
CA ASN C 355 -36.27 19.69 -25.80
C ASN C 355 -37.75 19.92 -25.50
N GLY C 356 -38.40 20.79 -26.26
CA GLY C 356 -39.81 21.05 -26.06
C GLY C 356 -40.14 21.82 -24.81
N PHE C 357 -39.18 22.62 -24.30
CA PHE C 357 -39.32 23.43 -23.09
C PHE C 357 -39.64 22.59 -21.86
N LEU C 358 -39.18 21.34 -21.86
CA LEU C 358 -39.29 20.50 -20.67
C LEU C 358 -38.23 20.90 -19.65
N PRO C 359 -38.56 20.90 -18.36
CA PRO C 359 -37.58 21.31 -17.35
C PRO C 359 -36.42 20.33 -17.24
N ASP C 360 -35.22 20.87 -17.11
CA ASP C 360 -34.01 20.08 -16.97
C ASP C 360 -33.63 19.99 -15.49
N THR C 361 -32.87 18.95 -15.17
CA THR C 361 -32.43 18.70 -13.80
C THR C 361 -30.94 18.34 -13.79
N GLY C 362 -30.31 18.57 -12.65
CA GLY C 362 -28.91 18.24 -12.49
C GLY C 362 -28.13 19.26 -11.70
N LYS C 363 -26.84 19.03 -11.52
CA LYS C 363 -25.98 19.96 -10.79
C LYS C 363 -25.74 21.22 -11.61
N ILE C 364 -25.53 22.33 -10.90
CA ILE C 364 -25.18 23.60 -11.51
C ILE C 364 -23.68 23.81 -11.32
N ASP C 365 -22.92 23.66 -12.40
CA ASP C 365 -21.48 23.74 -12.30
C ASP C 365 -21.00 25.18 -12.14
N THR C 366 -21.60 26.12 -12.89
CA THR C 366 -21.14 27.50 -12.92
C THR C 366 -22.32 28.43 -12.72
N TYR C 367 -22.12 29.48 -11.93
CA TYR C 367 -23.09 30.55 -11.78
C TYR C 367 -22.35 31.87 -11.65
N ARG C 368 -22.67 32.82 -12.54
CA ARG C 368 -22.03 34.14 -12.54
C ARG C 368 -23.13 35.17 -12.77
N SER C 369 -23.61 35.77 -11.70
CA SER C 369 -24.70 36.74 -11.79
C SER C 369 -24.16 38.09 -12.26
N PRO C 370 -24.69 38.65 -13.34
CA PRO C 370 -24.23 39.97 -13.78
C PRO C 370 -24.74 41.09 -12.89
N GLY C 371 -23.97 42.18 -12.87
CA GLY C 371 -24.35 43.35 -12.11
C GLY C 371 -24.38 44.60 -12.98
N GLY C 372 -24.05 45.74 -12.39
CA GLY C 372 -23.99 46.99 -13.14
C GLY C 372 -25.20 47.85 -12.92
N PHE C 373 -25.22 48.95 -13.67
CA PHE C 373 -26.28 49.94 -13.55
C PHE C 373 -27.59 49.42 -14.14
N GLY C 374 -28.68 49.65 -13.43
CA GLY C 374 -30.00 49.32 -13.93
C GLY C 374 -30.34 47.85 -13.91
N ILE C 375 -29.64 47.04 -13.12
CA ILE C 375 -29.85 45.59 -13.09
C ILE C 375 -30.31 45.21 -11.69
N ARG C 376 -31.40 44.44 -11.62
CA ARG C 376 -31.90 43.91 -10.35
C ARG C 376 -32.14 42.42 -10.52
N LEU C 377 -31.58 41.62 -9.62
CA LEU C 377 -31.68 40.17 -9.68
C LEU C 377 -32.40 39.66 -8.45
N ASP C 378 -33.39 38.80 -8.66
CA ASP C 378 -34.10 38.11 -7.58
C ASP C 378 -33.82 36.62 -7.77
N VAL C 379 -32.71 36.16 -7.22
CA VAL C 379 -32.26 34.78 -7.42
C VAL C 379 -33.06 33.86 -6.50
N GLY C 380 -33.29 32.64 -6.98
CA GLY C 380 -33.94 31.61 -6.18
C GLY C 380 -32.92 30.62 -5.64
N ASN C 381 -32.83 29.46 -6.28
CA ASN C 381 -31.84 28.44 -5.94
C ASN C 381 -31.04 28.17 -7.22
N ALA C 382 -29.98 28.95 -7.43
CA ALA C 382 -29.18 28.82 -8.64
C ALA C 382 -27.69 28.93 -8.37
N TYR C 383 -27.24 28.69 -7.15
CA TYR C 383 -25.82 28.80 -6.83
C TYR C 383 -25.05 27.62 -7.43
N ALA C 384 -23.73 27.76 -7.43
CA ALA C 384 -22.86 26.73 -7.98
C ALA C 384 -22.89 25.49 -7.09
N GLY C 385 -22.98 24.31 -7.72
CA GLY C 385 -23.07 23.07 -7.00
C GLY C 385 -24.47 22.70 -6.54
N TYR C 386 -25.48 23.50 -6.87
CA TYR C 386 -26.84 23.19 -6.48
C TYR C 386 -27.42 22.09 -7.36
N GLU C 387 -28.02 21.09 -6.74
CA GLU C 387 -28.66 19.99 -7.47
C GLU C 387 -30.12 20.34 -7.72
N VAL C 388 -30.49 20.45 -8.99
CA VAL C 388 -31.84 20.84 -9.36
C VAL C 388 -32.74 19.60 -9.28
N THR C 389 -33.80 19.70 -8.47
CA THR C 389 -34.75 18.63 -8.26
C THR C 389 -36.00 18.83 -9.10
N PRO C 390 -36.62 17.77 -9.61
CA PRO C 390 -37.84 17.91 -10.41
C PRO C 390 -39.12 18.11 -9.60
N TYR C 391 -39.02 18.20 -8.27
CA TYR C 391 -40.22 18.36 -7.46
C TYR C 391 -40.79 19.77 -7.57
N PHE C 392 -39.92 20.77 -7.58
CA PHE C 392 -40.33 22.17 -7.45
C PHE C 392 -40.35 22.87 -8.81
N ASP C 393 -40.52 24.18 -8.77
CA ASP C 393 -40.57 24.99 -9.98
C ASP C 393 -39.22 25.02 -10.67
N SER C 394 -39.26 25.26 -11.99
CA SER C 394 -38.05 25.27 -12.82
C SER C 394 -37.28 26.58 -12.73
N LEU C 395 -37.79 27.58 -12.02
CA LEU C 395 -37.17 28.90 -11.99
C LEU C 395 -35.84 28.87 -11.24
N LEU C 396 -34.83 29.49 -11.83
CA LEU C 396 -33.53 29.66 -11.18
C LEU C 396 -33.31 31.09 -10.71
N VAL C 397 -33.41 32.07 -11.61
CA VAL C 397 -33.12 33.47 -11.29
C VAL C 397 -34.11 34.34 -12.06
N LYS C 398 -34.56 35.41 -11.43
CA LYS C 398 -35.52 36.35 -11.99
C LYS C 398 -34.85 37.72 -12.08
N VAL C 399 -34.23 38.00 -13.23
CA VAL C 399 -33.46 39.22 -13.42
C VAL C 399 -34.33 40.25 -14.14
N CYS C 400 -34.17 41.52 -13.76
CA CYS C 400 -34.91 42.63 -14.35
C CYS C 400 -33.95 43.77 -14.70
N THR C 401 -34.28 44.49 -15.76
CA THR C 401 -33.51 45.65 -16.18
C THR C 401 -34.45 46.85 -16.32
N PHE C 402 -34.00 48.01 -15.85
CA PHE C 402 -34.79 49.23 -15.92
C PHE C 402 -33.92 50.36 -16.46
N ALA C 403 -34.55 51.25 -17.23
CA ALA C 403 -33.86 52.40 -17.78
C ALA C 403 -34.91 53.45 -18.14
N ASN C 404 -34.42 54.64 -18.49
CA ASN C 404 -35.32 55.73 -18.89
C ASN C 404 -36.01 55.42 -20.20
N GLU C 405 -35.29 54.85 -21.15
CA GLU C 405 -35.83 54.49 -22.46
C GLU C 405 -35.99 52.97 -22.56
N PHE C 406 -36.99 52.55 -23.33
CA PHE C 406 -37.22 51.12 -23.53
C PHE C 406 -36.11 50.48 -24.35
N SER C 407 -35.50 51.22 -25.28
CA SER C 407 -34.38 50.70 -26.05
C SER C 407 -33.18 50.43 -25.15
N ASP C 408 -32.91 51.32 -24.19
CA ASP C 408 -31.82 51.10 -23.25
C ASP C 408 -32.10 49.90 -22.36
N SER C 409 -33.35 49.70 -21.96
CA SER C 409 -33.71 48.53 -21.17
C SER C 409 -33.53 47.25 -21.98
N VAL C 410 -33.88 47.28 -23.28
CA VAL C 410 -33.68 46.13 -24.15
C VAL C 410 -32.20 45.81 -24.29
N ARG C 411 -31.37 46.83 -24.48
CA ARG C 411 -29.93 46.62 -24.60
C ARG C 411 -29.32 46.09 -23.30
N LYS C 412 -29.77 46.62 -22.16
CA LYS C 412 -29.28 46.14 -20.87
C LYS C 412 -29.67 44.68 -20.63
N MET C 413 -30.90 44.32 -20.99
CA MET C 413 -31.32 42.92 -20.84
C MET C 413 -30.57 42.00 -21.80
N ASP C 414 -30.26 42.47 -23.01
CA ASP C 414 -29.44 41.68 -23.92
C ASP C 414 -28.05 41.46 -23.35
N ARG C 415 -27.45 42.49 -22.77
CA ARG C 415 -26.14 42.35 -22.14
C ARG C 415 -26.20 41.39 -20.95
N VAL C 416 -27.26 41.47 -20.16
CA VAL C 416 -27.41 40.58 -19.00
C VAL C 416 -27.56 39.13 -19.46
N LEU C 417 -28.39 38.90 -20.48
CA LEU C 417 -28.61 37.55 -20.99
C LEU C 417 -27.36 36.96 -21.61
N HIS C 418 -26.53 37.80 -22.24
CA HIS C 418 -25.25 37.32 -22.72
C HIS C 418 -24.21 37.15 -21.62
N GLU C 419 -24.38 37.83 -20.48
CA GLU C 419 -23.43 37.72 -19.38
C GLU C 419 -23.74 36.56 -18.44
N PHE C 420 -24.99 36.09 -18.39
CA PHE C 420 -25.35 34.99 -17.52
C PHE C 420 -24.69 33.69 -17.95
N ARG C 421 -24.13 32.98 -16.98
CA ARG C 421 -23.47 31.68 -17.21
C ARG C 421 -24.05 30.68 -16.22
N ILE C 422 -24.93 29.80 -16.70
CA ILE C 422 -25.44 28.68 -15.92
C ILE C 422 -25.09 27.42 -16.70
N ARG C 423 -24.19 26.61 -16.13
CA ARG C 423 -23.71 25.40 -16.80
C ARG C 423 -24.03 24.18 -15.94
N GLY C 424 -24.33 23.07 -16.61
CA GLY C 424 -24.74 21.87 -15.92
C GLY C 424 -26.18 21.53 -16.21
N VAL C 425 -27.01 22.56 -16.34
CA VAL C 425 -28.41 22.42 -16.71
C VAL C 425 -28.71 23.33 -17.88
N LYS C 426 -29.71 22.95 -18.67
CA LYS C 426 -30.08 23.71 -19.86
C LYS C 426 -31.15 24.73 -19.49
N THR C 427 -30.95 25.96 -19.93
CA THR C 427 -31.85 27.07 -19.62
C THR C 427 -32.49 27.61 -20.89
N ASN C 428 -33.48 28.47 -20.70
CA ASN C 428 -34.17 29.14 -21.80
C ASN C 428 -33.51 30.46 -22.18
N ILE C 429 -32.23 30.62 -21.85
CA ILE C 429 -31.53 31.87 -22.19
C ILE C 429 -31.43 32.13 -23.69
N PRO C 430 -31.08 31.15 -24.56
CA PRO C 430 -31.12 31.44 -26.00
C PRO C 430 -32.51 31.82 -26.52
N PHE C 431 -33.56 31.20 -25.98
CA PHE C 431 -34.92 31.58 -26.36
C PHE C 431 -35.23 33.01 -25.94
N LEU C 432 -34.80 33.39 -24.74
CA LEU C 432 -35.01 34.76 -24.28
C LEU C 432 -34.22 35.76 -25.13
N ILE C 433 -33.01 35.38 -25.55
CA ILE C 433 -32.22 36.24 -26.43
C ILE C 433 -32.91 36.42 -27.77
N ASN C 434 -33.46 35.33 -28.31
CA ASN C 434 -34.18 35.41 -29.59
C ASN C 434 -35.44 36.27 -29.48
N VAL C 435 -36.16 36.16 -28.35
CA VAL C 435 -37.35 36.97 -28.15
C VAL C 435 -36.98 38.44 -28.00
N ILE C 436 -35.90 38.74 -27.27
CA ILE C 436 -35.45 40.11 -27.07
C ILE C 436 -35.02 40.74 -28.39
N ALA C 437 -34.28 39.97 -29.20
CA ALA C 437 -33.76 40.49 -30.46
C ALA C 437 -34.84 40.68 -31.53
N ASN C 438 -36.06 40.20 -31.29
CA ASN C 438 -37.12 40.36 -32.28
C ASN C 438 -37.58 41.81 -32.37
N GLU C 439 -37.97 42.21 -33.57
CA GLU C 439 -38.33 43.60 -33.83
C GLU C 439 -39.71 43.95 -33.29
N ASN C 440 -40.61 42.97 -33.19
CA ASN C 440 -41.93 43.24 -32.63
C ASN C 440 -41.85 43.56 -31.15
N PHE C 441 -41.03 42.83 -30.41
CA PHE C 441 -40.91 43.06 -28.97
C PHE C 441 -40.26 44.41 -28.68
N THR C 442 -39.22 44.77 -29.44
CA THR C 442 -38.56 46.05 -29.24
C THR C 442 -39.47 47.21 -29.59
N SER C 443 -40.34 47.04 -30.59
CA SER C 443 -41.35 48.04 -30.88
C SER C 443 -42.37 48.13 -29.74
N GLY C 444 -42.74 46.99 -29.16
CA GLY C 444 -43.68 46.96 -28.07
C GLY C 444 -45.09 46.56 -28.45
N GLN C 445 -45.33 46.21 -29.72
CA GLN C 445 -46.65 45.79 -30.18
C GLN C 445 -46.82 44.29 -30.14
N ALA C 446 -46.14 43.60 -29.23
CA ALA C 446 -46.27 42.16 -29.13
C ALA C 446 -47.63 41.78 -28.53
N THR C 447 -48.27 40.79 -29.14
CA THR C 447 -49.56 40.29 -28.71
C THR C 447 -49.38 38.93 -28.05
N THR C 448 -50.51 38.35 -27.62
CA THR C 448 -50.47 37.03 -27.00
C THR C 448 -50.11 35.95 -28.01
N THR C 449 -50.52 36.11 -29.26
CA THR C 449 -50.22 35.15 -30.32
C THR C 449 -48.91 35.47 -31.04
N PHE C 450 -48.09 36.36 -30.48
CA PHE C 450 -46.84 36.74 -31.15
C PHE C 450 -45.82 35.61 -31.13
N ILE C 451 -45.75 34.87 -30.02
CA ILE C 451 -44.76 33.79 -29.91
C ILE C 451 -45.12 32.62 -30.81
N ASP C 452 -46.40 32.23 -30.84
CA ASP C 452 -46.83 31.05 -31.58
C ASP C 452 -46.82 31.24 -33.08
N ASN C 453 -46.74 32.47 -33.58
CA ASN C 453 -46.72 32.75 -35.01
C ASN C 453 -45.35 33.21 -35.49
N THR C 454 -44.29 32.95 -34.72
CA THR C 454 -42.93 33.35 -35.07
C THR C 454 -42.03 32.12 -34.97
N PRO C 455 -41.95 31.32 -36.04
CA PRO C 455 -41.06 30.14 -36.00
C PRO C 455 -39.58 30.49 -36.05
N SER C 456 -39.22 31.73 -36.38
CA SER C 456 -37.82 32.12 -36.43
C SER C 456 -37.19 32.28 -35.04
N LEU C 457 -38.00 32.29 -33.98
CA LEU C 457 -37.48 32.39 -32.63
C LEU C 457 -36.85 31.10 -32.12
N PHE C 458 -37.05 29.99 -32.83
CA PHE C 458 -36.54 28.70 -32.40
C PHE C 458 -35.24 28.32 -33.10
N ASN C 459 -34.63 29.23 -33.84
CA ASN C 459 -33.34 29.00 -34.49
C ASN C 459 -32.26 29.48 -33.54
N PHE C 460 -31.68 28.55 -32.77
CA PHE C 460 -30.66 28.86 -31.78
C PHE C 460 -29.29 28.57 -32.35
N PRO C 461 -28.37 29.53 -32.30
CA PRO C 461 -27.01 29.28 -32.81
C PRO C 461 -26.25 28.31 -31.94
N ARG C 462 -25.29 27.64 -32.56
CA ARG C 462 -24.46 26.67 -31.84
C ARG C 462 -23.52 27.40 -30.88
N LEU C 463 -23.47 26.92 -29.64
CA LEU C 463 -22.60 27.48 -28.61
C LEU C 463 -21.47 26.50 -28.35
N ARG C 464 -20.24 26.95 -28.53
CA ARG C 464 -19.05 26.12 -28.36
C ARG C 464 -18.45 26.41 -27.00
N ASP C 465 -18.93 25.72 -25.97
CA ASP C 465 -18.43 25.91 -24.63
C ASP C 465 -17.03 25.30 -24.50
N ARG C 466 -16.01 26.07 -24.83
CA ARG C 466 -14.65 25.56 -24.90
C ARG C 466 -13.99 25.45 -23.54
N GLY C 467 -14.67 25.81 -22.46
CA GLY C 467 -14.14 25.58 -21.13
C GLY C 467 -14.60 24.26 -20.56
N THR C 468 -15.90 24.00 -20.67
CA THR C 468 -16.47 22.76 -20.16
C THR C 468 -15.94 21.55 -20.93
N LYS C 469 -15.86 21.66 -22.25
CA LYS C 469 -15.36 20.55 -23.07
C LYS C 469 -13.89 20.30 -22.81
N THR C 470 -13.09 21.35 -22.65
CA THR C 470 -11.67 21.19 -22.34
C THR C 470 -11.48 20.56 -20.98
N LEU C 471 -12.26 20.98 -19.98
CA LEU C 471 -12.17 20.37 -18.66
C LEU C 471 -12.60 18.90 -18.69
N HIS C 472 -13.64 18.60 -19.48
CA HIS C 472 -14.09 17.22 -19.63
C HIS C 472 -13.02 16.33 -20.25
N TYR C 473 -12.38 16.83 -21.32
CA TYR C 473 -11.32 16.05 -21.97
C TYR C 473 -10.11 15.88 -21.06
N LEU C 474 -9.74 16.94 -20.34
CA LEU C 474 -8.60 16.85 -19.42
C LEU C 474 -8.87 15.86 -18.30
N SER C 475 -10.09 15.87 -17.75
CA SER C 475 -10.45 14.92 -16.71
C SER C 475 -10.47 13.50 -17.26
N MET C 476 -10.98 13.31 -18.48
CA MET C 476 -11.03 11.98 -19.09
C MET C 476 -9.63 11.41 -19.28
N ILE C 477 -8.71 12.22 -19.82
CA ILE C 477 -7.34 11.75 -20.02
C ILE C 477 -6.63 11.56 -18.68
N THR C 478 -6.90 12.42 -17.69
CA THR C 478 -6.24 12.31 -16.40
C THR C 478 -6.63 11.04 -15.66
N VAL C 479 -7.93 10.71 -15.64
CA VAL C 479 -8.40 9.57 -14.86
C VAL C 479 -8.50 8.28 -15.65
N ASN C 480 -8.37 8.33 -16.99
CA ASN C 480 -8.48 7.13 -17.80
C ASN C 480 -7.29 6.88 -18.71
N GLY C 481 -6.44 7.87 -18.94
CA GLY C 481 -5.28 7.69 -19.79
C GLY C 481 -5.60 7.82 -21.26
N PHE C 482 -4.56 8.07 -22.04
CA PHE C 482 -4.73 8.18 -23.48
C PHE C 482 -4.93 6.79 -24.09
N PRO C 483 -5.86 6.65 -25.03
CA PRO C 483 -6.10 5.33 -25.66
C PRO C 483 -4.95 4.97 -26.59
N GLY C 484 -4.44 3.75 -26.44
CA GLY C 484 -3.40 3.23 -27.29
C GLY C 484 -2.01 3.26 -26.71
N ILE C 485 -1.77 4.02 -25.64
CA ILE C 485 -0.46 4.10 -25.01
C ILE C 485 -0.62 3.75 -23.53
N GLU C 486 0.51 3.40 -22.92
CA GLU C 486 0.52 3.05 -21.51
C GLU C 486 0.35 4.31 -20.65
N ASN C 487 -0.08 4.09 -19.41
CA ASN C 487 -0.44 5.18 -18.50
C ASN C 487 0.76 5.51 -17.59
N THR C 488 1.67 6.29 -18.14
CA THR C 488 2.81 6.79 -17.37
C THR C 488 2.49 8.16 -16.77
N GLU C 489 3.32 8.56 -15.81
CA GLU C 489 3.17 9.86 -15.19
C GLU C 489 3.59 10.96 -16.17
N LYS C 490 2.94 12.12 -16.05
CA LYS C 490 3.25 13.26 -16.90
C LYS C 490 4.60 13.85 -16.50
N ARG C 491 5.61 13.65 -17.33
CA ARG C 491 6.94 14.18 -17.04
C ARG C 491 6.95 15.70 -17.24
N HIS C 492 7.88 16.34 -16.53
CA HIS C 492 8.06 17.79 -16.63
C HIS C 492 8.97 18.09 -17.81
N PHE C 493 8.42 18.74 -18.83
CA PHE C 493 9.15 19.06 -20.05
C PHE C 493 9.47 20.54 -20.08
N GLU C 494 10.73 20.86 -20.36
CA GLU C 494 11.13 22.25 -20.52
C GLU C 494 10.59 22.80 -21.85
N GLU C 495 10.62 24.12 -21.97
CA GLU C 495 10.18 24.75 -23.20
C GLU C 495 11.16 24.43 -24.32
N PRO C 496 10.68 24.25 -25.55
CA PRO C 496 11.60 23.95 -26.65
C PRO C 496 12.46 25.14 -27.02
N ARG C 497 13.65 24.85 -27.53
CA ARG C 497 14.63 25.90 -27.84
C ARG C 497 14.20 26.63 -29.10
N GLN C 498 13.88 27.91 -28.97
CA GLN C 498 13.53 28.71 -30.12
C GLN C 498 14.77 29.00 -30.96
N PRO C 499 14.66 28.97 -32.28
CA PRO C 499 15.82 29.18 -33.14
C PRO C 499 16.26 30.64 -33.17
N LEU C 500 17.54 30.82 -33.51
CA LEU C 500 18.13 32.14 -33.72
C LEU C 500 18.59 32.19 -35.18
N LEU C 501 17.85 32.92 -36.00
CA LEU C 501 18.04 32.88 -37.45
C LEU C 501 18.67 34.18 -37.95
N ASN C 502 19.53 34.04 -38.96
CA ASN C 502 20.06 35.18 -39.71
C ASN C 502 19.26 35.26 -41.00
N LEU C 503 18.21 36.07 -40.97
CA LEU C 503 17.26 36.12 -42.07
C LEU C 503 17.88 36.78 -43.31
N GLU C 504 17.75 36.12 -44.45
CA GLU C 504 18.19 36.64 -45.74
C GLU C 504 17.01 36.59 -46.68
N LYS C 505 16.35 37.73 -46.89
CA LYS C 505 15.16 37.76 -47.72
C LYS C 505 15.53 37.55 -49.19
N LYS C 506 14.80 36.64 -49.84
CA LYS C 506 15.03 36.34 -51.24
C LYS C 506 13.73 35.82 -51.84
N LYS C 507 13.66 35.87 -53.17
CA LYS C 507 12.47 35.41 -53.88
C LYS C 507 12.42 33.90 -53.87
N THR C 508 11.39 33.35 -53.24
CA THR C 508 11.19 31.90 -53.24
C THR C 508 10.34 31.50 -54.44
N ALA C 509 10.27 30.18 -54.67
CA ALA C 509 9.53 29.68 -55.81
C ALA C 509 8.02 29.68 -55.57
N LYS C 510 7.59 29.85 -54.32
CA LYS C 510 6.17 30.11 -54.06
C LYS C 510 5.73 31.43 -54.69
N ASN C 511 6.58 32.45 -54.61
CA ASN C 511 6.29 33.70 -55.30
C ASN C 511 6.26 33.50 -56.81
N ILE C 512 7.16 32.67 -57.33
CA ILE C 512 7.20 32.40 -58.77
C ILE C 512 5.92 31.69 -59.21
N LEU C 513 5.40 30.79 -58.37
CA LEU C 513 4.11 30.18 -58.68
C LEU C 513 2.97 31.19 -58.48
N ASP C 514 3.17 32.19 -57.64
CA ASP C 514 2.13 33.17 -57.38
C ASP C 514 1.95 34.11 -58.57
N GLU C 515 3.00 34.88 -58.92
CA GLU C 515 2.86 35.86 -59.98
C GLU C 515 3.15 35.34 -61.37
N GLN C 516 3.52 34.07 -61.52
CA GLN C 516 3.74 33.46 -62.82
C GLN C 516 3.12 32.05 -62.82
N GLY C 517 3.35 31.31 -63.91
CA GLY C 517 2.83 29.98 -64.04
C GLY C 517 3.73 28.92 -63.43
N ALA C 518 3.27 27.67 -63.53
CA ALA C 518 4.08 26.55 -63.05
C ALA C 518 5.25 26.28 -63.98
N ASP C 519 5.13 26.64 -65.26
CA ASP C 519 6.24 26.49 -66.19
C ASP C 519 7.39 27.42 -65.84
N ALA C 520 7.09 28.58 -65.26
CA ALA C 520 8.15 29.44 -64.74
C ALA C 520 8.88 28.79 -63.59
N VAL C 521 8.16 28.07 -62.72
CA VAL C 521 8.79 27.34 -61.63
C VAL C 521 9.67 26.22 -62.17
N VAL C 522 9.19 25.53 -63.21
CA VAL C 522 9.98 24.47 -63.84
C VAL C 522 11.25 25.03 -64.47
N ASP C 523 11.14 26.19 -65.13
CA ASP C 523 12.30 26.84 -65.71
C ASP C 523 13.28 27.31 -64.64
N TYR C 524 12.75 27.78 -63.50
CA TYR C 524 13.61 28.19 -62.39
C TYR C 524 14.34 27.01 -61.79
N VAL C 525 13.70 25.85 -61.72
CA VAL C 525 14.36 24.64 -61.21
C VAL C 525 15.52 24.23 -62.12
N LYS C 526 15.30 24.24 -63.44
CA LYS C 526 16.32 23.80 -64.38
C LYS C 526 17.47 24.79 -64.50
N ASN C 527 17.27 26.05 -64.13
CA ASN C 527 18.30 27.07 -64.26
C ASN C 527 19.15 27.21 -63.01
N THR C 528 18.94 26.36 -62.00
CA THR C 528 19.68 26.42 -60.75
C THR C 528 20.83 25.42 -60.80
N LYS C 529 22.05 25.90 -60.50
CA LYS C 529 23.21 25.02 -60.47
C LYS C 529 23.14 24.09 -59.26
N GLU C 530 22.84 24.64 -58.08
CA GLU C 530 22.80 23.83 -56.87
C GLU C 530 21.54 22.97 -56.84
N VAL C 531 21.63 21.85 -56.13
CA VAL C 531 20.51 20.94 -56.00
C VAL C 531 19.52 21.52 -55.00
N LEU C 532 18.26 21.60 -55.40
CA LEU C 532 17.22 22.11 -54.52
C LEU C 532 16.83 21.05 -53.50
N LEU C 533 16.39 21.51 -52.33
CA LEU C 533 15.95 20.64 -51.25
C LEU C 533 14.51 20.94 -50.90
N THR C 534 13.76 19.90 -50.55
CA THR C 534 12.43 20.03 -49.99
C THR C 534 12.41 19.44 -48.59
N ASP C 535 11.68 20.12 -47.70
CA ASP C 535 11.62 19.73 -46.29
C ASP C 535 10.47 18.74 -46.12
N THR C 536 10.82 17.46 -46.04
CA THR C 536 9.84 16.40 -45.81
C THR C 536 9.67 16.09 -44.33
N THR C 537 10.08 17.02 -43.45
CA THR C 537 9.96 16.82 -42.01
C THR C 537 8.51 16.72 -41.57
N LEU C 538 7.64 17.59 -42.13
CA LEU C 538 6.30 17.74 -41.60
C LEU C 538 5.38 16.58 -41.92
N ARG C 539 5.73 15.72 -42.89
CA ARG C 539 4.94 14.52 -43.14
C ARG C 539 5.73 13.24 -42.92
N ASP C 540 6.81 13.01 -43.67
CA ASP C 540 7.38 11.67 -43.75
C ASP C 540 8.34 11.38 -42.62
N ALA C 541 8.98 12.41 -42.06
CA ALA C 541 9.93 12.19 -40.97
C ALA C 541 9.22 11.67 -39.72
N HIS C 542 8.04 12.21 -39.41
CA HIS C 542 7.24 11.69 -38.31
C HIS C 542 6.32 10.57 -38.73
N GLN C 543 6.08 10.39 -40.04
CA GLN C 543 5.41 9.18 -40.50
C GLN C 543 6.28 7.95 -40.27
N SER C 544 7.58 8.08 -40.54
CA SER C 544 8.49 6.94 -40.47
C SER C 544 8.99 6.67 -39.05
N LEU C 545 9.01 7.69 -38.20
CA LEU C 545 9.55 7.56 -36.86
C LEU C 545 8.49 7.64 -35.77
N LEU C 546 7.68 8.70 -35.77
CA LEU C 546 6.68 8.90 -34.73
C LEU C 546 5.32 8.31 -35.10
N ALA C 547 5.23 7.59 -36.22
CA ALA C 547 4.01 6.93 -36.69
C ALA C 547 2.88 7.92 -36.90
N THR C 548 3.16 8.99 -37.65
CA THR C 548 2.21 10.04 -38.05
C THR C 548 1.50 10.69 -36.85
N ARG C 549 2.19 10.83 -35.72
CA ARG C 549 1.57 11.35 -34.51
C ARG C 549 2.04 12.76 -34.16
N LEU C 550 2.62 13.48 -35.13
CA LEU C 550 3.06 14.85 -34.87
C LEU C 550 1.83 15.76 -34.83
N ARG C 551 1.67 16.48 -33.74
CA ARG C 551 0.50 17.33 -33.54
C ARG C 551 0.67 18.65 -34.26
N LEU C 552 -0.42 19.43 -34.29
CA LEU C 552 -0.42 20.69 -35.01
C LEU C 552 0.33 21.78 -34.24
N GLN C 553 0.33 21.72 -32.91
CA GLN C 553 0.96 22.76 -32.10
C GLN C 553 2.47 22.79 -32.29
N ASP C 554 3.10 21.61 -32.40
CA ASP C 554 4.54 21.55 -32.64
C ASP C 554 4.90 22.08 -34.02
N MET C 555 4.03 21.89 -35.01
CA MET C 555 4.25 22.50 -36.32
C MET C 555 4.04 24.01 -36.26
N LYS C 556 3.08 24.46 -35.44
CA LYS C 556 2.77 25.88 -35.36
C LYS C 556 3.89 26.65 -34.66
N GLY C 557 4.60 25.98 -33.75
CA GLY C 557 5.70 26.65 -33.05
C GLY C 557 6.90 26.94 -33.91
N ILE C 558 7.02 26.30 -35.07
CA ILE C 558 8.22 26.40 -35.90
C ILE C 558 7.91 26.67 -37.37
N ALA C 559 6.63 26.78 -37.76
CA ALA C 559 6.30 27.01 -39.16
C ALA C 559 6.81 28.37 -39.65
N GLN C 560 6.63 29.41 -38.83
CA GLN C 560 7.13 30.73 -39.20
C GLN C 560 8.66 30.74 -39.27
N ALA C 561 9.32 30.05 -38.34
CA ALA C 561 10.78 29.99 -38.33
C ALA C 561 11.32 29.26 -39.55
N ILE C 562 10.65 28.19 -39.97
CA ILE C 562 11.10 27.48 -41.17
C ILE C 562 10.82 28.31 -42.42
N ASP C 563 9.67 29.00 -42.45
CA ASP C 563 9.31 29.82 -43.61
C ASP C 563 10.26 31.01 -43.77
N GLN C 564 10.74 31.57 -42.66
CA GLN C 564 11.62 32.73 -42.74
C GLN C 564 13.09 32.36 -42.86
N GLY C 565 13.56 31.45 -42.01
CA GLY C 565 14.97 31.09 -41.97
C GLY C 565 15.43 30.14 -43.04
N LEU C 566 14.50 29.49 -43.75
CA LEU C 566 14.83 28.58 -44.85
C LEU C 566 14.05 28.99 -46.09
N PRO C 567 14.48 30.06 -46.78
CA PRO C 567 13.78 30.44 -48.01
C PRO C 567 14.24 29.68 -49.25
N GLU C 568 15.38 28.99 -49.17
CA GLU C 568 15.93 28.28 -50.31
C GLU C 568 15.29 26.91 -50.53
N LEU C 569 14.38 26.49 -49.65
CA LEU C 569 13.70 25.23 -49.82
C LEU C 569 12.78 25.27 -51.04
N PHE C 570 12.80 24.19 -51.82
CA PHE C 570 11.90 24.09 -52.97
C PHE C 570 10.45 23.99 -52.51
N SER C 571 10.16 23.07 -51.59
CA SER C 571 8.81 22.90 -51.08
C SER C 571 8.90 22.31 -49.68
N ALA C 572 7.73 22.06 -49.09
CA ALA C 572 7.64 21.45 -47.77
C ALA C 572 6.52 20.42 -47.78
N GLU C 573 6.89 19.15 -47.78
CA GLU C 573 5.92 18.05 -47.76
C GLU C 573 5.27 18.03 -46.39
N MET C 574 4.03 18.51 -46.31
CA MET C 574 3.34 18.65 -45.03
C MET C 574 1.95 18.04 -45.02
N TRP C 575 1.52 17.37 -46.08
CA TRP C 575 0.18 16.81 -46.13
C TRP C 575 0.23 15.50 -46.91
N GLY C 576 -0.89 14.79 -46.89
CA GLY C 576 -1.02 13.55 -47.64
C GLY C 576 -0.49 12.35 -46.89
N GLY C 577 -0.58 11.19 -47.55
CA GLY C 577 -0.17 9.96 -46.93
C GLY C 577 -1.13 9.54 -45.83
N ALA C 578 -0.56 8.96 -44.78
CA ALA C 578 -1.35 8.53 -43.63
C ALA C 578 -1.73 9.66 -42.70
N THR C 579 -1.21 10.87 -42.94
CA THR C 579 -1.47 12.01 -42.07
C THR C 579 -2.95 12.36 -42.03
N PHE C 580 -3.63 12.29 -43.18
CA PHE C 580 -5.06 12.56 -43.27
C PHE C 580 -5.87 11.66 -42.35
N ASP C 581 -5.77 10.34 -42.57
CA ASP C 581 -6.55 9.38 -41.81
C ASP C 581 -6.17 9.38 -40.33
N VAL C 582 -4.87 9.48 -40.04
CA VAL C 582 -4.44 9.43 -38.63
C VAL C 582 -4.84 10.70 -37.89
N ALA C 583 -4.74 11.86 -38.54
CA ALA C 583 -5.18 13.10 -37.91
C ALA C 583 -6.68 13.10 -37.68
N TYR C 584 -7.45 12.51 -38.61
CA TYR C 584 -8.89 12.42 -38.38
C TYR C 584 -9.23 11.41 -37.28
N ARG C 585 -8.45 10.35 -37.14
CA ARG C 585 -8.82 9.26 -36.23
C ARG C 585 -8.22 9.41 -34.83
N PHE C 586 -6.89 9.42 -34.74
CA PHE C 586 -6.20 9.42 -33.46
C PHE C 586 -6.00 10.82 -32.89
N LEU C 587 -5.42 11.71 -33.68
CA LEU C 587 -5.07 13.04 -33.20
C LEU C 587 -6.30 13.93 -32.99
N ASN C 588 -7.42 13.59 -33.62
CA ASN C 588 -8.68 14.34 -33.55
C ASN C 588 -8.50 15.79 -34.01
N GLU C 589 -7.67 15.98 -35.02
CA GLU C 589 -7.49 17.26 -35.69
C GLU C 589 -7.85 17.10 -37.15
N SER C 590 -8.72 17.97 -37.65
CA SER C 590 -9.02 17.95 -39.07
C SER C 590 -7.81 18.48 -39.83
N PRO C 591 -7.24 17.71 -40.77
CA PRO C 591 -6.06 18.19 -41.51
C PRO C 591 -6.33 19.40 -42.39
N TRP C 592 -7.59 19.71 -42.69
CA TRP C 592 -7.90 20.96 -43.35
C TRP C 592 -7.58 22.16 -42.46
N TYR C 593 -7.85 22.03 -41.16
CA TYR C 593 -7.47 23.07 -40.21
C TYR C 593 -5.96 23.21 -40.12
N ARG C 594 -5.25 22.08 -40.14
CA ARG C 594 -3.79 22.11 -40.15
C ARG C 594 -3.26 22.78 -41.41
N LEU C 595 -3.86 22.48 -42.56
CA LEU C 595 -3.47 23.11 -43.82
C LEU C 595 -3.73 24.62 -43.79
N ARG C 596 -4.87 25.03 -43.26
CA ARG C 596 -5.18 26.46 -43.16
C ARG C 596 -4.20 27.18 -42.24
N LYS C 597 -3.92 26.60 -41.07
CA LYS C 597 -3.00 27.22 -40.12
C LYS C 597 -1.59 27.30 -40.68
N LEU C 598 -1.13 26.24 -41.35
CA LEU C 598 0.21 26.26 -41.92
C LEU C 598 0.31 27.19 -43.12
N ARG C 599 -0.76 27.32 -43.90
CA ARG C 599 -0.74 28.27 -45.02
C ARG C 599 -0.75 29.71 -44.51
N LYS C 600 -1.45 29.97 -43.40
CA LYS C 600 -1.39 31.30 -42.80
C LYS C 600 -0.05 31.55 -42.13
N LEU C 601 0.63 30.49 -41.68
CA LEU C 601 1.92 30.65 -41.02
C LEU C 601 3.11 30.56 -41.97
N MET C 602 2.93 30.05 -43.18
CA MET C 602 4.02 29.86 -44.14
C MET C 602 3.60 30.49 -45.46
N PRO C 603 3.70 31.81 -45.58
CA PRO C 603 3.23 32.47 -46.81
C PRO C 603 4.18 32.36 -47.98
N ASN C 604 5.47 32.13 -47.71
CA ASN C 604 6.49 32.14 -48.74
C ASN C 604 7.16 30.78 -48.92
N THR C 605 6.50 29.70 -48.48
CA THR C 605 7.04 28.35 -48.61
C THR C 605 6.02 27.51 -49.37
N MET C 606 6.49 26.84 -50.42
CA MET C 606 5.59 26.04 -51.24
C MET C 606 5.21 24.75 -50.51
N PHE C 607 3.96 24.34 -50.67
CA PHE C 607 3.43 23.16 -49.99
C PHE C 607 3.33 21.98 -50.95
N GLN C 608 3.43 20.79 -50.39
CA GLN C 608 3.42 19.54 -51.15
C GLN C 608 2.62 18.50 -50.39
N MET C 609 1.80 17.75 -51.10
CA MET C 609 1.05 16.64 -50.53
C MET C 609 1.32 15.37 -51.32
N LEU C 610 1.07 14.22 -50.68
CA LEU C 610 1.32 12.92 -51.30
C LEU C 610 -0.01 12.39 -51.83
N PHE C 611 -0.18 12.48 -53.15
CA PHE C 611 -1.34 11.91 -53.81
C PHE C 611 -0.99 10.53 -54.36
N ARG C 612 -1.92 9.57 -54.22
CA ARG C 612 -1.66 8.20 -54.65
C ARG C 612 -2.80 7.70 -55.54
N GLY C 613 -2.75 8.05 -56.82
CA GLY C 613 -3.59 7.44 -57.85
C GLY C 613 -5.07 7.60 -57.59
N SER C 614 -5.80 6.50 -57.77
CA SER C 614 -7.24 6.50 -57.52
C SER C 614 -7.54 6.57 -56.03
N ASN C 615 -6.83 5.80 -55.22
CA ASN C 615 -7.01 5.79 -53.77
C ASN C 615 -6.35 7.06 -53.23
N ALA C 616 -7.10 8.17 -53.30
CA ALA C 616 -6.50 9.50 -53.20
C ALA C 616 -5.85 9.76 -51.84
N VAL C 617 -6.59 9.53 -50.76
CA VAL C 617 -6.01 9.64 -49.42
C VAL C 617 -6.40 8.41 -48.62
N GLY C 618 -6.95 7.41 -49.30
CA GLY C 618 -7.36 6.18 -48.65
C GLY C 618 -6.72 4.96 -49.26
N TYR C 619 -7.47 3.85 -49.29
CA TYR C 619 -6.97 2.61 -49.86
C TYR C 619 -7.97 1.95 -50.80
N GLN C 620 -9.12 2.57 -51.03
CA GLN C 620 -10.15 2.04 -51.91
C GLN C 620 -10.34 2.99 -53.09
N ASN C 621 -10.82 2.44 -54.19
CA ASN C 621 -11.01 3.23 -55.41
C ASN C 621 -12.16 4.22 -55.24
N TYR C 622 -12.05 5.34 -55.95
CA TYR C 622 -13.04 6.41 -55.89
C TYR C 622 -13.37 6.86 -57.30
N PRO C 623 -14.57 7.39 -57.53
CA PRO C 623 -14.91 7.92 -58.85
C PRO C 623 -14.10 9.17 -59.18
N ASP C 624 -14.04 9.46 -60.48
CA ASP C 624 -13.15 10.51 -60.97
C ASP C 624 -13.59 11.91 -60.54
N ASN C 625 -14.90 12.13 -60.42
CA ASN C 625 -15.37 13.46 -60.00
C ASN C 625 -15.02 13.74 -58.55
N VAL C 626 -15.04 12.71 -57.69
CA VAL C 626 -14.63 12.88 -56.30
C VAL C 626 -13.15 13.25 -56.22
N ILE C 627 -12.33 12.57 -57.02
CA ILE C 627 -10.89 12.87 -57.07
C ILE C 627 -10.65 14.29 -57.58
N GLU C 628 -11.38 14.69 -58.63
CA GLU C 628 -11.21 16.03 -59.19
C GLU C 628 -11.64 17.10 -58.18
N GLU C 629 -12.73 16.86 -57.45
CA GLU C 629 -13.17 17.82 -56.45
C GLU C 629 -12.19 17.90 -55.29
N PHE C 630 -11.61 16.76 -54.89
CA PHE C 630 -10.58 16.77 -53.84
C PHE C 630 -9.36 17.55 -54.30
N ILE C 631 -8.94 17.37 -55.56
CA ILE C 631 -7.81 18.13 -56.10
C ILE C 631 -8.12 19.61 -56.11
N ARG C 632 -9.35 19.98 -56.52
CA ARG C 632 -9.73 21.38 -56.57
C ARG C 632 -9.75 22.02 -55.18
N VAL C 633 -10.30 21.32 -54.20
CA VAL C 633 -10.37 21.86 -52.84
C VAL C 633 -8.97 21.96 -52.22
N ALA C 634 -8.13 20.94 -52.46
CA ALA C 634 -6.77 20.97 -51.93
C ALA C 634 -5.95 22.08 -52.56
N ALA C 635 -6.11 22.32 -53.87
CA ALA C 635 -5.39 23.40 -54.52
C ALA C 635 -5.92 24.76 -54.09
N HIS C 636 -7.22 24.86 -53.78
CA HIS C 636 -7.77 26.11 -53.28
C HIS C 636 -7.28 26.42 -51.88
N GLU C 637 -7.17 25.40 -51.03
CA GLU C 637 -6.84 25.62 -49.63
C GLU C 637 -5.35 25.84 -49.37
N GLY C 638 -4.49 25.59 -50.36
CA GLY C 638 -3.09 25.95 -50.19
C GLY C 638 -2.05 24.98 -50.70
N ILE C 639 -2.47 23.82 -51.20
CA ILE C 639 -1.53 22.84 -51.71
C ILE C 639 -1.10 23.24 -53.12
N ASP C 640 0.21 23.30 -53.34
CA ASP C 640 0.78 23.75 -54.61
C ASP C 640 1.44 22.64 -55.40
N VAL C 641 2.13 21.71 -54.73
CA VAL C 641 2.75 20.57 -55.39
C VAL C 641 1.90 19.33 -55.11
N PHE C 642 1.57 18.61 -56.17
CA PHE C 642 0.86 17.34 -56.05
C PHE C 642 1.78 16.25 -56.56
N ARG C 643 2.34 15.46 -55.63
CA ARG C 643 3.19 14.33 -55.99
C ARG C 643 2.29 13.12 -56.17
N ILE C 644 1.88 12.88 -57.41
CA ILE C 644 0.94 11.79 -57.72
C ILE C 644 1.72 10.56 -58.14
N PHE C 645 1.48 9.45 -57.46
CA PHE C 645 2.04 8.16 -57.82
C PHE C 645 0.93 7.11 -57.82
N ASP C 646 1.30 5.89 -58.18
CA ASP C 646 0.39 4.77 -58.15
C ASP C 646 1.05 3.60 -57.44
N SER C 647 0.23 2.73 -56.85
CA SER C 647 0.75 1.58 -56.13
C SER C 647 1.40 0.55 -57.05
N LEU C 648 1.03 0.53 -58.33
CA LEU C 648 1.57 -0.45 -59.27
C LEU C 648 2.17 0.21 -60.51
N ASN C 649 2.42 1.54 -60.44
CA ASN C 649 3.05 2.30 -61.52
C ASN C 649 2.26 2.20 -62.83
N TRP C 650 0.96 2.48 -62.75
CA TRP C 650 0.07 2.37 -63.89
C TRP C 650 -0.36 3.77 -64.33
N LEU C 651 -0.18 4.05 -65.61
CA LEU C 651 -0.54 5.37 -66.15
C LEU C 651 -2.02 5.75 -66.06
N PRO C 652 -3.00 4.89 -66.39
CA PRO C 652 -4.40 5.37 -66.34
C PRO C 652 -4.90 5.76 -64.96
N GLN C 653 -4.29 5.24 -63.90
CA GLN C 653 -4.72 5.62 -62.55
C GLN C 653 -4.11 6.94 -62.10
N MET C 654 -3.19 7.52 -62.87
CA MET C 654 -2.61 8.82 -62.55
C MET C 654 -2.87 9.89 -63.60
N GLU C 655 -3.32 9.50 -64.79
CA GLU C 655 -3.54 10.47 -65.87
C GLU C 655 -4.62 11.49 -65.50
N LYS C 656 -5.72 11.02 -64.92
CA LYS C 656 -6.81 11.92 -64.54
C LYS C 656 -6.39 12.87 -63.43
N SER C 657 -5.62 12.37 -62.46
CA SER C 657 -5.13 13.23 -61.38
C SER C 657 -4.17 14.28 -61.91
N ILE C 658 -3.26 13.90 -62.82
CA ILE C 658 -2.32 14.85 -63.40
C ILE C 658 -3.07 15.91 -64.20
N GLN C 659 -4.08 15.49 -64.97
CA GLN C 659 -4.88 16.45 -65.74
C GLN C 659 -5.65 17.39 -64.82
N ALA C 660 -6.19 16.87 -63.71
CA ALA C 660 -6.92 17.72 -62.76
C ALA C 660 -6.02 18.75 -62.12
N VAL C 661 -4.80 18.36 -61.75
CA VAL C 661 -3.84 19.32 -61.18
C VAL C 661 -3.45 20.35 -62.24
N ARG C 662 -3.34 19.92 -63.51
CA ARG C 662 -3.05 20.85 -64.60
C ARG C 662 -4.15 21.88 -64.77
N ASP C 663 -5.41 21.45 -64.73
CA ASP C 663 -6.52 22.40 -64.88
C ASP C 663 -6.68 23.28 -63.65
N ASN C 664 -6.24 22.80 -62.48
CA ASN C 664 -6.37 23.61 -61.27
C ASN C 664 -5.24 24.62 -61.11
N GLY C 665 -4.29 24.67 -62.04
CA GLY C 665 -3.27 25.71 -62.01
C GLY C 665 -2.18 25.50 -61.00
N LYS C 666 -1.88 24.26 -60.63
CA LYS C 666 -0.81 23.95 -59.70
C LYS C 666 0.20 23.04 -60.38
N ILE C 667 1.18 22.58 -59.60
CA ILE C 667 2.28 21.77 -60.13
C ILE C 667 1.92 20.30 -59.98
N ALA C 668 1.92 19.58 -61.09
CA ALA C 668 1.68 18.14 -61.11
C ALA C 668 3.01 17.42 -61.17
N GLU C 669 3.28 16.57 -60.17
CA GLU C 669 4.54 15.86 -60.06
C GLU C 669 4.25 14.37 -60.22
N ALA C 670 4.35 13.89 -61.46
CA ALA C 670 4.22 12.46 -61.72
C ALA C 670 5.42 11.71 -61.14
N THR C 671 5.16 10.51 -60.64
CA THR C 671 6.15 9.80 -59.83
C THR C 671 6.28 8.36 -60.30
N ILE C 672 7.51 7.89 -60.42
CA ILE C 672 7.82 6.50 -60.73
C ILE C 672 8.23 5.82 -59.45
N CYS C 673 7.54 4.73 -59.10
CA CYS C 673 7.85 3.97 -57.89
C CYS C 673 8.99 3.01 -58.19
N TYR C 674 10.15 3.26 -57.58
CA TYR C 674 11.31 2.41 -57.81
C TYR C 674 11.20 1.12 -57.01
N THR C 675 11.64 0.02 -57.60
CA THR C 675 11.69 -1.27 -56.94
C THR C 675 12.77 -2.12 -57.58
N GLY C 676 13.20 -3.14 -56.84
CA GLY C 676 14.23 -4.03 -57.34
C GLY C 676 15.58 -3.35 -57.47
N ASP C 677 16.41 -3.91 -58.34
CA ASP C 677 17.73 -3.37 -58.64
C ASP C 677 17.90 -3.31 -60.14
N ILE C 678 18.31 -2.13 -60.65
CA ILE C 678 18.52 -1.98 -62.08
C ILE C 678 19.89 -2.47 -62.51
N LEU C 679 20.85 -2.57 -61.58
CA LEU C 679 22.20 -3.01 -61.89
C LEU C 679 22.40 -4.49 -61.61
N ASP C 680 21.34 -5.21 -61.26
CA ASP C 680 21.39 -6.64 -61.03
C ASP C 680 20.79 -7.37 -62.22
N PRO C 681 21.58 -8.17 -62.95
CA PRO C 681 21.00 -8.90 -64.09
C PRO C 681 20.08 -10.04 -63.69
N SER C 682 20.10 -10.46 -62.42
CA SER C 682 19.23 -11.55 -61.97
C SER C 682 17.77 -11.15 -61.89
N ARG C 683 17.48 -9.85 -61.84
CA ARG C 683 16.11 -9.34 -61.81
C ARG C 683 15.89 -8.49 -63.06
N PRO C 684 15.39 -9.10 -64.15
CA PRO C 684 15.21 -8.35 -65.40
C PRO C 684 13.84 -7.74 -65.59
N LYS C 685 12.91 -7.91 -64.64
CA LYS C 685 11.57 -7.36 -64.81
C LYS C 685 11.57 -5.84 -64.74
N TYR C 686 12.34 -5.27 -63.82
CA TYR C 686 12.47 -3.82 -63.67
C TYR C 686 13.90 -3.44 -64.02
N ASN C 687 14.14 -3.21 -65.30
CA ASN C 687 15.44 -2.81 -65.79
C ASN C 687 15.44 -1.31 -66.06
N ILE C 688 16.53 -0.81 -66.66
CA ILE C 688 16.62 0.60 -67.01
C ILE C 688 15.61 0.94 -68.12
N GLN C 689 15.39 0.00 -69.05
CA GLN C 689 14.49 0.25 -70.17
C GLN C 689 13.05 0.44 -69.72
N TYR C 690 12.60 -0.32 -68.72
CA TYR C 690 11.24 -0.16 -68.22
C TYR C 690 11.03 1.20 -67.59
N TYR C 691 12.00 1.66 -66.79
CA TYR C 691 11.89 2.98 -66.18
C TYR C 691 11.99 4.09 -67.23
N LYS C 692 12.80 3.88 -68.27
CA LYS C 692 12.86 4.85 -69.37
C LYS C 692 11.53 4.94 -70.11
N ASP C 693 10.89 3.79 -70.35
CA ASP C 693 9.59 3.78 -71.01
C ASP C 693 8.52 4.45 -70.15
N LEU C 694 8.55 4.19 -68.84
CA LEU C 694 7.60 4.83 -67.93
C LEU C 694 7.83 6.33 -67.86
N ALA C 695 9.09 6.77 -67.87
CA ALA C 695 9.40 8.19 -67.86
C ALA C 695 8.95 8.86 -69.16
N LYS C 696 9.12 8.19 -70.29
CA LYS C 696 8.64 8.73 -71.56
C LYS C 696 7.12 8.81 -71.58
N GLU C 697 6.43 7.80 -71.04
CA GLU C 697 4.97 7.81 -70.99
C GLU C 697 4.46 8.92 -70.09
N LEU C 698 5.15 9.18 -68.97
CA LEU C 698 4.75 10.29 -68.11
C LEU C 698 5.11 11.64 -68.73
N GLU C 699 6.16 11.68 -69.54
CA GLU C 699 6.50 12.89 -70.30
C GLU C 699 5.44 13.18 -71.36
N ALA C 700 4.79 12.13 -71.88
CA ALA C 700 3.69 12.32 -72.82
C ALA C 700 2.52 13.06 -72.19
N THR C 701 2.32 12.91 -70.89
CA THR C 701 1.32 13.69 -70.18
C THR C 701 1.87 15.09 -69.86
N GLY C 702 1.04 15.90 -69.22
CA GLY C 702 1.43 17.25 -68.88
C GLY C 702 2.08 17.39 -67.52
N ALA C 703 2.88 16.41 -67.14
CA ALA C 703 3.54 16.45 -65.84
C ALA C 703 4.65 17.49 -65.84
N HIS C 704 4.66 18.33 -64.81
CA HIS C 704 5.68 19.38 -64.73
C HIS C 704 7.02 18.81 -64.29
N ILE C 705 7.03 17.95 -63.28
CA ILE C 705 8.26 17.42 -62.70
C ILE C 705 8.14 15.90 -62.58
N LEU C 706 9.12 15.19 -63.13
CA LEU C 706 9.20 13.76 -62.93
C LEU C 706 9.79 13.45 -61.56
N ALA C 707 9.24 12.46 -60.88
CA ALA C 707 9.67 12.11 -59.54
C ALA C 707 10.04 10.64 -59.45
N VAL C 708 11.08 10.35 -58.68
CA VAL C 708 11.48 8.97 -58.42
C VAL C 708 11.33 8.69 -56.93
N KCX C 709 10.50 7.72 -56.60
CA KCX C 709 10.18 7.42 -55.21
CB KCX C 709 8.67 7.44 -54.99
CG KCX C 709 8.22 7.22 -53.55
CD KCX C 709 6.72 7.03 -53.49
CE KCX C 709 6.22 6.98 -52.06
NZ KCX C 709 6.32 8.29 -51.38
C KCX C 709 10.74 6.08 -54.77
O KCX C 709 10.34 5.03 -55.29
CX KCX C 709 6.86 8.38 -50.17
OQ1 KCX C 709 7.27 7.36 -49.60
OQ2 KCX C 709 6.94 9.47 -49.60
N ASP C 710 11.65 6.10 -53.81
CA ASP C 710 12.12 4.87 -53.19
C ASP C 710 11.53 4.74 -51.80
N MET C 711 10.52 3.89 -51.68
CA MET C 711 9.80 3.71 -50.43
C MET C 711 10.54 2.83 -49.43
N ALA C 712 11.58 2.11 -49.87
CA ALA C 712 12.29 1.18 -49.00
C ALA C 712 13.80 1.36 -49.05
N GLY C 713 14.29 2.43 -49.67
CA GLY C 713 15.73 2.70 -49.73
C GLY C 713 16.52 1.68 -50.51
N LEU C 714 16.01 1.23 -51.65
CA LEU C 714 16.70 0.24 -52.47
C LEU C 714 17.67 0.86 -53.46
N LEU C 715 17.74 2.18 -53.54
CA LEU C 715 18.54 2.86 -54.55
C LEU C 715 20.00 2.85 -54.13
N LYS C 716 20.78 1.96 -54.74
CA LYS C 716 22.22 1.97 -54.56
C LYS C 716 22.81 3.18 -55.28
N PRO C 717 23.94 3.73 -54.78
CA PRO C 717 24.48 4.97 -55.36
C PRO C 717 24.87 4.88 -56.83
N GLN C 718 25.46 3.76 -57.25
CA GLN C 718 25.75 3.57 -58.67
C GLN C 718 24.47 3.39 -59.46
N ALA C 719 23.51 2.64 -58.91
CA ALA C 719 22.20 2.52 -59.53
C ALA C 719 21.48 3.86 -59.58
N ALA C 720 21.65 4.68 -58.52
CA ALA C 720 21.07 6.02 -58.52
C ALA C 720 21.66 6.88 -59.62
N TYR C 721 22.99 6.84 -59.78
CA TYR C 721 23.65 7.62 -60.84
C TYR C 721 23.18 7.17 -62.21
N ARG C 722 23.12 5.85 -62.43
CA ARG C 722 22.70 5.33 -63.73
C ARG C 722 21.25 5.69 -64.03
N LEU C 723 20.36 5.56 -63.05
CA LEU C 723 18.95 5.86 -63.27
C LEU C 723 18.72 7.34 -63.52
N ILE C 724 19.38 8.21 -62.74
CA ILE C 724 19.18 9.65 -62.92
C ILE C 724 19.76 10.11 -64.25
N SER C 725 20.91 9.56 -64.66
CA SER C 725 21.47 9.91 -65.95
C SER C 725 20.59 9.43 -67.10
N GLU C 726 20.11 8.18 -67.03
CA GLU C 726 19.28 7.62 -68.09
C GLU C 726 17.90 8.24 -68.14
N LEU C 727 17.45 8.88 -67.05
CA LEU C 727 16.20 9.63 -67.11
C LEU C 727 16.42 11.09 -67.50
N LYS C 728 17.61 11.63 -67.23
CA LYS C 728 17.89 13.00 -67.61
C LYS C 728 18.15 13.14 -69.10
N ASP C 729 18.83 12.17 -69.71
CA ASP C 729 19.07 12.28 -71.15
C ASP C 729 17.86 11.83 -71.98
N THR C 730 16.84 11.26 -71.35
CA THR C 730 15.66 10.79 -72.06
C THR C 730 14.57 11.86 -72.13
N VAL C 731 14.14 12.36 -70.98
CA VAL C 731 13.10 13.37 -70.91
C VAL C 731 13.72 14.70 -70.47
N ASP C 732 12.93 15.76 -70.57
CA ASP C 732 13.38 17.10 -70.23
C ASP C 732 12.81 17.61 -68.91
N LEU C 733 11.94 16.84 -68.26
CA LEU C 733 11.39 17.26 -66.99
C LEU C 733 12.45 17.20 -65.89
N PRO C 734 12.38 18.09 -64.91
CA PRO C 734 13.27 17.97 -63.75
C PRO C 734 12.96 16.71 -62.95
N ILE C 735 14.00 16.15 -62.34
CA ILE C 735 13.91 14.89 -61.62
C ILE C 735 13.89 15.16 -60.13
N HIS C 736 12.89 14.62 -59.44
CA HIS C 736 12.75 14.73 -58.00
C HIS C 736 13.03 13.35 -57.41
N LEU C 737 13.99 13.28 -56.48
CA LEU C 737 14.38 12.01 -55.89
C LEU C 737 13.87 11.90 -54.47
N HIS C 738 13.20 10.80 -54.17
CA HIS C 738 12.71 10.50 -52.83
C HIS C 738 13.20 9.11 -52.44
N THR C 739 13.86 9.03 -51.29
CA THR C 739 14.39 7.76 -50.82
C THR C 739 14.44 7.77 -49.30
N HIS C 740 14.60 6.57 -48.73
CA HIS C 740 14.70 6.40 -47.30
C HIS C 740 16.11 5.92 -46.92
N ASP C 741 16.56 6.34 -45.76
CA ASP C 741 17.90 6.01 -45.28
C ASP C 741 17.93 4.72 -44.47
N THR C 742 16.95 3.83 -44.67
CA THR C 742 16.85 2.62 -43.85
C THR C 742 17.97 1.63 -44.13
N SER C 743 18.63 1.73 -45.29
CA SER C 743 19.81 0.93 -45.56
C SER C 743 21.09 1.58 -45.06
N GLY C 744 21.01 2.83 -44.60
CA GLY C 744 22.19 3.56 -44.19
C GLY C 744 22.95 4.22 -45.31
N ASN C 745 22.46 4.14 -46.54
CA ASN C 745 23.15 4.68 -47.71
C ASN C 745 22.36 5.78 -48.40
N GLY C 746 21.55 6.52 -47.64
CA GLY C 746 20.75 7.56 -48.25
C GLY C 746 21.55 8.78 -48.67
N ILE C 747 22.55 9.16 -47.86
CA ILE C 747 23.35 10.35 -48.14
C ILE C 747 24.18 10.14 -49.40
N ILE C 748 24.83 8.97 -49.52
CA ILE C 748 25.65 8.69 -50.68
C ILE C 748 24.78 8.50 -51.93
N THR C 749 23.57 7.95 -51.77
CA THR C 749 22.64 7.86 -52.89
C THR C 749 22.23 9.24 -53.39
N TYR C 750 21.92 10.16 -52.45
CA TYR C 750 21.58 11.53 -52.82
C TYR C 750 22.75 12.23 -53.50
N SER C 751 23.97 12.01 -53.00
CA SER C 751 25.15 12.61 -53.62
C SER C 751 25.39 12.06 -55.02
N GLY C 752 25.18 10.75 -55.20
CA GLY C 752 25.35 10.17 -56.52
C GLY C 752 24.30 10.65 -57.52
N ALA C 753 23.07 10.87 -57.05
CA ALA C 753 22.07 11.47 -57.91
C ALA C 753 22.40 12.94 -58.20
N THR C 754 23.01 13.63 -57.24
CA THR C 754 23.43 15.01 -57.46
C THR C 754 24.51 15.09 -58.52
N GLN C 755 25.44 14.13 -58.53
CA GLN C 755 26.46 14.09 -59.58
C GLN C 755 25.83 13.82 -60.95
N ALA C 756 24.83 12.94 -60.99
CA ALA C 756 24.17 12.63 -62.26
C ALA C 756 23.28 13.76 -62.75
N GLY C 757 22.89 14.70 -61.89
CA GLY C 757 22.14 15.85 -62.32
C GLY C 757 20.71 15.89 -61.82
N VAL C 758 20.46 15.36 -60.62
CA VAL C 758 19.12 15.45 -60.05
C VAL C 758 18.84 16.90 -59.63
N ASP C 759 17.56 17.24 -59.59
CA ASP C 759 17.15 18.61 -59.29
C ASP C 759 16.72 18.81 -57.84
N ILE C 760 15.74 18.02 -57.37
CA ILE C 760 15.21 18.15 -56.02
C ILE C 760 15.36 16.81 -55.31
N ILE C 761 15.76 16.84 -54.04
CA ILE C 761 15.83 15.66 -53.20
C ILE C 761 15.07 15.93 -51.92
N ASP C 762 14.55 14.86 -51.30
CA ASP C 762 13.71 14.95 -50.13
C ASP C 762 14.56 14.73 -48.88
N VAL C 763 14.69 15.77 -48.06
CA VAL C 763 15.49 15.71 -46.83
C VAL C 763 14.64 16.24 -45.68
N ALA C 764 14.93 15.72 -44.48
CA ALA C 764 14.24 16.11 -43.27
C ALA C 764 15.24 16.73 -42.30
N THR C 765 14.72 17.30 -41.20
CA THR C 765 15.61 17.87 -40.19
C THR C 765 16.35 16.77 -39.45
N ALA C 766 17.50 17.14 -38.88
CA ALA C 766 18.44 16.15 -38.36
C ALA C 766 17.90 15.40 -37.15
N SER C 767 17.00 16.02 -36.37
CA SER C 767 16.39 15.33 -35.24
C SER C 767 15.48 14.19 -35.70
N LEU C 768 14.72 14.43 -36.77
CA LEU C 768 13.75 13.47 -37.27
C LEU C 768 14.24 12.75 -38.52
N ALA C 769 15.54 12.77 -38.77
CA ALA C 769 16.15 12.08 -39.91
C ALA C 769 16.87 10.83 -39.42
N GLY C 770 17.48 10.12 -40.37
CA GLY C 770 18.23 8.93 -40.06
C GLY C 770 17.34 7.73 -39.78
N GLY C 771 17.93 6.54 -39.76
CA GLY C 771 17.15 5.34 -39.55
C GLY C 771 16.18 5.13 -40.69
N THR C 772 14.91 4.88 -40.34
CA THR C 772 13.90 4.59 -41.35
C THR C 772 13.58 5.82 -42.19
N SER C 773 13.62 7.01 -41.60
CA SER C 773 13.19 8.23 -42.27
C SER C 773 14.24 8.70 -43.29
N GLN C 774 14.00 9.89 -43.86
CA GLN C 774 14.85 10.43 -44.91
C GLN C 774 16.20 10.88 -44.36
N PRO C 775 17.20 11.02 -45.23
CA PRO C 775 18.47 11.62 -44.77
C PRO C 775 18.30 13.09 -44.43
N SER C 776 19.19 13.57 -43.56
CA SER C 776 19.09 14.95 -43.08
C SER C 776 19.57 15.95 -44.13
N MET C 777 19.03 17.16 -44.05
CA MET C 777 19.48 18.23 -44.95
C MET C 777 20.88 18.69 -44.61
N GLN C 778 21.24 18.68 -43.33
CA GLN C 778 22.54 19.19 -42.92
C GLN C 778 23.67 18.27 -43.38
N SER C 779 23.46 16.95 -43.28
CA SER C 779 24.49 16.00 -43.71
C SER C 779 24.70 16.07 -45.21
N ILE C 780 23.62 16.27 -45.99
CA ILE C 780 23.80 16.39 -47.43
C ILE C 780 24.28 17.76 -47.83
N TYR C 781 24.13 18.78 -46.97
CA TYR C 781 24.81 20.05 -47.24
C TYR C 781 26.29 19.92 -47.02
N TYR C 782 26.70 19.26 -45.93
CA TYR C 782 28.12 19.11 -45.63
C TYR C 782 28.78 18.07 -46.52
N ALA C 783 28.00 17.17 -47.13
CA ALA C 783 28.57 16.21 -48.06
C ALA C 783 28.87 16.84 -49.41
N LEU C 784 28.08 17.83 -49.81
CA LEU C 784 28.27 18.54 -51.08
C LEU C 784 28.83 19.95 -50.87
N GLU C 785 29.46 20.20 -49.72
CA GLU C 785 29.96 21.53 -49.43
C GLU C 785 31.17 21.87 -50.30
N HIS C 786 32.07 20.92 -50.49
CA HIS C 786 33.29 21.15 -51.25
C HIS C 786 33.29 20.41 -52.59
N GLY C 787 32.14 19.92 -53.02
CA GLY C 787 32.05 19.24 -54.30
C GLY C 787 31.84 20.20 -55.45
N PRO C 788 31.78 19.67 -56.67
CA PRO C 788 31.47 20.54 -57.82
C PRO C 788 30.07 21.14 -57.77
N ARG C 789 29.11 20.45 -57.17
CA ARG C 789 27.75 20.92 -57.04
C ARG C 789 27.39 21.04 -55.57
N HIS C 790 26.88 22.20 -55.17
CA HIS C 790 26.52 22.47 -53.79
C HIS C 790 25.02 22.28 -53.59
N ALA C 791 24.57 22.50 -52.35
CA ALA C 791 23.16 22.42 -51.99
C ALA C 791 22.70 23.77 -51.49
N SER C 792 21.55 24.22 -51.97
CA SER C 792 21.02 25.54 -51.64
C SER C 792 20.25 25.46 -50.34
N ILE C 793 20.92 25.76 -49.23
CA ILE C 793 20.29 25.77 -47.91
C ILE C 793 21.14 26.63 -46.99
N ASN C 794 20.52 27.16 -45.94
CA ASN C 794 21.22 27.86 -44.87
C ASN C 794 21.36 26.90 -43.71
N VAL C 795 22.58 26.41 -43.49
CA VAL C 795 22.76 25.31 -42.56
C VAL C 795 22.69 25.77 -41.10
N LYS C 796 22.98 27.03 -40.82
CA LYS C 796 22.91 27.53 -39.45
C LYS C 796 21.46 27.61 -38.97
N ASN C 797 20.59 28.17 -39.81
CA ASN C 797 19.16 28.17 -39.52
C ASN C 797 18.61 26.75 -39.47
N ALA C 798 19.13 25.86 -40.32
CA ALA C 798 18.70 24.47 -40.29
C ALA C 798 19.02 23.80 -38.96
N GLU C 799 20.23 24.04 -38.43
CA GLU C 799 20.59 23.47 -37.14
C GLU C 799 19.80 24.11 -36.00
N GLN C 800 19.53 25.41 -36.11
CA GLN C 800 18.72 26.09 -35.09
C GLN C 800 17.30 25.53 -35.04
N ILE C 801 16.72 25.25 -36.21
CA ILE C 801 15.40 24.62 -36.27
C ILE C 801 15.48 23.18 -35.78
N ASP C 802 16.60 22.50 -36.08
CA ASP C 802 16.81 21.12 -35.63
C ASP C 802 16.85 21.02 -34.12
N HIS C 803 17.33 22.06 -33.44
CA HIS C 803 17.28 22.10 -31.97
C HIS C 803 15.84 22.04 -31.47
N TYR C 804 14.95 22.85 -32.06
CA TYR C 804 13.54 22.82 -31.69
C TYR C 804 12.92 21.47 -32.01
N TRP C 805 13.30 20.89 -33.15
CA TRP C 805 12.72 19.60 -33.53
C TRP C 805 13.16 18.48 -32.60
N GLU C 806 14.39 18.53 -32.09
CA GLU C 806 14.81 17.57 -31.07
C GLU C 806 14.04 17.79 -29.77
N ASP C 807 13.87 19.06 -29.37
CA ASP C 807 13.18 19.36 -28.12
C ASP C 807 11.71 18.95 -28.17
N VAL C 808 11.08 18.98 -29.34
CA VAL C 808 9.70 18.54 -29.45
C VAL C 808 9.57 17.06 -29.84
N ARG C 809 10.63 16.45 -30.37
CA ARG C 809 10.64 15.00 -30.53
C ARG C 809 10.80 14.31 -29.19
N LYS C 810 11.35 15.00 -28.19
CA LYS C 810 11.34 14.48 -26.83
C LYS C 810 9.93 14.32 -26.27
N TYR C 811 8.93 14.98 -26.85
CA TYR C 811 7.56 14.87 -26.36
C TYR C 811 6.93 13.53 -26.72
N TYR C 812 7.35 12.92 -27.84
CA TYR C 812 6.68 11.77 -28.42
C TYR C 812 7.37 10.45 -28.05
N ALA C 813 7.85 10.35 -26.81
CA ALA C 813 8.45 9.10 -26.34
C ALA C 813 7.54 7.88 -26.39
N PRO C 814 6.24 7.92 -26.03
CA PRO C 814 5.42 6.71 -26.20
C PRO C 814 5.25 6.26 -27.65
N PHE C 815 5.38 7.15 -28.61
CA PHE C 815 5.19 6.81 -30.02
C PHE C 815 6.49 6.46 -30.73
N GLU C 816 7.62 6.51 -30.02
CA GLU C 816 8.90 6.16 -30.64
C GLU C 816 9.00 4.66 -30.87
N ALA C 817 9.69 4.28 -31.94
CA ALA C 817 9.82 2.89 -32.34
C ALA C 817 11.08 2.23 -31.80
N GLY C 818 11.60 2.69 -30.66
CA GLY C 818 12.76 2.07 -30.06
C GLY C 818 14.05 2.44 -30.77
N ILE C 819 15.05 1.58 -30.59
CA ILE C 819 16.35 1.80 -31.19
C ILE C 819 16.28 1.53 -32.68
N THR C 820 16.72 2.51 -33.47
CA THR C 820 16.72 2.41 -34.92
C THR C 820 18.15 2.31 -35.42
N SER C 821 18.42 1.32 -36.25
CA SER C 821 19.75 1.03 -36.77
C SER C 821 19.66 0.86 -38.28
N PRO C 822 20.76 1.06 -39.01
CA PRO C 822 20.74 0.79 -40.44
C PRO C 822 20.54 -0.69 -40.73
N GLN C 823 19.42 -1.00 -41.37
CA GLN C 823 19.03 -2.39 -41.66
C GLN C 823 19.27 -2.64 -43.15
N THR C 824 20.31 -3.42 -43.45
CA THR C 824 20.60 -3.82 -44.81
C THR C 824 19.80 -5.05 -45.25
N GLU C 825 19.00 -5.62 -44.36
CA GLU C 825 18.06 -6.68 -44.73
C GLU C 825 16.88 -6.14 -45.52
N VAL C 826 16.76 -4.81 -45.66
CA VAL C 826 15.73 -4.19 -46.50
C VAL C 826 16.04 -4.34 -47.98
N TYR C 827 17.15 -4.98 -48.34
CA TYR C 827 17.42 -5.35 -49.73
C TYR C 827 16.85 -6.72 -50.08
N MET C 828 16.69 -7.60 -49.10
CA MET C 828 16.11 -8.91 -49.36
C MET C 828 14.60 -8.82 -49.54
N HIS C 829 13.89 -8.39 -48.51
CA HIS C 829 12.52 -7.97 -48.65
C HIS C 829 12.49 -6.52 -49.15
N GLU C 830 11.30 -5.97 -49.35
CA GLU C 830 11.16 -4.60 -49.82
C GLU C 830 10.05 -3.89 -49.05
N MET C 831 10.05 -4.07 -47.74
CA MET C 831 9.04 -3.42 -46.89
C MET C 831 9.28 -1.91 -46.84
N PRO C 832 8.26 -1.10 -47.10
CA PRO C 832 8.34 0.31 -46.73
C PRO C 832 8.42 0.43 -45.21
N GLY C 833 9.09 1.50 -44.75
CA GLY C 833 9.40 1.62 -43.34
C GLY C 833 8.17 1.78 -42.46
N GLY C 834 7.23 2.63 -42.88
CA GLY C 834 5.96 2.73 -42.19
C GLY C 834 5.18 1.43 -42.25
N GLN C 835 5.20 0.77 -43.41
CA GLN C 835 4.58 -0.55 -43.53
C GLN C 835 5.30 -1.57 -42.67
N TYR C 836 6.63 -1.44 -42.54
CA TYR C 836 7.40 -2.34 -41.68
C TYR C 836 6.99 -2.19 -40.23
N THR C 837 6.86 -0.96 -39.75
CA THR C 837 6.44 -0.73 -38.37
C THR C 837 5.01 -1.18 -38.13
N ASN C 838 4.12 -0.91 -39.09
CA ASN C 838 2.72 -1.35 -38.94
C ASN C 838 2.60 -2.86 -38.95
N LEU C 839 3.38 -3.54 -39.80
CA LEU C 839 3.34 -5.00 -39.84
C LEU C 839 3.95 -5.60 -38.57
N LYS C 840 4.99 -4.96 -38.03
CA LYS C 840 5.55 -5.41 -36.76
C LYS C 840 4.55 -5.27 -35.62
N SER C 841 3.82 -4.14 -35.60
CA SER C 841 2.80 -3.94 -34.58
C SER C 841 1.65 -4.93 -34.73
N GLN C 842 1.25 -5.23 -35.97
CA GLN C 842 0.19 -6.19 -36.20
C GLN C 842 0.62 -7.61 -35.83
N ALA C 843 1.87 -7.97 -36.13
CA ALA C 843 2.36 -9.29 -35.77
C ALA C 843 2.66 -9.40 -34.28
N ALA C 844 2.81 -8.27 -33.58
CA ALA C 844 2.94 -8.30 -32.13
C ALA C 844 1.60 -8.22 -31.41
N ALA C 845 0.54 -7.78 -32.09
CA ALA C 845 -0.78 -7.78 -31.49
C ALA C 845 -1.28 -9.20 -31.24
N VAL C 846 -1.20 -10.05 -32.27
CA VAL C 846 -1.36 -11.49 -32.10
C VAL C 846 -0.01 -12.02 -31.66
N GLY C 847 0.04 -13.29 -31.22
CA GLY C 847 1.33 -13.80 -30.80
C GLY C 847 2.12 -14.40 -31.94
N LEU C 848 2.96 -13.59 -32.56
CA LEU C 848 3.88 -14.04 -33.60
C LEU C 848 5.22 -13.30 -33.53
N GLY C 849 5.55 -12.69 -32.40
CA GLY C 849 6.69 -11.79 -32.32
C GLY C 849 8.03 -12.49 -32.39
N HIS C 850 8.10 -13.77 -32.00
CA HIS C 850 9.37 -14.48 -32.04
C HIS C 850 9.75 -14.89 -33.45
N ARG C 851 8.78 -15.03 -34.36
CA ARG C 851 9.02 -15.49 -35.72
C ARG C 851 8.96 -14.35 -36.73
N PHE C 852 9.40 -13.15 -36.35
CA PHE C 852 9.34 -12.01 -37.27
C PHE C 852 10.34 -12.16 -38.41
N ASP C 853 11.46 -12.86 -38.17
CA ASP C 853 12.43 -13.09 -39.24
C ASP C 853 11.84 -13.97 -40.34
N GLU C 854 11.18 -15.07 -39.96
CA GLU C 854 10.52 -15.88 -40.97
C GLU C 854 9.24 -15.22 -41.49
N ILE C 855 8.68 -14.26 -40.76
CA ILE C 855 7.61 -13.45 -41.31
C ILE C 855 8.14 -12.59 -42.46
N LYS C 856 9.32 -12.01 -42.28
CA LYS C 856 9.97 -11.25 -43.35
C LYS C 856 10.33 -12.16 -44.53
N GLN C 857 10.81 -13.37 -44.23
CA GLN C 857 11.10 -14.34 -45.29
C GLN C 857 9.84 -14.71 -46.06
N MET C 858 8.72 -14.91 -45.34
CA MET C 858 7.44 -15.18 -45.98
C MET C 858 6.97 -14.00 -46.81
N TYR C 859 7.24 -12.78 -46.35
CA TYR C 859 6.91 -11.58 -47.12
C TYR C 859 7.67 -11.56 -48.44
N ARG C 860 8.97 -11.87 -48.40
CA ARG C 860 9.76 -11.94 -49.63
C ARG C 860 9.26 -13.04 -50.55
N LYS C 861 8.91 -14.19 -49.97
CA LYS C 861 8.40 -15.31 -50.78
C LYS C 861 7.05 -14.97 -51.40
N VAL C 862 6.20 -14.24 -50.68
CA VAL C 862 4.90 -13.83 -51.23
C VAL C 862 5.10 -12.81 -52.35
N ASN C 863 6.06 -11.90 -52.18
CA ASN C 863 6.38 -10.94 -53.23
C ASN C 863 6.87 -11.64 -54.49
N MET C 864 7.71 -12.67 -54.33
CA MET C 864 8.15 -13.43 -55.49
C MET C 864 7.02 -14.28 -56.06
N MET C 865 6.10 -14.75 -55.20
CA MET C 865 4.96 -15.55 -55.63
C MET C 865 4.00 -14.74 -56.50
N PHE C 866 3.72 -13.50 -56.12
CA PHE C 866 2.75 -12.68 -56.84
C PHE C 866 3.28 -12.18 -58.17
N GLY C 867 4.56 -12.37 -58.46
CA GLY C 867 5.15 -11.93 -59.69
C GLY C 867 6.02 -10.69 -59.59
N ASP C 868 6.61 -10.43 -58.41
CA ASP C 868 7.49 -9.29 -58.15
C ASP C 868 6.77 -7.97 -58.44
N ILE C 869 5.74 -7.73 -57.64
CA ILE C 869 4.95 -6.51 -57.77
C ILE C 869 5.61 -5.39 -56.98
N ILE C 870 5.21 -4.15 -57.26
CA ILE C 870 5.73 -2.99 -56.57
C ILE C 870 5.02 -2.87 -55.22
N LYS C 871 5.79 -2.84 -54.14
CA LYS C 871 5.25 -2.87 -52.79
C LYS C 871 5.35 -1.48 -52.17
N VAL C 872 4.32 -0.66 -52.44
CA VAL C 872 4.09 0.60 -51.75
C VAL C 872 2.62 0.62 -51.39
N THR C 873 2.25 1.48 -50.44
CA THR C 873 0.87 1.52 -49.97
C THR C 873 -0.07 1.96 -51.09
N PRO C 874 -1.20 1.26 -51.28
CA PRO C 874 -1.70 0.12 -50.51
C PRO C 874 -1.29 -1.27 -51.05
N SER C 875 -0.41 -1.36 -52.05
CA SER C 875 -0.03 -2.66 -52.57
C SER C 875 0.88 -3.41 -51.61
N SER C 876 1.68 -2.68 -50.82
CA SER C 876 2.49 -3.33 -49.79
C SER C 876 1.62 -3.87 -48.66
N LYS C 877 0.47 -3.24 -48.41
CA LYS C 877 -0.47 -3.74 -47.41
C LYS C 877 -1.01 -5.11 -47.80
N VAL C 878 -1.26 -5.32 -49.09
CA VAL C 878 -1.76 -6.61 -49.58
C VAL C 878 -0.74 -7.70 -49.31
N VAL C 879 0.53 -7.44 -49.66
CA VAL C 879 1.59 -8.42 -49.45
C VAL C 879 1.80 -8.69 -47.97
N GLY C 880 1.77 -7.64 -47.15
CA GLY C 880 1.94 -7.82 -45.71
C GLY C 880 0.81 -8.62 -45.08
N ASP C 881 -0.43 -8.33 -45.47
CA ASP C 881 -1.58 -9.06 -44.95
C ASP C 881 -1.58 -10.51 -45.41
N MET C 882 -1.19 -10.75 -46.67
CA MET C 882 -1.11 -12.13 -47.17
C MET C 882 -0.03 -12.92 -46.42
N ALA C 883 1.13 -12.31 -46.20
CA ALA C 883 2.20 -12.99 -45.48
C ALA C 883 1.81 -13.25 -44.02
N LEU C 884 1.16 -12.27 -43.38
CA LEU C 884 0.72 -12.45 -42.00
C LEU C 884 -0.33 -13.54 -41.88
N PHE C 885 -1.29 -13.56 -42.82
CA PHE C 885 -2.34 -14.58 -42.80
C PHE C 885 -1.77 -15.96 -43.03
N MET C 886 -0.85 -16.11 -44.00
CA MET C 886 -0.32 -17.43 -44.30
C MET C 886 0.64 -17.90 -43.21
N ILE C 887 1.33 -16.98 -42.53
CA ILE C 887 2.13 -17.37 -41.37
C ILE C 887 1.23 -17.79 -40.22
N GLN C 888 0.11 -17.10 -40.03
CA GLN C 888 -0.71 -17.29 -38.83
C GLN C 888 -1.37 -18.66 -38.78
N ASN C 889 -1.65 -19.28 -39.93
CA ASN C 889 -2.27 -20.60 -39.97
C ASN C 889 -1.31 -21.69 -40.38
N ASP C 890 0.00 -21.43 -40.29
CA ASP C 890 1.07 -22.38 -40.64
C ASP C 890 0.95 -22.88 -42.07
N LEU C 891 0.56 -22.00 -42.99
CA LEU C 891 0.38 -22.36 -44.38
C LEU C 891 1.67 -22.15 -45.15
N THR C 892 1.89 -23.00 -46.16
CA THR C 892 3.13 -23.00 -46.92
C THR C 892 2.87 -22.53 -48.35
N GLU C 893 3.91 -22.61 -49.19
CA GLU C 893 3.82 -22.16 -50.57
C GLU C 893 3.00 -23.13 -51.42
N GLU C 894 3.40 -24.40 -51.44
CA GLU C 894 2.68 -25.40 -52.22
C GLU C 894 1.29 -25.66 -51.66
N ASP C 895 1.12 -25.51 -50.34
CA ASP C 895 -0.19 -25.72 -49.73
C ASP C 895 -1.19 -24.65 -50.19
N VAL C 896 -0.76 -23.39 -50.29
CA VAL C 896 -1.66 -22.38 -50.83
C VAL C 896 -1.73 -22.45 -52.36
N TYR C 897 -0.74 -23.05 -53.02
CA TYR C 897 -0.79 -23.18 -54.46
C TYR C 897 -1.74 -24.30 -54.91
N ALA C 898 -1.93 -25.33 -54.09
CA ALA C 898 -2.79 -26.44 -54.45
C ALA C 898 -4.07 -26.48 -53.63
N ARG C 899 -3.96 -26.49 -52.30
CA ARG C 899 -5.12 -26.53 -51.41
C ARG C 899 -5.80 -25.19 -51.25
N GLY C 900 -5.23 -24.12 -51.83
CA GLY C 900 -5.73 -22.77 -51.63
C GLY C 900 -7.10 -22.49 -52.21
N ASN C 901 -7.60 -23.36 -53.09
CA ASN C 901 -8.96 -23.20 -53.61
C ASN C 901 -10.00 -23.34 -52.51
N GLU C 902 -9.79 -24.27 -51.57
CA GLU C 902 -10.72 -24.44 -50.46
C GLU C 902 -10.56 -23.34 -49.42
N LEU C 903 -9.35 -22.84 -49.21
CA LEU C 903 -9.05 -21.91 -48.13
C LEU C 903 -9.61 -20.52 -48.42
N ASN C 904 -9.89 -19.79 -47.35
CA ASN C 904 -10.31 -18.40 -47.42
C ASN C 904 -9.10 -17.48 -47.52
N PHE C 905 -9.36 -16.20 -47.81
CA PHE C 905 -8.31 -15.21 -47.96
C PHE C 905 -8.81 -13.88 -47.42
N PRO C 906 -7.90 -13.01 -46.96
CA PRO C 906 -8.33 -11.67 -46.53
C PRO C 906 -8.82 -10.83 -47.69
N GLU C 907 -9.66 -9.85 -47.35
CA GLU C 907 -10.33 -9.03 -48.37
C GLU C 907 -9.37 -8.13 -49.12
N SER C 908 -8.21 -7.80 -48.56
CA SER C 908 -7.26 -6.96 -49.27
C SER C 908 -6.61 -7.71 -50.43
N VAL C 909 -6.25 -8.97 -50.23
CA VAL C 909 -5.70 -9.77 -51.31
C VAL C 909 -6.77 -10.08 -52.34
N VAL C 910 -8.00 -10.31 -51.88
CA VAL C 910 -9.11 -10.57 -52.79
C VAL C 910 -9.38 -9.35 -53.68
N SER C 911 -9.39 -8.17 -53.07
CA SER C 911 -9.59 -6.94 -53.84
C SER C 911 -8.41 -6.64 -54.76
N PHE C 912 -7.19 -6.98 -54.34
CA PHE C 912 -6.03 -6.79 -55.19
C PHE C 912 -6.09 -7.69 -56.42
N PHE C 913 -6.45 -8.96 -56.22
CA PHE C 913 -6.56 -9.88 -57.35
C PHE C 913 -7.83 -9.67 -58.17
N ARG C 914 -8.80 -8.92 -57.65
CA ARG C 914 -10.00 -8.56 -58.39
C ARG C 914 -9.82 -7.28 -59.20
N GLY C 915 -8.62 -6.69 -59.19
CA GLY C 915 -8.34 -5.53 -60.01
C GLY C 915 -8.70 -4.20 -59.41
N ASP C 916 -9.04 -4.14 -58.11
CA ASP C 916 -9.37 -2.87 -57.48
C ASP C 916 -8.13 -1.99 -57.40
N LEU C 917 -6.98 -2.58 -57.07
CA LEU C 917 -5.76 -1.79 -56.94
C LEU C 917 -5.24 -1.35 -58.30
N GLY C 918 -5.33 -2.20 -59.31
CA GLY C 918 -4.88 -1.86 -60.64
C GLY C 918 -4.31 -3.08 -61.32
N GLN C 919 -3.67 -2.82 -62.47
CA GLN C 919 -3.06 -3.89 -63.26
C GLN C 919 -1.55 -3.86 -63.08
N PRO C 920 -0.95 -4.91 -62.52
CA PRO C 920 0.51 -4.92 -62.38
C PRO C 920 1.20 -5.11 -63.73
N VAL C 921 2.49 -4.81 -63.74
CA VAL C 921 3.30 -4.98 -64.94
C VAL C 921 3.45 -6.47 -65.22
N GLY C 922 3.07 -6.89 -66.42
CA GLY C 922 3.09 -8.29 -66.79
C GLY C 922 1.85 -9.07 -66.44
N GLY C 923 0.90 -8.47 -65.73
CA GLY C 923 -0.35 -9.11 -65.41
C GLY C 923 -0.24 -10.04 -64.21
N PHE C 924 -1.41 -10.45 -63.71
CA PHE C 924 -1.48 -11.36 -62.60
C PHE C 924 -1.06 -12.77 -63.04
N PRO C 925 -0.57 -13.59 -62.11
CA PRO C 925 -0.48 -15.03 -62.38
C PRO C 925 -1.86 -15.62 -62.61
N GLU C 926 -1.96 -16.49 -63.62
CA GLU C 926 -3.27 -16.96 -64.08
C GLU C 926 -3.90 -17.94 -63.09
N LYS C 927 -3.13 -18.91 -62.62
CA LYS C 927 -3.67 -19.91 -61.70
C LYS C 927 -3.94 -19.31 -60.32
N LEU C 928 -3.07 -18.39 -59.89
CA LEU C 928 -3.20 -17.81 -58.55
C LEU C 928 -4.44 -16.94 -58.42
N GLN C 929 -4.87 -16.30 -59.51
CA GLN C 929 -6.11 -15.53 -59.47
C GLN C 929 -7.31 -16.44 -59.20
N LYS C 930 -7.39 -17.56 -59.89
CA LYS C 930 -8.47 -18.51 -59.67
C LYS C 930 -8.37 -19.16 -58.29
N ILE C 931 -7.16 -19.31 -57.77
CA ILE C 931 -7.00 -19.83 -56.41
C ILE C 931 -7.50 -18.82 -55.39
N ILE C 932 -7.16 -17.54 -55.58
CA ILE C 932 -7.48 -16.53 -54.58
C ILE C 932 -8.96 -16.20 -54.59
N VAL C 933 -9.50 -15.82 -55.75
CA VAL C 933 -10.92 -15.48 -55.86
C VAL C 933 -11.63 -16.60 -56.61
N LYS C 934 -12.78 -17.02 -56.07
CA LYS C 934 -13.46 -18.19 -56.60
C LYS C 934 -14.32 -17.83 -57.81
N ASP C 935 -15.34 -16.98 -57.60
CA ASP C 935 -16.30 -16.69 -58.65
C ASP C 935 -16.67 -15.22 -58.76
N LYS C 936 -16.12 -14.34 -57.93
CA LYS C 936 -16.45 -12.93 -58.01
C LYS C 936 -15.85 -12.30 -59.27
N ALA C 937 -16.43 -11.17 -59.67
CA ALA C 937 -16.04 -10.53 -60.91
C ALA C 937 -14.65 -9.91 -60.78
N VAL C 938 -13.82 -10.14 -61.80
CA VAL C 938 -12.47 -9.59 -61.86
C VAL C 938 -12.45 -8.49 -62.91
N ILE C 939 -11.84 -7.36 -62.56
CA ILE C 939 -11.79 -6.19 -63.44
C ILE C 939 -10.45 -6.15 -64.14
N THR C 940 -10.48 -5.96 -65.45
CA THR C 940 -9.27 -5.84 -66.27
C THR C 940 -9.03 -4.41 -66.73
N ASP C 941 -9.78 -3.45 -66.20
CA ASP C 941 -9.69 -2.06 -66.64
C ASP C 941 -9.62 -1.22 -65.37
N ARG C 942 -9.42 0.09 -65.53
CA ARG C 942 -9.32 1.00 -64.40
C ARG C 942 -10.64 1.02 -63.61
N PRO C 943 -10.59 0.86 -62.28
CA PRO C 943 -11.82 0.76 -61.49
C PRO C 943 -12.58 2.06 -61.32
N GLY C 944 -12.04 3.19 -61.79
CA GLY C 944 -12.79 4.44 -61.75
C GLY C 944 -14.03 4.41 -62.63
N LEU C 945 -13.95 3.70 -63.76
CA LEU C 945 -15.13 3.54 -64.61
C LEU C 945 -16.16 2.62 -63.96
N HIS C 946 -15.71 1.61 -63.22
CA HIS C 946 -16.59 0.66 -62.55
C HIS C 946 -16.95 1.09 -61.14
N ALA C 947 -16.86 2.38 -60.82
CA ALA C 947 -17.20 2.91 -59.52
C ALA C 947 -18.52 3.66 -59.60
N GLU C 948 -19.35 3.52 -58.57
CA GLU C 948 -20.64 4.20 -58.53
C GLU C 948 -20.43 5.70 -58.40
N LYS C 949 -21.18 6.46 -59.19
CA LYS C 949 -21.06 7.91 -59.18
C LYS C 949 -21.59 8.49 -57.88
N VAL C 950 -20.96 9.58 -57.44
CA VAL C 950 -21.32 10.26 -56.20
C VAL C 950 -21.84 11.64 -56.56
N ASP C 951 -23.06 11.94 -56.14
CA ASP C 951 -23.64 13.26 -56.29
C ASP C 951 -23.37 14.06 -55.02
N PHE C 952 -22.81 15.26 -55.18
CA PHE C 952 -22.37 16.03 -54.02
C PHE C 952 -23.54 16.63 -53.25
N GLU C 953 -24.69 16.85 -53.91
CA GLU C 953 -25.80 17.52 -53.23
C GLU C 953 -26.46 16.61 -52.20
N THR C 954 -26.71 15.34 -52.56
CA THR C 954 -27.37 14.43 -51.62
C THR C 954 -26.46 14.09 -50.45
N VAL C 955 -25.16 13.88 -50.70
CA VAL C 955 -24.26 13.59 -49.58
C VAL C 955 -24.02 14.84 -48.75
N LYS C 956 -24.08 16.03 -49.36
CA LYS C 956 -23.98 17.26 -48.59
C LYS C 956 -25.19 17.44 -47.68
N ALA C 957 -26.39 17.14 -48.18
CA ALA C 957 -27.59 17.20 -47.35
C ALA C 957 -27.54 16.16 -46.24
N ASP C 958 -27.06 14.96 -46.55
CA ASP C 958 -26.94 13.92 -45.53
C ASP C 958 -25.94 14.30 -44.45
N LEU C 959 -24.81 14.90 -44.85
CA LEU C 959 -23.83 15.35 -43.87
C LEU C 959 -24.38 16.50 -43.04
N GLU C 960 -25.13 17.42 -43.65
CA GLU C 960 -25.72 18.52 -42.91
C GLU C 960 -26.74 18.04 -41.89
N GLN C 961 -27.58 17.08 -42.28
CA GLN C 961 -28.55 16.53 -41.34
C GLN C 961 -27.92 15.55 -40.35
N LYS C 962 -26.68 15.11 -40.57
CA LYS C 962 -26.01 14.22 -39.64
C LYS C 962 -25.12 14.95 -38.63
N ILE C 963 -24.64 16.16 -38.96
CA ILE C 963 -23.78 16.91 -38.06
C ILE C 963 -24.46 18.14 -37.49
N GLY C 964 -25.66 18.50 -37.96
CA GLY C 964 -26.41 19.59 -37.38
C GLY C 964 -26.14 20.96 -37.96
N TYR C 965 -25.23 21.08 -38.93
CA TYR C 965 -24.98 22.36 -39.57
C TYR C 965 -24.49 22.13 -40.99
N GLU C 966 -24.55 23.19 -41.79
CA GLU C 966 -24.19 23.09 -43.20
C GLU C 966 -22.68 22.98 -43.34
N PRO C 967 -22.17 21.91 -43.95
CA PRO C 967 -20.71 21.77 -44.09
C PRO C 967 -20.19 22.47 -45.33
N GLY C 968 -18.88 22.64 -45.36
CA GLY C 968 -18.18 23.18 -46.51
C GLY C 968 -17.84 22.10 -47.50
N ASP C 969 -17.09 22.49 -48.54
CA ASP C 969 -16.67 21.53 -49.55
C ASP C 969 -15.69 20.50 -49.00
N HIS C 970 -14.76 20.95 -48.14
CA HIS C 970 -13.75 20.05 -47.61
C HIS C 970 -14.34 19.04 -46.64
N GLU C 971 -15.33 19.44 -45.83
CA GLU C 971 -15.99 18.49 -44.94
C GLU C 971 -16.76 17.44 -45.72
N VAL C 972 -17.44 17.85 -46.81
CA VAL C 972 -18.16 16.90 -47.65
C VAL C 972 -17.18 15.93 -48.31
N ILE C 973 -16.05 16.45 -48.80
CA ILE C 973 -15.05 15.60 -49.44
C ILE C 973 -14.48 14.60 -48.45
N SER C 974 -14.14 15.06 -47.24
CA SER C 974 -13.59 14.17 -46.22
C SER C 974 -14.62 13.16 -45.74
N TYR C 975 -15.91 13.52 -45.76
CA TYR C 975 -16.95 12.54 -45.45
C TYR C 975 -17.08 11.50 -46.55
N ILE C 976 -16.86 11.89 -47.81
CA ILE C 976 -16.88 10.92 -48.90
C ILE C 976 -15.73 9.93 -48.77
N MET C 977 -14.53 10.42 -48.44
CA MET C 977 -13.35 9.57 -48.38
C MET C 977 -13.41 8.62 -47.19
N TYR C 978 -13.62 9.17 -45.99
CA TYR C 978 -13.76 8.37 -44.77
C TYR C 978 -15.13 8.65 -44.16
N PRO C 979 -16.13 7.79 -44.41
CA PRO C 979 -17.47 8.05 -43.87
C PRO C 979 -17.56 7.93 -42.36
N GLN C 980 -17.12 6.80 -41.81
CA GLN C 980 -17.26 6.56 -40.37
C GLN C 980 -16.25 7.35 -39.56
N VAL C 981 -15.04 7.53 -40.09
CA VAL C 981 -13.98 8.21 -39.36
C VAL C 981 -14.32 9.68 -39.17
N PHE C 982 -14.88 10.32 -40.22
CA PHE C 982 -15.30 11.71 -40.11
C PHE C 982 -16.44 11.88 -39.11
N LEU C 983 -17.38 10.93 -39.09
CA LEU C 983 -18.48 11.01 -38.13
C LEU C 983 -17.97 10.83 -36.70
N ASP C 984 -17.02 9.91 -36.49
CA ASP C 984 -16.43 9.76 -35.16
C ASP C 984 -15.66 11.01 -34.74
N TYR C 985 -14.95 11.62 -35.69
CA TYR C 985 -14.23 12.85 -35.41
C TYR C 985 -15.19 13.97 -35.03
N GLN C 986 -16.33 14.07 -35.74
CA GLN C 986 -17.32 15.08 -35.41
C GLN C 986 -17.97 14.83 -34.05
N LYS C 987 -18.19 13.55 -33.71
CA LYS C 987 -18.75 13.22 -32.40
C LYS C 987 -17.78 13.59 -31.28
N MET C 988 -16.50 13.26 -31.43
CA MET C 988 -15.54 13.67 -30.42
C MET C 988 -15.29 15.18 -30.42
N GLN C 989 -15.53 15.86 -31.54
CA GLN C 989 -15.47 17.32 -31.54
C GLN C 989 -16.63 17.92 -30.76
N ARG C 990 -17.82 17.32 -30.89
CA ARG C 990 -18.96 17.77 -30.11
C ARG C 990 -18.79 17.44 -28.63
N GLU C 991 -18.08 16.37 -28.32
CA GLU C 991 -17.91 15.93 -26.93
C GLU C 991 -16.77 16.66 -26.22
N PHE C 992 -15.54 16.51 -26.72
CA PHE C 992 -14.35 17.04 -26.06
C PHE C 992 -13.93 18.40 -26.57
N GLY C 993 -14.54 18.90 -27.63
CA GLY C 993 -14.13 20.19 -28.17
C GLY C 993 -12.86 20.07 -29.00
N ALA C 994 -12.33 21.24 -29.35
CA ALA C 994 -11.12 21.33 -30.16
C ALA C 994 -9.92 21.05 -29.27
N VAL C 995 -9.49 19.77 -29.25
CA VAL C 995 -8.34 19.37 -28.45
C VAL C 995 -7.02 19.64 -29.16
N THR C 996 -7.05 20.26 -30.34
CA THR C 996 -5.84 20.54 -31.10
C THR C 996 -5.02 21.66 -30.49
N LEU C 997 -5.58 22.43 -29.55
CA LEU C 997 -4.93 23.61 -29.02
C LEU C 997 -4.14 23.34 -27.74
N LEU C 998 -4.17 22.11 -27.24
CA LEU C 998 -3.44 21.78 -26.03
C LEU C 998 -1.98 21.47 -26.35
N ASP C 999 -1.14 21.55 -25.32
CA ASP C 999 0.24 21.10 -25.45
C ASP C 999 0.28 19.58 -25.60
N THR C 1000 1.33 19.09 -26.26
CA THR C 1000 1.46 17.65 -26.50
C THR C 1000 1.55 16.81 -25.23
N PRO C 1001 2.36 17.15 -24.21
CA PRO C 1001 2.25 16.39 -22.95
C PRO C 1001 0.91 16.53 -22.26
N THR C 1002 0.26 17.70 -22.37
CA THR C 1002 -1.08 17.86 -21.82
C THR C 1002 -2.10 17.08 -22.63
N PHE C 1003 -1.90 16.99 -23.95
CA PHE C 1003 -2.78 16.20 -24.80
C PHE C 1003 -2.67 14.71 -24.50
N LEU C 1004 -1.45 14.23 -24.24
CA LEU C 1004 -1.23 12.80 -24.07
C LEU C 1004 -1.45 12.33 -22.64
N HIS C 1005 -0.80 12.96 -21.67
CA HIS C 1005 -0.81 12.49 -20.29
C HIS C 1005 -1.82 13.22 -19.41
N GLY C 1006 -2.59 14.14 -19.96
CA GLY C 1006 -3.60 14.82 -19.17
C GLY C 1006 -3.00 15.91 -18.31
N MET C 1007 -3.32 15.88 -17.02
CA MET C 1007 -2.88 16.90 -16.08
C MET C 1007 -2.32 16.23 -14.82
N ARG C 1008 -1.41 16.94 -14.17
CA ARG C 1008 -0.88 16.53 -12.87
C ARG C 1008 -1.60 17.27 -11.76
N LEU C 1009 -1.39 16.79 -10.53
CA LEU C 1009 -1.97 17.46 -9.37
C LEU C 1009 -1.21 18.74 -9.07
N ASN C 1010 -1.96 19.78 -8.72
CA ASN C 1010 -1.43 21.13 -8.44
C ASN C 1010 -0.63 21.68 -9.61
N GLU C 1011 -1.13 21.46 -10.83
CA GLU C 1011 -0.46 21.88 -12.04
C GLU C 1011 -1.27 22.98 -12.73
N LYS C 1012 -0.58 24.00 -13.22
CA LYS C 1012 -1.21 25.11 -13.93
C LYS C 1012 -0.83 25.05 -15.40
N ILE C 1013 -1.83 25.18 -16.27
CA ILE C 1013 -1.61 25.24 -17.71
C ILE C 1013 -2.38 26.43 -18.27
N GLU C 1014 -1.91 26.93 -19.40
CA GLU C 1014 -2.57 27.99 -20.14
C GLU C 1014 -2.88 27.48 -21.53
N VAL C 1015 -4.16 27.53 -21.91
CA VAL C 1015 -4.63 27.01 -23.20
C VAL C 1015 -5.14 28.19 -24.00
N GLN C 1016 -4.52 28.42 -25.16
CA GLN C 1016 -4.89 29.53 -26.04
C GLN C 1016 -6.00 29.04 -26.97
N ILE C 1017 -7.25 29.34 -26.61
CA ILE C 1017 -8.36 28.92 -27.43
C ILE C 1017 -8.66 29.91 -28.54
N GLU C 1018 -8.24 31.15 -28.40
CA GLU C 1018 -8.48 32.19 -29.40
C GLU C 1018 -7.39 33.25 -29.26
N LYS C 1019 -7.42 34.23 -30.15
CA LYS C 1019 -6.53 35.38 -30.05
C LYS C 1019 -7.03 36.29 -28.94
N GLY C 1020 -6.32 36.32 -27.82
CA GLY C 1020 -6.71 37.09 -26.67
C GLY C 1020 -7.44 36.30 -25.60
N LYS C 1021 -7.91 35.09 -25.92
CA LYS C 1021 -8.57 34.22 -24.97
C LYS C 1021 -7.61 33.13 -24.53
N THR C 1022 -7.36 33.05 -23.23
CA THR C 1022 -6.43 32.06 -22.67
C THR C 1022 -7.06 31.47 -21.42
N LEU C 1023 -7.28 30.16 -21.42
CA LEU C 1023 -7.87 29.48 -20.28
C LEU C 1023 -6.80 29.16 -19.25
N SER C 1024 -7.03 29.59 -18.01
CA SER C 1024 -6.12 29.31 -16.89
C SER C 1024 -6.69 28.13 -16.12
N ILE C 1025 -6.27 26.93 -16.51
CA ILE C 1025 -6.78 25.69 -15.93
C ILE C 1025 -5.80 25.19 -14.88
N ARG C 1026 -6.28 24.97 -13.67
CA ARG C 1026 -5.48 24.42 -12.59
C ARG C 1026 -6.27 23.30 -11.91
N LEU C 1027 -5.62 22.17 -11.69
CA LEU C 1027 -6.22 21.03 -11.02
C LEU C 1027 -5.84 21.06 -9.55
N ASP C 1028 -6.84 20.95 -8.68
CA ASP C 1028 -6.63 21.07 -7.25
C ASP C 1028 -6.77 19.75 -6.48
N GLU C 1029 -7.72 18.90 -6.87
CA GLU C 1029 -7.95 17.66 -6.14
C GLU C 1029 -8.56 16.63 -7.06
N ILE C 1030 -8.16 15.37 -6.87
CA ILE C 1030 -8.75 14.23 -7.57
C ILE C 1030 -9.53 13.42 -6.55
N GLY C 1031 -10.85 13.36 -6.73
CA GLY C 1031 -11.70 12.70 -5.75
C GLY C 1031 -11.68 11.19 -5.86
N GLU C 1032 -12.10 10.56 -4.77
CA GLU C 1032 -12.23 9.11 -4.76
C GLU C 1032 -13.44 8.68 -5.59
N PRO C 1033 -13.37 7.52 -6.24
CA PRO C 1033 -14.53 7.04 -7.00
C PRO C 1033 -15.65 6.60 -6.07
N ASP C 1034 -16.88 6.95 -6.46
CA ASP C 1034 -18.05 6.62 -5.65
C ASP C 1034 -18.53 5.22 -5.98
N LEU C 1035 -19.74 4.87 -5.51
CA LEU C 1035 -20.30 3.57 -5.83
C LEU C 1035 -20.70 3.47 -7.30
N ALA C 1036 -20.98 4.59 -7.95
CA ALA C 1036 -21.31 4.59 -9.37
C ALA C 1036 -20.07 4.62 -10.25
N GLY C 1037 -18.88 4.71 -9.67
CA GLY C 1037 -17.66 4.74 -10.45
C GLY C 1037 -17.30 6.08 -11.05
N ASN C 1038 -17.93 7.16 -10.60
CA ASN C 1038 -17.70 8.49 -11.15
C ASN C 1038 -16.84 9.29 -10.19
N ARG C 1039 -15.59 9.55 -10.58
CA ARG C 1039 -14.74 10.43 -9.81
C ARG C 1039 -15.16 11.88 -10.02
N VAL C 1040 -14.77 12.72 -9.06
CA VAL C 1040 -15.01 14.15 -9.13
C VAL C 1040 -13.67 14.86 -9.08
N LEU C 1041 -13.38 15.66 -10.10
CA LEU C 1041 -12.14 16.41 -10.19
C LEU C 1041 -12.41 17.87 -9.87
N PHE C 1042 -11.63 18.43 -8.96
CA PHE C 1042 -11.80 19.80 -8.50
C PHE C 1042 -10.85 20.68 -9.30
N PHE C 1043 -11.39 21.38 -10.29
CA PHE C 1043 -10.61 22.25 -11.15
C PHE C 1043 -10.72 23.70 -10.69
N ASN C 1044 -9.83 24.53 -11.24
CA ASN C 1044 -9.86 25.99 -11.04
C ASN C 1044 -9.78 26.62 -12.42
N LEU C 1045 -10.91 26.74 -13.09
CA LEU C 1045 -10.97 27.30 -14.43
C LEU C 1045 -11.20 28.81 -14.33
N ASN C 1046 -10.24 29.58 -14.86
CA ASN C 1046 -10.27 31.04 -14.84
C ASN C 1046 -10.40 31.59 -13.41
N GLY C 1047 -9.72 30.94 -12.47
CA GLY C 1047 -9.70 31.38 -11.10
C GLY C 1047 -10.86 30.93 -10.24
N GLN C 1048 -11.92 30.40 -10.84
CA GLN C 1048 -13.12 30.00 -10.11
C GLN C 1048 -13.20 28.48 -10.06
N ARG C 1049 -13.68 27.98 -8.92
CA ARG C 1049 -13.75 26.54 -8.71
C ARG C 1049 -14.87 25.92 -9.55
N ARG C 1050 -14.52 24.91 -10.35
CA ARG C 1050 -15.49 24.14 -11.11
C ARG C 1050 -15.21 22.67 -10.91
N GLU C 1051 -16.24 21.91 -10.56
CA GLU C 1051 -16.12 20.48 -10.28
C GLU C 1051 -16.60 19.70 -11.50
N VAL C 1052 -15.75 18.83 -12.01
CA VAL C 1052 -16.06 18.02 -13.19
C VAL C 1052 -16.16 16.57 -12.74
N VAL C 1053 -17.29 15.93 -13.04
CA VAL C 1053 -17.52 14.53 -12.72
C VAL C 1053 -17.22 13.70 -13.97
N ILE C 1054 -16.38 12.68 -13.81
CA ILE C 1054 -15.92 11.86 -14.92
C ILE C 1054 -15.97 10.39 -14.50
N ASN C 1055 -16.49 9.55 -15.39
CA ASN C 1055 -16.57 8.12 -15.12
C ASN C 1055 -15.19 7.49 -15.21
N ASP C 1056 -14.92 6.54 -14.32
CA ASP C 1056 -13.67 5.80 -14.31
C ASP C 1056 -13.90 4.44 -14.96
N GLN C 1057 -13.04 4.10 -15.93
CA GLN C 1057 -13.15 2.81 -16.59
C GLN C 1057 -12.70 1.66 -15.68
N SER C 1058 -11.75 1.93 -14.79
CA SER C 1058 -11.23 0.88 -13.91
C SER C 1058 -12.26 0.49 -12.86
N VAL C 1059 -12.94 1.47 -12.28
CA VAL C 1059 -13.92 1.22 -11.21
C VAL C 1059 -15.27 0.99 -11.85
N GLN C 1060 -15.85 -0.20 -11.59
CA GLN C 1060 -17.16 -0.56 -12.09
C GLN C 1060 -17.97 -1.19 -10.97
N ALA C 1061 -19.12 -0.59 -10.66
CA ALA C 1061 -19.99 -1.08 -9.61
C ALA C 1061 -21.40 -0.54 -9.85
N GLN C 1062 -22.35 -1.06 -9.10
CA GLN C 1062 -23.74 -0.62 -9.19
C GLN C 1062 -24.16 0.14 -7.94
N SER D 5 47.76 -47.91 -16.46
CA SER D 5 48.40 -46.72 -15.92
C SER D 5 48.03 -45.49 -16.73
N HIS D 6 47.42 -45.72 -17.89
CA HIS D 6 47.00 -44.65 -18.79
C HIS D 6 45.60 -44.13 -18.49
N MET D 7 44.94 -44.66 -17.47
CA MET D 7 43.60 -44.23 -17.08
C MET D 7 43.72 -43.20 -15.97
N LYS D 8 43.18 -42.00 -16.21
CA LYS D 8 43.19 -40.93 -15.23
C LYS D 8 41.83 -40.29 -15.02
N LYS D 9 40.84 -40.61 -15.86
CA LYS D 9 39.52 -40.02 -15.76
C LYS D 9 38.48 -41.11 -16.02
N LEU D 10 37.45 -41.16 -15.18
CA LEU D 10 36.43 -42.20 -15.26
C LEU D 10 35.05 -41.57 -15.40
N LEU D 11 34.19 -42.23 -16.18
CA LEU D 11 32.81 -41.83 -16.34
C LEU D 11 31.90 -42.91 -15.78
N VAL D 12 30.83 -42.50 -15.13
CA VAL D 12 29.83 -43.41 -14.59
C VAL D 12 28.53 -43.18 -15.34
N ALA D 13 28.11 -44.17 -16.11
CA ALA D 13 26.88 -44.08 -16.90
C ALA D 13 25.69 -44.62 -16.10
N ASN D 14 25.47 -44.02 -14.94
CA ASN D 14 24.39 -44.41 -14.05
C ASN D 14 23.98 -43.19 -13.22
N ARG D 15 23.18 -43.44 -12.18
CA ARG D 15 22.63 -42.36 -11.37
C ARG D 15 22.36 -42.88 -9.97
N GLY D 16 22.15 -41.95 -9.05
CA GLY D 16 21.77 -42.31 -7.70
C GLY D 16 22.94 -42.68 -6.80
N GLU D 17 22.74 -43.70 -5.96
CA GLU D 17 23.74 -44.04 -4.96
C GLU D 17 24.95 -44.74 -5.58
N ILE D 18 24.75 -45.45 -6.69
CA ILE D 18 25.85 -46.19 -7.30
C ILE D 18 26.85 -45.24 -7.95
N ALA D 19 26.35 -44.14 -8.55
CA ALA D 19 27.26 -43.16 -9.12
C ALA D 19 28.12 -42.50 -8.04
N VAL D 20 27.52 -42.18 -6.89
CA VAL D 20 28.29 -41.59 -5.80
C VAL D 20 29.27 -42.60 -5.22
N ARG D 21 28.88 -43.88 -5.18
CA ARG D 21 29.79 -44.93 -4.70
C ARG D 21 31.01 -45.07 -5.60
N VAL D 22 30.80 -45.07 -6.92
CA VAL D 22 31.94 -45.17 -7.83
C VAL D 22 32.75 -43.87 -7.82
N PHE D 23 32.10 -42.73 -7.60
CA PHE D 23 32.84 -41.46 -7.46
C PHE D 23 33.75 -41.49 -6.25
N ARG D 24 33.25 -42.01 -5.12
CA ARG D 24 34.07 -42.14 -3.92
C ARG D 24 35.22 -43.12 -4.14
N ALA D 25 34.96 -44.23 -4.84
CA ALA D 25 36.01 -45.20 -5.14
C ALA D 25 37.09 -44.58 -6.02
N CYS D 26 36.68 -43.81 -7.04
CA CYS D 26 37.64 -43.17 -7.93
C CYS D 26 38.44 -42.09 -7.21
N ASN D 27 37.79 -41.33 -6.33
CA ASN D 27 38.51 -40.31 -5.56
C ASN D 27 39.48 -40.93 -4.57
N GLU D 28 39.13 -42.10 -4.01
CA GLU D 28 40.09 -42.84 -3.20
C GLU D 28 41.26 -43.34 -4.04
N LEU D 29 40.99 -43.82 -5.26
CA LEU D 29 42.04 -44.28 -6.14
C LEU D 29 42.81 -43.15 -6.81
N GLY D 30 42.27 -41.93 -6.80
CA GLY D 30 42.96 -40.79 -7.37
C GLY D 30 42.58 -40.42 -8.79
N LEU D 31 41.50 -40.99 -9.31
CA LEU D 31 41.06 -40.69 -10.67
C LEU D 31 40.00 -39.59 -10.67
N SER D 32 39.95 -38.86 -11.77
CA SER D 32 38.90 -37.85 -11.95
C SER D 32 37.58 -38.52 -12.30
N THR D 33 36.49 -37.79 -12.09
CA THR D 33 35.15 -38.33 -12.24
C THR D 33 34.34 -37.47 -13.19
N VAL D 34 33.55 -38.13 -14.04
CA VAL D 34 32.62 -37.46 -14.96
C VAL D 34 31.23 -38.04 -14.71
N ALA D 35 30.24 -37.17 -14.59
CA ALA D 35 28.86 -37.58 -14.33
C ALA D 35 27.97 -37.27 -15.53
N VAL D 36 26.89 -38.04 -15.64
CA VAL D 36 25.85 -37.82 -16.63
C VAL D 36 24.52 -37.74 -15.93
N TYR D 37 23.65 -36.84 -16.40
CA TYR D 37 22.34 -36.66 -15.78
C TYR D 37 21.33 -36.28 -16.85
N ALA D 38 20.08 -36.65 -16.60
CA ALA D 38 18.98 -36.23 -17.46
C ALA D 38 18.48 -34.86 -17.03
N ARG D 39 17.61 -34.27 -17.86
CA ARG D 39 17.05 -32.96 -17.55
C ARG D 39 16.16 -33.03 -16.32
N GLU D 40 15.40 -34.12 -16.17
CA GLU D 40 14.56 -34.31 -14.99
C GLU D 40 15.36 -34.76 -13.77
N ASP D 41 16.61 -35.17 -13.96
CA ASP D 41 17.51 -35.53 -12.86
C ASP D 41 18.51 -34.43 -12.55
N GLU D 42 18.13 -33.17 -12.78
CA GLU D 42 19.05 -32.06 -12.58
C GLU D 42 19.34 -31.79 -11.11
N TYR D 43 18.48 -32.26 -10.21
CA TYR D 43 18.64 -32.04 -8.78
C TYR D 43 19.18 -33.26 -8.05
N SER D 44 19.68 -34.25 -8.77
CA SER D 44 20.23 -35.44 -8.15
C SER D 44 21.57 -35.13 -7.47
N VAL D 45 21.86 -35.88 -6.42
CA VAL D 45 23.08 -35.66 -5.64
C VAL D 45 24.31 -36.03 -6.45
N HIS D 46 24.22 -37.09 -7.26
CA HIS D 46 25.38 -37.58 -8.01
C HIS D 46 25.85 -36.60 -9.07
N ARG D 47 25.02 -35.65 -9.49
CA ARG D 47 25.46 -34.64 -10.45
C ARG D 47 26.52 -33.73 -9.84
N PHE D 48 26.36 -33.36 -8.57
CA PHE D 48 27.26 -32.43 -7.90
C PHE D 48 28.37 -33.11 -7.13
N LYS D 49 28.48 -34.43 -7.21
CA LYS D 49 29.53 -35.17 -6.51
C LYS D 49 30.69 -35.55 -7.43
N ALA D 50 30.73 -34.99 -8.64
CA ALA D 50 31.77 -35.31 -9.61
C ALA D 50 32.49 -34.04 -10.04
N ASP D 51 33.70 -34.23 -10.56
CA ASP D 51 34.48 -33.10 -11.06
C ASP D 51 33.84 -32.48 -12.29
N GLU D 52 33.32 -33.30 -13.19
CA GLU D 52 32.64 -32.83 -14.39
C GLU D 52 31.26 -33.47 -14.49
N SER D 53 30.31 -32.69 -15.00
CA SER D 53 28.94 -33.16 -15.15
C SER D 53 28.39 -32.67 -16.48
N TYR D 54 27.72 -33.56 -17.21
CA TYR D 54 27.18 -33.23 -18.52
C TYR D 54 25.76 -33.79 -18.65
N LEU D 55 24.96 -33.12 -19.46
CA LEU D 55 23.56 -33.47 -19.65
C LEU D 55 23.42 -34.34 -20.89
N ILE D 56 22.71 -35.46 -20.76
CA ILE D 56 22.50 -36.41 -21.85
C ILE D 56 21.01 -36.47 -22.17
N GLY D 57 20.69 -36.37 -23.46
CA GLY D 57 19.31 -36.43 -23.89
C GLY D 57 18.57 -35.12 -23.75
N GLN D 58 17.80 -34.74 -24.76
CA GLN D 58 17.04 -33.51 -24.74
C GLN D 58 15.54 -33.73 -24.78
N GLY D 59 15.05 -34.50 -25.76
CA GLY D 59 13.65 -34.83 -25.85
C GLY D 59 13.29 -36.21 -25.36
N LYS D 60 14.27 -37.01 -24.96
CA LYS D 60 13.99 -38.36 -24.48
C LYS D 60 13.41 -38.33 -23.08
N LYS D 61 12.66 -39.39 -22.75
CA LYS D 61 12.28 -39.63 -21.38
C LYS D 61 13.53 -39.98 -20.56
N PRO D 62 13.55 -39.66 -19.27
CA PRO D 62 14.81 -39.81 -18.50
C PRO D 62 15.35 -41.23 -18.43
N ILE D 63 14.48 -42.24 -18.38
CA ILE D 63 14.94 -43.62 -18.36
C ILE D 63 15.64 -43.97 -19.67
N ASP D 64 15.02 -43.61 -20.80
CA ASP D 64 15.66 -43.82 -22.09
C ASP D 64 16.83 -42.87 -22.31
N ALA D 65 16.81 -41.71 -21.65
CA ALA D 65 17.95 -40.80 -21.72
C ALA D 65 19.18 -41.41 -21.06
N TYR D 66 18.98 -42.13 -19.95
CA TYR D 66 20.10 -42.83 -19.33
C TYR D 66 20.52 -44.07 -20.11
N LEU D 67 19.68 -44.56 -21.03
CA LEU D 67 20.03 -45.67 -21.89
C LEU D 67 20.54 -45.22 -23.26
N ASP D 68 20.71 -43.92 -23.47
CA ASP D 68 21.22 -43.40 -24.73
C ASP D 68 22.71 -43.70 -24.82
N ILE D 69 23.04 -44.77 -25.53
CA ILE D 69 24.42 -45.25 -25.60
C ILE D 69 25.30 -44.25 -26.35
N ASP D 70 24.81 -43.75 -27.49
CA ASP D 70 25.60 -42.83 -28.31
C ASP D 70 25.87 -41.52 -27.59
N ASP D 71 24.88 -41.00 -26.86
CA ASP D 71 25.08 -39.77 -26.10
C ASP D 71 26.09 -39.96 -24.97
N ILE D 72 26.05 -41.12 -24.30
CA ILE D 72 26.99 -41.40 -23.23
C ILE D 72 28.42 -41.51 -23.78
N ILE D 73 28.58 -42.19 -24.91
CA ILE D 73 29.91 -42.33 -25.51
C ILE D 73 30.41 -40.97 -26.02
N ARG D 74 29.52 -40.15 -26.58
CA ARG D 74 29.91 -38.82 -27.03
C ARG D 74 30.34 -37.95 -25.85
N VAL D 75 29.63 -38.03 -24.72
CA VAL D 75 30.00 -37.27 -23.54
C VAL D 75 31.35 -37.75 -22.99
N ALA D 76 31.57 -39.06 -22.99
CA ALA D 76 32.84 -39.62 -22.52
C ALA D 76 34.00 -39.19 -23.41
N LEU D 77 33.78 -39.14 -24.73
CA LEU D 77 34.84 -38.72 -25.63
C LEU D 77 35.10 -37.22 -25.54
N GLU D 78 34.05 -36.43 -25.34
CA GLU D 78 34.23 -34.98 -25.21
C GLU D 78 34.93 -34.63 -23.91
N SER D 79 34.55 -35.29 -22.81
CA SER D 79 35.14 -35.00 -21.51
C SER D 79 36.55 -35.56 -21.36
N GLY D 80 36.96 -36.47 -22.24
CA GLY D 80 38.27 -37.07 -22.11
C GLY D 80 38.35 -38.23 -21.13
N ALA D 81 37.22 -38.88 -20.85
CA ALA D 81 37.21 -40.01 -19.95
C ALA D 81 37.91 -41.21 -20.57
N ASP D 82 38.60 -41.98 -19.73
CA ASP D 82 39.31 -43.16 -20.17
C ASP D 82 38.59 -44.46 -19.86
N ALA D 83 37.74 -44.48 -18.84
CA ALA D 83 36.99 -45.67 -18.46
C ALA D 83 35.54 -45.32 -18.25
N ILE D 84 34.67 -46.31 -18.45
CA ILE D 84 33.23 -46.15 -18.25
C ILE D 84 32.75 -47.23 -17.30
N HIS D 85 32.20 -46.81 -16.16
CA HIS D 85 31.64 -47.74 -15.19
C HIS D 85 30.12 -47.74 -15.33
N PRO D 86 29.50 -48.87 -15.67
CA PRO D 86 28.05 -48.86 -15.90
C PRO D 86 27.21 -48.92 -14.63
N GLY D 87 27.80 -49.28 -13.50
CA GLY D 87 27.01 -49.42 -12.28
C GLY D 87 26.19 -50.70 -12.33
N TYR D 88 24.89 -50.58 -12.08
CA TYR D 88 23.98 -51.69 -12.20
C TYR D 88 22.60 -51.20 -12.62
N GLY D 89 21.86 -52.07 -13.30
CA GLY D 89 20.45 -51.88 -13.55
C GLY D 89 20.09 -51.17 -14.83
N LEU D 90 21.02 -50.46 -15.46
CA LEU D 90 20.72 -49.71 -16.67
C LEU D 90 21.46 -50.25 -17.89
N LEU D 91 22.79 -50.28 -17.86
CA LEU D 91 23.58 -50.73 -19.00
C LEU D 91 24.70 -51.67 -18.57
N SER D 92 24.62 -52.21 -17.34
CA SER D 92 25.65 -53.12 -16.85
C SER D 92 25.60 -54.47 -17.54
N GLU D 93 24.43 -54.90 -18.00
CA GLU D 93 24.28 -56.18 -18.69
C GLU D 93 23.94 -56.01 -20.16
N ASN D 94 24.11 -54.80 -20.70
CA ASN D 94 23.82 -54.54 -22.11
C ASN D 94 25.08 -54.87 -22.90
N LEU D 95 24.97 -55.87 -23.79
CA LEU D 95 26.12 -56.27 -24.60
C LEU D 95 26.47 -55.22 -25.64
N GLU D 96 25.46 -54.57 -26.22
CA GLU D 96 25.70 -53.60 -27.28
C GLU D 96 26.44 -52.37 -26.75
N PHE D 97 26.08 -51.90 -25.56
CA PHE D 97 26.74 -50.75 -24.97
C PHE D 97 28.20 -51.05 -24.65
N ALA D 98 28.46 -52.22 -24.08
CA ALA D 98 29.84 -52.61 -23.77
C ALA D 98 30.67 -52.81 -25.03
N THR D 99 30.06 -53.41 -26.07
CA THR D 99 30.76 -53.59 -27.34
C THR D 99 31.09 -52.25 -27.98
N LYS D 100 30.15 -51.31 -27.95
CA LYS D 100 30.41 -49.98 -28.50
C LYS D 100 31.48 -49.24 -27.71
N VAL D 101 31.47 -49.38 -26.38
CA VAL D 101 32.47 -48.73 -25.54
C VAL D 101 33.87 -49.30 -25.82
N ARG D 102 33.97 -50.63 -25.91
CA ARG D 102 35.26 -51.25 -26.17
C ARG D 102 35.75 -51.00 -27.59
N ALA D 103 34.82 -50.85 -28.55
CA ALA D 103 35.22 -50.49 -29.91
C ALA D 103 35.61 -49.03 -30.02
N ALA D 104 35.09 -48.16 -29.16
CA ALA D 104 35.40 -46.74 -29.20
C ALA D 104 36.74 -46.40 -28.57
N GLY D 105 37.42 -47.38 -27.97
CA GLY D 105 38.71 -47.13 -27.35
C GLY D 105 38.65 -46.75 -25.89
N LEU D 106 37.53 -46.99 -25.21
CA LEU D 106 37.37 -46.68 -23.80
C LEU D 106 37.29 -47.96 -23.00
N VAL D 107 37.88 -47.95 -21.80
CA VAL D 107 37.86 -49.12 -20.93
C VAL D 107 36.46 -49.31 -20.36
N PHE D 108 35.99 -50.54 -20.37
CA PHE D 108 34.72 -50.90 -19.77
C PHE D 108 34.99 -51.60 -18.45
N VAL D 109 34.44 -51.07 -17.36
CA VAL D 109 34.62 -51.66 -16.03
C VAL D 109 33.53 -52.72 -15.88
N GLY D 110 33.80 -53.90 -16.42
CA GLY D 110 32.87 -54.99 -16.39
C GLY D 110 33.48 -56.25 -16.98
N PRO D 111 32.67 -57.28 -17.18
CA PRO D 111 33.18 -58.50 -17.80
C PRO D 111 33.43 -58.35 -19.29
N GLU D 112 34.00 -59.37 -19.91
CA GLU D 112 34.25 -59.33 -21.34
C GLU D 112 32.94 -59.51 -22.11
N LEU D 113 33.01 -59.28 -23.42
CA LEU D 113 31.82 -59.29 -24.26
C LEU D 113 31.21 -60.69 -24.35
N HIS D 114 32.04 -61.73 -24.41
CA HIS D 114 31.51 -63.08 -24.46
C HIS D 114 30.86 -63.47 -23.13
N HIS D 115 31.36 -62.94 -22.01
CA HIS D 115 30.70 -63.16 -20.72
C HIS D 115 29.30 -62.55 -20.71
N LEU D 116 29.17 -61.33 -21.23
CA LEU D 116 27.87 -60.67 -21.30
C LEU D 116 26.92 -61.41 -22.24
N ASP D 117 27.45 -61.92 -23.35
CA ASP D 117 26.62 -62.70 -24.27
C ASP D 117 26.17 -64.01 -23.64
N ILE D 118 27.06 -64.67 -22.89
CA ILE D 118 26.72 -65.95 -22.28
C ILE D 118 25.70 -65.77 -21.17
N PHE D 119 25.92 -64.79 -20.28
CA PHE D 119 25.09 -64.63 -19.11
C PHE D 119 23.92 -63.68 -19.31
N GLY D 120 23.80 -63.06 -20.48
CA GLY D 120 22.62 -62.25 -20.77
C GLY D 120 21.39 -63.06 -21.07
N ASP D 121 21.56 -64.32 -21.47
CA ASP D 121 20.47 -65.24 -21.73
C ASP D 121 20.58 -66.42 -20.78
N LYS D 122 19.44 -66.85 -20.23
CA LYS D 122 19.46 -67.94 -19.27
C LYS D 122 19.74 -69.30 -19.90
N ILE D 123 19.41 -69.46 -21.18
CA ILE D 123 19.66 -70.73 -21.86
C ILE D 123 21.16 -70.98 -22.00
N LYS D 124 21.91 -69.98 -22.48
CA LYS D 124 23.35 -70.12 -22.62
C LYS D 124 24.03 -70.20 -21.26
N ALA D 125 23.51 -69.47 -20.26
CA ALA D 125 24.07 -69.54 -18.92
C ALA D 125 23.89 -70.92 -18.32
N LYS D 126 22.71 -71.53 -18.49
CA LYS D 126 22.49 -72.87 -17.96
C LYS D 126 23.26 -73.91 -18.76
N ALA D 127 23.49 -73.67 -20.06
CA ALA D 127 24.35 -74.56 -20.83
C ALA D 127 25.79 -74.53 -20.33
N ALA D 128 26.30 -73.32 -20.04
CA ALA D 128 27.65 -73.20 -19.49
C ALA D 128 27.74 -73.80 -18.10
N ALA D 129 26.69 -73.66 -17.30
CA ALA D 129 26.67 -74.25 -15.97
C ALA D 129 26.65 -75.78 -16.05
N ASP D 130 25.90 -76.34 -16.99
CA ASP D 130 25.90 -77.78 -17.20
C ASP D 130 27.24 -78.27 -17.71
N GLU D 131 27.91 -77.48 -18.54
CA GLU D 131 29.25 -77.84 -19.00
C GLU D 131 30.25 -77.79 -17.86
N ALA D 132 30.07 -76.86 -16.91
CA ALA D 132 31.00 -76.68 -15.81
C ALA D 132 30.72 -77.61 -14.62
N LYS D 133 29.87 -78.63 -14.81
CA LYS D 133 29.54 -79.63 -13.79
C LYS D 133 28.96 -78.97 -12.54
N VAL D 134 28.12 -77.97 -12.73
CA VAL D 134 27.42 -77.27 -11.65
C VAL D 134 25.96 -77.69 -11.71
N PRO D 135 25.40 -78.27 -10.65
CA PRO D 135 24.02 -78.74 -10.70
C PRO D 135 23.04 -77.58 -10.69
N GLY D 136 22.15 -77.56 -11.68
CA GLY D 136 21.11 -76.56 -11.77
C GLY D 136 19.73 -77.12 -11.46
N ILE D 137 18.73 -76.28 -11.65
CA ILE D 137 17.34 -76.71 -11.47
C ILE D 137 16.96 -77.61 -12.64
N PRO D 138 16.45 -78.82 -12.40
CA PRO D 138 16.02 -79.68 -13.51
C PRO D 138 14.83 -79.09 -14.25
N GLY D 139 15.06 -78.69 -15.50
CA GLY D 139 14.01 -78.06 -16.28
C GLY D 139 13.96 -78.55 -17.72
N THR D 140 13.21 -77.85 -18.56
CA THR D 140 13.11 -78.21 -19.96
C THR D 140 14.41 -77.89 -20.69
N ASN D 141 14.64 -78.61 -21.79
CA ASN D 141 15.86 -78.44 -22.59
C ASN D 141 15.67 -77.26 -23.54
N GLY D 142 15.79 -76.07 -22.98
CA GLY D 142 15.62 -74.85 -23.75
C GLY D 142 14.20 -74.35 -23.73
N ALA D 143 13.90 -73.48 -24.69
CA ALA D 143 12.57 -72.91 -24.83
C ALA D 143 11.60 -73.96 -25.36
N VAL D 144 10.44 -74.08 -24.70
CA VAL D 144 9.43 -75.07 -25.08
C VAL D 144 8.09 -74.36 -25.21
N ASP D 145 7.18 -75.02 -25.93
CA ASP D 145 5.84 -74.50 -26.15
C ASP D 145 4.92 -74.98 -25.03
N ILE D 146 3.61 -74.82 -25.23
CA ILE D 146 2.63 -75.25 -24.24
C ILE D 146 2.65 -76.78 -24.09
N ASP D 147 2.70 -77.49 -25.22
CA ASP D 147 2.75 -78.94 -25.18
C ASP D 147 4.06 -79.45 -24.59
N GLY D 148 5.16 -78.74 -24.82
CA GLY D 148 6.41 -79.06 -24.15
C GLY D 148 6.32 -78.88 -22.65
N ALA D 149 5.62 -77.83 -22.20
CA ALA D 149 5.40 -77.63 -20.77
C ALA D 149 4.53 -78.74 -20.18
N LEU D 150 3.50 -79.17 -20.92
CA LEU D 150 2.65 -80.27 -20.45
C LEU D 150 3.43 -81.58 -20.37
N GLU D 151 4.28 -81.85 -21.36
CA GLU D 151 5.09 -83.07 -21.30
C GLU D 151 6.17 -82.98 -20.23
N PHE D 152 6.63 -81.76 -19.89
CA PHE D 152 7.56 -81.60 -18.79
C PHE D 152 6.88 -81.85 -17.45
N ALA D 153 5.64 -81.40 -17.30
CA ALA D 153 4.87 -81.71 -16.10
C ALA D 153 4.53 -83.20 -16.03
N LYS D 154 4.35 -83.84 -17.18
CA LYS D 154 4.06 -85.27 -17.21
C LYS D 154 5.28 -86.09 -16.81
N THR D 155 6.46 -85.74 -17.34
CA THR D 155 7.64 -86.58 -17.15
C THR D 155 8.23 -86.43 -15.75
N TYR D 156 8.66 -85.22 -15.39
CA TYR D 156 9.29 -85.01 -14.10
C TYR D 156 8.25 -84.95 -12.98
N GLY D 157 7.34 -84.00 -13.05
CA GLY D 157 6.24 -83.93 -12.11
C GLY D 157 6.01 -82.51 -11.60
N TYR D 158 4.78 -82.28 -11.13
CA TYR D 158 4.40 -81.01 -10.53
C TYR D 158 5.10 -80.83 -9.18
N PRO D 159 5.28 -79.57 -8.73
CA PRO D 159 4.95 -78.27 -9.34
C PRO D 159 5.97 -77.80 -10.39
N VAL D 160 5.50 -77.08 -11.41
CA VAL D 160 6.35 -76.45 -12.41
C VAL D 160 5.94 -74.98 -12.50
N MET D 161 6.83 -74.15 -13.04
CA MET D 161 6.58 -72.72 -13.11
C MET D 161 7.34 -72.09 -14.28
N ILE D 162 6.86 -70.92 -14.69
CA ILE D 162 7.39 -70.23 -15.86
C ILE D 162 8.54 -69.31 -15.46
N LYS D 163 9.64 -69.41 -16.19
CA LYS D 163 10.74 -68.46 -16.09
C LYS D 163 11.16 -68.03 -17.48
N ALA D 164 11.55 -66.78 -17.62
CA ALA D 164 11.92 -66.22 -18.92
C ALA D 164 13.45 -66.16 -19.05
N ALA D 165 13.91 -66.22 -20.30
CA ALA D 165 15.33 -66.21 -20.60
C ALA D 165 15.90 -64.80 -20.75
N LEU D 166 15.05 -63.78 -20.77
CA LEU D 166 15.53 -62.40 -20.88
C LEU D 166 14.90 -61.53 -19.81
N GLY D 167 13.73 -61.93 -19.31
CA GLY D 167 13.06 -61.15 -18.29
C GLY D 167 13.76 -61.23 -16.95
N GLY D 168 13.76 -60.11 -16.22
CA GLY D 168 14.37 -60.06 -14.92
C GLY D 168 13.58 -59.18 -13.97
N GLY D 169 13.90 -59.31 -12.69
CA GLY D 169 13.21 -58.54 -11.67
C GLY D 169 11.92 -59.14 -11.17
N GLY D 170 11.67 -60.42 -11.42
CA GLY D 170 10.48 -61.07 -10.91
C GLY D 170 9.20 -60.75 -11.64
N ARG D 171 9.26 -60.02 -12.76
CA ARG D 171 8.08 -59.66 -13.52
C ARG D 171 7.93 -60.49 -14.79
N GLY D 172 8.95 -61.25 -15.18
CA GLY D 172 8.86 -62.10 -16.34
C GLY D 172 8.64 -63.56 -15.97
N MET D 173 8.20 -63.80 -14.74
CA MET D 173 8.03 -65.15 -14.22
C MET D 173 6.71 -65.24 -13.48
N ARG D 174 6.01 -66.38 -13.66
CA ARG D 174 4.77 -66.67 -12.99
C ARG D 174 4.84 -68.07 -12.39
N VAL D 175 4.11 -68.30 -11.31
CA VAL D 175 4.05 -69.62 -10.70
C VAL D 175 2.85 -70.39 -11.25
N ALA D 176 2.91 -71.71 -11.15
CA ALA D 176 1.84 -72.56 -11.66
C ALA D 176 1.72 -73.83 -10.83
N ARG D 177 0.49 -74.32 -10.72
CA ARG D 177 0.25 -75.64 -10.14
C ARG D 177 -0.79 -76.45 -10.90
N ASN D 178 -1.60 -75.84 -11.76
CA ASN D 178 -2.70 -76.51 -12.44
C ASN D 178 -2.52 -76.33 -13.94
N ASP D 179 -3.12 -77.25 -14.71
CA ASP D 179 -2.91 -77.27 -16.16
C ASP D 179 -3.46 -76.02 -16.85
N ALA D 180 -4.64 -75.55 -16.44
CA ALA D 180 -5.20 -74.34 -17.05
C ALA D 180 -4.36 -73.12 -16.72
N GLU D 181 -3.75 -73.09 -15.54
CA GLU D 181 -2.81 -72.03 -15.17
C GLU D 181 -1.62 -72.00 -16.12
N MET D 182 -1.22 -73.17 -16.65
CA MET D 182 -0.11 -73.22 -17.60
C MET D 182 -0.46 -72.50 -18.91
N HIS D 183 -1.65 -72.78 -19.47
CA HIS D 183 -2.07 -72.09 -20.69
C HIS D 183 -2.32 -70.60 -20.46
N ASP D 184 -2.84 -70.22 -19.30
CA ASP D 184 -3.00 -68.78 -19.03
C ASP D 184 -1.65 -68.09 -18.87
N GLY D 185 -0.73 -68.70 -18.13
CA GLY D 185 0.54 -68.07 -17.85
C GLY D 185 1.47 -68.00 -19.05
N TYR D 186 1.37 -68.96 -19.97
CA TYR D 186 2.19 -68.87 -21.18
C TYR D 186 1.80 -67.68 -22.03
N ALA D 187 0.49 -67.44 -22.20
CA ALA D 187 0.03 -66.27 -22.92
C ALA D 187 0.40 -64.98 -22.17
N ARG D 188 0.31 -65.01 -20.84
CA ARG D 188 0.72 -63.85 -20.06
C ARG D 188 2.21 -63.54 -20.22
N ALA D 189 3.04 -64.58 -20.23
CA ALA D 189 4.47 -64.40 -20.40
C ALA D 189 4.81 -63.90 -21.80
N LYS D 190 4.12 -64.41 -22.82
CA LYS D 190 4.34 -63.91 -24.17
C LYS D 190 3.92 -62.44 -24.31
N SER D 191 2.80 -62.07 -23.68
CA SER D 191 2.36 -60.68 -23.70
C SER D 191 3.34 -59.77 -22.98
N GLU D 192 3.88 -60.22 -21.84
CA GLU D 192 4.88 -59.43 -21.13
C GLU D 192 6.18 -59.35 -21.91
N ALA D 193 6.52 -60.41 -22.66
CA ALA D 193 7.73 -60.40 -23.48
C ALA D 193 7.60 -59.39 -24.62
N ILE D 194 6.50 -59.45 -25.36
CA ILE D 194 6.31 -58.52 -26.47
C ILE D 194 6.06 -57.10 -25.96
N GLY D 195 5.59 -56.95 -24.73
CA GLY D 195 5.52 -55.62 -24.14
C GLY D 195 6.89 -55.05 -23.82
N ALA D 196 7.83 -55.91 -23.40
CA ALA D 196 9.13 -55.45 -22.93
C ALA D 196 10.21 -55.59 -24.01
N PHE D 197 10.46 -56.79 -24.51
CA PHE D 197 11.53 -57.01 -25.48
C PHE D 197 11.06 -57.75 -26.73
N GLY D 198 10.16 -58.73 -26.59
CA GLY D 198 9.67 -59.50 -27.70
C GLY D 198 10.43 -60.79 -27.96
N SER D 199 11.68 -60.86 -27.53
CA SER D 199 12.50 -62.07 -27.70
C SER D 199 12.46 -62.93 -26.45
N GLY D 200 11.27 -63.46 -26.16
CA GLY D 200 11.06 -64.25 -24.97
C GLY D 200 11.15 -65.75 -25.19
N GLU D 201 12.26 -66.34 -24.77
CA GLU D 201 12.41 -67.80 -24.81
C GLU D 201 11.93 -68.35 -23.48
N ILE D 202 10.62 -68.57 -23.38
CA ILE D 202 10.00 -69.00 -22.14
C ILE D 202 10.29 -70.48 -21.91
N TYR D 203 10.87 -70.81 -20.77
CA TYR D 203 11.16 -72.18 -20.38
C TYR D 203 10.48 -72.48 -19.06
N VAL D 204 10.39 -73.77 -18.74
CA VAL D 204 9.72 -74.25 -17.53
C VAL D 204 10.74 -74.98 -16.67
N GLU D 205 10.67 -74.75 -15.37
CA GLU D 205 11.59 -75.37 -14.42
C GLU D 205 10.78 -76.04 -13.30
N LYS D 206 11.41 -77.05 -12.68
CA LYS D 206 10.76 -77.75 -11.58
C LYS D 206 10.78 -76.87 -10.33
N TYR D 207 9.59 -76.63 -9.77
CA TYR D 207 9.45 -75.75 -8.62
C TYR D 207 10.00 -76.41 -7.36
N ILE D 208 10.65 -75.61 -6.53
CA ILE D 208 11.21 -76.06 -5.26
C ILE D 208 10.51 -75.31 -4.14
N GLU D 209 10.00 -76.05 -3.15
CA GLU D 209 9.20 -75.48 -2.08
C GLU D 209 10.08 -74.94 -0.97
N ASN D 210 9.84 -73.67 -0.58
CA ASN D 210 10.53 -72.93 0.47
C ASN D 210 12.04 -72.95 0.29
N PRO D 211 12.58 -72.27 -0.71
CA PRO D 211 14.04 -72.31 -0.92
C PRO D 211 14.77 -71.19 -0.20
N LYS D 212 16.10 -71.20 -0.28
CA LYS D 212 16.94 -70.13 0.24
C LYS D 212 17.80 -69.58 -0.89
N HIS D 213 17.66 -68.28 -1.15
CA HIS D 213 18.38 -67.63 -2.25
C HIS D 213 19.74 -67.20 -1.71
N ILE D 214 20.79 -67.88 -2.17
CA ILE D 214 22.16 -67.61 -1.76
C ILE D 214 22.93 -67.09 -2.97
N GLU D 215 23.57 -65.93 -2.81
CA GLU D 215 24.36 -65.30 -3.85
C GLU D 215 25.81 -65.22 -3.41
N VAL D 216 26.72 -65.67 -4.27
CA VAL D 216 28.15 -65.69 -3.97
C VAL D 216 28.82 -64.62 -4.83
N GLN D 217 29.58 -63.74 -4.18
CA GLN D 217 30.28 -62.66 -4.86
C GLN D 217 31.63 -63.16 -5.36
N ILE D 218 31.83 -63.13 -6.67
CA ILE D 218 33.05 -63.63 -7.30
C ILE D 218 33.85 -62.45 -7.80
N LEU D 219 35.14 -62.43 -7.49
CA LEU D 219 36.04 -61.35 -7.88
C LEU D 219 37.32 -61.95 -8.44
N GLY D 220 37.59 -61.68 -9.71
CA GLY D 220 38.78 -62.20 -10.35
C GLY D 220 39.23 -61.30 -11.47
N ASP D 221 40.55 -61.27 -11.70
CA ASP D 221 41.14 -60.41 -12.71
C ASP D 221 41.44 -61.20 -13.98
N ARG D 222 42.11 -60.53 -14.91
CA ARG D 222 42.47 -61.14 -16.19
C ARG D 222 43.74 -61.98 -16.12
N HIS D 223 44.41 -62.01 -14.96
CA HIS D 223 45.62 -62.78 -14.78
C HIS D 223 45.36 -64.24 -14.43
N GLY D 224 44.10 -64.63 -14.28
CA GLY D 224 43.72 -66.00 -14.00
C GLY D 224 43.34 -66.26 -12.55
N ASN D 225 43.69 -65.36 -11.63
CA ASN D 225 43.36 -65.56 -10.22
C ASN D 225 41.89 -65.19 -9.99
N ILE D 226 41.08 -66.19 -9.69
CA ILE D 226 39.64 -65.99 -9.45
C ILE D 226 39.35 -66.41 -8.02
N ILE D 227 38.83 -65.48 -7.22
CA ILE D 227 38.49 -65.75 -5.84
C ILE D 227 37.02 -65.45 -5.63
N HIS D 228 36.46 -66.07 -4.58
CA HIS D 228 35.16 -65.71 -4.07
C HIS D 228 35.35 -64.96 -2.76
N LEU D 229 34.57 -63.89 -2.57
CA LEU D 229 34.68 -63.14 -1.32
C LEU D 229 33.97 -63.89 -0.20
N HIS D 230 32.65 -64.00 -0.31
CA HIS D 230 31.78 -64.82 0.55
C HIS D 230 30.41 -64.86 -0.10
N GLU D 231 29.43 -65.36 0.64
CA GLU D 231 28.07 -65.50 0.17
C GLU D 231 27.13 -64.55 0.90
N ARG D 232 25.95 -64.33 0.31
CA ARG D 232 24.92 -63.48 0.88
C ARG D 232 23.60 -64.23 0.88
N ASP D 233 22.69 -63.78 1.75
CA ASP D 233 21.35 -64.36 1.85
C ASP D 233 20.33 -63.29 1.43
N CYS D 234 19.78 -63.45 0.24
CA CYS D 234 18.68 -62.62 -0.25
C CYS D 234 17.35 -63.35 -0.11
N SER D 235 17.19 -64.10 0.98
CA SER D 235 16.01 -64.96 1.16
C SER D 235 14.75 -64.15 1.38
N VAL D 236 14.84 -63.03 2.11
CA VAL D 236 13.67 -62.24 2.44
C VAL D 236 13.19 -61.49 1.20
N GLN D 237 12.17 -62.02 0.54
CA GLN D 237 11.68 -61.46 -0.72
C GLN D 237 10.17 -61.25 -0.64
N ARG D 238 9.72 -60.13 -1.21
CA ARG D 238 8.30 -59.87 -1.41
C ARG D 238 8.05 -59.76 -2.92
N ARG D 239 7.26 -60.70 -3.44
CA ARG D 239 6.98 -60.82 -4.88
C ARG D 239 8.28 -60.94 -5.68
N ASN D 240 9.18 -61.79 -5.18
CA ASN D 240 10.48 -62.07 -5.78
C ASN D 240 11.35 -60.81 -5.92
N GLN D 241 11.18 -59.87 -5.00
CA GLN D 241 12.03 -58.69 -4.91
C GLN D 241 12.73 -58.68 -3.57
N LYS D 242 14.05 -58.55 -3.58
CA LYS D 242 14.83 -58.64 -2.36
C LYS D 242 14.56 -57.43 -1.47
N VAL D 243 14.20 -57.71 -0.21
CA VAL D 243 13.87 -56.69 0.77
C VAL D 243 14.96 -56.56 1.82
N ILE D 244 15.38 -57.70 2.39
CA ILE D 244 16.46 -57.74 3.37
C ILE D 244 17.55 -58.65 2.82
N GLU D 245 18.78 -58.14 2.77
CA GLU D 245 19.93 -58.93 2.35
C GLU D 245 20.92 -58.99 3.49
N ILE D 246 21.22 -60.20 3.96
CA ILE D 246 22.17 -60.40 5.04
C ILE D 246 23.31 -61.27 4.54
N ALA D 247 24.46 -61.17 5.22
CA ALA D 247 25.64 -61.93 4.89
C ALA D 247 26.46 -62.10 6.16
N PRO D 248 27.01 -63.30 6.41
CA PRO D 248 26.94 -64.52 5.62
C PRO D 248 25.68 -65.33 5.91
N ALA D 249 25.60 -66.56 5.42
CA ALA D 249 24.45 -67.42 5.71
C ALA D 249 24.54 -67.94 7.13
N VAL D 250 24.02 -67.17 8.09
CA VAL D 250 24.03 -67.59 9.48
C VAL D 250 23.08 -68.76 9.73
N GLY D 251 22.04 -68.91 8.89
CA GLY D 251 21.15 -70.05 9.04
C GLY D 251 21.81 -71.36 8.65
N LEU D 252 22.63 -71.35 7.61
CA LEU D 252 23.27 -72.55 7.11
C LEU D 252 24.52 -72.89 7.91
N SER D 253 25.19 -73.97 7.53
CA SER D 253 26.41 -74.51 8.09
C SER D 253 27.62 -73.96 7.33
N PRO D 254 28.76 -73.79 8.02
CA PRO D 254 29.96 -73.30 7.32
C PRO D 254 30.47 -74.21 6.23
N ASP D 255 30.34 -75.53 6.38
CA ASP D 255 30.79 -76.45 5.34
C ASP D 255 29.91 -76.36 4.10
N PHE D 256 28.61 -76.17 4.28
CA PHE D 256 27.71 -75.97 3.14
C PHE D 256 28.00 -74.66 2.44
N ARG D 257 28.29 -73.61 3.21
CA ARG D 257 28.68 -72.33 2.64
C ARG D 257 29.96 -72.46 1.82
N ASN D 258 30.94 -73.20 2.34
CA ASN D 258 32.17 -73.45 1.60
C ASN D 258 31.91 -74.25 0.34
N GLU D 259 30.99 -75.21 0.40
CA GLU D 259 30.64 -76.00 -0.78
C GLU D 259 30.03 -75.12 -1.87
N ILE D 260 29.11 -74.24 -1.50
CA ILE D 260 28.47 -73.34 -2.46
C ILE D 260 29.51 -72.39 -3.05
N CYS D 261 30.38 -71.84 -2.20
CA CYS D 261 31.41 -70.92 -2.69
C CYS D 261 32.40 -71.61 -3.63
N GLU D 262 32.79 -72.85 -3.31
CA GLU D 262 33.70 -73.58 -4.18
C GLU D 262 33.04 -73.93 -5.50
N ALA D 263 31.75 -74.27 -5.48
CA ALA D 263 31.04 -74.53 -6.74
C ALA D 263 30.96 -73.27 -7.60
N ALA D 264 30.67 -72.12 -6.98
CA ALA D 264 30.60 -70.87 -7.72
C ALA D 264 31.95 -70.47 -8.31
N VAL D 265 33.02 -70.60 -7.52
CA VAL D 265 34.34 -70.22 -8.04
C VAL D 265 34.81 -71.23 -9.08
N LYS D 266 34.40 -72.50 -8.99
CA LYS D 266 34.71 -73.47 -10.02
C LYS D 266 34.02 -73.13 -11.33
N LEU D 267 32.74 -72.74 -11.26
CA LEU D 267 32.02 -72.33 -12.46
C LEU D 267 32.64 -71.08 -13.08
N CYS D 268 33.02 -70.11 -12.25
CA CYS D 268 33.60 -68.87 -12.78
C CYS D 268 35.00 -69.11 -13.33
N LYS D 269 35.75 -70.07 -12.79
CA LYS D 269 37.04 -70.41 -13.37
C LYS D 269 36.89 -71.16 -14.68
N ASN D 270 35.87 -72.02 -14.77
CA ASN D 270 35.61 -72.73 -16.03
C ASN D 270 35.16 -71.77 -17.12
N VAL D 271 34.35 -70.77 -16.78
CA VAL D 271 33.94 -69.78 -17.78
C VAL D 271 35.02 -68.75 -18.06
N GLY D 272 36.09 -68.71 -17.27
CA GLY D 272 37.14 -67.74 -17.44
C GLY D 272 36.68 -66.31 -17.15
N TYR D 273 35.95 -66.15 -16.06
CA TYR D 273 35.32 -64.88 -15.72
C TYR D 273 36.37 -63.83 -15.36
N VAL D 274 36.00 -62.56 -15.55
CA VAL D 274 36.84 -61.43 -15.20
C VAL D 274 35.98 -60.40 -14.48
N ASN D 275 36.65 -59.56 -13.67
CA ASN D 275 36.05 -58.50 -12.88
C ASN D 275 35.03 -59.02 -11.88
N ALA D 276 34.12 -58.15 -11.43
CA ALA D 276 33.18 -58.52 -10.39
C ALA D 276 31.93 -59.17 -10.97
N GLY D 277 31.42 -60.17 -10.26
CA GLY D 277 30.21 -60.85 -10.66
C GLY D 277 29.64 -61.73 -9.56
N THR D 278 28.33 -61.97 -9.60
CA THR D 278 27.65 -62.74 -8.57
C THR D 278 27.00 -63.96 -9.19
N VAL D 279 27.00 -65.06 -8.45
CA VAL D 279 26.37 -66.31 -8.85
C VAL D 279 25.25 -66.62 -7.86
N GLU D 280 24.04 -66.79 -8.37
CA GLU D 280 22.87 -67.06 -7.54
C GLU D 280 22.63 -68.56 -7.43
N PHE D 281 22.44 -69.04 -6.21
CA PHE D 281 22.16 -70.45 -5.95
C PHE D 281 20.88 -70.56 -5.14
N LEU D 282 20.14 -71.63 -5.38
CA LEU D 282 18.86 -71.90 -4.73
C LEU D 282 19.06 -73.07 -3.77
N VAL D 283 19.13 -72.76 -2.48
CA VAL D 283 19.43 -73.77 -1.46
C VAL D 283 18.13 -74.26 -0.84
N LYS D 284 17.95 -75.58 -0.80
CA LYS D 284 16.81 -76.19 -0.12
C LYS D 284 17.23 -77.57 0.37
N ASP D 285 17.51 -77.68 1.67
CA ASP D 285 17.81 -78.93 2.36
C ASP D 285 19.02 -79.63 1.76
N ASP D 286 20.17 -78.95 1.87
CA ASP D 286 21.48 -79.45 1.43
C ASP D 286 21.52 -79.79 -0.05
N LYS D 287 20.78 -79.05 -0.87
CA LYS D 287 20.74 -79.24 -2.32
C LYS D 287 20.70 -77.87 -2.97
N PHE D 288 21.85 -77.36 -3.39
CA PHE D 288 21.92 -76.07 -4.04
C PHE D 288 21.85 -76.23 -5.55
N TYR D 289 21.10 -75.36 -6.20
CA TYR D 289 20.93 -75.39 -7.64
C TYR D 289 21.29 -74.03 -8.24
N PHE D 290 21.97 -74.08 -9.38
CA PHE D 290 22.32 -72.86 -10.09
C PHE D 290 21.08 -72.21 -10.69
N ILE D 291 21.07 -70.88 -10.71
CA ILE D 291 19.98 -70.14 -11.33
C ILE D 291 20.51 -69.25 -12.44
N GLU D 292 21.34 -68.27 -12.09
CA GLU D 292 21.84 -67.29 -13.05
C GLU D 292 23.07 -66.62 -12.48
N VAL D 293 23.80 -65.93 -13.36
CA VAL D 293 24.98 -65.15 -12.99
C VAL D 293 24.74 -63.71 -13.39
N ASN D 294 24.90 -62.79 -12.44
CA ASN D 294 24.79 -61.37 -12.73
C ASN D 294 26.16 -60.83 -13.12
N PRO D 295 26.36 -60.38 -14.36
CA PRO D 295 27.68 -59.88 -14.78
C PRO D 295 27.89 -58.42 -14.42
N ARG D 296 27.77 -58.11 -13.13
CA ARG D 296 27.82 -56.74 -12.65
C ARG D 296 28.09 -56.76 -11.15
N VAL D 297 28.16 -55.57 -10.56
CA VAL D 297 28.22 -55.42 -9.11
C VAL D 297 26.79 -55.14 -8.62
N GLN D 298 26.33 -55.93 -7.67
CA GLN D 298 24.96 -55.81 -7.22
C GLN D 298 24.83 -54.72 -6.16
N VAL D 299 23.57 -54.36 -5.89
CA VAL D 299 23.27 -53.31 -4.92
C VAL D 299 23.66 -53.73 -3.51
N GLU D 300 23.54 -55.02 -3.19
CA GLU D 300 23.88 -55.52 -1.86
C GLU D 300 25.33 -55.97 -1.76
N HIS D 301 26.25 -55.38 -2.52
CA HIS D 301 27.67 -55.67 -2.34
C HIS D 301 28.23 -55.07 -1.05
N THR D 302 27.48 -54.19 -0.39
CA THR D 302 27.97 -53.51 0.79
C THR D 302 28.16 -54.47 1.96
N ILE D 303 27.25 -55.45 2.12
CA ILE D 303 27.40 -56.39 3.23
C ILE D 303 28.61 -57.28 3.02
N THR D 304 28.89 -57.67 1.77
CA THR D 304 30.10 -58.41 1.47
C THR D 304 31.34 -57.57 1.77
N GLU D 305 31.29 -56.28 1.42
CA GLU D 305 32.38 -55.37 1.75
C GLU D 305 32.60 -55.27 3.25
N LEU D 306 31.52 -55.25 4.02
CA LEU D 306 31.62 -55.11 5.47
C LEU D 306 32.12 -56.38 6.13
N ILE D 307 31.69 -57.56 5.65
CA ILE D 307 32.10 -58.80 6.30
C ILE D 307 33.46 -59.29 5.82
N THR D 308 33.94 -58.85 4.65
CA THR D 308 35.24 -59.28 4.16
C THR D 308 36.31 -58.21 4.20
N GLY D 309 35.94 -56.94 4.33
CA GLY D 309 36.92 -55.87 4.36
C GLY D 309 37.53 -55.53 3.02
N VAL D 310 36.97 -56.04 1.93
CA VAL D 310 37.50 -55.84 0.59
C VAL D 310 36.60 -54.86 -0.14
N ASP D 311 37.17 -53.75 -0.61
CA ASP D 311 36.42 -52.77 -1.37
C ASP D 311 36.13 -53.32 -2.77
N ILE D 312 34.87 -53.66 -3.03
CA ILE D 312 34.51 -54.33 -4.27
C ILE D 312 34.62 -53.38 -5.46
N VAL D 313 34.17 -52.13 -5.30
CA VAL D 313 34.20 -51.18 -6.42
C VAL D 313 35.64 -50.78 -6.73
N GLN D 314 36.46 -50.55 -5.70
CA GLN D 314 37.86 -50.21 -5.91
C GLN D 314 38.61 -51.34 -6.59
N ALA D 315 38.37 -52.58 -6.17
CA ALA D 315 38.98 -53.73 -6.81
C ALA D 315 38.47 -53.91 -8.23
N GLN D 316 37.21 -53.57 -8.48
CA GLN D 316 36.65 -53.63 -9.83
C GLN D 316 37.37 -52.65 -10.76
N ILE D 317 37.59 -51.43 -10.28
CA ILE D 317 38.29 -50.43 -11.09
C ILE D 317 39.75 -50.82 -11.29
N LEU D 318 40.37 -51.39 -10.25
CA LEU D 318 41.77 -51.81 -10.38
C LEU D 318 41.92 -53.00 -11.33
N ILE D 319 40.95 -53.91 -11.33
CA ILE D 319 40.97 -55.02 -12.28
C ILE D 319 40.76 -54.51 -13.70
N ALA D 320 39.85 -53.55 -13.87
CA ALA D 320 39.66 -52.92 -15.17
C ALA D 320 40.90 -52.16 -15.63
N GLN D 321 41.71 -51.69 -14.68
CA GLN D 321 42.99 -51.09 -15.03
C GLN D 321 44.01 -52.13 -15.49
N GLY D 322 43.77 -53.41 -15.21
CA GLY D 322 44.70 -54.46 -15.56
C GLY D 322 45.63 -54.91 -14.45
N LYS D 323 45.38 -54.48 -13.22
CA LYS D 323 46.25 -54.83 -12.11
C LYS D 323 46.07 -56.30 -11.70
N ASP D 324 47.04 -56.82 -10.97
CA ASP D 324 46.97 -58.17 -10.47
C ASP D 324 46.19 -58.22 -9.16
N LEU D 325 45.45 -59.32 -8.96
CA LEU D 325 44.56 -59.42 -7.81
C LEU D 325 45.33 -59.53 -6.50
N HIS D 326 46.40 -60.32 -6.47
CA HIS D 326 47.11 -60.63 -5.24
C HIS D 326 48.46 -59.95 -5.13
N ARG D 327 48.85 -59.14 -6.10
CA ARG D 327 50.14 -58.45 -6.04
C ARG D 327 50.03 -56.94 -6.16
N GLU D 328 49.14 -56.44 -7.01
CA GLU D 328 48.96 -55.00 -7.18
C GLU D 328 47.79 -54.45 -6.38
N ILE D 329 46.65 -55.14 -6.41
CA ILE D 329 45.54 -54.75 -5.54
C ILE D 329 45.87 -55.04 -4.08
N GLY D 330 46.47 -56.20 -3.82
CA GLY D 330 46.88 -56.55 -2.47
C GLY D 330 45.91 -57.40 -1.71
N LEU D 331 44.91 -57.99 -2.38
CA LEU D 331 43.97 -58.85 -1.70
C LEU D 331 44.65 -60.13 -1.22
N PRO D 332 44.25 -60.67 -0.08
CA PRO D 332 44.88 -61.90 0.43
C PRO D 332 44.44 -63.12 -0.38
N ALA D 333 45.01 -64.26 -0.01
CA ALA D 333 44.68 -65.51 -0.67
C ALA D 333 43.26 -65.94 -0.35
N GLN D 334 42.77 -66.92 -1.13
CA GLN D 334 41.40 -67.38 -0.99
C GLN D 334 41.16 -68.03 0.36
N SER D 335 42.14 -68.80 0.85
CA SER D 335 42.02 -69.42 2.16
C SER D 335 42.13 -68.40 3.29
N GLU D 336 42.67 -67.22 3.02
CA GLU D 336 42.87 -66.18 4.03
C GLU D 336 41.84 -65.07 3.95
N ILE D 337 40.75 -65.27 3.23
CA ILE D 337 39.71 -64.24 3.12
C ILE D 337 38.98 -64.12 4.45
N PRO D 338 38.90 -62.92 5.03
CA PRO D 338 38.29 -62.78 6.36
C PRO D 338 36.78 -62.90 6.32
N LEU D 339 36.21 -63.17 7.49
CA LEU D 339 34.77 -63.31 7.69
C LEU D 339 34.35 -62.54 8.94
N LEU D 340 34.72 -61.26 8.97
CA LEU D 340 34.51 -60.42 10.15
C LEU D 340 33.02 -60.13 10.32
N GLY D 341 32.39 -60.88 11.23
CA GLY D 341 31.03 -60.60 11.65
C GLY D 341 29.97 -60.89 10.61
N SER D 342 28.77 -60.39 10.88
CA SER D 342 27.62 -60.53 10.00
C SER D 342 26.99 -59.17 9.79
N ALA D 343 26.56 -58.90 8.57
CA ALA D 343 26.04 -57.59 8.19
C ALA D 343 24.64 -57.73 7.60
N ILE D 344 23.80 -56.73 7.89
CA ILE D 344 22.41 -56.69 7.45
C ILE D 344 22.18 -55.40 6.68
N GLN D 345 21.59 -55.51 5.50
CA GLN D 345 21.26 -54.37 4.66
C GLN D 345 19.81 -54.44 4.22
N CYS D 346 19.09 -53.33 4.36
CA CYS D 346 17.79 -53.17 3.71
C CYS D 346 17.81 -51.91 2.85
N ARG D 347 16.90 -51.86 1.89
CA ARG D 347 16.75 -50.70 1.01
C ARG D 347 15.48 -49.94 1.42
N ILE D 348 15.66 -48.72 1.91
CA ILE D 348 14.54 -47.89 2.30
C ILE D 348 14.04 -47.17 1.05
N THR D 349 12.84 -47.53 0.61
CA THR D 349 12.25 -47.01 -0.60
C THR D 349 10.99 -46.22 -0.26
N THR D 350 10.45 -45.52 -1.25
CA THR D 350 9.22 -44.76 -1.09
C THR D 350 7.97 -45.60 -1.34
N GLU D 351 8.08 -46.93 -1.29
CA GLU D 351 6.93 -47.80 -1.44
C GLU D 351 6.14 -47.81 -0.13
N ASP D 352 4.91 -47.32 -0.18
CA ASP D 352 4.08 -47.25 1.02
C ASP D 352 3.44 -48.61 1.28
N PRO D 353 3.76 -49.26 2.41
CA PRO D 353 3.17 -50.59 2.67
C PRO D 353 1.67 -50.57 2.91
N GLN D 354 1.09 -49.42 3.24
CA GLN D 354 -0.35 -49.29 3.42
C GLN D 354 -1.07 -48.99 2.12
N ASN D 355 -0.35 -48.91 1.00
CA ASN D 355 -0.95 -48.61 -0.29
C ASN D 355 -0.53 -49.64 -1.34
N GLY D 356 -0.38 -50.90 -0.93
CA GLY D 356 0.01 -51.94 -1.85
C GLY D 356 1.45 -51.86 -2.32
N PHE D 357 2.32 -51.24 -1.54
CA PHE D 357 3.75 -51.05 -1.86
C PHE D 357 3.96 -50.28 -3.15
N LEU D 358 3.02 -49.40 -3.48
CA LEU D 358 3.17 -48.50 -4.62
C LEU D 358 4.12 -47.36 -4.25
N PRO D 359 5.02 -46.97 -5.15
CA PRO D 359 5.95 -45.88 -4.84
C PRO D 359 5.23 -44.55 -4.63
N ASP D 360 5.77 -43.75 -3.71
CA ASP D 360 5.20 -42.46 -3.38
C ASP D 360 6.06 -41.34 -3.96
N THR D 361 5.46 -40.16 -4.12
CA THR D 361 6.14 -39.00 -4.67
C THR D 361 5.82 -37.78 -3.83
N GLY D 362 6.71 -36.80 -3.88
CA GLY D 362 6.51 -35.56 -3.16
C GLY D 362 7.77 -35.03 -2.52
N LYS D 363 7.68 -33.83 -1.94
CA LYS D 363 8.82 -33.22 -1.28
C LYS D 363 9.14 -33.93 0.03
N ILE D 364 10.43 -33.96 0.36
CA ILE D 364 10.91 -34.57 1.60
C ILE D 364 11.13 -33.45 2.60
N ASP D 365 10.27 -33.38 3.62
CA ASP D 365 10.35 -32.31 4.60
C ASP D 365 11.51 -32.51 5.56
N THR D 366 11.71 -33.74 6.04
CA THR D 366 12.68 -34.03 7.08
C THR D 366 13.60 -35.17 6.65
N TYR D 367 14.87 -35.06 6.99
CA TYR D 367 15.82 -36.15 6.77
C TYR D 367 16.87 -36.09 7.88
N ARG D 368 16.98 -37.16 8.65
CA ARG D 368 17.96 -37.26 9.72
C ARG D 368 18.57 -38.65 9.69
N SER D 369 19.78 -38.76 9.13
CA SER D 369 20.48 -40.02 8.96
C SER D 369 21.18 -40.43 10.26
N PRO D 370 20.92 -41.65 10.75
CA PRO D 370 21.56 -42.08 11.99
C PRO D 370 23.00 -42.52 11.78
N GLY D 371 23.85 -42.13 12.72
CA GLY D 371 25.24 -42.55 12.69
C GLY D 371 25.53 -43.61 13.72
N GLY D 372 26.69 -43.54 14.36
CA GLY D 372 27.03 -44.47 15.41
C GLY D 372 27.95 -45.59 14.93
N PHE D 373 28.22 -46.51 15.86
CA PHE D 373 29.13 -47.61 15.59
C PHE D 373 28.45 -48.68 14.75
N GLY D 374 29.18 -49.19 13.76
CA GLY D 374 28.71 -50.30 12.96
C GLY D 374 27.64 -49.97 11.96
N ILE D 375 27.50 -48.71 11.56
CA ILE D 375 26.45 -48.27 10.66
C ILE D 375 27.10 -47.74 9.39
N ARG D 376 26.65 -48.22 8.24
CA ARG D 376 27.11 -47.75 6.94
C ARG D 376 25.94 -47.14 6.19
N LEU D 377 26.11 -45.92 5.69
CA LEU D 377 25.08 -45.21 4.97
C LEU D 377 25.49 -45.03 3.51
N ASP D 378 24.62 -45.46 2.60
CA ASP D 378 24.79 -45.23 1.16
C ASP D 378 23.54 -44.48 0.70
N VAL D 379 23.57 -43.17 0.83
CA VAL D 379 22.41 -42.34 0.56
C VAL D 379 22.31 -42.06 -0.94
N GLY D 380 21.10 -42.17 -1.48
CA GLY D 380 20.85 -41.79 -2.86
C GLY D 380 20.44 -40.35 -2.94
N ASN D 381 19.21 -40.09 -3.40
CA ASN D 381 18.65 -38.74 -3.43
C ASN D 381 17.55 -38.68 -2.37
N ALA D 382 17.94 -38.36 -1.14
CA ALA D 382 17.00 -38.33 -0.03
C ALA D 382 17.21 -37.15 0.91
N TYR D 383 17.79 -36.06 0.43
CA TYR D 383 18.04 -34.91 1.29
C TYR D 383 16.74 -34.16 1.56
N ALA D 384 16.79 -33.22 2.51
CA ALA D 384 15.63 -32.42 2.86
C ALA D 384 15.29 -31.45 1.74
N GLY D 385 14.01 -31.39 1.40
CA GLY D 385 13.55 -30.55 0.31
C GLY D 385 13.62 -31.19 -1.06
N TYR D 386 14.09 -32.43 -1.16
CA TYR D 386 14.17 -33.11 -2.45
C TYR D 386 12.78 -33.52 -2.92
N GLU D 387 12.48 -33.24 -4.18
CA GLU D 387 11.20 -33.60 -4.79
C GLU D 387 11.34 -34.95 -5.45
N VAL D 388 10.64 -35.95 -4.92
CA VAL D 388 10.70 -37.31 -5.44
C VAL D 388 9.87 -37.38 -6.72
N THR D 389 10.50 -37.83 -7.81
CA THR D 389 9.87 -37.95 -9.10
C THR D 389 9.59 -39.40 -9.44
N PRO D 390 8.49 -39.70 -10.14
CA PRO D 390 8.17 -41.08 -10.50
C PRO D 390 8.92 -41.62 -11.71
N TYR D 391 9.90 -40.88 -12.24
CA TYR D 391 10.61 -41.34 -13.43
C TYR D 391 11.59 -42.47 -13.09
N PHE D 392 12.29 -42.35 -11.97
CA PHE D 392 13.32 -43.29 -11.59
C PHE D 392 12.81 -44.26 -10.54
N ASP D 393 13.71 -45.07 -9.99
CA ASP D 393 13.34 -46.05 -8.98
C ASP D 393 13.02 -45.35 -7.66
N SER D 394 12.45 -46.13 -6.73
CA SER D 394 11.88 -45.59 -5.51
C SER D 394 12.86 -45.52 -4.34
N LEU D 395 14.12 -45.89 -4.55
CA LEU D 395 15.05 -45.99 -3.43
C LEU D 395 15.47 -44.62 -2.93
N LEU D 396 15.37 -44.43 -1.60
CA LEU D 396 15.83 -43.21 -0.95
C LEU D 396 17.24 -43.37 -0.39
N VAL D 397 17.42 -44.32 0.53
CA VAL D 397 18.69 -44.52 1.22
C VAL D 397 18.92 -46.01 1.40
N LYS D 398 20.17 -46.43 1.27
CA LYS D 398 20.59 -47.82 1.47
C LYS D 398 21.49 -47.85 2.69
N VAL D 399 21.00 -48.43 3.79
CA VAL D 399 21.69 -48.41 5.07
C VAL D 399 22.02 -49.84 5.47
N CYS D 400 23.27 -50.08 5.87
CA CYS D 400 23.74 -51.39 6.27
C CYS D 400 24.33 -51.32 7.67
N THR D 401 24.03 -52.33 8.48
CA THR D 401 24.55 -52.46 9.83
C THR D 401 25.33 -53.75 9.97
N PHE D 402 26.48 -53.68 10.62
CA PHE D 402 27.35 -54.84 10.80
C PHE D 402 27.79 -54.93 12.24
N ALA D 403 27.97 -56.18 12.71
CA ALA D 403 28.43 -56.44 14.06
C ALA D 403 29.01 -57.85 14.10
N ASN D 404 29.65 -58.19 15.22
CA ASN D 404 30.23 -59.51 15.39
C ASN D 404 29.15 -60.58 15.47
N GLU D 405 28.06 -60.30 16.17
CA GLU D 405 26.96 -61.24 16.33
C GLU D 405 25.76 -60.79 15.51
N PHE D 406 25.01 -61.76 14.99
CA PHE D 406 23.84 -61.43 14.18
C PHE D 406 22.73 -60.79 15.02
N SER D 407 22.61 -61.17 16.29
CA SER D 407 21.66 -60.51 17.18
C SER D 407 22.04 -59.07 17.42
N ASP D 408 23.34 -58.80 17.54
CA ASP D 408 23.81 -57.42 17.68
C ASP D 408 23.54 -56.62 16.41
N SER D 409 23.69 -57.23 15.24
CA SER D 409 23.36 -56.56 13.99
C SER D 409 21.87 -56.27 13.90
N VAL D 410 21.03 -57.21 14.37
CA VAL D 410 19.59 -57.00 14.37
C VAL D 410 19.21 -55.84 15.29
N ARG D 411 19.82 -55.79 16.48
CA ARG D 411 19.55 -54.70 17.42
C ARG D 411 19.99 -53.36 16.87
N LYS D 412 21.19 -53.31 16.28
CA LYS D 412 21.69 -52.08 15.68
C LYS D 412 20.79 -51.60 14.54
N MET D 413 20.31 -52.55 13.72
CA MET D 413 19.50 -52.16 12.57
C MET D 413 18.11 -51.72 13.02
N ASP D 414 17.56 -52.32 14.08
CA ASP D 414 16.31 -51.85 14.67
C ASP D 414 16.47 -50.44 15.23
N ARG D 415 17.60 -50.18 15.90
CA ARG D 415 17.88 -48.82 16.39
C ARG D 415 17.96 -47.82 15.25
N VAL D 416 18.60 -48.21 14.14
CA VAL D 416 18.71 -47.32 12.99
C VAL D 416 17.35 -47.04 12.37
N LEU D 417 16.53 -48.08 12.21
CA LEU D 417 15.19 -47.91 11.64
C LEU D 417 14.30 -47.05 12.52
N HIS D 418 14.48 -47.13 13.85
CA HIS D 418 13.73 -46.24 14.72
C HIS D 418 14.33 -44.84 14.76
N GLU D 419 15.60 -44.69 14.37
CA GLU D 419 16.21 -43.37 14.35
C GLU D 419 15.98 -42.62 13.05
N PHE D 420 15.74 -43.34 11.94
CA PHE D 420 15.47 -42.70 10.67
C PHE D 420 14.18 -41.91 10.72
N ARG D 421 14.24 -40.66 10.24
CA ARG D 421 13.10 -39.75 10.22
C ARG D 421 13.03 -39.13 8.83
N ILE D 422 12.26 -39.74 7.94
CA ILE D 422 12.01 -39.21 6.61
C ILE D 422 10.54 -38.83 6.55
N ARG D 423 10.27 -37.54 6.39
CA ARG D 423 8.91 -37.02 6.40
C ARG D 423 8.61 -36.33 5.08
N GLY D 424 7.34 -36.41 4.66
CA GLY D 424 6.93 -35.84 3.40
C GLY D 424 6.47 -36.91 2.42
N VAL D 425 7.14 -38.06 2.44
CA VAL D 425 6.78 -39.19 1.60
C VAL D 425 6.68 -40.42 2.49
N LYS D 426 5.85 -41.37 2.06
CA LYS D 426 5.64 -42.61 2.80
C LYS D 426 6.68 -43.63 2.40
N THR D 427 7.38 -44.19 3.38
CA THR D 427 8.43 -45.16 3.15
C THR D 427 8.02 -46.53 3.69
N ASN D 428 8.82 -47.54 3.34
CA ASN D 428 8.62 -48.91 3.80
C ASN D 428 9.34 -49.19 5.12
N ILE D 429 9.63 -48.15 5.90
CA ILE D 429 10.29 -48.36 7.20
C ILE D 429 9.48 -49.18 8.17
N PRO D 430 8.16 -48.97 8.37
CA PRO D 430 7.42 -49.88 9.27
C PRO D 430 7.41 -51.33 8.82
N PHE D 431 7.37 -51.58 7.50
CA PHE D 431 7.47 -52.95 7.00
C PHE D 431 8.83 -53.56 7.33
N LEU D 432 9.90 -52.77 7.20
CA LEU D 432 11.23 -53.26 7.54
C LEU D 432 11.35 -53.53 9.04
N ILE D 433 10.71 -52.69 9.87
CA ILE D 433 10.71 -52.91 11.31
C ILE D 433 9.99 -54.21 11.65
N ASN D 434 8.85 -54.45 10.99
CA ASN D 434 8.10 -55.68 11.23
C ASN D 434 8.88 -56.92 10.78
N VAL D 435 9.59 -56.83 9.65
CA VAL D 435 10.38 -57.96 9.18
C VAL D 435 11.57 -58.21 10.11
N ILE D 436 12.21 -57.14 10.59
CA ILE D 436 13.35 -57.28 11.50
C ILE D 436 12.90 -57.89 12.82
N ALA D 437 11.74 -57.48 13.34
CA ALA D 437 11.26 -57.97 14.61
C ALA D 437 10.77 -59.42 14.56
N ASN D 438 10.63 -60.01 13.37
CA ASN D 438 10.15 -61.38 13.26
C ASN D 438 11.17 -62.37 13.81
N GLU D 439 10.66 -63.46 14.38
CA GLU D 439 11.51 -64.47 15.00
C GLU D 439 12.18 -65.37 13.98
N ASN D 440 11.56 -65.58 12.82
CA ASN D 440 12.16 -66.42 11.79
C ASN D 440 13.41 -65.75 11.21
N PHE D 441 13.33 -64.46 10.92
CA PHE D 441 14.49 -63.76 10.37
C PHE D 441 15.62 -63.63 11.38
N THR D 442 15.29 -63.43 12.66
CA THR D 442 16.31 -63.34 13.69
C THR D 442 17.05 -64.65 13.85
N SER D 443 16.32 -65.77 13.75
CA SER D 443 16.97 -67.07 13.72
C SER D 443 17.81 -67.25 12.46
N GLY D 444 17.33 -66.75 11.34
CA GLY D 444 18.03 -66.85 10.08
C GLY D 444 17.53 -67.93 9.15
N GLN D 445 16.44 -68.61 9.50
CA GLN D 445 15.88 -69.68 8.68
C GLN D 445 14.80 -69.17 7.73
N ALA D 446 14.87 -67.90 7.33
CA ALA D 446 13.86 -67.34 6.45
C ALA D 446 14.02 -67.91 5.04
N THR D 447 12.88 -68.16 4.39
CA THR D 447 12.84 -68.69 3.04
C THR D 447 12.38 -67.61 2.06
N THR D 448 12.24 -67.99 0.80
CA THR D 448 11.77 -67.06 -0.22
C THR D 448 10.31 -66.66 0.02
N THR D 449 9.47 -67.63 0.38
CA THR D 449 8.06 -67.39 0.61
C THR D 449 7.76 -66.95 2.04
N PHE D 450 8.76 -66.49 2.79
CA PHE D 450 8.56 -66.12 4.18
C PHE D 450 7.67 -64.90 4.32
N ILE D 451 7.83 -63.92 3.43
CA ILE D 451 6.99 -62.73 3.47
C ILE D 451 5.57 -63.05 3.05
N ASP D 452 5.41 -63.88 2.01
CA ASP D 452 4.09 -64.11 1.42
C ASP D 452 3.18 -64.90 2.34
N ASN D 453 3.70 -65.90 3.05
CA ASN D 453 2.86 -66.72 3.91
C ASN D 453 2.66 -66.12 5.29
N THR D 454 3.29 -64.99 5.60
CA THR D 454 3.16 -64.37 6.91
C THR D 454 2.27 -63.15 6.80
N PRO D 455 1.04 -63.18 7.31
CA PRO D 455 0.18 -61.99 7.27
C PRO D 455 0.31 -61.08 8.48
N SER D 456 1.17 -61.42 9.44
CA SER D 456 1.37 -60.60 10.64
C SER D 456 2.37 -59.48 10.43
N LEU D 457 2.98 -59.41 9.25
CA LEU D 457 3.94 -58.36 8.92
C LEU D 457 3.29 -57.19 8.21
N PHE D 458 1.98 -57.24 7.97
CA PHE D 458 1.29 -56.21 7.21
C PHE D 458 0.32 -55.41 8.08
N ASN D 459 0.45 -55.50 9.39
CA ASN D 459 -0.21 -54.57 10.31
C ASN D 459 0.85 -53.69 10.96
N PHE D 460 0.53 -52.40 11.10
CA PHE D 460 1.51 -51.46 11.61
C PHE D 460 0.87 -50.55 12.66
N PRO D 461 1.60 -50.22 13.72
CA PRO D 461 1.04 -49.29 14.71
C PRO D 461 0.91 -47.89 14.14
N ARG D 462 -0.12 -47.17 14.58
CA ARG D 462 -0.33 -45.81 14.13
C ARG D 462 0.65 -44.88 14.81
N LEU D 463 1.43 -44.16 14.01
CA LEU D 463 2.45 -43.24 14.52
C LEU D 463 1.92 -41.83 14.45
N ARG D 464 1.94 -41.13 15.59
CA ARG D 464 1.42 -39.77 15.69
C ARG D 464 2.57 -38.81 15.39
N ASP D 465 2.59 -38.26 14.17
CA ASP D 465 3.58 -37.26 13.81
C ASP D 465 3.16 -35.94 14.45
N ARG D 466 3.51 -35.79 15.73
CA ARG D 466 3.03 -34.65 16.51
C ARG D 466 3.77 -33.37 16.20
N GLY D 467 4.85 -33.44 15.42
CA GLY D 467 5.52 -32.23 14.96
C GLY D 467 4.90 -31.71 13.67
N THR D 468 4.69 -32.63 12.72
CA THR D 468 4.12 -32.27 11.43
C THR D 468 2.69 -31.75 11.59
N LYS D 469 1.89 -32.43 12.42
CA LYS D 469 0.50 -32.01 12.61
C LYS D 469 0.41 -30.68 13.35
N THR D 470 1.28 -30.46 14.33
CA THR D 470 1.32 -29.18 15.03
C THR D 470 1.72 -28.05 14.11
N LEU D 471 2.73 -28.29 13.27
CA LEU D 471 3.14 -27.27 12.30
C LEU D 471 2.05 -26.99 11.28
N HIS D 472 1.33 -28.05 10.86
CA HIS D 472 0.22 -27.87 9.93
C HIS D 472 -0.90 -27.03 10.54
N TYR D 473 -1.25 -27.31 11.80
CA TYR D 473 -2.29 -26.52 12.47
C TYR D 473 -1.84 -25.07 12.66
N LEU D 474 -0.58 -24.86 13.04
CA LEU D 474 -0.07 -23.50 13.22
C LEU D 474 -0.07 -22.74 11.90
N SER D 475 0.31 -23.40 10.81
CA SER D 475 0.26 -22.77 9.49
C SER D 475 -1.16 -22.42 9.10
N MET D 476 -2.11 -23.32 9.35
CA MET D 476 -3.50 -23.09 9.00
C MET D 476 -4.08 -21.90 9.75
N ILE D 477 -3.82 -21.83 11.06
CA ILE D 477 -4.35 -20.70 11.85
C ILE D 477 -3.60 -19.42 11.51
N THR D 478 -2.31 -19.50 11.17
CA THR D 478 -1.55 -18.30 10.85
C THR D 478 -2.01 -17.68 9.53
N VAL D 479 -2.25 -18.49 8.50
CA VAL D 479 -2.58 -17.94 7.20
C VAL D 479 -4.08 -17.86 6.93
N ASN D 480 -4.92 -18.49 7.75
CA ASN D 480 -6.35 -18.46 7.53
C ASN D 480 -7.15 -17.94 8.71
N GLY D 481 -6.58 -17.89 9.90
CA GLY D 481 -7.29 -17.42 11.06
C GLY D 481 -8.16 -18.50 11.69
N PHE D 482 -8.51 -18.27 12.96
CA PHE D 482 -9.41 -19.18 13.64
C PHE D 482 -10.82 -19.04 13.06
N PRO D 483 -11.52 -20.15 12.83
CA PRO D 483 -12.88 -20.07 12.26
C PRO D 483 -13.86 -19.55 13.30
N GLY D 484 -14.59 -18.49 12.94
CA GLY D 484 -15.63 -17.93 13.78
C GLY D 484 -15.27 -16.65 14.49
N ILE D 485 -13.99 -16.26 14.53
CA ILE D 485 -13.58 -15.03 15.17
C ILE D 485 -12.81 -14.17 14.15
N GLU D 486 -12.64 -12.90 14.51
CA GLU D 486 -11.95 -11.96 13.64
C GLU D 486 -10.46 -12.27 13.57
N ASN D 487 -9.86 -11.90 12.44
CA ASN D 487 -8.43 -12.18 12.19
C ASN D 487 -7.57 -11.02 12.68
N THR D 488 -7.61 -10.80 14.00
CA THR D 488 -6.79 -9.76 14.61
C THR D 488 -5.35 -10.23 14.77
N GLU D 489 -4.47 -9.26 15.04
CA GLU D 489 -3.07 -9.57 15.29
C GLU D 489 -2.91 -10.29 16.62
N LYS D 490 -1.95 -11.21 16.67
CA LYS D 490 -1.67 -11.97 17.90
C LYS D 490 -1.10 -11.04 18.95
N ARG D 491 -1.90 -10.74 19.98
CA ARG D 491 -1.46 -9.87 21.06
C ARG D 491 -0.41 -10.58 21.92
N HIS D 492 0.43 -9.78 22.56
CA HIS D 492 1.47 -10.29 23.44
C HIS D 492 0.95 -10.30 24.87
N PHE D 493 0.99 -11.48 25.50
CA PHE D 493 0.50 -11.65 26.86
C PHE D 493 1.64 -12.06 27.77
N GLU D 494 1.56 -11.61 29.02
CA GLU D 494 2.50 -12.03 30.04
C GLU D 494 2.01 -13.33 30.68
N GLU D 495 2.88 -13.94 31.47
CA GLU D 495 2.50 -15.13 32.20
C GLU D 495 1.46 -14.79 33.27
N PRO D 496 0.42 -15.61 33.42
CA PRO D 496 -0.58 -15.34 34.46
C PRO D 496 0.01 -15.49 35.85
N ARG D 497 -0.54 -14.71 36.78
CA ARG D 497 0.00 -14.63 38.13
C ARG D 497 -0.31 -15.90 38.90
N GLN D 498 0.73 -16.65 39.25
CA GLN D 498 0.54 -17.83 40.07
C GLN D 498 0.19 -17.42 41.49
N PRO D 499 -0.70 -18.15 42.16
CA PRO D 499 -1.14 -17.75 43.50
C PRO D 499 -0.08 -18.02 44.56
N LEU D 500 -0.25 -17.33 45.68
CA LEU D 500 0.59 -17.50 46.87
C LEU D 500 -0.34 -18.02 47.97
N LEU D 501 -0.41 -19.33 48.11
CA LEU D 501 -1.39 -19.98 48.96
C LEU D 501 -0.83 -20.28 50.34
N ASN D 502 -1.73 -20.37 51.31
CA ASN D 502 -1.43 -20.84 52.66
C ASN D 502 -2.20 -22.14 52.85
N LEU D 503 -1.51 -23.26 52.63
CA LEU D 503 -2.17 -24.55 52.62
C LEU D 503 -2.60 -24.97 54.03
N GLU D 504 -3.86 -25.40 54.15
CA GLU D 504 -4.41 -25.90 55.41
C GLU D 504 -5.09 -27.23 55.10
N LYS D 505 -4.43 -28.34 55.43
CA LYS D 505 -4.97 -29.65 55.14
C LYS D 505 -6.16 -29.96 56.04
N LYS D 506 -7.22 -30.49 55.44
CA LYS D 506 -8.41 -30.87 56.18
C LYS D 506 -9.13 -31.97 55.41
N LYS D 507 -10.00 -32.69 56.12
CA LYS D 507 -10.76 -33.79 55.53
C LYS D 507 -11.84 -33.22 54.63
N THR D 508 -11.58 -33.23 53.32
CA THR D 508 -12.56 -32.78 52.35
C THR D 508 -13.67 -33.83 52.20
N ALA D 509 -14.78 -33.41 51.59
CA ALA D 509 -15.90 -34.32 51.40
C ALA D 509 -15.61 -35.39 50.35
N LYS D 510 -14.64 -35.14 49.47
CA LYS D 510 -14.21 -36.18 48.53
C LYS D 510 -13.59 -37.36 49.27
N ASN D 511 -12.82 -37.09 50.32
CA ASN D 511 -12.25 -38.16 51.14
C ASN D 511 -13.34 -38.95 51.86
N ILE D 512 -14.38 -38.26 52.32
CA ILE D 512 -15.51 -38.93 52.95
C ILE D 512 -16.24 -39.81 51.96
N LEU D 513 -16.43 -39.31 50.73
CA LEU D 513 -17.08 -40.12 49.69
C LEU D 513 -16.22 -41.31 49.27
N ASP D 514 -14.90 -41.15 49.28
CA ASP D 514 -14.02 -42.26 48.93
C ASP D 514 -13.99 -43.32 50.02
N GLU D 515 -13.88 -42.92 51.28
CA GLU D 515 -13.77 -43.88 52.36
C GLU D 515 -15.14 -44.42 52.78
N GLN D 516 -16.02 -43.55 53.26
CA GLN D 516 -17.38 -43.94 53.58
C GLN D 516 -18.26 -43.82 52.33
N GLY D 517 -19.58 -43.90 52.51
CA GLY D 517 -20.51 -43.78 51.40
C GLY D 517 -21.02 -42.36 51.19
N ALA D 518 -21.96 -42.24 50.27
CA ALA D 518 -22.56 -40.94 49.98
C ALA D 518 -23.47 -40.46 51.10
N ASP D 519 -24.06 -41.39 51.86
CA ASP D 519 -24.90 -41.01 52.98
C ASP D 519 -24.10 -40.34 54.09
N ALA D 520 -22.84 -40.74 54.27
CA ALA D 520 -21.97 -40.04 55.19
C ALA D 520 -21.66 -38.62 54.71
N VAL D 521 -21.54 -38.43 53.39
CA VAL D 521 -21.36 -37.08 52.85
C VAL D 521 -22.60 -36.24 53.11
N VAL D 522 -23.79 -36.83 52.94
CA VAL D 522 -25.04 -36.13 53.21
C VAL D 522 -25.13 -35.75 54.69
N ASP D 523 -24.73 -36.67 55.58
CA ASP D 523 -24.71 -36.36 57.01
C ASP D 523 -23.70 -35.27 57.35
N TYR D 524 -22.55 -35.28 56.67
CA TYR D 524 -21.54 -34.24 56.88
C TYR D 524 -22.03 -32.87 56.42
N VAL D 525 -22.81 -32.83 55.33
CA VAL D 525 -23.37 -31.58 54.85
C VAL D 525 -24.35 -31.01 55.86
N LYS D 526 -25.21 -31.86 56.42
CA LYS D 526 -26.22 -31.41 57.37
C LYS D 526 -25.65 -31.08 58.75
N ASN D 527 -24.42 -31.47 59.04
CA ASN D 527 -23.82 -31.25 60.35
C ASN D 527 -22.94 -30.01 60.40
N THR D 528 -22.91 -29.21 59.34
CA THR D 528 -22.07 -28.01 59.28
C THR D 528 -22.95 -26.77 59.41
N LYS D 529 -22.57 -25.87 60.33
CA LYS D 529 -23.30 -24.62 60.47
C LYS D 529 -23.01 -23.68 59.31
N GLU D 530 -21.76 -23.64 58.85
CA GLU D 530 -21.40 -22.76 57.74
C GLU D 530 -21.94 -23.32 56.42
N VAL D 531 -22.29 -22.40 55.52
CA VAL D 531 -22.82 -22.78 54.22
C VAL D 531 -21.67 -23.23 53.32
N LEU D 532 -21.83 -24.40 52.71
CA LEU D 532 -20.82 -24.91 51.79
C LEU D 532 -20.94 -24.21 50.44
N LEU D 533 -19.83 -24.18 49.71
CA LEU D 533 -19.77 -23.50 48.42
C LEU D 533 -19.43 -24.50 47.33
N THR D 534 -20.08 -24.34 46.17
CA THR D 534 -19.75 -25.09 44.97
C THR D 534 -19.16 -24.12 43.96
N ASP D 535 -17.94 -24.41 43.50
CA ASP D 535 -17.24 -23.52 42.57
C ASP D 535 -17.65 -23.90 41.15
N THR D 536 -18.50 -23.08 40.53
CA THR D 536 -18.92 -23.27 39.16
C THR D 536 -18.07 -22.49 38.17
N THR D 537 -16.81 -22.22 38.52
CA THR D 537 -15.91 -21.51 37.62
C THR D 537 -15.58 -22.34 36.39
N LEU D 538 -15.40 -23.65 36.57
CA LEU D 538 -14.88 -24.50 35.51
C LEU D 538 -15.92 -24.82 34.44
N ARG D 539 -17.22 -24.73 34.75
CA ARG D 539 -18.23 -24.91 33.70
C ARG D 539 -19.09 -23.67 33.48
N ASP D 540 -19.83 -23.22 34.49
CA ASP D 540 -20.93 -22.31 34.24
C ASP D 540 -20.47 -20.86 34.12
N ALA D 541 -19.41 -20.48 34.83
CA ALA D 541 -18.93 -19.10 34.78
C ALA D 541 -18.45 -18.73 33.39
N HIS D 542 -17.73 -19.64 32.73
CA HIS D 542 -17.33 -19.39 31.36
C HIS D 542 -18.36 -19.84 30.34
N GLN D 543 -19.34 -20.66 30.74
CA GLN D 543 -20.47 -20.93 29.87
C GLN D 543 -21.32 -19.69 29.66
N SER D 544 -21.57 -18.94 30.73
CA SER D 544 -22.42 -17.76 30.64
C SER D 544 -21.69 -16.59 29.99
N LEU D 545 -20.38 -16.46 30.23
CA LEU D 545 -19.62 -15.30 29.79
C LEU D 545 -18.84 -15.57 28.50
N LEU D 546 -17.97 -16.57 28.52
CA LEU D 546 -17.03 -16.81 27.42
C LEU D 546 -17.57 -17.78 26.37
N ALA D 547 -18.89 -18.00 26.34
CA ALA D 547 -19.55 -18.93 25.41
C ALA D 547 -18.96 -20.33 25.51
N THR D 548 -18.77 -20.79 26.75
CA THR D 548 -18.09 -22.04 27.15
C THR D 548 -16.90 -22.42 26.27
N ARG D 549 -16.01 -21.45 26.07
CA ARG D 549 -14.82 -21.64 25.25
C ARG D 549 -13.55 -21.76 26.08
N LEU D 550 -13.66 -21.99 27.39
CA LEU D 550 -12.48 -22.11 28.23
C LEU D 550 -11.79 -23.43 27.96
N ARG D 551 -10.51 -23.37 27.63
CA ARG D 551 -9.76 -24.56 27.24
C ARG D 551 -9.20 -25.26 28.47
N LEU D 552 -8.80 -26.52 28.27
CA LEU D 552 -8.23 -27.32 29.35
C LEU D 552 -6.85 -26.82 29.75
N GLN D 553 -6.13 -26.18 28.82
CA GLN D 553 -4.78 -25.68 29.11
C GLN D 553 -4.80 -24.59 30.16
N ASP D 554 -5.82 -23.72 30.12
CA ASP D 554 -5.95 -22.70 31.15
C ASP D 554 -6.45 -23.28 32.47
N MET D 555 -7.20 -24.39 32.42
CA MET D 555 -7.63 -25.04 33.64
C MET D 555 -6.46 -25.73 34.35
N LYS D 556 -5.49 -26.23 33.57
CA LYS D 556 -4.40 -27.03 34.13
C LYS D 556 -3.44 -26.21 34.97
N GLY D 557 -3.28 -24.93 34.66
CA GLY D 557 -2.35 -24.11 35.43
C GLY D 557 -2.85 -23.67 36.79
N ILE D 558 -4.13 -23.91 37.08
CA ILE D 558 -4.73 -23.50 38.34
C ILE D 558 -5.51 -24.63 39.01
N ALA D 559 -5.61 -25.80 38.39
CA ALA D 559 -6.32 -26.92 39.00
C ALA D 559 -5.66 -27.36 40.31
N GLN D 560 -4.34 -27.48 40.31
CA GLN D 560 -3.63 -27.88 41.53
C GLN D 560 -3.80 -26.84 42.63
N ALA D 561 -3.75 -25.57 42.27
CA ALA D 561 -3.93 -24.50 43.24
C ALA D 561 -5.34 -24.49 43.82
N ILE D 562 -6.35 -24.74 42.98
CA ILE D 562 -7.72 -24.79 43.47
C ILE D 562 -7.91 -26.00 44.38
N ASP D 563 -7.34 -27.14 44.01
CA ASP D 563 -7.49 -28.36 44.80
C ASP D 563 -6.80 -28.24 46.16
N GLN D 564 -5.64 -27.58 46.20
CA GLN D 564 -4.89 -27.47 47.44
C GLN D 564 -5.36 -26.31 48.31
N GLY D 565 -5.36 -25.09 47.75
CA GLY D 565 -5.67 -23.90 48.51
C GLY D 565 -7.14 -23.69 48.82
N LEU D 566 -8.04 -24.47 48.23
CA LEU D 566 -9.47 -24.39 48.51
C LEU D 566 -9.99 -25.79 48.85
N PRO D 567 -9.73 -26.27 50.07
CA PRO D 567 -10.26 -27.58 50.46
C PRO D 567 -11.66 -27.53 51.05
N GLU D 568 -12.17 -26.36 51.39
CA GLU D 568 -13.49 -26.23 52.00
C GLU D 568 -14.61 -26.22 50.96
N LEU D 569 -14.29 -26.25 49.68
CA LEU D 569 -15.31 -26.33 48.65
C LEU D 569 -16.01 -27.69 48.70
N PHE D 570 -17.33 -27.68 48.65
CA PHE D 570 -18.08 -28.93 48.62
C PHE D 570 -17.84 -29.66 47.31
N SER D 571 -18.00 -28.97 46.19
CA SER D 571 -17.81 -29.59 44.88
C SER D 571 -17.39 -28.52 43.89
N ALA D 572 -16.90 -28.96 42.74
CA ALA D 572 -16.51 -28.07 41.64
C ALA D 572 -17.25 -28.52 40.40
N GLU D 573 -18.15 -27.68 39.90
CA GLU D 573 -18.88 -27.99 38.67
C GLU D 573 -17.96 -27.79 37.48
N MET D 574 -17.51 -28.90 36.87
CA MET D 574 -16.52 -28.83 35.81
C MET D 574 -16.91 -29.58 34.55
N TRP D 575 -18.12 -30.14 34.48
CA TRP D 575 -18.47 -30.95 33.33
C TRP D 575 -19.96 -30.83 33.07
N GLY D 576 -20.37 -31.27 31.88
CA GLY D 576 -21.77 -31.29 31.52
C GLY D 576 -22.25 -29.97 30.94
N GLY D 577 -23.53 -29.94 30.62
CA GLY D 577 -24.10 -28.76 29.99
C GLY D 577 -23.63 -28.61 28.56
N ALA D 578 -23.33 -27.37 28.17
CA ALA D 578 -22.87 -27.09 26.82
C ALA D 578 -21.41 -27.42 26.60
N THR D 579 -20.66 -27.75 27.66
CA THR D 579 -19.23 -28.02 27.52
C THR D 579 -18.97 -29.26 26.70
N PHE D 580 -19.78 -30.32 26.89
CA PHE D 580 -19.59 -31.58 26.17
C PHE D 580 -19.72 -31.40 24.66
N ASP D 581 -20.75 -30.67 24.22
CA ASP D 581 -20.91 -30.43 22.80
C ASP D 581 -19.89 -29.43 22.28
N VAL D 582 -19.67 -28.34 23.02
CA VAL D 582 -18.89 -27.22 22.50
C VAL D 582 -17.42 -27.57 22.40
N ALA D 583 -16.88 -28.33 23.37
CA ALA D 583 -15.48 -28.73 23.32
C ALA D 583 -15.21 -29.59 22.10
N TYR D 584 -16.07 -30.59 21.85
CA TYR D 584 -15.94 -31.44 20.67
C TYR D 584 -16.08 -30.64 19.38
N ARG D 585 -17.05 -29.72 19.33
CA ARG D 585 -17.35 -29.03 18.08
C ARG D 585 -16.31 -27.98 17.73
N PHE D 586 -15.85 -27.20 18.72
CA PHE D 586 -14.99 -26.06 18.47
C PHE D 586 -13.59 -26.24 19.05
N LEU D 587 -13.47 -26.68 20.30
CA LEU D 587 -12.18 -26.68 20.96
C LEU D 587 -11.30 -27.84 20.53
N ASN D 588 -11.87 -28.84 19.85
CA ASN D 588 -11.15 -30.01 19.33
C ASN D 588 -10.41 -30.77 20.43
N GLU D 589 -11.00 -30.79 21.63
CA GLU D 589 -10.49 -31.57 22.75
C GLU D 589 -11.63 -32.42 23.27
N SER D 590 -11.36 -33.70 23.49
CA SER D 590 -12.38 -34.58 24.02
C SER D 590 -12.61 -34.26 25.49
N PRO D 591 -13.85 -34.02 25.91
CA PRO D 591 -14.10 -33.72 27.33
C PRO D 591 -13.79 -34.87 28.27
N TRP D 592 -13.71 -36.10 27.76
CA TRP D 592 -13.21 -37.21 28.58
C TRP D 592 -11.74 -37.01 28.94
N TYR D 593 -10.95 -36.51 27.99
CA TYR D 593 -9.55 -36.19 28.27
C TYR D 593 -9.43 -35.08 29.30
N ARG D 594 -10.29 -34.05 29.19
CA ARG D 594 -10.31 -32.98 30.16
C ARG D 594 -10.69 -33.49 31.55
N LEU D 595 -11.69 -34.37 31.62
CA LEU D 595 -12.10 -34.95 32.90
C LEU D 595 -10.99 -35.81 33.49
N ARG D 596 -10.29 -36.58 32.66
CA ARG D 596 -9.20 -37.42 33.14
C ARG D 596 -8.06 -36.58 33.68
N LYS D 597 -7.67 -35.53 32.95
CA LYS D 597 -6.57 -34.68 33.39
C LYS D 597 -6.94 -33.91 34.65
N LEU D 598 -8.19 -33.45 34.76
CA LEU D 598 -8.60 -32.75 35.96
C LEU D 598 -8.68 -33.70 37.16
N ARG D 599 -9.16 -34.93 36.96
CA ARG D 599 -9.19 -35.90 38.04
C ARG D 599 -7.80 -36.29 38.49
N LYS D 600 -6.83 -36.33 37.56
CA LYS D 600 -5.45 -36.47 37.97
C LYS D 600 -4.92 -35.22 38.67
N LEU D 601 -5.52 -34.06 38.40
CA LEU D 601 -5.07 -32.81 38.99
C LEU D 601 -5.84 -32.41 40.24
N MET D 602 -7.07 -32.89 40.44
CA MET D 602 -7.83 -32.70 41.68
C MET D 602 -8.00 -34.06 42.34
N PRO D 603 -7.07 -34.44 43.22
CA PRO D 603 -7.24 -35.72 43.93
C PRO D 603 -8.17 -35.61 45.13
N ASN D 604 -8.36 -34.39 45.65
CA ASN D 604 -9.11 -34.17 46.88
C ASN D 604 -10.31 -33.24 46.68
N THR D 605 -10.71 -33.02 45.43
CA THR D 605 -11.85 -32.19 45.12
C THR D 605 -12.94 -33.04 44.46
N MET D 606 -14.17 -32.87 44.92
CA MET D 606 -15.29 -33.67 44.45
C MET D 606 -15.86 -33.03 43.18
N PHE D 607 -16.00 -33.83 42.14
CA PHE D 607 -16.45 -33.34 40.84
C PHE D 607 -17.97 -33.33 40.75
N GLN D 608 -18.48 -32.39 39.95
CA GLN D 608 -19.91 -32.26 39.71
C GLN D 608 -20.15 -32.06 38.21
N MET D 609 -21.19 -32.69 37.69
CA MET D 609 -21.57 -32.56 36.30
C MET D 609 -23.05 -32.23 36.21
N LEU D 610 -23.45 -31.60 35.10
CA LEU D 610 -24.84 -31.20 34.90
C LEU D 610 -25.52 -32.22 34.00
N PHE D 611 -26.39 -33.03 34.59
CA PHE D 611 -27.16 -34.03 33.86
C PHE D 611 -28.53 -33.46 33.55
N ARG D 612 -28.97 -33.59 32.30
CA ARG D 612 -30.26 -33.04 31.89
C ARG D 612 -31.28 -34.14 31.60
N GLY D 613 -31.28 -35.18 32.43
CA GLY D 613 -32.32 -36.19 32.38
C GLY D 613 -32.25 -37.14 31.21
N SER D 614 -33.29 -37.13 30.38
CA SER D 614 -33.34 -38.04 29.23
C SER D 614 -32.31 -37.66 28.17
N ASN D 615 -32.19 -36.37 27.87
CA ASN D 615 -31.13 -35.85 27.01
C ASN D 615 -29.96 -35.49 27.92
N ALA D 616 -29.01 -36.43 28.08
CA ALA D 616 -28.01 -36.32 29.13
C ALA D 616 -27.07 -35.14 28.91
N VAL D 617 -26.47 -35.05 27.72
CA VAL D 617 -25.61 -33.91 27.39
C VAL D 617 -26.00 -33.37 26.03
N GLY D 618 -27.14 -33.82 25.52
CA GLY D 618 -27.61 -33.38 24.21
C GLY D 618 -28.92 -32.63 24.28
N TYR D 619 -29.71 -32.72 23.21
CA TYR D 619 -31.01 -32.08 23.15
C TYR D 619 -32.13 -33.01 22.74
N GLN D 620 -31.81 -34.24 22.34
CA GLN D 620 -32.80 -35.23 21.95
C GLN D 620 -32.76 -36.39 22.94
N ASN D 621 -33.88 -37.09 23.04
CA ASN D 621 -34.00 -38.19 24.00
C ASN D 621 -33.24 -39.42 23.52
N TYR D 622 -32.77 -40.20 24.47
CA TYR D 622 -31.96 -41.38 24.25
C TYR D 622 -32.53 -42.56 25.02
N PRO D 623 -32.25 -43.79 24.57
CA PRO D 623 -32.69 -44.97 25.33
C PRO D 623 -32.09 -45.01 26.72
N ASP D 624 -32.81 -45.67 27.64
CA ASP D 624 -32.42 -45.67 29.05
C ASP D 624 -31.13 -46.43 29.29
N ASN D 625 -30.84 -47.46 28.50
CA ASN D 625 -29.58 -48.17 28.65
C ASN D 625 -28.40 -47.31 28.24
N VAL D 626 -28.60 -46.43 27.25
CA VAL D 626 -27.56 -45.48 26.86
C VAL D 626 -27.27 -44.51 28.01
N ILE D 627 -28.33 -44.03 28.67
CA ILE D 627 -28.16 -43.12 29.80
C ILE D 627 -27.47 -43.83 30.96
N GLU D 628 -27.85 -45.08 31.22
CA GLU D 628 -27.21 -45.84 32.30
C GLU D 628 -25.74 -46.09 32.00
N GLU D 629 -25.40 -46.40 30.74
CA GLU D 629 -24.01 -46.61 30.36
C GLU D 629 -23.21 -45.32 30.47
N PHE D 630 -23.80 -44.19 30.08
CA PHE D 630 -23.14 -42.89 30.21
C PHE D 630 -22.88 -42.55 31.67
N ILE D 631 -23.86 -42.84 32.54
CA ILE D 631 -23.70 -42.59 33.96
C ILE D 631 -22.59 -43.48 34.54
N ARG D 632 -22.56 -44.75 34.13
CA ARG D 632 -21.53 -45.66 34.61
C ARG D 632 -20.13 -45.22 34.18
N VAL D 633 -19.98 -44.84 32.90
CA VAL D 633 -18.68 -44.41 32.40
C VAL D 633 -18.24 -43.11 33.05
N ALA D 634 -19.17 -42.15 33.20
CA ALA D 634 -18.83 -40.88 33.84
C ALA D 634 -18.49 -41.05 35.31
N ALA D 635 -19.17 -41.97 36.00
CA ALA D 635 -18.84 -42.24 37.40
C ALA D 635 -17.51 -42.96 37.52
N HIS D 636 -17.17 -43.82 36.55
CA HIS D 636 -15.87 -44.48 36.58
C HIS D 636 -14.74 -43.50 36.31
N GLU D 637 -14.95 -42.56 35.39
CA GLU D 637 -13.87 -41.67 34.98
C GLU D 637 -13.62 -40.53 35.96
N GLY D 638 -14.52 -40.28 36.91
CA GLY D 638 -14.21 -39.32 37.94
C GLY D 638 -15.34 -38.43 38.43
N ILE D 639 -16.49 -38.45 37.77
CA ILE D 639 -17.60 -37.61 38.19
C ILE D 639 -18.24 -38.20 39.43
N ASP D 640 -18.43 -37.38 40.46
CA ASP D 640 -18.91 -37.82 41.76
C ASP D 640 -20.30 -37.31 42.10
N VAL D 641 -20.62 -36.07 41.74
CA VAL D 641 -21.94 -35.49 41.98
C VAL D 641 -22.63 -35.33 40.64
N PHE D 642 -23.84 -35.85 40.53
CA PHE D 642 -24.65 -35.74 39.32
C PHE D 642 -25.84 -34.85 39.63
N ARG D 643 -25.85 -33.65 39.05
CA ARG D 643 -27.00 -32.75 39.16
C ARG D 643 -27.94 -33.08 38.00
N ILE D 644 -28.97 -33.86 38.29
CA ILE D 644 -29.93 -34.29 37.28
C ILE D 644 -31.14 -33.37 37.32
N PHE D 645 -31.44 -32.72 36.21
CA PHE D 645 -32.64 -31.90 36.07
C PHE D 645 -33.42 -32.33 34.84
N ASP D 646 -34.65 -31.85 34.76
CA ASP D 646 -35.50 -32.04 33.60
C ASP D 646 -35.92 -30.67 33.08
N SER D 647 -36.06 -30.56 31.76
CA SER D 647 -36.40 -29.28 31.15
C SER D 647 -37.81 -28.82 31.53
N LEU D 648 -38.70 -29.75 31.84
CA LEU D 648 -40.08 -29.42 32.18
C LEU D 648 -40.46 -29.91 33.58
N ASN D 649 -39.45 -30.18 34.42
CA ASN D 649 -39.63 -30.58 35.82
C ASN D 649 -40.49 -31.83 35.96
N TRP D 650 -40.21 -32.83 35.12
CA TRP D 650 -40.99 -34.06 35.08
C TRP D 650 -40.23 -35.18 35.79
N LEU D 651 -40.88 -35.81 36.76
CA LEU D 651 -40.26 -36.91 37.51
C LEU D 651 -39.85 -38.14 36.68
N PRO D 652 -40.67 -38.69 35.76
CA PRO D 652 -40.23 -39.92 35.06
C PRO D 652 -38.97 -39.77 34.24
N GLN D 653 -38.66 -38.57 33.73
CA GLN D 653 -37.45 -38.39 32.95
C GLN D 653 -36.20 -38.56 33.81
N MET D 654 -36.22 -38.04 35.03
CA MET D 654 -35.04 -38.07 35.89
C MET D 654 -35.03 -39.22 36.89
N GLU D 655 -36.13 -39.99 36.99
CA GLU D 655 -36.18 -41.10 37.93
C GLU D 655 -35.14 -42.17 37.59
N LYS D 656 -35.04 -42.53 36.31
CA LYS D 656 -34.09 -43.55 35.88
C LYS D 656 -32.65 -43.08 36.08
N SER D 657 -32.37 -41.81 35.79
CA SER D 657 -31.03 -41.27 35.98
C SER D 657 -30.65 -41.24 37.45
N ILE D 658 -31.59 -40.84 38.32
CA ILE D 658 -31.32 -40.83 39.76
C ILE D 658 -31.05 -42.24 40.26
N GLN D 659 -31.85 -43.21 39.80
CA GLN D 659 -31.63 -44.60 40.21
C GLN D 659 -30.30 -45.14 39.72
N ALA D 660 -29.90 -44.78 38.49
CA ALA D 660 -28.63 -45.24 37.96
C ALA D 660 -27.44 -44.62 38.71
N VAL D 661 -27.53 -43.34 39.05
CA VAL D 661 -26.47 -42.70 39.83
C VAL D 661 -26.39 -43.31 41.23
N ARG D 662 -27.54 -43.65 41.82
CA ARG D 662 -27.56 -44.33 43.11
C ARG D 662 -26.91 -45.71 43.01
N ASP D 663 -27.20 -46.43 41.92
CA ASP D 663 -26.63 -47.77 41.75
C ASP D 663 -25.14 -47.74 41.46
N ASN D 664 -24.65 -46.64 40.88
CA ASN D 664 -23.23 -46.54 40.55
C ASN D 664 -22.38 -46.07 41.73
N GLY D 665 -22.98 -45.79 42.88
CA GLY D 665 -22.23 -45.46 44.07
C GLY D 665 -21.85 -44.00 44.22
N LYS D 666 -22.37 -43.11 43.38
CA LYS D 666 -22.06 -41.70 43.45
C LYS D 666 -23.23 -40.94 44.10
N ILE D 667 -23.15 -39.62 44.08
CA ILE D 667 -24.13 -38.76 44.72
C ILE D 667 -25.08 -38.24 43.65
N ALA D 668 -26.38 -38.38 43.89
CA ALA D 668 -27.42 -37.92 42.99
C ALA D 668 -28.02 -36.63 43.52
N GLU D 669 -28.16 -35.63 42.64
CA GLU D 669 -28.72 -34.33 43.01
C GLU D 669 -29.97 -34.11 42.17
N ALA D 670 -31.12 -34.48 42.72
CA ALA D 670 -32.39 -34.17 42.07
C ALA D 670 -32.62 -32.66 42.11
N THR D 671 -33.14 -32.13 41.00
CA THR D 671 -33.17 -30.68 40.81
C THR D 671 -34.58 -30.22 40.50
N ILE D 672 -35.04 -29.22 41.24
CA ILE D 672 -36.27 -28.50 40.92
C ILE D 672 -35.88 -27.25 40.13
N CYS D 673 -36.42 -27.11 38.93
CA CYS D 673 -36.13 -25.97 38.08
C CYS D 673 -37.09 -24.84 38.46
N TYR D 674 -36.55 -23.79 39.06
CA TYR D 674 -37.38 -22.67 39.52
C TYR D 674 -37.84 -21.83 38.33
N THR D 675 -39.08 -21.34 38.42
CA THR D 675 -39.64 -20.46 37.41
C THR D 675 -40.75 -19.64 38.05
N GLY D 676 -41.06 -18.51 37.43
CA GLY D 676 -42.13 -17.66 37.93
C GLY D 676 -41.77 -16.99 39.25
N ASP D 677 -42.81 -16.55 39.94
CA ASP D 677 -42.68 -15.91 41.24
C ASP D 677 -43.61 -16.59 42.23
N ILE D 678 -43.08 -16.97 43.40
CA ILE D 678 -43.90 -17.62 44.42
C ILE D 678 -44.53 -16.62 45.38
N LEU D 679 -44.13 -15.35 45.35
CA LEU D 679 -44.71 -14.32 46.18
C LEU D 679 -45.63 -13.39 45.40
N ASP D 680 -45.98 -13.77 44.18
CA ASP D 680 -46.87 -12.99 43.33
C ASP D 680 -48.18 -13.75 43.13
N PRO D 681 -49.32 -13.24 43.59
CA PRO D 681 -50.58 -13.98 43.39
C PRO D 681 -51.07 -13.98 41.95
N SER D 682 -50.53 -13.13 41.08
CA SER D 682 -50.97 -13.09 39.69
C SER D 682 -50.55 -14.32 38.91
N ARG D 683 -49.55 -15.06 39.38
CA ARG D 683 -49.10 -16.29 38.73
C ARG D 683 -49.34 -17.46 39.68
N PRO D 684 -50.47 -18.15 39.57
CA PRO D 684 -50.77 -19.25 40.51
C PRO D 684 -50.30 -20.62 40.05
N LYS D 685 -49.75 -20.74 38.84
CA LYS D 685 -49.37 -22.06 38.33
C LYS D 685 -48.14 -22.62 39.01
N TYR D 686 -47.28 -21.75 39.54
CA TYR D 686 -46.00 -22.15 40.13
C TYR D 686 -45.88 -21.63 41.55
N ASN D 687 -46.91 -21.87 42.35
CA ASN D 687 -46.90 -21.44 43.75
C ASN D 687 -45.98 -22.33 44.57
N ILE D 688 -45.94 -22.06 45.88
CA ILE D 688 -45.07 -22.82 46.78
C ILE D 688 -45.55 -24.25 46.93
N GLN D 689 -46.85 -24.49 46.76
CA GLN D 689 -47.39 -25.84 46.90
C GLN D 689 -46.88 -26.76 45.80
N TYR D 690 -46.74 -26.24 44.58
CA TYR D 690 -46.21 -27.04 43.49
C TYR D 690 -44.77 -27.46 43.75
N TYR D 691 -43.95 -26.53 44.24
CA TYR D 691 -42.57 -26.86 44.57
C TYR D 691 -42.47 -27.82 45.75
N LYS D 692 -43.38 -27.69 46.73
CA LYS D 692 -43.42 -28.64 47.83
C LYS D 692 -43.78 -30.04 47.36
N ASP D 693 -44.76 -30.15 46.46
CA ASP D 693 -45.13 -31.45 45.90
C ASP D 693 -43.99 -32.04 45.08
N LEU D 694 -43.29 -31.20 44.31
CA LEU D 694 -42.14 -31.66 43.53
C LEU D 694 -41.01 -32.14 44.43
N ALA D 695 -40.78 -31.43 45.54
CA ALA D 695 -39.75 -31.86 46.48
C ALA D 695 -40.11 -33.17 47.16
N LYS D 696 -41.39 -33.35 47.50
CA LYS D 696 -41.84 -34.62 48.06
C LYS D 696 -41.69 -35.76 47.06
N GLU D 697 -42.03 -35.51 45.80
CA GLU D 697 -41.88 -36.53 44.77
C GLU D 697 -40.42 -36.87 44.51
N LEU D 698 -39.52 -35.88 44.60
CA LEU D 698 -38.11 -36.15 44.41
C LEU D 698 -37.50 -36.87 45.62
N GLU D 699 -38.00 -36.58 46.83
CA GLU D 699 -37.55 -37.32 48.00
C GLU D 699 -38.13 -38.72 48.07
N ALA D 700 -39.21 -38.98 47.29
CA ALA D 700 -39.70 -40.34 47.17
C ALA D 700 -38.67 -41.27 46.52
N THR D 701 -37.84 -40.73 45.63
CA THR D 701 -36.73 -41.48 45.07
C THR D 701 -35.55 -41.48 46.04
N GLY D 702 -34.43 -42.03 45.58
CA GLY D 702 -33.24 -42.09 46.42
C GLY D 702 -32.30 -40.93 46.22
N ALA D 703 -32.86 -39.73 46.06
CA ALA D 703 -32.04 -38.54 45.86
C ALA D 703 -31.29 -38.18 47.13
N HIS D 704 -30.00 -37.86 47.00
CA HIS D 704 -29.21 -37.51 48.16
C HIS D 704 -29.42 -36.04 48.55
N ILE D 705 -29.25 -35.14 47.59
CA ILE D 705 -29.34 -33.70 47.83
C ILE D 705 -30.40 -33.12 46.90
N LEU D 706 -31.29 -32.31 47.45
CA LEU D 706 -32.27 -31.57 46.65
C LEU D 706 -31.60 -30.30 46.12
N ALA D 707 -31.86 -29.99 44.85
CA ALA D 707 -31.25 -28.84 44.20
C ALA D 707 -32.32 -27.92 43.64
N VAL D 708 -32.09 -26.62 43.78
CA VAL D 708 -32.99 -25.62 43.22
C VAL D 708 -32.26 -24.79 42.17
N KCX D 709 -32.44 -25.15 40.90
CA KCX D 709 -31.76 -24.46 39.82
CB KCX D 709 -31.51 -25.41 38.65
CG KCX D 709 -30.75 -24.83 37.48
CD KCX D 709 -30.90 -25.71 36.25
CE KCX D 709 -29.99 -25.26 35.12
NZ KCX D 709 -28.56 -25.55 35.41
C KCX D 709 -32.56 -23.26 39.33
O KCX D 709 -33.53 -23.40 38.58
CX KCX D 709 -27.70 -24.56 35.64
OQ1 KCX D 709 -28.10 -23.38 35.60
OQ2 KCX D 709 -26.52 -24.81 35.88
N ASP D 710 -32.15 -22.07 39.76
CA ASP D 710 -32.72 -20.84 39.23
C ASP D 710 -31.88 -20.41 38.03
N MET D 711 -32.30 -20.86 36.85
CA MET D 711 -31.48 -20.73 35.64
C MET D 711 -31.50 -19.33 35.04
N ALA D 712 -32.36 -18.44 35.53
CA ALA D 712 -32.48 -17.11 34.93
C ALA D 712 -32.37 -15.99 35.95
N GLY D 713 -31.95 -16.27 37.17
CA GLY D 713 -31.86 -15.24 38.19
C GLY D 713 -33.21 -14.70 38.62
N LEU D 714 -34.22 -15.56 38.70
CA LEU D 714 -35.58 -15.16 39.02
C LEU D 714 -35.88 -15.17 40.52
N LEU D 715 -34.97 -15.65 41.34
CA LEU D 715 -35.23 -15.87 42.76
C LEU D 715 -34.95 -14.59 43.52
N LYS D 716 -36.01 -13.90 43.93
CA LYS D 716 -35.87 -12.74 44.80
C LYS D 716 -35.52 -13.20 46.22
N PRO D 717 -34.82 -12.36 47.01
CA PRO D 717 -34.36 -12.81 48.34
C PRO D 717 -35.47 -13.21 49.30
N GLN D 718 -36.60 -12.49 49.29
CA GLN D 718 -37.73 -12.91 50.13
C GLN D 718 -38.35 -14.20 49.60
N ALA D 719 -38.48 -14.31 48.29
CA ALA D 719 -38.93 -15.56 47.68
C ALA D 719 -37.95 -16.69 47.95
N ALA D 720 -36.65 -16.38 47.95
CA ALA D 720 -35.64 -17.38 48.29
C ALA D 720 -35.79 -17.85 49.72
N TYR D 721 -36.00 -16.92 50.66
CA TYR D 721 -36.17 -17.29 52.07
C TYR D 721 -37.41 -18.16 52.26
N ARG D 722 -38.52 -17.75 51.63
CA ARG D 722 -39.76 -18.52 51.77
C ARG D 722 -39.62 -19.92 51.15
N LEU D 723 -39.01 -20.01 49.97
CA LEU D 723 -38.85 -21.30 49.31
C LEU D 723 -37.94 -22.23 50.08
N ILE D 724 -36.80 -21.72 50.57
CA ILE D 724 -35.88 -22.58 51.31
C ILE D 724 -36.47 -23.01 52.64
N SER D 725 -37.22 -22.11 53.31
CA SER D 725 -37.87 -22.48 54.56
C SER D 725 -38.94 -23.55 54.35
N GLU D 726 -39.84 -23.32 53.39
CA GLU D 726 -40.92 -24.28 53.16
C GLU D 726 -40.44 -25.57 52.51
N LEU D 727 -39.24 -25.59 51.95
CA LEU D 727 -38.65 -26.86 51.52
C LEU D 727 -37.86 -27.54 52.62
N LYS D 728 -37.32 -26.79 53.57
CA LYS D 728 -36.60 -27.40 54.68
C LYS D 728 -37.56 -28.03 55.69
N ASP D 729 -38.74 -27.44 55.91
CA ASP D 729 -39.68 -28.10 56.80
C ASP D 729 -40.45 -29.23 56.12
N THR D 730 -40.35 -29.36 54.79
CA THR D 730 -41.06 -30.39 54.06
C THR D 730 -40.26 -31.68 53.94
N VAL D 731 -39.04 -31.60 53.39
CA VAL D 731 -38.20 -32.77 53.20
C VAL D 731 -37.00 -32.69 54.12
N ASP D 732 -36.20 -33.75 54.16
CA ASP D 732 -35.02 -33.82 55.00
C ASP D 732 -33.72 -33.77 54.22
N LEU D 733 -33.78 -33.75 52.89
CA LEU D 733 -32.57 -33.66 52.09
C LEU D 733 -31.96 -32.26 52.20
N PRO D 734 -30.63 -32.17 52.09
CA PRO D 734 -30.01 -30.84 52.01
C PRO D 734 -30.41 -30.12 50.73
N ILE D 735 -30.39 -28.80 50.79
CA ILE D 735 -30.83 -27.95 49.69
C ILE D 735 -29.60 -27.33 49.04
N HIS D 736 -29.48 -27.49 47.72
CA HIS D 736 -28.39 -26.93 46.94
C HIS D 736 -28.98 -25.84 46.04
N LEU D 737 -28.63 -24.58 46.30
CA LEU D 737 -29.19 -23.46 45.57
C LEU D 737 -28.26 -23.05 44.44
N HIS D 738 -28.81 -22.91 43.24
CA HIS D 738 -28.07 -22.44 42.07
C HIS D 738 -28.87 -21.30 41.45
N THR D 739 -28.28 -20.12 41.40
CA THR D 739 -28.93 -18.97 40.80
C THR D 739 -27.90 -18.15 40.03
N HIS D 740 -28.40 -17.29 39.15
CA HIS D 740 -27.57 -16.41 38.33
C HIS D 740 -27.75 -14.97 38.78
N ASP D 741 -26.73 -14.16 38.51
CA ASP D 741 -26.71 -12.76 38.92
C ASP D 741 -27.19 -11.83 37.80
N THR D 742 -28.10 -12.32 36.94
CA THR D 742 -28.59 -11.51 35.83
C THR D 742 -29.35 -10.29 36.31
N SER D 743 -30.18 -10.45 37.34
CA SER D 743 -30.90 -9.32 37.90
C SER D 743 -30.05 -8.44 38.80
N GLY D 744 -28.84 -8.87 39.13
CA GLY D 744 -27.99 -8.14 40.05
C GLY D 744 -28.30 -8.36 41.51
N ASN D 745 -29.22 -9.27 41.83
CA ASN D 745 -29.63 -9.55 43.21
C ASN D 745 -29.23 -10.95 43.64
N GLY D 746 -28.12 -11.47 43.10
CA GLY D 746 -27.68 -12.81 43.43
C GLY D 746 -27.11 -12.95 44.82
N ILE D 747 -26.34 -11.94 45.26
CA ILE D 747 -25.70 -11.98 46.57
C ILE D 747 -26.75 -11.92 47.67
N ILE D 748 -27.73 -11.03 47.54
CA ILE D 748 -28.77 -10.91 48.55
C ILE D 748 -29.67 -12.15 48.55
N THR D 749 -29.88 -12.76 47.38
CA THR D 749 -30.63 -14.01 47.31
C THR D 749 -29.90 -15.14 48.02
N TYR D 750 -28.58 -15.23 47.81
CA TYR D 750 -27.78 -16.27 48.47
C TYR D 750 -27.76 -16.05 49.98
N SER D 751 -27.65 -14.80 50.43
CA SER D 751 -27.67 -14.51 51.87
C SER D 751 -29.03 -14.83 52.48
N GLY D 752 -30.11 -14.52 51.76
CA GLY D 752 -31.44 -14.84 52.25
C GLY D 752 -31.69 -16.33 52.34
N ALA D 753 -31.17 -17.09 51.37
CA ALA D 753 -31.24 -18.55 51.47
C ALA D 753 -30.37 -19.08 52.59
N THR D 754 -29.22 -18.43 52.85
CA THR D 754 -28.37 -18.82 53.96
C THR D 754 -29.06 -18.62 55.29
N GLN D 755 -29.82 -17.52 55.43
CA GLN D 755 -30.60 -17.31 56.65
C GLN D 755 -31.72 -18.32 56.79
N ALA D 756 -32.33 -18.73 55.68
CA ALA D 756 -33.41 -19.72 55.73
C ALA D 756 -32.89 -21.12 55.98
N GLY D 757 -31.60 -21.37 55.86
CA GLY D 757 -31.03 -22.66 56.14
C GLY D 757 -30.61 -23.47 54.94
N VAL D 758 -30.23 -22.84 53.84
CA VAL D 758 -29.72 -23.59 52.70
C VAL D 758 -28.34 -24.16 53.05
N ASP D 759 -27.98 -25.25 52.37
CA ASP D 759 -26.76 -25.98 52.69
C ASP D 759 -25.59 -25.63 51.76
N ILE D 760 -25.79 -25.74 50.45
CA ILE D 760 -24.75 -25.48 49.47
C ILE D 760 -25.28 -24.45 48.48
N ILE D 761 -24.42 -23.51 48.10
CA ILE D 761 -24.76 -22.53 47.07
C ILE D 761 -23.70 -22.57 45.97
N ASP D 762 -24.12 -22.27 44.75
CA ASP D 762 -23.25 -22.34 43.58
C ASP D 762 -22.64 -20.96 43.32
N VAL D 763 -21.33 -20.86 43.45
CA VAL D 763 -20.62 -19.60 43.30
C VAL D 763 -19.50 -19.77 42.27
N ALA D 764 -18.88 -18.66 41.91
CA ALA D 764 -17.77 -18.65 40.97
C ALA D 764 -16.74 -17.64 41.43
N THR D 765 -15.54 -17.72 40.85
CA THR D 765 -14.48 -16.78 41.21
C THR D 765 -14.81 -15.38 40.70
N ALA D 766 -14.23 -14.38 41.35
CA ALA D 766 -14.60 -12.98 41.12
C ALA D 766 -14.25 -12.49 39.72
N SER D 767 -13.27 -13.11 39.06
CA SER D 767 -12.95 -12.71 37.69
C SER D 767 -14.05 -13.11 36.72
N LEU D 768 -14.72 -14.24 36.98
CA LEU D 768 -15.75 -14.76 36.09
C LEU D 768 -17.12 -14.76 36.77
N ALA D 769 -17.33 -13.86 37.73
CA ALA D 769 -18.59 -13.73 38.43
C ALA D 769 -19.34 -12.48 37.95
N GLY D 770 -20.55 -12.31 38.48
CA GLY D 770 -21.37 -11.16 38.15
C GLY D 770 -21.91 -11.24 36.74
N GLY D 771 -22.72 -10.24 36.40
CA GLY D 771 -23.29 -10.16 35.08
C GLY D 771 -24.25 -11.30 34.79
N THR D 772 -23.80 -12.23 33.95
CA THR D 772 -24.59 -13.40 33.60
C THR D 772 -24.30 -14.61 34.48
N SER D 773 -23.07 -14.73 34.99
CA SER D 773 -22.64 -15.91 35.72
C SER D 773 -23.11 -15.85 37.17
N GLN D 774 -22.60 -16.78 37.99
CA GLN D 774 -22.99 -16.89 39.39
C GLN D 774 -22.37 -15.75 40.20
N PRO D 775 -22.94 -15.45 41.37
CA PRO D 775 -22.30 -14.46 42.26
C PRO D 775 -20.95 -14.93 42.76
N SER D 776 -20.11 -13.96 43.14
CA SER D 776 -18.76 -14.24 43.55
C SER D 776 -18.71 -14.97 44.89
N MET D 777 -17.74 -15.88 45.02
CA MET D 777 -17.55 -16.56 46.30
C MET D 777 -16.97 -15.62 47.33
N GLN D 778 -16.08 -14.71 46.91
CA GLN D 778 -15.51 -13.74 47.84
C GLN D 778 -16.58 -12.75 48.31
N SER D 779 -17.46 -12.33 47.41
CA SER D 779 -18.54 -11.41 47.79
C SER D 779 -19.52 -12.07 48.75
N ILE D 780 -19.86 -13.34 48.51
CA ILE D 780 -20.77 -14.02 49.42
C ILE D 780 -20.07 -14.41 50.72
N TYR D 781 -18.73 -14.49 50.74
CA TYR D 781 -18.03 -14.67 52.01
C TYR D 781 -18.05 -13.37 52.82
N TYR D 782 -17.78 -12.24 52.17
CA TYR D 782 -17.77 -10.97 52.87
C TYR D 782 -19.16 -10.50 53.25
N ALA D 783 -20.20 -10.99 52.57
CA ALA D 783 -21.56 -10.67 52.97
C ALA D 783 -21.98 -11.43 54.21
N LEU D 784 -21.38 -12.59 54.46
CA LEU D 784 -21.70 -13.42 55.63
C LEU D 784 -20.57 -13.45 56.65
N GLU D 785 -19.68 -12.47 56.62
CA GLU D 785 -18.54 -12.48 57.53
C GLU D 785 -18.95 -12.15 58.96
N HIS D 786 -19.96 -11.31 59.13
CA HIS D 786 -20.41 -10.89 60.46
C HIS D 786 -21.87 -11.26 60.68
N GLY D 787 -22.29 -12.42 60.17
CA GLY D 787 -23.64 -12.88 60.34
C GLY D 787 -23.70 -14.12 61.22
N PRO D 788 -24.93 -14.60 61.47
CA PRO D 788 -25.08 -15.86 62.23
C PRO D 788 -24.47 -17.05 61.51
N ARG D 789 -24.51 -17.07 60.18
CA ARG D 789 -23.96 -18.16 59.39
C ARG D 789 -22.80 -17.64 58.56
N HIS D 790 -21.66 -18.32 58.62
CA HIS D 790 -20.48 -17.96 57.87
C HIS D 790 -20.39 -18.82 56.61
N ALA D 791 -19.38 -18.53 55.79
CA ALA D 791 -19.13 -19.29 54.57
C ALA D 791 -17.81 -20.03 54.71
N SER D 792 -17.83 -21.33 54.42
CA SER D 792 -16.65 -22.18 54.58
C SER D 792 -15.77 -22.02 53.34
N ILE D 793 -14.83 -21.08 53.42
CA ILE D 793 -13.89 -20.82 52.32
C ILE D 793 -12.69 -20.09 52.89
N ASN D 794 -11.57 -20.16 52.17
CA ASN D 794 -10.39 -19.36 52.48
C ASN D 794 -10.34 -18.21 51.47
N VAL D 795 -10.64 -17.01 51.95
CA VAL D 795 -10.85 -15.87 51.04
C VAL D 795 -9.54 -15.41 50.42
N LYS D 796 -8.41 -15.56 51.12
CA LYS D 796 -7.13 -15.12 50.58
C LYS D 796 -6.70 -16.00 49.41
N ASN D 797 -6.83 -17.31 49.56
CA ASN D 797 -6.54 -18.22 48.45
C ASN D 797 -7.52 -18.03 47.31
N ALA D 798 -8.78 -17.70 47.63
CA ALA D 798 -9.78 -17.44 46.60
C ALA D 798 -9.40 -16.21 45.79
N GLU D 799 -8.94 -15.14 46.44
CA GLU D 799 -8.52 -13.94 45.71
C GLU D 799 -7.24 -14.20 44.91
N GLN D 800 -6.34 -15.02 45.45
CA GLN D 800 -5.12 -15.34 44.73
C GLN D 800 -5.42 -16.15 43.46
N ILE D 801 -6.38 -17.08 43.53
CA ILE D 801 -6.81 -17.81 42.34
C ILE D 801 -7.57 -16.89 41.39
N ASP D 802 -8.33 -15.94 41.95
CA ASP D 802 -9.04 -14.94 41.16
C ASP D 802 -8.07 -14.08 40.36
N HIS D 803 -6.86 -13.85 40.88
CA HIS D 803 -5.82 -13.15 40.12
C HIS D 803 -5.47 -13.90 38.84
N TYR D 804 -5.26 -15.21 38.95
CA TYR D 804 -4.96 -16.03 37.77
C TYR D 804 -6.12 -16.04 36.80
N TRP D 805 -7.34 -16.13 37.32
CA TRP D 805 -8.52 -16.14 36.43
C TRP D 805 -8.68 -14.81 35.71
N GLU D 806 -8.38 -13.71 36.40
CA GLU D 806 -8.40 -12.39 35.76
C GLU D 806 -7.34 -12.29 34.67
N ASP D 807 -6.15 -12.84 34.94
CA ASP D 807 -5.08 -12.82 33.94
C ASP D 807 -5.45 -13.65 32.71
N VAL D 808 -6.07 -14.82 32.90
CA VAL D 808 -6.37 -15.68 31.76
C VAL D 808 -7.71 -15.36 31.10
N ARG D 809 -8.52 -14.49 31.69
CA ARG D 809 -9.76 -14.09 31.03
C ARG D 809 -9.49 -13.18 29.84
N LYS D 810 -8.33 -12.53 29.79
CA LYS D 810 -7.97 -11.68 28.65
C LYS D 810 -7.57 -12.48 27.43
N TYR D 811 -7.37 -13.79 27.56
CA TYR D 811 -7.06 -14.64 26.42
C TYR D 811 -8.27 -14.83 25.52
N TYR D 812 -9.48 -14.70 26.06
CA TYR D 812 -10.72 -15.00 25.37
C TYR D 812 -11.46 -13.73 24.96
N ALA D 813 -10.72 -12.70 24.55
CA ALA D 813 -11.34 -11.44 24.14
C ALA D 813 -12.32 -11.55 22.97
N PRO D 814 -12.09 -12.31 21.90
CA PRO D 814 -13.14 -12.44 20.88
C PRO D 814 -14.41 -13.14 21.36
N PHE D 815 -14.35 -13.93 22.43
CA PHE D 815 -15.51 -14.68 22.91
C PHE D 815 -16.29 -13.97 24.00
N GLU D 816 -15.88 -12.77 24.40
CA GLU D 816 -16.60 -12.03 25.43
C GLU D 816 -17.81 -11.31 24.82
N ALA D 817 -18.92 -11.34 25.55
CA ALA D 817 -20.19 -10.81 25.05
C ALA D 817 -20.38 -9.34 25.44
N GLY D 818 -19.38 -8.51 25.13
CA GLY D 818 -19.48 -7.08 25.32
C GLY D 818 -19.56 -6.65 26.78
N ILE D 819 -20.16 -5.48 26.98
CA ILE D 819 -20.34 -4.92 28.31
C ILE D 819 -21.56 -5.57 28.95
N THR D 820 -21.37 -6.14 30.14
CA THR D 820 -22.44 -6.79 30.88
C THR D 820 -22.83 -5.93 32.08
N SER D 821 -24.12 -5.70 32.23
CA SER D 821 -24.70 -4.89 33.27
C SER D 821 -25.83 -5.66 33.92
N PRO D 822 -26.19 -5.34 35.18
CA PRO D 822 -27.35 -5.99 35.81
C PRO D 822 -28.65 -5.66 35.09
N GLN D 823 -29.23 -6.65 34.43
CA GLN D 823 -30.42 -6.47 33.62
C GLN D 823 -31.63 -6.99 34.39
N THR D 824 -32.51 -6.08 34.79
CA THR D 824 -33.73 -6.42 35.50
C THR D 824 -34.89 -6.75 34.57
N GLU D 825 -34.67 -6.71 33.25
CA GLU D 825 -35.65 -7.17 32.29
C GLU D 825 -35.80 -8.68 32.29
N VAL D 826 -34.93 -9.40 32.99
CA VAL D 826 -34.96 -10.86 33.08
C VAL D 826 -36.14 -11.31 33.95
N TYR D 827 -36.78 -10.37 34.64
CA TYR D 827 -38.01 -10.67 35.36
C TYR D 827 -39.21 -10.79 34.45
N MET D 828 -39.23 -10.08 33.32
CA MET D 828 -40.33 -10.19 32.36
C MET D 828 -40.15 -11.40 31.46
N HIS D 829 -39.09 -11.41 30.66
CA HIS D 829 -38.72 -12.57 29.89
C HIS D 829 -37.72 -13.41 30.67
N GLU D 830 -37.91 -14.72 30.69
CA GLU D 830 -37.17 -15.55 31.62
C GLU D 830 -36.19 -16.47 30.90
N MET D 831 -35.46 -15.94 29.93
CA MET D 831 -34.44 -16.72 29.24
C MET D 831 -33.28 -17.03 30.19
N PRO D 832 -32.67 -18.20 30.08
CA PRO D 832 -31.34 -18.40 30.66
C PRO D 832 -30.33 -17.54 29.90
N GLY D 833 -29.24 -17.21 30.60
CA GLY D 833 -28.28 -16.25 30.05
C GLY D 833 -27.56 -16.76 28.81
N GLY D 834 -27.15 -18.03 28.82
CA GLY D 834 -26.53 -18.61 27.64
C GLY D 834 -27.49 -18.66 26.46
N GLN D 835 -28.75 -19.02 26.72
CA GLN D 835 -29.76 -18.98 25.67
C GLN D 835 -30.02 -17.55 25.22
N TYR D 836 -29.90 -16.58 26.12
CA TYR D 836 -30.06 -15.18 25.76
C TYR D 836 -28.97 -14.74 24.79
N THR D 837 -27.71 -15.09 25.10
CA THR D 837 -26.61 -14.74 24.21
C THR D 837 -26.71 -15.45 22.87
N ASN D 838 -27.09 -16.74 22.87
CA ASN D 838 -27.26 -17.48 21.63
C ASN D 838 -28.39 -16.91 20.78
N LEU D 839 -29.50 -16.53 21.42
CA LEU D 839 -30.61 -15.93 20.68
C LEU D 839 -30.24 -14.58 20.11
N LYS D 840 -29.49 -13.77 20.87
CA LYS D 840 -29.02 -12.49 20.34
C LYS D 840 -28.07 -12.67 19.16
N SER D 841 -27.16 -13.63 19.25
CA SER D 841 -26.24 -13.91 18.14
C SER D 841 -26.99 -14.41 16.91
N GLN D 842 -27.99 -15.28 17.11
CA GLN D 842 -28.76 -15.78 15.98
C GLN D 842 -29.62 -14.68 15.36
N ALA D 843 -30.17 -13.78 16.19
CA ALA D 843 -30.94 -12.66 15.66
C ALA D 843 -30.07 -11.69 14.88
N ALA D 844 -28.84 -11.46 15.35
CA ALA D 844 -27.91 -10.64 14.59
C ALA D 844 -27.46 -11.33 13.31
N ALA D 845 -27.38 -12.67 13.33
CA ALA D 845 -26.95 -13.41 12.14
C ALA D 845 -28.02 -13.49 11.06
N VAL D 846 -29.29 -13.22 11.40
CA VAL D 846 -30.37 -13.25 10.43
C VAL D 846 -30.91 -11.86 10.13
N GLY D 847 -30.27 -10.81 10.64
CA GLY D 847 -30.64 -9.46 10.30
C GLY D 847 -31.80 -8.88 11.07
N LEU D 848 -32.10 -9.41 12.27
CA LEU D 848 -33.16 -8.88 13.10
C LEU D 848 -32.62 -8.30 14.41
N GLY D 849 -31.35 -7.93 14.44
CA GLY D 849 -30.74 -7.42 15.66
C GLY D 849 -31.22 -6.04 16.06
N HIS D 850 -31.81 -5.28 15.14
CA HIS D 850 -32.30 -3.96 15.48
C HIS D 850 -33.62 -3.98 16.23
N ARG D 851 -34.36 -5.09 16.17
CA ARG D 851 -35.60 -5.26 16.93
C ARG D 851 -35.46 -6.39 17.93
N PHE D 852 -34.33 -6.43 18.64
CA PHE D 852 -34.12 -7.48 19.63
C PHE D 852 -35.03 -7.30 20.83
N ASP D 853 -35.42 -6.06 21.15
CA ASP D 853 -36.42 -5.83 22.18
C ASP D 853 -37.78 -6.41 21.76
N GLU D 854 -38.13 -6.25 20.48
CA GLU D 854 -39.34 -6.87 19.96
C GLU D 854 -39.25 -8.39 20.03
N ILE D 855 -38.05 -8.93 19.78
CA ILE D 855 -37.84 -10.37 19.88
C ILE D 855 -38.00 -10.84 21.32
N LYS D 856 -37.51 -10.05 22.28
CA LYS D 856 -37.67 -10.39 23.70
C LYS D 856 -39.14 -10.36 24.13
N GLN D 857 -39.88 -9.35 23.68
CA GLN D 857 -41.32 -9.30 23.98
C GLN D 857 -42.05 -10.46 23.32
N MET D 858 -41.62 -10.82 22.11
CA MET D 858 -42.18 -11.98 21.42
C MET D 858 -41.90 -13.26 22.20
N TYR D 859 -40.69 -13.40 22.73
CA TYR D 859 -40.35 -14.54 23.58
C TYR D 859 -41.24 -14.61 24.81
N ARG D 860 -41.48 -13.46 25.44
CA ARG D 860 -42.32 -13.42 26.63
C ARG D 860 -43.74 -13.86 26.34
N LYS D 861 -44.38 -13.28 25.31
CA LYS D 861 -45.75 -13.70 25.04
C LYS D 861 -45.85 -15.02 24.30
N VAL D 862 -44.78 -15.52 23.68
CA VAL D 862 -44.78 -16.90 23.21
C VAL D 862 -44.75 -17.86 24.39
N ASN D 863 -43.96 -17.55 25.42
CA ASN D 863 -43.98 -18.35 26.64
C ASN D 863 -45.35 -18.30 27.31
N MET D 864 -46.00 -17.13 27.28
CA MET D 864 -47.38 -17.04 27.75
C MET D 864 -48.32 -17.89 26.90
N MET D 865 -48.07 -17.93 25.59
CA MET D 865 -48.88 -18.72 24.68
C MET D 865 -48.76 -20.20 24.97
N PHE D 866 -47.55 -20.68 25.26
CA PHE D 866 -47.29 -22.11 25.42
C PHE D 866 -47.75 -22.68 26.75
N GLY D 867 -48.54 -21.95 27.53
CA GLY D 867 -49.03 -22.48 28.79
C GLY D 867 -48.06 -22.36 29.95
N ASP D 868 -47.14 -21.39 29.90
CA ASP D 868 -46.19 -21.08 30.97
C ASP D 868 -45.31 -22.29 31.30
N ILE D 869 -44.51 -22.68 30.32
CA ILE D 869 -43.59 -23.80 30.50
C ILE D 869 -42.30 -23.32 31.16
N ILE D 870 -41.56 -24.25 31.75
CA ILE D 870 -40.26 -23.96 32.33
C ILE D 870 -39.25 -23.80 31.21
N LYS D 871 -38.57 -22.66 31.17
CA LYS D 871 -37.69 -22.33 30.06
C LYS D 871 -36.23 -22.55 30.48
N VAL D 872 -35.80 -23.80 30.36
CA VAL D 872 -34.41 -24.19 30.46
C VAL D 872 -34.15 -25.18 29.32
N THR D 873 -32.88 -25.34 28.97
CA THR D 873 -32.53 -26.16 27.82
C THR D 873 -32.90 -27.62 28.05
N PRO D 874 -33.46 -28.31 27.03
CA PRO D 874 -33.74 -27.84 25.67
C PRO D 874 -35.10 -27.17 25.50
N SER D 875 -35.89 -26.98 26.55
CA SER D 875 -37.21 -26.37 26.38
C SER D 875 -37.12 -24.87 26.13
N SER D 876 -36.07 -24.22 26.62
CA SER D 876 -35.89 -22.80 26.33
C SER D 876 -35.51 -22.57 24.87
N LYS D 877 -34.78 -23.53 24.27
CA LYS D 877 -34.44 -23.43 22.86
C LYS D 877 -35.68 -23.50 21.98
N VAL D 878 -36.71 -24.24 22.42
CA VAL D 878 -37.97 -24.31 21.68
C VAL D 878 -38.63 -22.94 21.64
N VAL D 879 -38.68 -22.27 22.80
CA VAL D 879 -39.28 -20.94 22.87
C VAL D 879 -38.46 -19.94 22.06
N GLY D 880 -37.14 -20.03 22.12
CA GLY D 880 -36.29 -19.13 21.34
C GLY D 880 -36.45 -19.32 19.84
N ASP D 881 -36.48 -20.57 19.38
CA ASP D 881 -36.66 -20.83 17.95
C ASP D 881 -38.06 -20.43 17.50
N MET D 882 -39.07 -20.63 18.34
CA MET D 882 -40.43 -20.19 18.01
C MET D 882 -40.50 -18.67 17.88
N ALA D 883 -39.84 -17.95 18.80
CA ALA D 883 -39.82 -16.50 18.72
C ALA D 883 -39.06 -16.01 17.48
N LEU D 884 -37.94 -16.65 17.15
CA LEU D 884 -37.20 -16.27 15.94
C LEU D 884 -38.00 -16.53 14.67
N PHE D 885 -38.66 -17.69 14.60
CA PHE D 885 -39.50 -18.01 13.45
C PHE D 885 -40.69 -17.06 13.35
N MET D 886 -41.28 -16.70 14.49
CA MET D 886 -42.46 -15.84 14.50
C MET D 886 -42.10 -14.41 14.14
N ILE D 887 -40.98 -13.90 14.62
CA ILE D 887 -40.54 -12.55 14.27
C ILE D 887 -40.10 -12.49 12.82
N GLN D 888 -39.32 -13.50 12.38
CA GLN D 888 -38.71 -13.46 11.05
C GLN D 888 -39.75 -13.47 9.93
N ASN D 889 -40.83 -14.22 10.10
CA ASN D 889 -41.88 -14.29 9.08
C ASN D 889 -43.09 -13.44 9.43
N ASP D 890 -42.99 -12.62 10.48
CA ASP D 890 -43.98 -11.60 10.84
C ASP D 890 -45.36 -12.22 11.09
N LEU D 891 -45.43 -13.02 12.15
CA LEU D 891 -46.68 -13.64 12.58
C LEU D 891 -47.21 -12.92 13.82
N THR D 892 -48.33 -13.42 14.33
CA THR D 892 -49.05 -12.81 15.45
C THR D 892 -49.74 -13.96 16.18
N GLU D 893 -50.08 -13.73 17.46
CA GLU D 893 -50.80 -14.71 18.28
C GLU D 893 -52.07 -15.19 17.59
N GLU D 894 -52.85 -14.25 17.05
CA GLU D 894 -54.07 -14.63 16.32
C GLU D 894 -53.74 -15.39 15.04
N ASP D 895 -52.60 -15.06 14.40
CA ASP D 895 -52.23 -15.72 13.16
C ASP D 895 -51.92 -17.20 13.38
N VAL D 896 -51.13 -17.53 14.40
CA VAL D 896 -50.86 -18.94 14.66
C VAL D 896 -52.06 -19.60 15.29
N TYR D 897 -52.90 -18.85 16.00
CA TYR D 897 -54.05 -19.45 16.66
C TYR D 897 -55.18 -19.81 15.69
N ALA D 898 -55.31 -19.08 14.58
CA ALA D 898 -56.34 -19.38 13.60
C ALA D 898 -55.78 -19.80 12.25
N ARG D 899 -54.94 -18.97 11.63
CA ARG D 899 -54.45 -19.23 10.28
C ARG D 899 -53.22 -20.13 10.26
N GLY D 900 -52.60 -20.37 11.43
CA GLY D 900 -51.31 -21.05 11.50
C GLY D 900 -51.33 -22.53 11.17
N ASN D 901 -52.51 -23.11 10.89
CA ASN D 901 -52.57 -24.51 10.47
C ASN D 901 -51.89 -24.72 9.12
N GLU D 902 -51.99 -23.73 8.24
CA GLU D 902 -51.36 -23.83 6.93
C GLU D 902 -49.83 -23.77 7.02
N LEU D 903 -49.30 -22.88 7.86
CA LEU D 903 -47.89 -22.59 7.85
C LEU D 903 -47.15 -23.63 8.69
N ASN D 904 -46.00 -24.08 8.19
CA ASN D 904 -45.16 -25.05 8.90
C ASN D 904 -44.49 -24.39 10.10
N PHE D 905 -43.77 -25.22 10.86
CA PHE D 905 -43.11 -24.79 12.08
C PHE D 905 -41.72 -25.41 12.17
N PRO D 906 -40.80 -24.78 12.91
CA PRO D 906 -39.47 -25.40 13.09
C PRO D 906 -39.55 -26.70 13.88
N GLU D 907 -38.55 -27.55 13.65
CA GLU D 907 -38.55 -28.90 14.22
C GLU D 907 -38.39 -28.92 15.73
N SER D 908 -37.94 -27.83 16.35
CA SER D 908 -37.88 -27.78 17.80
C SER D 908 -39.27 -27.68 18.42
N VAL D 909 -40.11 -26.80 17.88
CA VAL D 909 -41.48 -26.66 18.37
C VAL D 909 -42.30 -27.90 18.02
N VAL D 910 -42.04 -28.48 16.83
CA VAL D 910 -42.73 -29.69 16.41
C VAL D 910 -42.42 -30.85 17.36
N SER D 911 -41.13 -31.02 17.69
CA SER D 911 -40.74 -32.07 18.62
C SER D 911 -41.20 -31.78 20.04
N PHE D 912 -41.33 -30.50 20.41
CA PHE D 912 -41.84 -30.17 21.73
C PHE D 912 -43.31 -30.52 21.86
N PHE D 913 -44.11 -30.17 20.85
CA PHE D 913 -45.54 -30.46 20.88
C PHE D 913 -45.88 -31.89 20.48
N ARG D 914 -44.91 -32.63 19.98
CA ARG D 914 -45.06 -34.07 19.76
C ARG D 914 -44.67 -34.89 20.97
N GLY D 915 -44.38 -34.25 22.10
CA GLY D 915 -44.07 -34.96 23.32
C GLY D 915 -42.68 -35.53 23.42
N ASP D 916 -41.76 -35.14 22.53
CA ASP D 916 -40.41 -35.69 22.57
C ASP D 916 -39.62 -35.16 23.76
N LEU D 917 -39.82 -33.88 24.09
CA LEU D 917 -39.14 -33.33 25.26
C LEU D 917 -39.75 -33.85 26.56
N GLY D 918 -41.07 -33.94 26.60
CA GLY D 918 -41.76 -34.38 27.80
C GLY D 918 -43.10 -33.68 27.92
N GLN D 919 -43.85 -34.09 28.94
CA GLN D 919 -45.16 -33.52 29.18
C GLN D 919 -45.05 -32.36 30.15
N PRO D 920 -45.45 -31.16 29.77
CA PRO D 920 -45.37 -30.02 30.69
C PRO D 920 -46.37 -30.14 31.83
N VAL D 921 -46.06 -29.44 32.92
CA VAL D 921 -46.96 -29.40 34.07
C VAL D 921 -48.21 -28.64 33.69
N GLY D 922 -49.37 -29.23 33.94
CA GLY D 922 -50.64 -28.66 33.53
C GLY D 922 -51.08 -29.03 32.13
N GLY D 923 -50.27 -29.76 31.39
CA GLY D 923 -50.66 -30.25 30.09
C GLY D 923 -50.48 -29.21 28.99
N PHE D 924 -50.60 -29.68 27.76
CA PHE D 924 -50.50 -28.82 26.59
C PHE D 924 -51.77 -27.99 26.45
N PRO D 925 -51.71 -26.88 25.69
CA PRO D 925 -52.94 -26.10 25.43
C PRO D 925 -54.00 -26.86 24.65
N GLU D 926 -53.66 -27.96 23.99
CA GLU D 926 -54.50 -28.98 23.38
C GLU D 926 -55.14 -28.49 22.06
N LYS D 927 -55.04 -27.21 21.72
CA LYS D 927 -55.54 -26.71 20.44
C LYS D 927 -54.41 -26.23 19.55
N LEU D 928 -53.52 -25.40 20.08
CA LEU D 928 -52.33 -24.99 19.32
C LEU D 928 -51.41 -26.17 19.06
N GLN D 929 -51.47 -27.22 19.89
CA GLN D 929 -50.77 -28.47 19.57
C GLN D 929 -51.30 -29.07 18.27
N LYS D 930 -52.64 -29.14 18.13
CA LYS D 930 -53.23 -29.64 16.89
C LYS D 930 -52.95 -28.73 15.71
N ILE D 931 -52.83 -27.42 15.97
CA ILE D 931 -52.50 -26.50 14.89
C ILE D 931 -51.05 -26.70 14.43
N ILE D 932 -50.13 -26.86 15.38
CA ILE D 932 -48.71 -26.92 15.04
C ILE D 932 -48.34 -28.27 14.44
N VAL D 933 -48.69 -29.36 15.13
CA VAL D 933 -48.53 -30.70 14.56
C VAL D 933 -49.93 -31.24 14.25
N LYS D 934 -50.11 -31.67 13.02
CA LYS D 934 -51.44 -32.00 12.50
C LYS D 934 -51.65 -33.50 12.30
N ASP D 935 -50.67 -34.20 11.74
CA ASP D 935 -50.82 -35.62 11.43
C ASP D 935 -49.74 -36.51 12.03
N LYS D 936 -48.60 -35.95 12.45
CA LYS D 936 -47.51 -36.77 12.97
C LYS D 936 -47.87 -37.34 14.34
N ALA D 937 -47.11 -38.36 14.74
CA ALA D 937 -47.42 -39.12 15.95
C ALA D 937 -47.11 -38.28 17.18
N VAL D 938 -48.15 -38.00 17.97
CA VAL D 938 -48.02 -37.28 19.23
C VAL D 938 -48.10 -38.30 20.35
N ILE D 939 -47.06 -38.33 21.20
CA ILE D 939 -47.00 -39.27 22.29
C ILE D 939 -47.40 -38.56 23.58
N THR D 940 -47.67 -39.34 24.62
CA THR D 940 -48.07 -38.78 25.91
C THR D 940 -47.34 -39.42 27.08
N ASP D 941 -46.42 -40.36 26.83
CA ASP D 941 -45.67 -41.04 27.87
C ASP D 941 -44.21 -40.61 27.78
N ARG D 942 -43.38 -41.25 28.59
CA ARG D 942 -41.95 -40.98 28.60
C ARG D 942 -41.33 -41.39 27.27
N PRO D 943 -40.62 -40.51 26.57
CA PRO D 943 -40.12 -40.83 25.23
C PRO D 943 -38.95 -41.80 25.22
N GLY D 944 -38.36 -42.12 26.37
CA GLY D 944 -37.34 -43.15 26.41
C GLY D 944 -37.87 -44.54 26.15
N LEU D 945 -39.16 -44.77 26.41
CA LEU D 945 -39.79 -46.03 26.05
C LEU D 945 -39.95 -46.17 24.53
N HIS D 946 -40.31 -45.08 23.87
CA HIS D 946 -40.50 -45.07 22.41
C HIS D 946 -39.23 -44.69 21.68
N ALA D 947 -38.13 -45.38 22.00
CA ALA D 947 -36.84 -45.15 21.36
C ALA D 947 -36.24 -46.48 20.95
N GLU D 948 -35.59 -46.50 19.78
CA GLU D 948 -34.97 -47.72 19.29
C GLU D 948 -33.78 -48.11 20.16
N LYS D 949 -33.73 -49.39 20.53
CA LYS D 949 -32.68 -49.86 21.42
C LYS D 949 -31.32 -49.81 20.73
N VAL D 950 -30.31 -49.39 21.47
CA VAL D 950 -28.94 -49.28 20.98
C VAL D 950 -28.14 -50.43 21.56
N ASP D 951 -27.58 -51.27 20.69
CA ASP D 951 -26.68 -52.32 21.11
C ASP D 951 -25.25 -51.81 20.99
N PHE D 952 -24.48 -51.95 22.08
CA PHE D 952 -23.16 -51.36 22.13
C PHE D 952 -22.13 -52.13 21.28
N GLU D 953 -22.37 -53.40 21.02
CA GLU D 953 -21.39 -54.19 20.26
C GLU D 953 -21.39 -53.80 18.79
N THR D 954 -22.56 -53.63 18.18
CA THR D 954 -22.61 -53.28 16.76
C THR D 954 -22.13 -51.84 16.52
N VAL D 955 -22.46 -50.91 17.43
CA VAL D 955 -21.98 -49.55 17.24
C VAL D 955 -20.50 -49.47 17.59
N LYS D 956 -20.00 -50.33 18.48
CA LYS D 956 -18.56 -50.38 18.73
C LYS D 956 -17.82 -50.91 17.52
N ALA D 957 -18.36 -51.93 16.86
CA ALA D 957 -17.76 -52.44 15.63
C ALA D 957 -17.80 -51.39 14.51
N ASP D 958 -18.92 -50.66 14.42
CA ASP D 958 -19.03 -49.60 13.42
C ASP D 958 -18.04 -48.47 13.68
N LEU D 959 -17.84 -48.13 14.96
CA LEU D 959 -16.84 -47.12 15.31
C LEU D 959 -15.43 -47.61 14.99
N GLU D 960 -15.12 -48.86 15.31
CA GLU D 960 -13.81 -49.42 14.98
C GLU D 960 -13.59 -49.51 13.48
N GLN D 961 -14.67 -49.63 12.70
CA GLN D 961 -14.55 -49.56 11.25
C GLN D 961 -14.31 -48.11 10.79
N LYS D 962 -14.96 -47.14 11.46
CA LYS D 962 -14.88 -45.75 11.00
C LYS D 962 -13.53 -45.14 11.33
N ILE D 963 -13.01 -45.37 12.53
CA ILE D 963 -11.68 -44.91 12.92
C ILE D 963 -10.84 -46.14 13.23
N GLY D 964 -9.63 -46.18 12.68
CA GLY D 964 -8.85 -47.41 12.62
C GLY D 964 -8.20 -47.88 13.90
N TYR D 965 -8.95 -47.91 15.00
CA TYR D 965 -8.48 -48.52 16.24
C TYR D 965 -9.71 -48.88 17.08
N GLU D 966 -9.48 -49.70 18.09
CA GLU D 966 -10.57 -50.14 18.95
C GLU D 966 -10.94 -49.01 19.91
N PRO D 967 -12.17 -48.52 19.90
CA PRO D 967 -12.54 -47.43 20.79
C PRO D 967 -12.83 -47.92 22.20
N GLY D 968 -12.68 -47.00 23.15
CA GLY D 968 -13.04 -47.28 24.52
C GLY D 968 -14.53 -47.12 24.76
N ASP D 969 -14.92 -47.30 26.01
CA ASP D 969 -16.32 -47.14 26.38
C ASP D 969 -16.77 -45.69 26.25
N HIS D 970 -15.90 -44.75 26.66
CA HIS D 970 -16.23 -43.33 26.55
C HIS D 970 -16.35 -42.90 25.10
N GLU D 971 -15.51 -43.42 24.22
CA GLU D 971 -15.59 -43.09 22.80
C GLU D 971 -16.89 -43.58 22.19
N VAL D 972 -17.32 -44.79 22.54
CA VAL D 972 -18.58 -45.31 22.04
C VAL D 972 -19.76 -44.52 22.57
N ILE D 973 -19.76 -44.23 23.88
CA ILE D 973 -20.88 -43.50 24.47
C ILE D 973 -20.90 -42.04 24.04
N SER D 974 -19.80 -41.51 23.52
CA SER D 974 -19.81 -40.18 22.93
C SER D 974 -20.16 -40.20 21.45
N TYR D 975 -19.85 -41.29 20.76
CA TYR D 975 -20.25 -41.42 19.36
C TYR D 975 -21.75 -41.66 19.23
N ILE D 976 -22.35 -42.35 20.20
CA ILE D 976 -23.79 -42.59 20.16
C ILE D 976 -24.56 -41.28 20.29
N MET D 977 -24.13 -40.43 21.22
CA MET D 977 -24.85 -39.19 21.49
C MET D 977 -24.61 -38.14 20.41
N TYR D 978 -23.37 -38.02 19.93
CA TYR D 978 -23.00 -37.07 18.88
C TYR D 978 -22.35 -37.85 17.75
N PRO D 979 -23.13 -38.35 16.78
CA PRO D 979 -22.54 -39.15 15.69
C PRO D 979 -21.60 -38.36 14.79
N GLN D 980 -22.09 -37.28 14.20
CA GLN D 980 -21.29 -36.53 13.24
C GLN D 980 -20.24 -35.67 13.92
N VAL D 981 -20.55 -35.14 15.11
CA VAL D 981 -19.62 -34.27 15.82
C VAL D 981 -18.37 -35.04 16.24
N PHE D 982 -18.56 -36.26 16.74
CA PHE D 982 -17.41 -37.09 17.14
C PHE D 982 -16.58 -37.50 15.93
N LEU D 983 -17.23 -37.78 14.79
CA LEU D 983 -16.49 -38.11 13.58
C LEU D 983 -15.69 -36.93 13.07
N ASP D 984 -16.27 -35.72 13.14
CA ASP D 984 -15.52 -34.53 12.75
C ASP D 984 -14.36 -34.26 13.71
N TYR D 985 -14.57 -34.52 15.00
CA TYR D 985 -13.49 -34.38 15.97
C TYR D 985 -12.36 -35.37 15.68
N GLN D 986 -12.70 -36.60 15.31
CA GLN D 986 -11.69 -37.59 14.97
C GLN D 986 -10.94 -37.22 13.70
N LYS D 987 -11.67 -36.64 12.72
CA LYS D 987 -11.01 -36.18 11.50
C LYS D 987 -10.03 -35.04 11.78
N MET D 988 -10.44 -34.09 12.62
CA MET D 988 -9.52 -33.01 13.00
C MET D 988 -8.39 -33.52 13.87
N GLN D 989 -8.60 -34.60 14.62
CA GLN D 989 -7.51 -35.19 15.38
C GLN D 989 -6.49 -35.86 14.46
N ARG D 990 -6.97 -36.54 13.43
CA ARG D 990 -6.06 -37.13 12.46
C ARG D 990 -5.38 -36.08 11.58
N GLU D 991 -5.99 -34.90 11.44
CA GLU D 991 -5.42 -33.86 10.59
C GLU D 991 -4.44 -32.96 11.35
N PHE D 992 -4.93 -32.28 12.40
CA PHE D 992 -4.13 -31.29 13.11
C PHE D 992 -3.47 -31.84 14.38
N GLY D 993 -3.83 -33.04 14.82
CA GLY D 993 -3.27 -33.57 16.03
C GLY D 993 -3.94 -33.00 17.27
N ALA D 994 -3.34 -33.29 18.42
CA ALA D 994 -3.86 -32.85 19.70
C ALA D 994 -3.55 -31.37 19.88
N VAL D 995 -4.49 -30.52 19.48
CA VAL D 995 -4.33 -29.08 19.65
C VAL D 995 -4.69 -28.61 21.05
N THR D 996 -5.01 -29.53 21.96
CA THR D 996 -5.30 -29.19 23.35
C THR D 996 -4.10 -28.60 24.07
N LEU D 997 -2.90 -29.03 23.71
CA LEU D 997 -1.71 -28.73 24.50
C LEU D 997 -1.11 -27.36 24.17
N LEU D 998 -1.59 -26.69 23.13
CA LEU D 998 -1.16 -25.32 22.87
C LEU D 998 -1.84 -24.37 23.85
N ASP D 999 -1.19 -23.25 24.12
CA ASP D 999 -1.83 -22.23 24.94
C ASP D 999 -2.84 -21.45 24.10
N THR D 1000 -3.72 -20.73 24.80
CA THR D 1000 -4.85 -20.08 24.15
C THR D 1000 -4.49 -19.02 23.10
N PRO D 1001 -3.54 -18.09 23.31
CA PRO D 1001 -3.21 -17.16 22.22
C PRO D 1001 -2.64 -17.84 20.98
N THR D 1002 -1.83 -18.88 21.16
CA THR D 1002 -1.32 -19.61 19.98
C THR D 1002 -2.41 -20.45 19.36
N PHE D 1003 -3.34 -20.98 20.17
CA PHE D 1003 -4.45 -21.75 19.65
C PHE D 1003 -5.38 -20.89 18.80
N LEU D 1004 -5.61 -19.65 19.22
CA LEU D 1004 -6.57 -18.79 18.54
C LEU D 1004 -5.95 -17.98 17.41
N HIS D 1005 -4.84 -17.30 17.69
CA HIS D 1005 -4.25 -16.36 16.73
C HIS D 1005 -3.08 -16.95 15.95
N GLY D 1006 -2.74 -18.21 16.18
CA GLY D 1006 -1.66 -18.82 15.41
C GLY D 1006 -0.31 -18.37 15.90
N MET D 1007 0.58 -18.04 14.96
CA MET D 1007 1.94 -17.66 15.26
C MET D 1007 2.26 -16.32 14.61
N ARG D 1008 3.14 -15.57 15.25
CA ARG D 1008 3.66 -14.32 14.70
C ARG D 1008 5.01 -14.57 14.03
N LEU D 1009 5.44 -13.60 13.24
CA LEU D 1009 6.75 -13.67 12.62
C LEU D 1009 7.83 -13.49 13.67
N ASN D 1010 8.89 -14.31 13.55
CA ASN D 1010 10.02 -14.33 14.48
C ASN D 1010 9.59 -14.57 15.92
N GLU D 1011 8.60 -15.43 16.11
CA GLU D 1011 8.07 -15.75 17.43
C GLU D 1011 8.55 -17.13 17.85
N LYS D 1012 8.97 -17.24 19.11
CA LYS D 1012 9.47 -18.49 19.68
C LYS D 1012 8.46 -19.00 20.71
N ILE D 1013 7.98 -20.22 20.50
CA ILE D 1013 7.06 -20.87 21.43
C ILE D 1013 7.60 -22.25 21.77
N GLU D 1014 7.17 -22.75 22.93
CA GLU D 1014 7.52 -24.09 23.37
C GLU D 1014 6.22 -24.83 23.67
N VAL D 1015 6.05 -25.99 23.04
CA VAL D 1015 4.82 -26.79 23.17
C VAL D 1015 5.18 -28.10 23.84
N GLN D 1016 4.55 -28.36 24.98
CA GLN D 1016 4.79 -29.59 25.74
C GLN D 1016 3.80 -30.63 25.26
N ILE D 1017 4.25 -31.47 24.32
CA ILE D 1017 3.39 -32.51 23.78
C ILE D 1017 3.13 -33.60 24.81
N GLU D 1018 4.15 -33.97 25.58
CA GLU D 1018 4.00 -34.93 26.67
C GLU D 1018 5.06 -34.62 27.71
N LYS D 1019 5.13 -35.46 28.74
CA LYS D 1019 6.08 -35.26 29.82
C LYS D 1019 7.50 -35.53 29.34
N GLY D 1020 8.36 -34.53 29.44
CA GLY D 1020 9.74 -34.64 29.02
C GLY D 1020 10.00 -34.28 27.58
N LYS D 1021 8.96 -34.07 26.78
CA LYS D 1021 9.10 -33.68 25.37
C LYS D 1021 8.53 -32.28 25.20
N THR D 1022 9.34 -31.38 24.65
CA THR D 1022 8.95 -29.99 24.44
C THR D 1022 9.38 -29.58 23.04
N LEU D 1023 8.41 -29.17 22.23
CA LEU D 1023 8.66 -28.79 20.84
C LEU D 1023 9.01 -27.31 20.77
N SER D 1024 10.23 -27.02 20.31
CA SER D 1024 10.67 -25.65 20.12
C SER D 1024 10.35 -25.23 18.69
N ILE D 1025 9.31 -24.41 18.53
CA ILE D 1025 8.80 -24.00 17.23
C ILE D 1025 9.06 -22.51 17.05
N ARG D 1026 9.75 -22.16 15.96
CA ARG D 1026 9.99 -20.77 15.61
C ARG D 1026 9.62 -20.56 14.15
N LEU D 1027 8.85 -19.51 13.88
CA LEU D 1027 8.44 -19.16 12.53
C LEU D 1027 9.38 -18.08 12.01
N ASP D 1028 10.07 -18.37 10.91
CA ASP D 1028 11.08 -17.46 10.37
C ASP D 1028 10.58 -16.63 9.19
N GLU D 1029 9.76 -17.21 8.32
CA GLU D 1029 9.30 -16.47 7.15
C GLU D 1029 7.98 -17.06 6.67
N ILE D 1030 7.10 -16.19 6.19
CA ILE D 1030 5.86 -16.60 5.55
C ILE D 1030 5.98 -16.24 4.07
N GLY D 1031 6.02 -17.27 3.21
CA GLY D 1031 6.23 -17.05 1.81
C GLY D 1031 5.01 -16.49 1.10
N GLU D 1032 5.26 -15.84 -0.03
CA GLU D 1032 4.19 -15.33 -0.86
C GLU D 1032 3.44 -16.48 -1.53
N PRO D 1033 2.14 -16.35 -1.73
CA PRO D 1033 1.38 -17.43 -2.37
C PRO D 1033 1.74 -17.61 -3.82
N ASP D 1034 1.69 -18.86 -4.27
CA ASP D 1034 2.01 -19.21 -5.64
C ASP D 1034 0.76 -19.13 -6.51
N LEU D 1035 0.83 -19.66 -7.72
CA LEU D 1035 -0.33 -19.67 -8.61
C LEU D 1035 -1.42 -20.58 -8.07
N ALA D 1036 -1.05 -21.68 -7.44
CA ALA D 1036 -2.03 -22.60 -6.85
C ALA D 1036 -2.63 -22.07 -5.55
N GLY D 1037 -2.09 -20.99 -5.00
CA GLY D 1037 -2.62 -20.43 -3.78
C GLY D 1037 -2.10 -21.06 -2.50
N ASN D 1038 -0.97 -21.75 -2.56
CA ASN D 1038 -0.40 -22.43 -1.40
C ASN D 1038 0.81 -21.65 -0.91
N ARG D 1039 0.69 -21.02 0.25
CA ARG D 1039 1.83 -20.36 0.87
C ARG D 1039 2.80 -21.40 1.43
N VAL D 1040 4.06 -21.00 1.55
CA VAL D 1040 5.10 -21.82 2.15
C VAL D 1040 5.60 -21.11 3.40
N LEU D 1041 5.55 -21.81 4.53
CA LEU D 1041 5.94 -21.26 5.82
C LEU D 1041 7.25 -21.89 6.23
N PHE D 1042 8.25 -21.05 6.52
CA PHE D 1042 9.60 -21.51 6.84
C PHE D 1042 9.72 -21.61 8.35
N PHE D 1043 9.32 -22.75 8.90
CA PHE D 1043 9.40 -22.97 10.34
C PHE D 1043 10.80 -23.41 10.74
N ASN D 1044 11.06 -23.37 12.04
CA ASN D 1044 12.29 -23.89 12.63
C ASN D 1044 11.87 -24.79 13.79
N LEU D 1045 11.59 -26.05 13.49
CA LEU D 1045 11.12 -27.00 14.48
C LEU D 1045 12.29 -27.80 15.02
N ASN D 1046 12.49 -27.72 16.34
CA ASN D 1046 13.56 -28.44 17.05
C ASN D 1046 14.94 -28.12 16.49
N GLY D 1047 15.17 -26.84 16.19
CA GLY D 1047 16.45 -26.37 15.69
C GLY D 1047 16.61 -26.41 14.18
N GLN D 1048 16.09 -27.44 13.54
CA GLN D 1048 16.24 -27.61 12.10
C GLN D 1048 15.10 -26.94 11.36
N ARG D 1049 15.37 -26.57 10.11
CA ARG D 1049 14.39 -25.91 9.27
C ARG D 1049 13.37 -26.91 8.75
N ARG D 1050 12.09 -26.58 8.90
CA ARG D 1050 11.00 -27.38 8.33
C ARG D 1050 10.10 -26.44 7.54
N GLU D 1051 9.85 -26.78 6.28
CA GLU D 1051 9.01 -25.97 5.41
C GLU D 1051 7.64 -26.60 5.25
N VAL D 1052 6.59 -25.84 5.53
CA VAL D 1052 5.22 -26.31 5.52
C VAL D 1052 4.47 -25.57 4.42
N VAL D 1053 3.79 -26.33 3.56
CA VAL D 1053 2.98 -25.78 2.49
C VAL D 1053 1.53 -25.79 2.96
N ILE D 1054 0.93 -24.60 3.04
CA ILE D 1054 -0.45 -24.44 3.49
C ILE D 1054 -1.21 -23.64 2.45
N ASN D 1055 -2.42 -24.09 2.13
CA ASN D 1055 -3.22 -23.44 1.10
C ASN D 1055 -3.88 -22.19 1.65
N ASP D 1056 -3.51 -21.04 1.10
CA ASP D 1056 -4.20 -19.80 1.44
C ASP D 1056 -5.59 -19.79 0.83
N GLN D 1057 -6.59 -19.46 1.64
CA GLN D 1057 -7.98 -19.52 1.20
C GLN D 1057 -8.43 -18.25 0.48
N SER D 1058 -7.83 -17.10 0.78
CA SER D 1058 -8.22 -15.85 0.13
C SER D 1058 -7.69 -15.73 -1.28
N VAL D 1059 -6.64 -16.48 -1.63
CA VAL D 1059 -6.06 -16.39 -2.97
C VAL D 1059 -6.99 -16.99 -4.01
N GLN D 1060 -7.54 -18.19 -3.71
CA GLN D 1060 -8.51 -18.95 -4.50
C GLN D 1060 -8.17 -19.12 -5.99
N ALA D 1061 -6.91 -18.92 -6.36
CA ALA D 1061 -6.48 -19.00 -7.74
C ALA D 1061 -6.19 -20.45 -8.13
N GLN D 1062 -5.67 -20.62 -9.34
CA GLN D 1062 -5.34 -21.95 -9.84
C GLN D 1062 -3.97 -21.96 -10.52
MG MG E . -38.61 7.75 55.43
MN MN F . -19.29 8.08 44.81
PB ADP G . -7.60 65.08 -2.85
O1B ADP G . -7.84 64.14 -4.00
O2B ADP G . -6.33 65.88 -2.98
O3B ADP G . -7.82 64.44 -1.49
PA ADP G . -8.96 67.46 -2.05
O1A ADP G . -10.04 68.31 -2.69
O2A ADP G . -7.63 68.10 -1.77
O3A ADP G . -8.79 66.16 -2.99
O5' ADP G . -9.55 66.90 -0.68
C5' ADP G . -8.74 66.82 0.50
C4' ADP G . -9.62 66.56 1.71
O4' ADP G . -9.12 67.30 2.83
C3' ADP G . -11.05 66.99 1.48
O3' ADP G . -11.92 65.85 1.48
C2' ADP G . -11.41 67.91 2.63
O2' ADP G . -12.42 67.29 3.45
C1' ADP G . -10.14 68.08 3.43
N9 ADP G . -9.74 69.51 3.36
C8 ADP G . -8.95 70.04 2.40
N7 ADP G . -8.77 71.37 2.60
C5 ADP G . -9.47 71.72 3.69
C6 ADP G . -9.70 72.96 4.45
N6 ADP G . -9.14 74.13 4.06
N1 ADP G . -10.48 72.90 5.54
C2 ADP G . -11.04 71.74 5.94
N3 ADP G . -10.87 70.57 5.31
C4 ADP G . -10.10 70.50 4.19
MG MG H . -10.72 65.81 -3.75
N1A ACO I . -30.36 27.65 9.55
C2A ACO I . -29.16 27.23 9.22
N3A ACO I . -28.13 28.04 9.12
C4A ACO I . -28.26 29.34 9.34
C5A ACO I . -29.57 29.85 9.71
C6A ACO I . -30.60 28.92 9.79
N6A ACO I . -31.93 29.34 10.15
N7A ACO I . -29.36 31.34 9.89
C8A ACO I . -28.04 31.54 9.63
N9A ACO I . -27.55 30.40 9.34
C1B ACO I . -26.18 30.31 9.02
C2B ACO I . -25.65 31.66 8.64
O2B ACO I . -25.42 31.70 7.21
C3B ACO I . -24.40 31.85 9.37
O3B ACO I . -23.34 32.26 8.46
P3B ACO I . -22.29 31.17 7.80
O7A ACO I . -21.29 30.66 8.73
O8A ACO I . -22.92 29.98 7.25
O9A ACO I . -21.51 31.70 6.69
C4B ACO I . -24.09 30.58 10.07
O4B ACO I . -25.36 29.83 10.18
C5B ACO I . -23.55 30.86 11.42
O5B ACO I . -24.45 31.66 12.12
P1A ACO I . -23.87 32.98 12.92
O1A ACO I . -24.82 33.46 13.91
O2A ACO I . -22.74 32.61 13.78
O3A ACO I . -23.44 34.16 11.86
P2A ACO I . -22.69 35.56 12.30
O4A ACO I . -22.43 35.59 13.74
O5A ACO I . -21.33 35.61 11.77
O6A ACO I . -23.57 36.86 11.82
CBP ACO I . -25.96 36.78 11.50
CCP ACO I . -24.58 36.68 10.86
CDP ACO I . -26.83 37.72 10.68
CEP ACO I . -25.85 37.36 12.92
CAP ACO I . -26.58 35.38 11.59
OAP ACO I . -27.44 35.30 12.69
C9P ACO I . -27.36 35.02 10.33
O9P ACO I . -26.80 34.73 9.33
N8P ACO I . -28.82 35.00 10.38
C7P ACO I . -29.59 34.65 9.20
C6P ACO I . -30.64 35.74 8.95
C5P ACO I . -29.93 36.99 8.44
O5P ACO I . -28.98 36.89 7.75
N4P ACO I . -30.44 38.30 8.78
C3P ACO I . -29.78 39.50 8.29
C2P ACO I . -30.58 40.08 7.12
S1P ACO I . -30.46 38.98 5.69
C ACO I . -31.98 39.08 4.70
O ACO I . -32.57 40.10 4.62
CH3 ACO I . -32.48 37.83 3.95
C PYR J . -14.66 13.84 44.34
O PYR J . -14.79 14.34 43.14
OXT PYR J . -14.17 14.57 45.30
CA PYR J . -15.07 12.53 44.60
O3 PYR J . -15.44 11.76 43.62
CB PYR J . -15.05 12.01 46.01
P 2BA K . -29.59 -11.43 55.32
O1P 2BA K . -30.05 -11.56 56.70
O2P 2BA K . -28.58 -12.46 55.09
O5' 2BA K . -30.88 -11.78 54.36
C5' 2BA K . -30.96 -11.21 53.10
C4' 2BA K . -32.39 -11.00 52.71
O4' 2BA K . -33.18 -12.21 52.92
C3' 2BA K . -33.02 -9.98 53.60
O3' 2BA K . -32.77 -8.65 53.12
C2' 2BA K . -34.45 -10.31 53.55
O2' 2BA K . -35.05 -9.71 52.38
C1' 2BA K . -34.49 -11.79 53.43
N9 2BA K . -34.73 -12.34 54.71
C8 2BA K . -33.76 -12.63 55.47
N7 2BA K . -34.34 -13.14 56.66
C5 2BA K . -35.87 -13.06 56.34
C6 2BA K . -37.13 -13.33 56.87
N6 2BA K . -37.27 -13.89 58.20
N1 2BA K . -38.24 -13.05 56.10
C2 2BA K . -38.09 -12.53 54.87
N3 2BA K . -36.91 -12.29 54.39
C4 2BA K . -35.88 -12.54 55.10
P1 2BA K . -32.80 -7.44 54.23
O1P1 2BA K . -33.74 -7.83 55.28
O2P1 2BA K . -33.35 -6.27 53.56
O5'1 2BA K . -31.40 -7.00 54.96
C5'1 2BA K . -30.19 -7.29 54.29
C4'1 2BA K . -29.12 -7.57 55.30
O4'1 2BA K . -29.14 -6.61 56.40
C3'1 2BA K . -29.31 -8.89 55.96
O3'1 2BA K . -28.84 -9.97 55.16
C2'1 2BA K . -28.54 -8.75 57.22
O2'1 2BA K . -27.17 -9.05 56.98
C1'1 2BA K . -28.68 -7.30 57.61
N91 2BA K . -29.62 -7.18 58.67
C81 2BA K . -30.86 -7.01 58.43
N71 2BA K . -31.51 -6.93 59.69
C51 2BA K . -30.31 -7.08 60.67
C61 2BA K . -30.02 -7.11 62.05
N61 2BA K . -31.08 -6.97 63.04
N11 2BA K . -28.73 -7.27 62.43
C21 2BA K . -27.77 -7.39 61.48
N31 2BA K . -28.03 -7.37 60.21
C41 2BA K . -29.25 -7.21 59.86
MG MG L . 44.73 -2.85 -51.18
MN MN M . 36.78 5.85 -32.47
PB ADP N . 47.42 -35.17 31.16
O1B ADP N . 46.82 -35.86 29.97
O2B ADP N . 48.86 -35.53 31.44
O3B ADP N . 46.53 -35.16 32.38
PA ADP N . 47.92 -33.05 29.29
O1A ADP N . 46.98 -33.60 28.25
O2A ADP N . 48.06 -31.56 29.43
O3A ADP N . 47.48 -33.61 30.74
O5' ADP N . 49.39 -33.64 29.00
C5' ADP N . 49.58 -34.87 28.31
C4' ADP N . 50.62 -34.70 27.21
O4' ADP N . 51.87 -34.28 27.74
C3' ADP N . 50.88 -36.00 26.47
O3' ADP N . 50.14 -36.03 25.26
C2' ADP N . 52.36 -36.01 26.20
O2' ADP N . 52.60 -35.85 24.80
C1' ADP N . 52.93 -34.83 26.95
N9 ADP N . 54.04 -35.30 27.83
C8 ADP N . 53.89 -35.90 29.03
N7 ADP N . 55.08 -36.22 29.57
C5 ADP N . 56.04 -35.82 28.71
C6 ADP N . 57.51 -35.84 28.67
N6 ADP N . 58.23 -36.38 29.68
N1 ADP N . 58.12 -35.33 27.59
C2 ADP N . 57.42 -34.78 26.57
N3 ADP N . 56.08 -34.73 26.54
C4 ADP N . 55.34 -35.21 27.56
MG MG O . 46.95 -37.65 28.87
N1A ACO P . 28.40 -29.52 -11.00
C2A ACO P . 27.79 -28.52 -10.38
N3A ACO P . 28.27 -27.99 -9.28
C4A ACO P . 29.38 -28.43 -8.73
C5A ACO P . 30.09 -29.53 -9.37
C6A ACO P . 29.51 -30.04 -10.53
N6A ACO P . 30.15 -31.13 -11.23
N7A ACO P . 31.30 -29.77 -8.48
C8A ACO P . 31.18 -28.85 -7.49
N9A ACO P . 30.12 -28.19 -7.72
C1B ACO P . 29.75 -27.16 -6.83
C2B ACO P . 30.41 -27.30 -5.52
O2B ACO P . 29.61 -28.17 -4.66
C3B ACO P . 30.45 -25.94 -4.97
O3B ACO P . 29.27 -25.69 -4.17
P3B ACO P . 29.39 -25.74 -2.53
O7A ACO P . 30.06 -26.93 -2.02
O8A ACO P . 28.10 -25.72 -1.84
O9A ACO P . 30.13 -24.62 -1.95
C4B ACO P . 30.44 -25.02 -6.14
O4B ACO P . 30.16 -25.82 -7.36
C5B ACO P . 31.76 -24.35 -6.26
O5B ACO P . 32.78 -25.28 -6.14
P1A ACO P . 34.24 -24.76 -5.57
O1A ACO P . 34.46 -23.36 -5.92
O2A ACO P . 35.34 -25.41 -6.28
O3A ACO P . 34.33 -25.00 -3.95
P2A ACO P . 35.72 -25.39 -3.16
O4A ACO P . 36.89 -24.82 -3.82
O5A ACO P . 35.79 -24.73 -1.86
O6A ACO P . 35.84 -27.03 -3.01
CBP ACO P . 36.27 -28.91 -4.41
CCP ACO P . 36.86 -27.69 -3.71
CDP ACO P . 36.11 -30.04 -3.40
CEP ACO P . 37.24 -29.35 -5.50
CAP ACO P . 34.93 -28.51 -5.03
OAP ACO P . 35.17 -27.86 -6.25
C9P ACO P . 34.01 -29.71 -5.29
O9P ACO P . 33.08 -29.90 -4.57
N8P ACO P . 34.24 -30.58 -6.41
C7P ACO P . 33.36 -31.71 -6.65
C6P ACO P . 34.17 -33.00 -6.64
C5P ACO P . 34.52 -33.34 -5.19
O5P ACO P . 33.80 -33.01 -4.32
N4P ACO P . 35.74 -34.08 -4.91
C3P ACO P . 36.09 -34.42 -3.53
C2P ACO P . 35.75 -35.88 -3.27
S1P ACO P . 33.94 -36.09 -3.21
C ACO P . 33.50 -37.81 -3.58
O ACO P . 34.27 -38.68 -3.35
CH3 ACO P . 32.14 -38.13 -4.20
C PYR Q . 40.48 6.53 -26.74
O PYR Q . 40.36 5.42 -26.06
OXT PYR Q . 41.60 7.21 -26.70
CA PYR Q . 39.44 6.97 -27.55
O3 PYR Q . 38.27 6.38 -27.47
CB PYR Q . 39.65 8.12 -28.48
P 2BA R . 32.30 7.25 -54.53
O1P 2BA R . 32.85 7.26 -55.88
O2P 2BA R . 32.72 6.02 -53.87
O5' 2BA R . 33.00 8.51 -53.73
C5' 2BA R . 32.31 9.11 -52.69
C4' 2BA R . 32.66 10.58 -52.63
O4' 2BA R . 34.10 10.79 -52.64
C3' 2BA R . 32.17 11.27 -53.87
O3' 2BA R . 30.81 11.66 -53.74
C2' 2BA R . 33.05 12.44 -53.98
O2' 2BA R . 32.55 13.49 -53.15
C1' 2BA R . 34.37 11.97 -53.47
N9 2BA R . 35.19 11.61 -54.58
C8 2BA R . 35.18 10.43 -55.02
N7 2BA R . 36.09 10.44 -56.11
C5 2BA R . 36.58 11.91 -56.15
C6 2BA R . 37.42 12.80 -56.82
N6 2BA R . 38.21 12.35 -57.95
N1 2BA R . 37.48 14.10 -56.40
C2 2BA R . 36.74 14.50 -55.36
N3 2BA R . 35.96 13.68 -54.72
C4 2BA R . 35.90 12.46 -55.11
P1 2BA R . 29.94 11.86 -55.13
O1P1 2BA R . 30.89 12.21 -56.19
O2P1 2BA R . 29.06 12.99 -54.91
O5'1 2BA R . 29.03 10.60 -55.67
C5'1 2BA R . 28.66 9.61 -54.77
C4'1 2BA R . 28.64 8.25 -55.43
O4'1 2BA R . 27.97 8.31 -56.73
C3'1 2BA R . 30.02 7.80 -55.76
O3'1 2BA R . 30.65 7.18 -54.63
C2'1 2BA R . 29.79 6.84 -56.86
O2'1 2BA R . 29.48 5.54 -56.32
C1'1 2BA R . 28.63 7.36 -57.63
N91 2BA R . 29.06 8.00 -58.83
C81 2BA R . 29.33 9.25 -58.82
N71 2BA R . 29.73 9.57 -60.15
C51 2BA R . 29.61 8.21 -60.86
C61 2BA R . 29.79 7.59 -62.12
N61 2BA R . 30.25 8.37 -63.26
N11 2BA R . 29.53 6.26 -62.24
C21 2BA R . 29.11 5.57 -61.16
N31 2BA R . 28.95 6.12 -59.99
C41 2BA R . 29.19 7.37 -59.89
MG MG S . 18.88 23.12 -61.15
MN MN T . 9.31 7.59 -48.78
PB ADP U . -54.98 31.58 -16.56
O1B ADP U . -55.08 30.85 -17.87
O2B ADP U . -56.21 31.44 -15.68
O3B ADP U . -53.68 31.40 -15.83
PA ADP U . -56.16 33.83 -17.80
O1A ADP U . -57.24 32.79 -18.03
O2A ADP U . -56.53 35.11 -17.09
O3A ADP U . -54.98 33.15 -16.95
O5' ADP U . -55.49 34.22 -19.20
C5' ADP U . -54.42 33.45 -19.77
C4' ADP U . -54.03 34.06 -21.10
O4' ADP U . -54.90 33.60 -22.14
C3' ADP U . -54.15 35.58 -21.06
O3' ADP U . -52.85 36.18 -21.06
C2' ADP U . -54.90 35.97 -22.33
O2' ADP U . -54.01 36.69 -23.21
C1' ADP U . -55.33 34.67 -22.98
N9 ADP U . -56.81 34.66 -23.11
C8 ADP U . -57.67 34.52 -22.08
N7 ADP U . -58.95 34.55 -22.51
C5 ADP U . -58.92 34.72 -23.84
C6 ADP U . -59.94 34.83 -24.92
N6 ADP U . -61.27 34.77 -24.64
N1 ADP U . -59.49 35.00 -26.19
C2 ADP U . -58.18 35.05 -26.47
N3 ADP U . -57.20 34.95 -25.54
C4 ADP U . -57.51 34.79 -24.23
MG MG V . -54.27 35.16 -15.87
N1A ACO W . -9.88 35.26 -21.62
C2A ACO W . -9.97 34.10 -21.02
N3A ACO W . -11.11 33.43 -20.92
C4A ACO W . -12.22 33.93 -21.45
C5A ACO W . -12.18 35.21 -22.12
C6A ACO W . -10.93 35.83 -22.16
N6A ACO W . -10.80 37.12 -22.82
N7A ACO W . -13.60 35.44 -22.59
C8A ACO W . -14.29 34.34 -22.16
N9A ACO W . -13.45 33.60 -21.55
C1B ACO W . -13.88 32.37 -20.99
C2B ACO W . -15.36 32.21 -21.09
O2B ACO W . -15.97 32.62 -19.84
C3B ACO W . -15.58 30.80 -21.34
O3B ACO W . -15.64 30.09 -20.09
P3B ACO W . -17.10 29.60 -19.49
O7A ACO W . -17.14 29.49 -18.04
O8A ACO W . -18.20 30.51 -19.82
O9A ACO W . -17.55 28.30 -19.97
C4B ACO W . -14.38 30.33 -22.09
O4B ACO W . -13.26 31.23 -21.73
C5B ACO W . -14.60 30.39 -23.55
O5B ACO W . -15.86 30.92 -23.85
P1A ACO W . -16.89 29.97 -24.69
O1A ACO W . -16.80 30.21 -26.12
O2A ACO W . -16.45 28.57 -24.60
O3A ACO W . -18.44 30.14 -24.13
P2A ACO W . -19.74 30.32 -25.12
O4A ACO W . -19.79 29.25 -26.11
O5A ACO W . -20.98 30.11 -24.39
O6A ACO W . -19.71 31.79 -25.84
CBP ACO W . -19.51 34.08 -25.18
CCP ACO W . -20.41 32.85 -25.24
CDP ACO W . -20.23 35.18 -24.42
CEP ACO W . -19.21 34.55 -26.60
CAP ACO W . -18.21 33.68 -24.48
OAP ACO W . -17.31 33.16 -25.43
C9P ACO W . -17.54 34.85 -23.76
O9P ACO W . -17.49 34.87 -22.58
N8P ACO W . -16.94 35.94 -24.51
C7P ACO W . -16.31 37.05 -23.80
C6P ACO W . -17.17 38.30 -23.91
C5P ACO W . -18.40 38.15 -23.01
O5P ACO W . -18.31 37.59 -21.97
N4P ACO W . -19.67 38.69 -23.41
C3P ACO W . -20.83 38.56 -22.56
C2P ACO W . -21.11 39.86 -21.82
S1P ACO W . -19.81 40.15 -20.58
C ACO W . -19.96 41.85 -19.94
O ACO W . -20.83 42.55 -20.34
CH3 ACO W . -18.99 42.36 -18.88
C PYR X . 2.38 6.66 -48.06
O PYR X . 1.73 6.46 -49.17
OXT PYR X . 1.81 7.32 -47.08
CA PYR X . 3.67 6.17 -47.91
O3 PYR X . 4.25 6.19 -46.74
CB PYR X . 4.40 5.62 -49.09
MG MG Y . -25.04 -27.23 57.01
MN MN Z . -26.32 -22.08 35.56
PB ADP AA . 15.25 -62.10 -11.42
O1B ADP AA . 13.79 -62.44 -11.28
O2B ADP AA . 15.82 -62.34 -12.79
O3B ADP AA . 15.64 -60.78 -10.81
PA ADP AA . 15.88 -64.77 -10.75
O1A ADP AA . 15.00 -64.99 -11.95
O2A ADP AA . 17.28 -65.33 -10.73
O3A ADP AA . 16.01 -63.17 -10.49
O5' ADP AA . 15.13 -65.31 -9.43
C5' ADP AA . 14.08 -64.57 -8.81
C4' ADP AA . 13.53 -65.34 -7.62
O4' ADP AA . 12.70 -66.42 -8.06
C3' ADP AA . 14.64 -65.96 -6.79
O3' ADP AA . 14.91 -65.17 -5.63
C2' ADP AA . 14.11 -67.32 -6.38
O2' ADP AA . 13.84 -67.33 -4.97
C1' ADP AA . 12.82 -67.52 -7.15
N9 ADP AA . 12.90 -68.81 -7.90
C8 ADP AA . 13.58 -69.01 -9.03
N7 ADP AA . 13.45 -70.30 -9.45
C5 ADP AA . 12.68 -70.94 -8.56
C6 ADP AA . 12.14 -72.31 -8.41
N6 ADP AA . 12.43 -73.28 -9.31
N1 ADP AA . 11.36 -72.56 -7.34
C2 ADP AA . 11.06 -71.61 -6.43
N3 ADP AA . 11.52 -70.34 -6.52
C4 ADP AA . 12.31 -69.95 -7.53
MG MG BA . 17.98 -63.57 -9.49
N1A ACO CA . 12.22 -33.61 23.23
C2A ACO CA . 11.73 -32.85 22.28
N3A ACO CA . 11.28 -33.33 21.15
C4A ACO CA . 11.31 -34.63 20.91
C5A ACO CA . 11.85 -35.52 21.93
C6A ACO CA . 12.30 -34.92 23.10
N6A ACO CA . 12.84 -35.72 24.16
N7A ACO CA . 11.73 -36.91 21.31
C8A ACO CA . 11.17 -36.70 20.09
N9A ACO CA . 11.00 -35.45 19.98
C1B ACO CA . 10.42 -34.91 18.80
C2B ACO CA . 10.44 -35.91 17.70
O2B ACO CA . 11.69 -35.83 16.98
C3B ACO CA . 9.34 -35.53 16.83
O3B ACO CA . 9.83 -34.61 15.82
P3B ACO CA . 9.98 -35.14 14.27
O7A ACO CA . 9.95 -36.59 14.13
O8A ACO CA . 11.22 -34.74 13.62
O9A ACO CA . 8.94 -34.67 13.36
C4B ACO CA . 8.35 -34.82 17.68
O4B ACO CA . 8.99 -34.56 19.01
C5B ACO CA . 7.15 -35.65 17.87
O5B ACO CA . 7.51 -36.97 18.12
P1A ACO CA . 6.36 -38.13 17.94
O1A ACO CA . 6.52 -39.23 18.88
O2A ACO CA . 5.05 -37.62 18.37
O3A ACO CA . 6.32 -38.65 16.38
P2A ACO CA . 6.63 -40.20 15.91
O4A ACO CA . 5.60 -41.12 16.39
O5A ACO CA . 6.48 -40.35 14.46
O6A ACO CA . 8.13 -40.66 16.40
CBP ACO CA . 9.45 -41.79 18.04
CCP ACO CA . 8.27 -41.87 17.10
CDP ACO CA . 10.71 -42.24 17.29
CEP ACO CA . 9.21 -42.73 19.22
CAP ACO CA . 9.60 -40.36 18.54
OAP ACO CA . 8.72 -40.15 19.62
C9P ACO CA . 11.01 -40.00 18.99
O9P ACO CA . 11.68 -39.27 18.32
N8P ACO CA . 11.55 -40.53 20.23
C7P ACO CA . 12.90 -40.19 20.64
C6P ACO CA . 13.84 -41.35 20.35
C5P ACO CA . 14.23 -41.34 18.88
O5P ACO CA . 14.41 -40.30 18.33
N4P ACO CA . 14.39 -42.57 18.14
C3P ACO CA . 14.18 -43.86 18.79
C2P ACO CA . 15.54 -44.41 19.20
S1P ACO CA . 16.82 -43.69 18.14
C ACO CA . 18.31 -43.31 19.11
O ACO CA . 18.85 -44.17 19.71
CH3 ACO CA . 18.84 -41.88 19.15
C PYR DA . -27.41 -25.57 30.84
O PYR DA . -27.23 -26.79 30.42
OXT PYR DA . -26.38 -24.75 30.90
CA PYR DA . -28.67 -25.13 31.22
O3 PYR DA . -29.58 -26.00 31.55
CB PYR DA . -28.98 -23.67 31.24
#